data_7M6H
#
_entry.id   7M6H
#
_cell.length_a   1.00
_cell.length_b   1.00
_cell.length_c   1.00
_cell.angle_alpha   90.00
_cell.angle_beta   90.00
_cell.angle_gamma   90.00
#
_symmetry.space_group_name_H-M   'P 1'
#
loop_
_entity.id
_entity.type
_entity.pdbx_description
1 polymer 'Spike glycoprotein'
2 polymer 'BG7-20 Fab Heavy Chain'
3 polymer 'BG7-20 Fab Light Chain'
4 non-polymer 2-acetamido-2-deoxy-beta-D-glucopyranose
#
loop_
_entity_poly.entity_id
_entity_poly.type
_entity_poly.pdbx_seq_one_letter_code
_entity_poly.pdbx_strand_id
1 'polypeptide(L)'
;MFVFLVLLPLVSSQCVNLTTRTQLPPAYTNSFTRGVYYPDKVFRSSVLHSTQDLFLPFFSNVTWFHAIHVSGTNGTKRFD
NPVLPFNDGVYFASTEKSNIIRGWIFGTTLDSKTQSLLIVNNATNVVIKVCEFQFCNDPFLGVYYHKNNKSWMESEFRVY
SSANNCTFEYVSQPFLMDLEGKQGNFKNLREFVFKNIDGYFKIYSKHTPINLVRDLPQGFSALEPLVDLPIGINITRFQT
LLALHRSYLTPGDSSSGWTAGAAAYYVGYLQPRTFLLKYNENGTITDAVDCALDPLSETKCTLKSFTVEKGIYQTSNFRV
QPTESIVRFPNITNLCPFGEVFNATRFASVYAWNRKRISNCVADYSVLYNSASFSTFKCYGVSPTKLNDLCFTNVYADSF
VIRGDEVRQIAPGQTGKIADYNYKLPDDFTGCVIAWNSNNLDSKVGGNYNYLYRLFRKSNLKPFERDISTEIYQAGSTPC
NGVEGFNCYFPLQSYGFQPTNGVGYQPYRVVVLSFELLHAPATVCGPKKSTNLVKNKCVNFNFNGLTGTGVLTESNKKFL
PFQQFGRDIADTTDAVRDPQTLEILDITPCSFGGVSVITPGTNTSNQVAVLYQDVNCTEVPVAIHADQLTPTWRVYSTGS
NVFQTRAGCLIGAEHVNNSYECDIPIGAGICASYQTQTNSPRRARSVASQSIIAYTMSLGAENSVAYSNNSIAIPTNFTI
SVTTEILPVSMTKTSVDCTMYICGDSTECSNLLLQYGSFCTQLNRALTGIAVEQDKNTQEVFAQVKQIYKTPPIKDFGGF
NFSQILPDPSKPSKRSFIEDLLFNKVTLADAGFIKQYGDCLGDIAARDLICAQKFNGLTVLPPLLTDEMIAQYTSALLAG
TITSGWTFGAGAALQIPFAMQMAYRFNGIGVTQNVLYENQKLIANQFNSAIGKIQDSLSSTASALGKLQDVVNQNAQALN
TLVKQLSSNFGAISSVLNDILSRLDPPEAEVQIDRLITGRLQSLQTYVTQQLIRAAEIRASANLAATKMSECVLGQSKRV
DFCGKGYHLMSFPQSAPHGVVFLHVTYVPAQEKNFTTAPAICHDGKAHFPREGVFVSNGTHWFVTQRNFYEPQIITTDNT
FVSGNCDVVIGIVNNTVYDPLQPELDSFKEELDKYFKNHTSPDVDLGDISGINASVVNIQKEIDRLNEVAKNLNESLIDL
QELGKYEQYIKWPSGRLVPRGSPGSGYIPEAPRDGQAYVRKDGEWVLLSTFLGHHHHHH
;
A,B,C
2 'polypeptide(L)'
;QVQLVQSGAEVKKAGASVKVSCKASGYTFTSYDINWVRQASGQGLEWMGWMNPISGNTGYAQKFQGRVTMTRNTSITTAY
MELSSLRSEDTAVYFCARGGRYCSSTTCYSGVGMDVWGQGTTVTVPSASTKGPSVFPLAPSSKSTSGGTAALGCLVKDYF
PEPVTVSWNSGALTSGVHTFPAVLQSSGLYSLSSVVTVPSSSLGTQTYICNVNHKPSNTKVDKRVEPKSCDKT
;
D,E
3 'polypeptide(L)'
;QSVLTQPPSVSGAPGQRVTISCTGSSSNIGAGYDVHWYHQLPGTAPKFLIYGNSNRPSGVPDRFSGSKSGTSASLAITRL
QAEDEADYYCQSYDSSLSGWVFGGGTKLTVLGQPKAAPSVTLFPPSSEELQANKATLVCLISDFYPGAVTVAWKADSSPV
KAGVETTTPSKQSNNKYAASSYLSLTPEQWKSHRSYSCQVTHEGSTVEKTVAPTECS
;
F,G
#
loop_
_chem_comp.id
_chem_comp.type
_chem_comp.name
_chem_comp.formula
NAG D-saccharide, beta linking 2-acetamido-2-deoxy-beta-D-glucopyranose 'C8 H15 N O6'
#
# COMPACT_ATOMS: atom_id res chain seq x y z
N ALA A 27 -24.13 -2.55 -54.75
CA ALA A 27 -22.84 -1.97 -55.13
C ALA A 27 -22.07 -1.53 -53.90
N TYR A 28 -20.74 -1.50 -54.03
CA TYR A 28 -19.87 -1.05 -52.95
C TYR A 28 -18.78 -0.16 -53.53
N THR A 29 -18.39 0.85 -52.76
CA THR A 29 -17.36 1.78 -53.16
C THR A 29 -16.41 2.02 -51.99
N ASN A 30 -15.24 2.58 -52.29
CA ASN A 30 -14.18 2.74 -51.31
C ASN A 30 -14.43 3.97 -50.46
N SER A 31 -14.50 3.77 -49.14
CA SER A 31 -14.57 4.85 -48.17
C SER A 31 -13.21 4.93 -47.49
N PHE A 32 -12.41 5.92 -47.91
CA PHE A 32 -11.04 6.03 -47.40
C PHE A 32 -11.03 6.56 -45.97
N THR A 33 -11.55 7.77 -45.76
CA THR A 33 -11.48 8.42 -44.46
C THR A 33 -12.82 8.97 -43.98
N ARG A 34 -13.92 8.63 -44.64
CA ARG A 34 -15.20 9.19 -44.26
C ARG A 34 -15.83 8.40 -43.13
N GLY A 35 -16.92 8.94 -42.58
CA GLY A 35 -17.62 8.34 -41.48
C GLY A 35 -17.15 8.74 -40.10
N VAL A 36 -16.52 9.91 -39.97
CA VAL A 36 -15.84 10.32 -38.74
C VAL A 36 -16.48 11.60 -38.23
N TYR A 37 -16.53 11.76 -36.91
CA TYR A 37 -17.00 13.00 -36.29
C TYR A 37 -16.13 13.35 -35.09
N TYR A 38 -16.24 14.61 -34.65
CA TYR A 38 -15.57 15.05 -33.43
C TYR A 38 -16.25 14.47 -32.20
N PRO A 39 -15.50 14.02 -31.19
CA PRO A 39 -16.15 13.49 -29.98
C PRO A 39 -16.65 14.57 -29.04
N ASP A 40 -15.89 15.65 -28.85
CA ASP A 40 -16.18 16.66 -27.84
C ASP A 40 -15.87 18.04 -28.41
N LYS A 41 -15.84 19.03 -27.53
CA LYS A 41 -15.50 20.41 -27.89
C LYS A 41 -14.11 20.79 -27.39
N VAL A 42 -13.27 19.79 -27.15
CA VAL A 42 -11.99 20.00 -26.48
C VAL A 42 -10.91 20.09 -27.54
N PHE A 43 -10.02 21.05 -27.40
CA PHE A 43 -8.93 21.22 -28.33
C PHE A 43 -7.66 20.54 -27.82
N ARG A 44 -7.02 19.78 -28.70
CA ARG A 44 -5.77 19.10 -28.40
C ARG A 44 -4.71 19.58 -29.39
N SER A 45 -3.46 19.65 -28.92
CA SER A 45 -2.43 20.30 -29.72
C SER A 45 -1.23 19.39 -29.88
N SER A 46 -0.94 19.03 -31.15
CA SER A 46 0.27 18.30 -31.55
C SER A 46 0.43 16.99 -30.78
N VAL A 47 -0.70 16.34 -30.52
CA VAL A 47 -0.72 15.20 -29.62
C VAL A 47 -1.61 14.13 -30.24
N LEU A 48 -1.36 12.89 -29.87
CA LEU A 48 -2.10 11.77 -30.43
C LEU A 48 -2.92 11.14 -29.32
N HIS A 49 -4.23 11.05 -29.54
CA HIS A 49 -5.16 10.62 -28.52
C HIS A 49 -6.09 9.60 -29.17
N SER A 50 -6.52 8.61 -28.39
CA SER A 50 -7.35 7.53 -28.88
C SER A 50 -8.74 7.65 -28.29
N THR A 51 -9.76 7.61 -29.15
CA THR A 51 -11.14 7.67 -28.70
C THR A 51 -11.90 6.46 -29.21
N GLN A 52 -12.80 5.94 -28.38
CA GLN A 52 -13.74 4.92 -28.79
C GLN A 52 -15.15 5.51 -28.77
N ASP A 53 -15.90 5.28 -29.83
CA ASP A 53 -17.27 5.73 -29.94
C ASP A 53 -17.90 5.00 -31.13
N LEU A 54 -19.16 5.30 -31.39
CA LEU A 54 -19.87 4.71 -32.52
C LEU A 54 -19.35 5.35 -33.80
N PHE A 55 -18.31 4.75 -34.40
CA PHE A 55 -17.65 5.25 -35.59
C PHE A 55 -17.89 4.34 -36.79
N LEU A 56 -17.44 4.82 -37.94
CA LEU A 56 -17.49 4.08 -39.18
C LEU A 56 -16.08 3.63 -39.55
N PRO A 57 -15.84 2.35 -39.82
CA PRO A 57 -14.48 1.88 -40.04
C PRO A 57 -13.87 2.44 -41.32
N PHE A 58 -12.56 2.65 -41.28
CA PHE A 58 -11.86 3.20 -42.44
C PHE A 58 -11.51 2.09 -43.44
N PHE A 59 -11.26 2.52 -44.69
CA PHE A 59 -10.84 1.65 -45.79
C PHE A 59 -11.89 0.57 -46.07
N SER A 60 -13.12 0.82 -45.68
CA SER A 60 -14.19 -0.15 -45.79
C SER A 60 -15.01 0.13 -47.04
N ASN A 61 -15.48 -0.95 -47.67
CA ASN A 61 -16.33 -0.82 -48.85
C ASN A 61 -17.72 -0.47 -48.38
N VAL A 62 -18.13 0.77 -48.64
CA VAL A 62 -19.45 1.26 -48.30
C VAL A 62 -20.28 1.29 -49.57
N THR A 63 -21.60 1.36 -49.41
CA THR A 63 -22.48 1.22 -50.56
C THR A 63 -22.49 2.48 -51.41
N TRP A 64 -22.56 2.28 -52.73
CA TRP A 64 -22.75 3.33 -53.71
C TRP A 64 -24.09 3.09 -54.40
N PHE A 65 -24.97 4.08 -54.36
CA PHE A 65 -26.27 3.97 -54.97
C PHE A 65 -26.44 5.02 -56.06
N HIS A 66 -27.40 4.79 -56.94
CA HIS A 66 -27.76 5.72 -58.00
C HIS A 66 -29.06 6.42 -57.65
N ALA A 67 -29.29 7.55 -58.31
CA ALA A 67 -30.45 8.40 -58.01
C ALA A 67 -31.18 8.76 -59.29
N ILE A 68 -31.40 7.78 -60.17
CA ILE A 68 -32.13 8.00 -61.41
C ILE A 68 -33.24 6.96 -61.53
N HIS A 69 -34.36 7.40 -62.10
CA HIS A 69 -35.53 6.57 -62.43
C HIS A 69 -36.10 5.84 -61.21
N ASP A 80 -35.05 6.40 -55.66
CA ASP A 80 -34.33 5.29 -55.07
C ASP A 80 -33.84 5.65 -53.67
N ASN A 81 -34.78 5.84 -52.75
CA ASN A 81 -34.51 6.27 -51.38
C ASN A 81 -35.17 5.31 -50.39
N PRO A 82 -34.54 4.17 -50.13
CA PRO A 82 -35.14 3.16 -49.24
C PRO A 82 -35.00 3.59 -47.78
N VAL A 83 -35.56 2.76 -46.90
CA VAL A 83 -35.56 3.00 -45.47
C VAL A 83 -34.44 2.19 -44.85
N LEU A 84 -33.63 2.83 -44.02
CA LEU A 84 -32.50 2.17 -43.38
C LEU A 84 -32.67 2.19 -41.86
N PRO A 85 -32.17 1.18 -41.17
CA PRO A 85 -32.25 1.19 -39.70
C PRO A 85 -31.35 2.26 -39.09
N PHE A 86 -31.71 2.66 -37.87
CA PHE A 86 -31.04 3.72 -37.13
C PHE A 86 -30.64 3.25 -35.72
N ASN A 87 -30.45 1.95 -35.54
CA ASN A 87 -30.21 1.41 -34.20
C ASN A 87 -28.88 1.87 -33.62
N ASP A 88 -27.92 2.20 -34.48
CA ASP A 88 -26.59 2.60 -34.05
C ASP A 88 -26.24 4.04 -34.43
N GLY A 89 -27.17 4.76 -35.06
CA GLY A 89 -26.86 6.04 -35.66
C GLY A 89 -26.56 5.89 -37.14
N VAL A 90 -26.20 7.02 -37.76
CA VAL A 90 -25.88 7.03 -39.18
C VAL A 90 -24.73 8.00 -39.41
N TYR A 91 -23.92 7.70 -40.43
CA TYR A 91 -23.09 8.69 -41.10
C TYR A 91 -23.74 8.97 -42.45
N PHE A 92 -24.25 10.18 -42.62
CA PHE A 92 -24.89 10.58 -43.85
C PHE A 92 -23.91 11.35 -44.70
N ALA A 93 -23.92 11.09 -46.01
CA ALA A 93 -23.12 11.84 -46.96
C ALA A 93 -23.96 12.05 -48.20
N SER A 94 -24.08 13.30 -48.63
CA SER A 94 -24.92 13.65 -49.77
C SER A 94 -24.12 14.48 -50.75
N THR A 95 -24.35 14.25 -52.03
CA THR A 95 -23.94 15.19 -53.06
C THR A 95 -25.21 15.91 -53.54
N GLU A 96 -25.14 17.24 -53.57
CA GLU A 96 -26.30 18.07 -53.84
C GLU A 96 -25.91 19.21 -54.76
N LYS A 97 -26.86 19.64 -55.59
CA LYS A 97 -26.71 20.86 -56.36
C LYS A 97 -27.80 21.88 -56.10
N SER A 98 -28.89 21.49 -55.42
CA SER A 98 -29.91 22.44 -55.02
C SER A 98 -30.45 22.17 -53.62
N ASN A 99 -29.72 21.39 -52.81
CA ASN A 99 -29.99 21.15 -51.39
C ASN A 99 -31.37 20.52 -51.18
N ILE A 100 -31.55 19.34 -51.76
CA ILE A 100 -32.87 18.73 -51.79
C ILE A 100 -33.10 17.86 -50.56
N ILE A 101 -33.43 18.50 -49.44
CA ILE A 101 -33.79 17.87 -48.17
C ILE A 101 -34.72 18.84 -47.44
N ARG A 102 -35.88 18.36 -47.00
CA ARG A 102 -36.77 19.19 -46.20
C ARG A 102 -37.34 18.41 -45.01
N GLY A 103 -36.48 17.74 -44.26
CA GLY A 103 -36.91 17.22 -42.96
C GLY A 103 -36.36 15.88 -42.56
N TRP A 104 -35.81 15.79 -41.35
CA TRP A 104 -35.38 14.54 -40.76
C TRP A 104 -36.48 14.08 -39.81
N ILE A 105 -36.99 12.87 -40.02
CA ILE A 105 -38.20 12.42 -39.37
C ILE A 105 -37.90 11.26 -38.43
N PHE A 106 -38.52 11.32 -37.25
CA PHE A 106 -38.34 10.32 -36.20
C PHE A 106 -39.65 10.14 -35.45
N GLY A 107 -40.40 9.10 -35.82
CA GLY A 107 -41.68 8.83 -35.21
C GLY A 107 -42.20 7.46 -35.59
N THR A 108 -43.53 7.30 -35.64
CA THR A 108 -44.13 6.02 -35.98
C THR A 108 -44.96 6.07 -37.24
N THR A 109 -45.85 7.06 -37.40
CA THR A 109 -46.69 7.15 -38.58
C THR A 109 -46.40 8.36 -39.45
N LEU A 110 -45.66 9.35 -38.95
CA LEU A 110 -45.08 10.49 -39.70
C LEU A 110 -46.12 11.30 -40.48
N ASP A 111 -47.40 11.21 -40.12
CA ASP A 111 -48.46 11.92 -40.84
C ASP A 111 -49.35 12.72 -39.90
N SER A 112 -48.73 13.48 -38.99
CA SER A 112 -49.38 14.39 -38.05
C SER A 112 -50.34 13.71 -37.08
N LYS A 113 -50.25 12.40 -36.93
CA LYS A 113 -51.06 11.70 -35.94
C LYS A 113 -50.33 11.46 -34.63
N THR A 114 -49.01 11.58 -34.62
CA THR A 114 -48.20 11.19 -33.48
C THR A 114 -47.00 12.11 -33.36
N GLN A 115 -46.23 11.88 -32.29
CA GLN A 115 -45.00 12.63 -32.06
C GLN A 115 -43.92 12.23 -33.05
N SER A 116 -43.45 13.21 -33.83
CA SER A 116 -42.41 13.00 -34.82
C SER A 116 -41.54 14.24 -34.92
N LEU A 117 -40.23 14.05 -34.78
CA LEU A 117 -39.28 15.16 -34.80
C LEU A 117 -39.19 15.76 -36.21
N LEU A 118 -39.15 17.09 -36.27
CA LEU A 118 -39.13 17.82 -37.53
C LEU A 118 -37.95 18.79 -37.55
N ILE A 119 -37.28 18.88 -38.69
CA ILE A 119 -36.19 19.84 -38.89
C ILE A 119 -36.42 20.57 -40.22
N VAL A 120 -36.64 21.88 -40.14
CA VAL A 120 -36.78 22.72 -41.32
C VAL A 120 -35.94 23.98 -41.13
N ASN A 121 -35.04 24.25 -42.07
CA ASN A 121 -34.21 25.45 -42.08
C ASN A 121 -34.53 26.22 -43.36
N ASN A 122 -35.39 27.21 -43.22
CA ASN A 122 -35.79 28.14 -44.28
C ASN A 122 -35.06 29.46 -44.15
N ALA A 123 -33.80 29.32 -43.72
CA ALA A 123 -32.70 30.29 -43.78
C ALA A 123 -32.79 31.40 -42.74
N THR A 124 -33.94 31.56 -42.10
CA THR A 124 -34.08 32.48 -40.98
C THR A 124 -34.84 31.91 -39.79
N ASN A 125 -35.53 30.78 -39.95
CA ASN A 125 -36.49 30.28 -38.97
C ASN A 125 -36.25 28.79 -38.72
N VAL A 126 -35.00 28.43 -38.42
CA VAL A 126 -34.63 27.05 -38.07
C VAL A 126 -35.50 26.53 -36.94
N VAL A 127 -36.15 25.39 -37.17
CA VAL A 127 -37.10 24.82 -36.23
C VAL A 127 -36.76 23.35 -35.99
N ILE A 128 -36.68 22.98 -34.71
CA ILE A 128 -36.46 21.59 -34.31
C ILE A 128 -37.48 21.26 -33.22
N LYS A 129 -38.62 20.72 -33.64
CA LYS A 129 -39.73 20.42 -32.73
C LYS A 129 -40.22 19.02 -33.06
N VAL A 130 -41.05 18.45 -32.19
CA VAL A 130 -41.46 17.06 -32.39
C VAL A 130 -42.97 16.90 -32.46
N CYS A 131 -43.70 17.98 -32.73
CA CYS A 131 -45.15 17.87 -32.76
C CYS A 131 -45.66 17.29 -34.07
N GLU A 132 -46.97 17.47 -34.29
CA GLU A 132 -47.71 16.75 -35.34
C GLU A 132 -47.96 17.68 -36.52
N PHE A 133 -47.08 17.61 -37.51
CA PHE A 133 -47.35 18.24 -38.80
C PHE A 133 -47.32 17.19 -39.90
N GLN A 134 -48.05 17.47 -40.97
CA GLN A 134 -48.27 16.51 -42.06
C GLN A 134 -47.21 16.76 -43.12
N PHE A 135 -46.35 15.77 -43.35
CA PHE A 135 -45.33 15.83 -44.38
C PHE A 135 -45.70 14.93 -45.55
N CYS A 136 -45.00 15.13 -46.67
CA CYS A 136 -45.19 14.29 -47.84
C CYS A 136 -44.44 12.97 -47.69
N ASN A 137 -44.53 12.13 -48.72
CA ASN A 137 -43.79 10.86 -48.71
C ASN A 137 -42.29 11.10 -48.84
N ASP A 138 -41.89 12.03 -49.71
CA ASP A 138 -40.48 12.37 -49.91
C ASP A 138 -40.33 13.88 -49.81
N PRO A 139 -39.97 14.40 -48.63
CA PRO A 139 -39.68 15.83 -48.51
C PRO A 139 -38.48 16.23 -49.37
N PHE A 140 -38.57 17.41 -49.97
CA PHE A 140 -37.59 17.85 -50.96
C PHE A 140 -37.61 19.36 -51.06
N LEU A 141 -36.48 19.94 -51.44
CA LEU A 141 -36.33 21.38 -51.56
C LEU A 141 -35.75 21.73 -52.92
N GLY A 142 -36.41 22.67 -53.62
CA GLY A 142 -35.87 23.17 -54.87
C GLY A 142 -35.45 24.63 -54.79
N VAL A 143 -34.28 24.91 -55.33
CA VAL A 143 -33.74 26.27 -55.31
C VAL A 143 -33.85 26.89 -56.71
N ASN A 165 -47.04 18.92 -28.31
CA ASN A 165 -46.26 17.79 -27.82
C ASN A 165 -44.77 18.01 -28.08
N CYS A 166 -44.44 19.23 -28.52
CA CYS A 166 -43.08 19.59 -28.88
C CYS A 166 -42.19 19.59 -27.64
N THR A 167 -40.90 19.34 -27.86
CA THR A 167 -39.97 19.14 -26.77
C THR A 167 -38.75 20.05 -26.79
N PHE A 168 -38.56 20.86 -27.84
CA PHE A 168 -37.40 21.75 -27.88
C PHE A 168 -37.65 22.80 -28.96
N GLU A 169 -36.83 23.84 -28.96
CA GLU A 169 -36.90 24.92 -29.93
C GLU A 169 -35.56 25.62 -29.99
N TYR A 170 -34.98 25.70 -31.19
CA TYR A 170 -33.68 26.35 -31.38
C TYR A 170 -33.58 26.84 -32.81
N VAL A 171 -32.99 28.03 -32.97
CA VAL A 171 -32.83 28.69 -34.26
C VAL A 171 -31.35 28.87 -34.55
N SER A 172 -30.91 28.38 -35.69
CA SER A 172 -29.51 28.49 -36.10
C SER A 172 -29.32 29.67 -37.06
N PHE A 186 -19.04 16.24 -59.15
CA PHE A 186 -20.02 16.91 -58.30
C PHE A 186 -19.47 18.20 -57.72
N LYS A 187 -20.30 18.90 -56.94
CA LYS A 187 -19.93 20.25 -56.50
C LYS A 187 -20.00 20.40 -54.99
N ASN A 188 -20.95 19.75 -54.34
CA ASN A 188 -21.15 19.87 -52.91
C ASN A 188 -21.06 18.51 -52.24
N LEU A 189 -20.50 18.49 -51.04
CA LEU A 189 -20.53 17.32 -50.17
C LEU A 189 -20.94 17.76 -48.77
N ARG A 190 -22.03 17.21 -48.25
CA ARG A 190 -22.56 17.57 -46.94
C ARG A 190 -22.68 16.31 -46.10
N GLU A 191 -22.18 16.37 -44.86
CA GLU A 191 -22.16 15.22 -43.98
C GLU A 191 -22.98 15.47 -42.72
N PHE A 192 -23.72 14.45 -42.29
CA PHE A 192 -24.55 14.53 -41.10
C PHE A 192 -24.45 13.22 -40.33
N VAL A 193 -24.45 13.34 -39.00
CA VAL A 193 -24.31 12.21 -38.08
C VAL A 193 -25.24 12.45 -36.91
N PHE A 194 -25.90 11.40 -36.42
CA PHE A 194 -26.81 11.53 -35.30
C PHE A 194 -26.58 10.40 -34.32
N LYS A 195 -26.33 10.74 -33.05
CA LYS A 195 -25.98 9.79 -32.00
C LYS A 195 -26.93 10.01 -30.83
N ASN A 196 -27.10 8.99 -29.98
CA ASN A 196 -28.20 9.01 -29.01
C ASN A 196 -27.68 8.62 -27.62
N ILE A 197 -27.20 9.60 -26.85
CA ILE A 197 -26.80 9.41 -25.45
C ILE A 197 -27.29 10.62 -24.64
N ASP A 198 -27.85 10.34 -23.45
CA ASP A 198 -28.02 11.30 -22.37
C ASP A 198 -28.86 12.53 -22.73
N GLY A 199 -30.14 12.31 -23.07
CA GLY A 199 -31.24 13.27 -22.94
C GLY A 199 -31.20 14.76 -23.29
N TYR A 200 -30.79 15.11 -24.51
CA TYR A 200 -30.87 16.42 -25.18
C TYR A 200 -31.18 16.23 -26.65
N PHE A 201 -30.87 17.22 -27.51
CA PHE A 201 -31.10 17.17 -28.97
C PHE A 201 -29.91 17.78 -29.71
N LYS A 202 -29.12 16.91 -30.35
CA LYS A 202 -27.96 17.26 -31.16
C LYS A 202 -28.37 17.69 -32.57
N ILE A 203 -27.52 18.50 -33.20
CA ILE A 203 -27.46 18.64 -34.66
C ILE A 203 -25.99 18.66 -35.07
N TYR A 204 -25.63 17.76 -35.99
CA TYR A 204 -24.33 17.77 -36.67
C TYR A 204 -24.52 18.34 -38.06
N SER A 205 -23.57 19.18 -38.49
CA SER A 205 -23.63 19.74 -39.85
C SER A 205 -22.24 20.19 -40.28
N LYS A 206 -21.87 19.81 -41.51
CA LYS A 206 -20.64 20.29 -42.12
C LYS A 206 -20.77 20.19 -43.63
N HIS A 207 -20.50 21.29 -44.33
CA HIS A 207 -20.58 21.36 -45.78
C HIS A 207 -19.19 21.63 -46.33
N THR A 208 -18.88 21.04 -47.48
CA THR A 208 -17.57 21.26 -48.08
C THR A 208 -17.68 21.17 -49.61
N PRO A 209 -16.93 21.98 -50.34
CA PRO A 209 -16.97 21.89 -51.80
C PRO A 209 -16.03 20.80 -52.31
N ILE A 210 -16.49 20.06 -53.32
CA ILE A 210 -15.68 19.03 -53.95
C ILE A 210 -15.71 19.25 -55.45
N ASN A 211 -14.66 18.76 -56.12
CA ASN A 211 -14.57 18.76 -57.58
C ASN A 211 -14.18 17.35 -58.03
N LEU A 212 -15.18 16.48 -58.10
CA LEU A 212 -15.01 15.09 -58.51
C LEU A 212 -16.38 14.47 -58.76
N VAL A 213 -16.49 13.63 -59.78
CA VAL A 213 -17.76 13.01 -60.14
C VAL A 213 -17.71 11.49 -60.08
N ARG A 214 -16.54 10.87 -60.22
CA ARG A 214 -16.48 9.42 -60.38
C ARG A 214 -16.63 8.69 -59.06
N ASP A 215 -15.75 8.98 -58.10
CA ASP A 215 -15.71 8.23 -56.86
C ASP A 215 -15.51 9.20 -55.70
N LEU A 216 -15.18 8.65 -54.54
CA LEU A 216 -14.96 9.45 -53.34
C LEU A 216 -13.60 10.16 -53.43
N PRO A 217 -13.54 11.46 -53.19
CA PRO A 217 -12.24 12.15 -53.12
C PRO A 217 -11.44 11.70 -51.92
N GLN A 218 -10.12 11.77 -52.04
CA GLN A 218 -9.23 11.39 -50.95
C GLN A 218 -8.91 12.61 -50.09
N GLY A 219 -9.06 12.46 -48.79
CA GLY A 219 -8.84 13.55 -47.87
C GLY A 219 -9.64 13.32 -46.60
N PHE A 220 -9.24 14.01 -45.53
CA PHE A 220 -9.89 13.78 -44.22
C PHE A 220 -10.65 15.03 -43.77
N SER A 221 -11.97 14.95 -43.73
CA SER A 221 -12.77 16.08 -43.20
C SER A 221 -13.46 15.59 -41.94
N ALA A 222 -13.31 16.31 -40.83
CA ALA A 222 -13.89 15.80 -39.57
C ALA A 222 -15.15 16.59 -39.24
N LEU A 223 -16.28 15.90 -39.13
CA LEU A 223 -17.56 16.58 -38.87
C LEU A 223 -17.56 17.10 -37.44
N GLU A 224 -17.91 18.37 -37.24
CA GLU A 224 -18.01 18.93 -35.88
C GLU A 224 -19.48 19.23 -35.61
N PRO A 225 -20.09 18.72 -34.51
CA PRO A 225 -21.48 19.07 -34.22
C PRO A 225 -21.55 20.59 -34.03
N LEU A 226 -22.48 21.24 -34.73
CA LEU A 226 -22.66 22.70 -34.55
C LEU A 226 -23.57 22.89 -33.34
N VAL A 227 -24.72 22.20 -33.35
CA VAL A 227 -25.64 22.25 -32.23
C VAL A 227 -25.44 20.98 -31.43
N ASP A 228 -24.45 20.98 -30.54
CA ASP A 228 -24.02 19.79 -29.82
C ASP A 228 -24.75 19.69 -28.50
N LEU A 229 -25.73 18.80 -28.43
CA LEU A 229 -26.50 18.58 -27.20
C LEU A 229 -26.93 17.11 -27.24
N PRO A 230 -26.19 16.21 -26.57
CA PRO A 230 -26.33 14.76 -26.84
C PRO A 230 -27.73 14.18 -26.65
N ILE A 231 -28.26 13.59 -27.74
CA ILE A 231 -29.69 13.14 -27.79
C ILE A 231 -30.10 12.17 -26.67
N GLY A 232 -29.85 10.88 -26.83
CA GLY A 232 -30.31 9.89 -25.83
C GLY A 232 -31.67 9.31 -26.14
N ILE A 233 -32.34 9.80 -27.19
CA ILE A 233 -33.65 9.19 -27.61
C ILE A 233 -33.37 7.80 -28.18
N ASN A 234 -34.20 6.80 -27.88
CA ASN A 234 -34.00 5.46 -28.49
C ASN A 234 -34.76 5.39 -29.81
N ILE A 235 -34.08 5.65 -30.93
CA ILE A 235 -34.70 5.53 -32.27
C ILE A 235 -33.89 4.51 -33.08
N THR A 236 -34.55 3.49 -33.61
CA THR A 236 -33.84 2.43 -34.38
C THR A 236 -34.24 2.49 -35.86
N ARG A 237 -34.89 3.57 -36.28
CA ARG A 237 -35.39 3.64 -37.68
C ARG A 237 -35.31 5.09 -38.19
N PHE A 238 -34.79 5.29 -39.41
CA PHE A 238 -34.77 6.62 -39.99
C PHE A 238 -35.02 6.47 -41.48
N GLN A 239 -35.19 7.59 -42.17
CA GLN A 239 -35.33 7.58 -43.61
C GLN A 239 -34.41 8.62 -44.22
N THR A 240 -33.92 8.30 -45.42
CA THR A 240 -33.03 9.17 -46.16
C THR A 240 -33.83 10.12 -47.07
N LEU A 241 -33.23 11.26 -47.34
CA LEU A 241 -33.82 12.27 -48.23
C LEU A 241 -32.83 12.52 -49.36
N LEU A 242 -33.08 11.89 -50.50
CA LEU A 242 -32.16 11.93 -51.63
C LEU A 242 -32.51 13.10 -52.55
N ALA A 243 -31.57 13.45 -53.41
CA ALA A 243 -31.69 14.60 -54.30
C ALA A 243 -32.42 14.19 -55.57
N LEU A 244 -33.57 14.82 -55.84
CA LEU A 244 -34.33 14.64 -57.08
C LEU A 244 -34.78 16.02 -57.54
N HIS A 245 -33.99 16.64 -58.41
CA HIS A 245 -34.25 18.00 -58.86
C HIS A 245 -35.42 18.07 -59.83
N ALA A 263 -27.10 11.12 -58.21
CA ALA A 263 -26.50 11.62 -56.99
C ALA A 263 -26.38 10.52 -55.95
N ALA A 264 -25.15 10.04 -55.75
CA ALA A 264 -24.92 8.96 -54.80
C ALA A 264 -24.98 9.46 -53.36
N TYR A 265 -25.22 8.51 -52.45
CA TYR A 265 -25.17 8.80 -51.03
C TYR A 265 -24.50 7.63 -50.33
N TYR A 266 -23.95 7.90 -49.16
CA TYR A 266 -23.29 6.88 -48.35
C TYR A 266 -24.09 6.66 -47.07
N VAL A 267 -24.33 5.40 -46.75
CA VAL A 267 -24.96 5.01 -45.49
C VAL A 267 -24.18 3.84 -44.92
N GLY A 268 -23.97 3.85 -43.60
CA GLY A 268 -23.22 2.79 -42.96
C GLY A 268 -23.81 2.48 -41.60
N TYR A 269 -23.37 1.35 -41.05
CA TYR A 269 -23.75 0.93 -39.72
C TYR A 269 -22.62 1.21 -38.75
N LEU A 270 -22.98 1.62 -37.55
CA LEU A 270 -22.04 2.18 -36.59
C LEU A 270 -21.73 1.13 -35.54
N GLN A 271 -20.48 1.14 -35.08
CA GLN A 271 -20.00 0.13 -34.15
C GLN A 271 -19.12 0.80 -33.10
N PRO A 272 -19.04 0.23 -31.90
CA PRO A 272 -18.15 0.79 -30.88
C PRO A 272 -16.70 0.44 -31.15
N ARG A 273 -16.08 1.15 -32.07
CA ARG A 273 -14.70 0.91 -32.49
C ARG A 273 -13.84 2.12 -32.18
N THR A 274 -12.60 1.86 -31.78
CA THR A 274 -11.68 2.90 -31.35
C THR A 274 -10.69 3.23 -32.45
N PHE A 275 -10.51 4.52 -32.72
CA PHE A 275 -9.53 4.99 -33.69
C PHE A 275 -8.47 5.84 -32.99
N LEU A 276 -7.45 6.20 -33.76
CA LEU A 276 -6.39 7.09 -33.31
C LEU A 276 -6.43 8.34 -34.18
N LEU A 277 -6.98 9.40 -33.63
CA LEU A 277 -7.22 10.64 -34.36
C LEU A 277 -6.14 11.66 -34.03
N LYS A 278 -5.61 12.31 -35.07
CA LYS A 278 -4.42 13.14 -34.95
C LYS A 278 -4.81 14.61 -34.90
N TYR A 279 -4.37 15.30 -33.87
CA TYR A 279 -4.56 16.74 -33.74
C TYR A 279 -3.23 17.43 -34.03
N ASN A 280 -3.27 18.46 -34.87
CA ASN A 280 -2.13 19.33 -35.09
C ASN A 280 -2.12 20.40 -34.00
N GLU A 281 -1.31 21.44 -34.17
CA GLU A 281 -1.33 22.52 -33.19
C GLU A 281 -2.57 23.39 -33.32
N ASN A 282 -3.38 23.17 -34.35
CA ASN A 282 -4.23 24.22 -34.91
C ASN A 282 -5.71 23.94 -34.72
N GLY A 283 -6.09 22.70 -34.40
CA GLY A 283 -7.47 22.39 -34.07
C GLY A 283 -8.23 21.62 -35.13
N THR A 284 -7.63 21.35 -36.28
CA THR A 284 -8.27 20.58 -37.33
C THR A 284 -7.60 19.22 -37.45
N ILE A 285 -8.41 18.17 -37.37
CA ILE A 285 -7.92 16.80 -37.43
C ILE A 285 -7.47 16.54 -38.86
N THR A 286 -6.20 16.17 -39.04
CA THR A 286 -5.63 16.03 -40.37
C THR A 286 -5.57 14.59 -40.85
N ASP A 287 -5.45 13.63 -39.94
CA ASP A 287 -5.32 12.23 -40.32
C ASP A 287 -5.84 11.38 -39.17
N ALA A 288 -6.25 10.15 -39.50
CA ALA A 288 -6.72 9.23 -38.48
C ALA A 288 -6.49 7.81 -38.97
N VAL A 289 -6.25 6.91 -38.02
CA VAL A 289 -6.04 5.50 -38.33
C VAL A 289 -7.00 4.66 -37.51
N ASP A 290 -7.82 3.88 -38.20
CA ASP A 290 -8.49 2.73 -37.58
C ASP A 290 -7.38 1.75 -37.24
N CYS A 291 -6.97 1.72 -35.97
CA CYS A 291 -5.73 0.99 -35.74
C CYS A 291 -5.95 -0.52 -35.63
N ALA A 292 -7.19 -1.00 -35.73
CA ALA A 292 -7.48 -2.44 -35.72
C ALA A 292 -7.82 -2.95 -37.12
N LEU A 293 -7.16 -2.43 -38.15
CA LEU A 293 -7.44 -2.78 -39.52
C LEU A 293 -6.49 -3.85 -40.06
N ASP A 294 -5.21 -3.53 -40.15
CA ASP A 294 -4.19 -4.45 -40.62
C ASP A 294 -3.07 -4.40 -39.59
N PRO A 295 -2.11 -5.33 -39.61
CA PRO A 295 -0.95 -5.22 -38.70
C PRO A 295 -0.19 -3.90 -38.78
N LEU A 296 -0.19 -3.21 -39.92
CA LEU A 296 0.38 -1.87 -39.98
C LEU A 296 -0.34 -0.93 -39.02
N SER A 297 -1.67 -1.00 -38.99
CA SER A 297 -2.41 -0.16 -38.06
C SER A 297 -2.34 -0.69 -36.64
N GLU A 298 -2.17 -2.00 -36.49
CA GLU A 298 -2.03 -2.59 -35.16
C GLU A 298 -0.74 -2.16 -34.50
N THR A 299 0.29 -1.85 -35.29
CA THR A 299 1.43 -1.14 -34.75
C THR A 299 1.05 0.25 -34.26
N LYS A 300 0.14 0.93 -34.96
CA LYS A 300 -0.19 2.30 -34.60
C LYS A 300 -1.02 2.38 -33.32
N CYS A 301 -1.83 1.36 -33.04
CA CYS A 301 -2.50 1.28 -31.73
C CYS A 301 -1.50 1.41 -30.58
N THR A 302 -0.43 0.63 -30.63
CA THR A 302 0.48 0.59 -29.48
C THR A 302 1.58 1.64 -29.56
N LEU A 303 1.84 2.20 -30.73
CA LEU A 303 2.90 3.19 -30.84
C LEU A 303 2.38 4.63 -30.79
N LYS A 304 1.09 4.82 -31.02
CA LYS A 304 0.43 6.14 -30.92
C LYS A 304 1.10 7.16 -31.83
N SER A 305 1.36 6.74 -33.06
CA SER A 305 2.02 7.57 -34.05
C SER A 305 1.62 7.08 -35.44
N PHE A 306 1.98 7.86 -36.45
CA PHE A 306 1.64 7.51 -37.83
C PHE A 306 2.80 6.91 -38.60
N THR A 307 4.03 7.20 -38.21
CA THR A 307 5.21 6.57 -38.81
C THR A 307 5.66 5.47 -37.88
N VAL A 308 6.06 4.34 -38.45
CA VAL A 308 6.45 3.18 -37.68
C VAL A 308 7.93 2.90 -37.93
N GLU A 309 8.59 2.34 -36.93
CA GLU A 309 9.96 1.89 -37.10
C GLU A 309 9.93 0.40 -37.44
N LYS A 310 10.93 -0.03 -38.22
CA LYS A 310 11.06 -1.42 -38.61
C LYS A 310 11.33 -2.27 -37.37
N GLY A 311 10.32 -2.99 -36.91
CA GLY A 311 10.47 -3.81 -35.73
C GLY A 311 9.17 -4.51 -35.37
N ILE A 312 9.28 -5.39 -34.38
CA ILE A 312 8.14 -6.16 -33.92
C ILE A 312 7.53 -5.45 -32.72
N TYR A 313 6.21 -5.56 -32.60
CA TYR A 313 5.48 -4.85 -31.56
C TYR A 313 4.43 -5.77 -30.96
N GLN A 314 4.43 -5.87 -29.64
CA GLN A 314 3.38 -6.59 -28.93
C GLN A 314 2.07 -5.82 -29.07
N THR A 315 1.19 -6.29 -29.93
CA THR A 315 -0.08 -5.61 -30.17
C THR A 315 -1.22 -6.16 -29.32
N SER A 316 -1.45 -7.46 -29.38
CA SER A 316 -2.57 -8.04 -28.64
C SER A 316 -2.23 -9.47 -28.25
N ASN A 317 -3.23 -10.17 -27.74
CA ASN A 317 -3.11 -11.50 -27.20
C ASN A 317 -4.02 -12.43 -27.98
N PHE A 318 -3.47 -13.13 -28.97
CA PHE A 318 -4.28 -14.03 -29.79
C PHE A 318 -4.58 -15.28 -28.99
N ARG A 319 -5.84 -15.68 -28.99
CA ARG A 319 -6.29 -16.89 -28.32
C ARG A 319 -7.48 -17.39 -29.11
N VAL A 320 -7.34 -18.55 -29.76
CA VAL A 320 -8.41 -19.04 -30.60
C VAL A 320 -9.63 -19.36 -29.75
N GLN A 321 -10.68 -18.82 -30.12
CA GLN A 321 -11.88 -18.92 -29.33
C GLN A 321 -12.48 -20.32 -29.43
N PRO A 322 -12.77 -20.92 -28.28
CA PRO A 322 -13.46 -22.21 -28.28
C PRO A 322 -14.84 -22.09 -28.89
N THR A 323 -15.19 -23.11 -29.69
CA THR A 323 -16.33 -23.04 -30.59
C THR A 323 -17.66 -23.27 -29.89
N GLU A 324 -17.71 -24.08 -28.85
CA GLU A 324 -18.96 -24.44 -28.20
C GLU A 324 -18.70 -24.62 -26.71
N SER A 325 -19.73 -25.09 -25.99
CA SER A 325 -19.65 -25.33 -24.55
C SER A 325 -19.88 -26.80 -24.26
N ILE A 326 -19.07 -27.35 -23.37
CA ILE A 326 -19.14 -28.77 -23.02
C ILE A 326 -19.31 -28.88 -21.51
N VAL A 327 -20.11 -29.85 -21.08
CA VAL A 327 -20.29 -30.15 -19.66
C VAL A 327 -20.36 -31.65 -19.46
N ARG A 328 -19.58 -32.15 -18.51
CA ARG A 328 -19.59 -33.60 -18.21
C ARG A 328 -19.94 -33.77 -16.73
N PHE A 329 -21.19 -33.47 -16.36
CA PHE A 329 -21.63 -33.71 -14.96
C PHE A 329 -21.85 -35.22 -14.79
N PRO A 330 -21.83 -35.77 -13.56
CA PRO A 330 -22.13 -37.19 -13.35
C PRO A 330 -23.55 -37.58 -13.78
N ASN A 331 -23.75 -38.85 -14.15
CA ASN A 331 -25.05 -39.33 -14.70
C ASN A 331 -26.25 -39.18 -13.76
N ILE A 332 -26.06 -39.18 -12.43
CA ILE A 332 -27.24 -39.22 -11.52
C ILE A 332 -28.23 -38.09 -11.87
N THR A 333 -29.52 -38.44 -12.00
CA THR A 333 -30.55 -37.45 -12.41
C THR A 333 -31.80 -37.50 -11.50
N ASN A 334 -31.72 -38.11 -10.32
CA ASN A 334 -32.95 -38.28 -9.48
C ASN A 334 -33.30 -36.99 -8.73
N LEU A 335 -34.58 -36.76 -8.43
CA LEU A 335 -34.98 -35.55 -7.73
C LEU A 335 -34.58 -35.63 -6.25
N CYS A 336 -33.95 -34.57 -5.77
CA CYS A 336 -33.34 -34.59 -4.46
C CYS A 336 -34.37 -34.24 -3.39
N PRO A 337 -34.34 -34.91 -2.23
CA PRO A 337 -35.29 -34.56 -1.16
C PRO A 337 -34.97 -33.23 -0.50
N PHE A 338 -35.09 -32.14 -1.27
CA PHE A 338 -35.05 -30.81 -0.67
C PHE A 338 -36.34 -30.49 0.06
N GLY A 339 -37.39 -31.28 -0.16
CA GLY A 339 -38.55 -31.23 0.71
C GLY A 339 -38.28 -31.74 2.11
N GLU A 340 -37.34 -32.66 2.25
CA GLU A 340 -36.92 -33.13 3.57
C GLU A 340 -36.22 -32.04 4.38
N VAL A 341 -35.70 -30.99 3.73
CA VAL A 341 -35.01 -29.93 4.43
C VAL A 341 -35.71 -28.58 4.29
N PHE A 342 -36.71 -28.46 3.42
CA PHE A 342 -37.46 -27.24 3.25
C PHE A 342 -38.93 -27.41 3.59
N ASN A 343 -39.56 -28.46 3.08
CA ASN A 343 -40.96 -28.81 3.29
C ASN A 343 -41.10 -29.79 4.44
N ALA A 344 -40.14 -29.77 5.37
CA ALA A 344 -40.07 -30.78 6.41
C ALA A 344 -41.13 -30.57 7.48
N THR A 345 -41.57 -31.67 8.08
CA THR A 345 -42.53 -31.60 9.17
C THR A 345 -41.85 -31.36 10.51
N ARG A 346 -40.57 -31.68 10.61
CA ARG A 346 -39.86 -31.62 11.87
C ARG A 346 -38.52 -30.95 11.65
N PHE A 347 -38.22 -29.97 12.49
CA PHE A 347 -36.96 -29.26 12.52
C PHE A 347 -36.26 -29.53 13.85
N ALA A 348 -34.96 -29.73 13.78
CA ALA A 348 -34.19 -29.94 15.00
C ALA A 348 -33.96 -28.62 15.73
N SER A 349 -33.27 -28.69 16.85
CA SER A 349 -32.92 -27.48 17.59
C SER A 349 -31.43 -27.23 17.52
N VAL A 350 -30.98 -26.17 18.19
CA VAL A 350 -29.57 -25.79 18.08
C VAL A 350 -28.68 -26.69 18.94
N TYR A 351 -29.25 -27.36 19.94
CA TYR A 351 -28.42 -28.25 20.75
C TYR A 351 -28.15 -29.58 20.05
N ALA A 352 -29.12 -30.06 19.27
CA ALA A 352 -29.04 -31.35 18.57
C ALA A 352 -29.48 -31.19 17.12
N TRP A 353 -28.90 -30.19 16.46
CA TRP A 353 -29.24 -29.91 15.06
C TRP A 353 -28.83 -31.05 14.14
N ASN A 354 -29.74 -31.41 13.24
CA ASN A 354 -29.48 -32.47 12.29
C ASN A 354 -28.41 -32.07 11.28
N ARG A 355 -27.44 -32.94 11.08
CA ARG A 355 -26.37 -32.76 10.10
C ARG A 355 -26.59 -33.81 9.04
N LYS A 356 -27.45 -33.51 8.08
CA LYS A 356 -27.87 -34.47 7.08
C LYS A 356 -26.98 -34.34 5.86
N ARG A 357 -26.17 -35.36 5.58
CA ARG A 357 -25.45 -35.42 4.31
C ARG A 357 -26.46 -35.55 3.18
N ILE A 358 -26.35 -34.66 2.21
CA ILE A 358 -27.16 -34.70 1.01
C ILE A 358 -26.24 -35.12 -0.13
N SER A 359 -26.50 -36.30 -0.68
CA SER A 359 -25.67 -36.90 -1.70
C SER A 359 -26.52 -37.85 -2.53
N ASN A 360 -26.00 -38.21 -3.70
CA ASN A 360 -26.69 -39.06 -4.68
C ASN A 360 -28.05 -38.46 -5.03
N CYS A 361 -28.05 -37.17 -5.37
CA CYS A 361 -29.26 -36.49 -5.80
C CYS A 361 -28.86 -35.31 -6.66
N VAL A 362 -29.86 -34.67 -7.28
CA VAL A 362 -29.66 -33.55 -8.19
C VAL A 362 -30.16 -32.30 -7.53
N ALA A 363 -29.26 -31.33 -7.32
CA ALA A 363 -29.62 -30.09 -6.65
C ALA A 363 -29.76 -28.98 -7.69
N ASP A 364 -31.00 -28.52 -7.88
CA ASP A 364 -31.35 -27.58 -8.95
C ASP A 364 -31.25 -26.13 -8.53
N TYR A 365 -31.80 -25.79 -7.36
CA TYR A 365 -31.83 -24.46 -6.73
C TYR A 365 -32.75 -23.48 -7.47
N SER A 366 -33.23 -23.88 -8.64
CA SER A 366 -34.05 -22.98 -9.46
C SER A 366 -35.43 -22.78 -8.84
N VAL A 367 -35.99 -23.83 -8.26
CA VAL A 367 -37.22 -23.68 -7.51
C VAL A 367 -37.01 -22.84 -6.26
N LEU A 368 -35.79 -22.85 -5.69
CA LEU A 368 -35.48 -21.97 -4.58
C LEU A 368 -35.38 -20.52 -5.01
N TYR A 369 -34.90 -20.27 -6.24
CA TYR A 369 -34.93 -18.90 -6.74
C TYR A 369 -36.36 -18.44 -6.99
N ASN A 370 -37.16 -19.29 -7.65
CA ASN A 370 -38.54 -18.98 -7.95
C ASN A 370 -39.39 -18.85 -6.69
N SER A 371 -38.98 -19.46 -5.59
CA SER A 371 -39.66 -19.26 -4.32
C SER A 371 -39.37 -17.88 -3.78
N ALA A 372 -40.42 -17.14 -3.47
CA ALA A 372 -40.31 -15.86 -2.77
C ALA A 372 -40.39 -16.02 -1.26
N SER A 373 -40.39 -17.26 -0.77
CA SER A 373 -40.54 -17.53 0.66
C SER A 373 -39.37 -17.05 1.49
N PHE A 374 -38.16 -17.02 0.93
CA PHE A 374 -37.00 -16.59 1.70
C PHE A 374 -37.06 -15.10 1.93
N SER A 375 -36.72 -14.67 3.14
CA SER A 375 -36.63 -13.25 3.46
C SER A 375 -35.17 -12.78 3.44
N THR A 376 -34.31 -13.45 4.18
CA THR A 376 -32.89 -13.15 4.17
C THR A 376 -32.14 -14.34 3.57
N PHE A 377 -31.27 -14.02 2.61
CA PHE A 377 -30.48 -15.04 1.93
C PHE A 377 -29.04 -14.53 2.00
N LYS A 378 -28.38 -14.76 3.13
CA LYS A 378 -27.07 -14.19 3.41
C LYS A 378 -26.01 -15.27 3.27
N CYS A 379 -24.96 -14.94 2.52
CA CYS A 379 -23.69 -15.66 2.54
C CYS A 379 -22.65 -14.88 1.77
N TYR A 380 -21.45 -14.80 2.34
CA TYR A 380 -20.29 -14.25 1.67
C TYR A 380 -19.49 -15.29 0.93
N GLY A 381 -19.72 -16.57 1.20
CA GLY A 381 -18.98 -17.61 0.50
C GLY A 381 -19.39 -17.73 -0.96
N VAL A 382 -20.62 -18.18 -1.20
CA VAL A 382 -21.11 -18.36 -2.56
C VAL A 382 -22.10 -17.26 -2.87
N SER A 383 -22.40 -17.08 -4.13
CA SER A 383 -23.44 -16.16 -4.55
C SER A 383 -24.79 -16.86 -4.51
N PRO A 384 -25.88 -16.14 -4.23
CA PRO A 384 -27.21 -16.75 -4.39
C PRO A 384 -27.53 -17.14 -5.82
N THR A 385 -27.56 -16.18 -6.75
CA THR A 385 -28.24 -16.40 -8.01
C THR A 385 -27.41 -17.20 -9.01
N LYS A 386 -26.09 -17.03 -9.04
CA LYS A 386 -25.26 -17.76 -10.00
C LYS A 386 -24.64 -18.99 -9.36
N LEU A 387 -25.52 -19.95 -9.06
CA LEU A 387 -25.13 -21.16 -8.35
C LEU A 387 -25.46 -22.43 -9.12
N ASN A 388 -26.32 -22.35 -10.13
CA ASN A 388 -26.81 -23.54 -10.82
C ASN A 388 -25.70 -24.23 -11.60
N ASP A 389 -24.78 -23.46 -12.16
CA ASP A 389 -23.69 -24.02 -12.96
C ASP A 389 -22.62 -24.71 -12.11
N LEU A 390 -22.71 -24.61 -10.79
CA LEU A 390 -21.72 -25.21 -9.91
C LEU A 390 -22.21 -26.55 -9.39
N CYS A 391 -21.30 -27.51 -9.29
CA CYS A 391 -21.56 -28.81 -8.69
C CYS A 391 -20.71 -28.97 -7.44
N PHE A 392 -21.36 -29.34 -6.35
CA PHE A 392 -20.78 -29.23 -5.01
C PHE A 392 -20.21 -30.55 -4.53
N THR A 393 -19.25 -30.42 -3.62
CA THR A 393 -18.62 -31.56 -2.94
C THR A 393 -19.65 -32.38 -2.18
N ASN A 394 -20.27 -31.79 -1.17
CA ASN A 394 -21.24 -32.44 -0.31
C ASN A 394 -21.87 -31.36 0.54
N VAL A 395 -23.19 -31.41 0.64
CA VAL A 395 -23.92 -30.33 1.29
C VAL A 395 -24.65 -30.89 2.49
N TYR A 396 -24.50 -30.21 3.62
CA TYR A 396 -25.14 -30.59 4.86
C TYR A 396 -26.17 -29.53 5.20
N ALA A 397 -27.36 -29.96 5.57
CA ALA A 397 -28.44 -29.05 5.93
C ALA A 397 -28.58 -29.05 7.45
N ASP A 398 -28.06 -28.01 8.08
CA ASP A 398 -28.12 -27.88 9.53
C ASP A 398 -29.44 -27.18 9.88
N SER A 399 -30.37 -27.95 10.43
CA SER A 399 -31.73 -27.50 10.68
C SER A 399 -31.89 -27.13 12.15
N PHE A 400 -32.28 -25.87 12.40
CA PHE A 400 -32.51 -25.41 13.75
C PHE A 400 -33.37 -24.15 13.71
N VAL A 401 -33.67 -23.62 14.90
CA VAL A 401 -34.52 -22.45 15.05
C VAL A 401 -33.85 -21.47 16.02
N ILE A 402 -33.70 -20.21 15.59
CA ILE A 402 -33.21 -19.15 16.46
C ILE A 402 -33.94 -17.86 16.09
N ARG A 403 -33.76 -16.83 16.92
CA ARG A 403 -34.61 -15.65 16.82
C ARG A 403 -34.26 -14.80 15.60
N GLY A 404 -35.20 -13.93 15.23
CA GLY A 404 -35.03 -13.11 14.06
C GLY A 404 -33.92 -12.09 14.21
N ASP A 405 -33.69 -11.63 15.44
CA ASP A 405 -32.54 -10.77 15.68
C ASP A 405 -31.24 -11.57 15.69
N GLU A 406 -31.30 -12.87 15.82
CA GLU A 406 -30.10 -13.70 15.88
C GLU A 406 -29.63 -14.14 14.51
N VAL A 407 -30.22 -13.63 13.43
CA VAL A 407 -29.82 -14.09 12.11
C VAL A 407 -28.44 -13.57 11.70
N ARG A 408 -27.93 -12.51 12.31
CA ARG A 408 -26.56 -12.16 11.98
C ARG A 408 -25.56 -12.95 12.81
N GLN A 409 -26.03 -13.67 13.84
CA GLN A 409 -25.12 -14.50 14.63
C GLN A 409 -24.61 -15.68 13.83
N ILE A 410 -25.33 -16.13 12.82
CA ILE A 410 -24.86 -17.21 11.95
C ILE A 410 -24.03 -16.54 10.86
N ALA A 411 -22.76 -16.32 11.18
CA ALA A 411 -21.83 -15.62 10.31
C ALA A 411 -20.41 -15.93 10.76
N PRO A 412 -19.42 -15.86 9.88
CA PRO A 412 -18.03 -16.01 10.31
C PRO A 412 -17.63 -14.91 11.28
N GLY A 413 -17.08 -15.30 12.42
CA GLY A 413 -16.56 -14.36 13.39
C GLY A 413 -17.57 -13.69 14.28
N GLN A 414 -18.85 -14.01 14.16
CA GLN A 414 -19.82 -13.37 15.03
C GLN A 414 -19.77 -14.00 16.41
N THR A 415 -19.88 -13.15 17.43
CA THR A 415 -19.85 -13.58 18.82
C THR A 415 -21.19 -13.26 19.47
N GLY A 416 -21.79 -14.27 20.09
CA GLY A 416 -23.04 -14.07 20.79
C GLY A 416 -23.31 -15.21 21.75
N LYS A 417 -24.44 -15.10 22.44
CA LYS A 417 -24.80 -16.13 23.41
C LYS A 417 -25.04 -17.48 22.74
N ILE A 418 -26.01 -17.52 21.81
CA ILE A 418 -26.28 -18.76 21.08
C ILE A 418 -25.11 -19.12 20.19
N ALA A 419 -24.45 -18.10 19.61
CA ALA A 419 -23.31 -18.35 18.74
C ALA A 419 -22.14 -19.00 19.46
N ASP A 420 -22.00 -18.78 20.77
CA ASP A 420 -20.92 -19.36 21.54
C ASP A 420 -21.32 -20.55 22.38
N TYR A 421 -22.62 -20.75 22.63
CA TYR A 421 -23.06 -21.86 23.46
C TYR A 421 -23.83 -22.92 22.71
N ASN A 422 -24.21 -22.70 21.46
CA ASN A 422 -25.02 -23.68 20.74
C ASN A 422 -24.49 -24.02 19.36
N TYR A 423 -23.94 -23.05 18.63
CA TYR A 423 -23.61 -23.28 17.22
C TYR A 423 -22.57 -22.27 16.79
N LYS A 424 -21.35 -22.73 16.50
CA LYS A 424 -20.23 -21.86 16.16
C LYS A 424 -20.01 -21.93 14.65
N LEU A 425 -19.78 -20.78 14.03
CA LEU A 425 -19.42 -20.73 12.62
C LEU A 425 -17.95 -20.39 12.48
N PRO A 426 -17.20 -21.16 11.70
CA PRO A 426 -15.78 -20.84 11.49
C PRO A 426 -15.61 -19.58 10.66
N ASP A 427 -14.42 -18.98 10.80
CA ASP A 427 -14.12 -17.77 10.03
C ASP A 427 -13.99 -18.06 8.55
N ASP A 428 -13.52 -19.26 8.20
CA ASP A 428 -13.37 -19.67 6.80
C ASP A 428 -14.58 -20.47 6.32
N PHE A 429 -15.76 -20.18 6.86
CA PHE A 429 -16.95 -20.96 6.53
C PHE A 429 -17.37 -20.69 5.09
N THR A 430 -17.42 -21.75 4.30
CA THR A 430 -18.00 -21.72 2.97
C THR A 430 -19.35 -22.40 3.01
N GLY A 431 -20.31 -21.84 2.28
CA GLY A 431 -21.67 -22.31 2.36
C GLY A 431 -22.64 -21.16 2.51
N CYS A 432 -23.93 -21.42 2.43
CA CYS A 432 -24.89 -20.32 2.42
C CYS A 432 -26.03 -20.61 3.38
N VAL A 433 -26.26 -19.68 4.31
CA VAL A 433 -27.31 -19.84 5.31
C VAL A 433 -28.56 -19.15 4.81
N ILE A 434 -29.69 -19.84 4.94
CA ILE A 434 -30.95 -19.36 4.42
C ILE A 434 -31.92 -19.21 5.59
N ALA A 435 -32.59 -18.07 5.64
CA ALA A 435 -33.56 -17.84 6.70
C ALA A 435 -34.83 -17.29 6.06
N TRP A 436 -35.78 -18.18 5.80
CA TRP A 436 -37.11 -17.76 5.45
C TRP A 436 -37.93 -17.47 6.70
N ASN A 437 -39.06 -16.81 6.51
CA ASN A 437 -39.95 -16.50 7.60
C ASN A 437 -40.70 -17.75 8.06
N SER A 438 -40.75 -17.95 9.38
CA SER A 438 -41.49 -19.04 9.99
C SER A 438 -42.61 -18.49 10.85
N ASN A 439 -43.33 -17.51 10.31
CA ASN A 439 -44.45 -16.88 11.03
C ASN A 439 -45.57 -17.86 11.33
N ASN A 440 -45.72 -18.92 10.53
CA ASN A 440 -46.90 -19.76 10.55
C ASN A 440 -46.60 -21.25 10.64
N LEU A 441 -45.33 -21.64 10.76
CA LEU A 441 -44.97 -23.04 10.67
C LEU A 441 -44.52 -23.62 12.00
N ASP A 442 -43.52 -23.02 12.63
CA ASP A 442 -42.88 -23.59 13.81
C ASP A 442 -43.46 -22.95 15.08
N SER A 443 -44.79 -23.00 15.19
CA SER A 443 -45.49 -22.34 16.27
C SER A 443 -46.81 -23.04 16.55
N LYS A 444 -47.28 -22.92 17.78
CA LYS A 444 -48.58 -23.43 18.16
C LYS A 444 -49.15 -22.60 19.30
N VAL A 445 -50.44 -22.83 19.57
CA VAL A 445 -51.20 -21.93 20.45
C VAL A 445 -50.69 -22.01 21.88
N GLY A 446 -50.42 -23.23 22.37
CA GLY A 446 -49.90 -23.37 23.72
C GLY A 446 -48.43 -23.04 23.87
N GLY A 447 -47.69 -23.02 22.77
CA GLY A 447 -46.27 -22.77 22.82
C GLY A 447 -45.43 -23.92 22.31
N ASN A 448 -44.70 -23.71 21.22
CA ASN A 448 -43.84 -24.73 20.64
C ASN A 448 -42.64 -24.88 21.56
N TYR A 449 -42.68 -25.91 22.40
CA TYR A 449 -41.81 -26.05 23.57
C TYR A 449 -40.75 -27.12 23.35
N ASN A 450 -40.54 -27.52 22.10
CA ASN A 450 -39.62 -28.60 21.78
C ASN A 450 -38.28 -28.09 21.26
N TYR A 451 -38.09 -26.77 21.19
CA TYR A 451 -36.85 -26.20 20.70
C TYR A 451 -36.04 -25.71 21.90
N LEU A 452 -34.79 -26.16 21.97
CA LEU A 452 -34.00 -26.10 23.19
C LEU A 452 -32.63 -25.51 22.86
N TYR A 453 -32.02 -24.82 23.84
CA TYR A 453 -30.73 -24.18 23.60
C TYR A 453 -29.92 -24.06 24.88
N ARG A 454 -28.60 -24.24 24.75
CA ARG A 454 -27.68 -24.09 25.87
C ARG A 454 -27.44 -22.63 26.20
N LEU A 455 -27.40 -22.31 27.49
CA LEU A 455 -27.06 -20.96 27.94
C LEU A 455 -25.85 -20.89 28.86
N PHE A 456 -25.34 -22.02 29.34
CA PHE A 456 -24.20 -22.03 30.25
C PHE A 456 -23.15 -23.00 29.75
N ARG A 457 -21.92 -22.53 29.64
CA ARG A 457 -20.80 -23.39 29.34
C ARG A 457 -19.53 -22.69 29.82
N LYS A 458 -18.58 -23.48 30.31
CA LYS A 458 -17.31 -22.96 30.77
C LYS A 458 -16.26 -22.91 29.67
N SER A 459 -16.64 -23.22 28.44
CA SER A 459 -15.72 -23.18 27.32
C SER A 459 -16.45 -22.74 26.06
N ASN A 460 -15.69 -22.18 25.12
CA ASN A 460 -16.25 -21.82 23.83
C ASN A 460 -16.40 -23.05 22.96
N LEU A 461 -17.27 -22.95 21.95
CA LEU A 461 -17.58 -24.11 21.13
C LEU A 461 -16.64 -24.22 19.94
N LYS A 462 -16.40 -25.47 19.53
CA LYS A 462 -15.74 -25.73 18.27
C LYS A 462 -16.73 -25.55 17.13
N PRO A 463 -16.26 -25.30 15.92
CA PRO A 463 -17.17 -25.23 14.77
C PRO A 463 -17.78 -26.59 14.47
N PHE A 464 -19.10 -26.58 14.26
CA PHE A 464 -19.88 -27.74 13.81
C PHE A 464 -19.78 -28.92 14.79
N GLU A 465 -19.82 -28.63 16.08
CA GLU A 465 -19.64 -29.67 17.08
C GLU A 465 -21.02 -30.16 17.52
N ARG A 466 -21.04 -31.21 18.32
CA ARG A 466 -22.29 -31.85 18.74
C ARG A 466 -22.20 -32.10 20.25
N ASP A 467 -22.60 -31.11 21.03
CA ASP A 467 -22.50 -31.18 22.49
C ASP A 467 -23.84 -31.61 23.05
N ILE A 468 -23.89 -32.83 23.58
CA ILE A 468 -25.08 -33.35 24.22
C ILE A 468 -24.89 -33.41 25.74
N SER A 469 -24.11 -32.48 26.29
CA SER A 469 -23.78 -32.53 27.71
C SER A 469 -25.01 -32.24 28.56
N THR A 470 -25.34 -33.18 29.44
CA THR A 470 -26.51 -33.08 30.31
C THR A 470 -26.16 -32.87 31.77
N GLU A 471 -24.93 -32.46 32.08
CA GLU A 471 -24.57 -32.17 33.46
C GLU A 471 -25.12 -30.82 33.88
N ILE A 472 -25.34 -30.65 35.19
CA ILE A 472 -25.77 -29.36 35.70
C ILE A 472 -24.58 -28.42 35.74
N TYR A 473 -24.73 -27.25 35.15
CA TYR A 473 -23.69 -26.23 35.23
C TYR A 473 -23.55 -25.73 36.66
N GLN A 474 -22.31 -25.52 37.08
CA GLN A 474 -22.00 -25.09 38.45
C GLN A 474 -21.77 -23.58 38.43
N ALA A 475 -22.64 -22.84 39.11
CA ALA A 475 -22.54 -21.39 39.13
C ALA A 475 -21.65 -20.89 40.26
N GLY A 476 -21.77 -21.47 41.44
CA GLY A 476 -20.95 -21.10 42.57
C GLY A 476 -19.79 -22.05 42.78
N SER A 477 -19.26 -22.04 44.00
CA SER A 477 -18.19 -22.96 44.35
C SER A 477 -18.71 -24.23 45.02
N THR A 478 -19.98 -24.27 45.41
CA THR A 478 -20.56 -25.43 46.07
C THR A 478 -20.72 -26.58 45.09
N PRO A 479 -20.41 -27.82 45.50
CA PRO A 479 -20.67 -28.97 44.64
C PRO A 479 -22.17 -29.15 44.43
N CYS A 480 -22.55 -29.55 43.23
CA CYS A 480 -23.94 -29.60 42.83
C CYS A 480 -24.32 -31.06 42.58
N ASN A 481 -25.02 -31.66 43.53
CA ASN A 481 -25.35 -33.09 43.49
C ASN A 481 -26.69 -33.31 42.79
N GLY A 482 -26.82 -32.73 41.60
CA GLY A 482 -28.08 -32.79 40.89
C GLY A 482 -29.18 -31.94 41.49
N VAL A 483 -28.86 -31.06 42.42
CA VAL A 483 -29.84 -30.27 43.14
C VAL A 483 -29.75 -28.83 42.65
N GLU A 484 -30.77 -28.42 41.91
CA GLU A 484 -30.94 -27.08 41.40
C GLU A 484 -31.31 -26.11 42.52
N GLY A 485 -31.23 -24.83 42.21
CA GLY A 485 -31.53 -23.80 43.18
C GLY A 485 -30.45 -22.74 43.18
N PHE A 486 -29.89 -22.47 44.35
CA PHE A 486 -28.80 -21.51 44.43
C PHE A 486 -27.52 -22.14 43.89
N ASN A 487 -26.85 -21.38 43.01
CA ASN A 487 -25.58 -21.76 42.38
C ASN A 487 -25.68 -23.05 41.55
N CYS A 488 -26.88 -23.39 41.09
CA CYS A 488 -27.12 -24.61 40.32
C CYS A 488 -28.25 -24.36 39.33
N TYR A 489 -27.89 -24.05 38.09
CA TYR A 489 -28.84 -23.88 37.01
C TYR A 489 -28.44 -24.73 35.82
N PHE A 490 -29.44 -25.19 35.07
CA PHE A 490 -29.21 -26.11 33.96
C PHE A 490 -29.10 -25.34 32.66
N PRO A 491 -28.13 -25.64 31.79
CA PRO A 491 -27.87 -24.77 30.64
C PRO A 491 -28.86 -24.89 29.50
N LEU A 492 -29.37 -26.09 29.21
CA LEU A 492 -30.20 -26.29 28.02
C LEU A 492 -31.57 -25.68 28.23
N GLN A 493 -31.74 -24.46 27.76
CA GLN A 493 -32.96 -23.67 27.93
C GLN A 493 -33.84 -23.84 26.71
N SER A 494 -35.15 -23.64 26.88
CA SER A 494 -36.11 -23.82 25.81
C SER A 494 -36.71 -22.49 25.38
N TYR A 495 -37.50 -22.54 24.32
CA TYR A 495 -38.28 -21.41 23.84
C TYR A 495 -39.77 -21.66 23.97
N GLY A 496 -40.53 -20.58 23.79
CA GLY A 496 -41.97 -20.64 23.65
C GLY A 496 -42.44 -19.92 22.40
N PHE A 497 -43.07 -20.64 21.48
CA PHE A 497 -43.50 -20.06 20.22
C PHE A 497 -45.02 -20.10 20.12
N GLN A 498 -45.63 -18.93 20.09
CA GLN A 498 -47.07 -18.83 19.91
C GLN A 498 -47.38 -17.79 18.84
N PRO A 499 -48.45 -18.00 18.06
CA PRO A 499 -48.87 -16.97 17.11
C PRO A 499 -49.39 -15.71 17.79
N THR A 500 -49.77 -15.80 19.06
CA THR A 500 -50.17 -14.64 19.84
C THR A 500 -48.98 -13.75 20.20
N ASN A 501 -47.77 -14.32 20.25
CA ASN A 501 -46.57 -13.56 20.57
C ASN A 501 -46.27 -12.52 19.50
N GLY A 502 -45.45 -11.54 19.87
CA GLY A 502 -45.07 -10.49 18.95
C GLY A 502 -44.13 -10.99 17.87
N VAL A 503 -44.03 -10.17 16.81
CA VAL A 503 -43.23 -10.56 15.65
C VAL A 503 -41.75 -10.55 15.98
N GLY A 504 -41.32 -9.81 17.00
CA GLY A 504 -39.95 -9.91 17.47
C GLY A 504 -39.67 -11.15 18.28
N TYR A 505 -40.72 -11.76 18.84
CA TYR A 505 -40.60 -13.02 19.58
C TYR A 505 -41.21 -14.19 18.82
N GLN A 506 -41.82 -13.91 17.66
CA GLN A 506 -42.39 -14.93 16.80
C GLN A 506 -41.26 -15.83 16.27
N PRO A 507 -41.52 -17.14 16.17
CA PRO A 507 -40.48 -18.04 15.65
C PRO A 507 -40.06 -17.71 14.23
N TYR A 508 -38.76 -17.74 14.00
CA TYR A 508 -38.17 -17.55 12.70
C TYR A 508 -37.35 -18.78 12.37
N ARG A 509 -37.35 -19.17 11.10
CA ARG A 509 -36.64 -20.36 10.67
C ARG A 509 -35.33 -19.92 10.05
N VAL A 510 -34.22 -20.42 10.55
CA VAL A 510 -32.93 -20.23 9.92
C VAL A 510 -32.30 -21.60 9.72
N VAL A 511 -31.84 -21.86 8.51
CA VAL A 511 -31.30 -23.17 8.17
C VAL A 511 -29.96 -22.97 7.50
N VAL A 512 -28.95 -23.67 7.99
CA VAL A 512 -27.64 -23.66 7.36
C VAL A 512 -27.62 -24.84 6.40
N LEU A 513 -27.98 -24.58 5.16
CA LEU A 513 -27.56 -25.43 4.05
C LEU A 513 -26.08 -25.13 3.88
N SER A 514 -25.25 -25.87 4.58
CA SER A 514 -23.82 -25.63 4.56
C SER A 514 -23.25 -26.23 3.28
N PHE A 515 -22.92 -25.36 2.33
CA PHE A 515 -22.34 -25.76 1.05
C PHE A 515 -20.82 -25.83 1.13
N GLU A 516 -20.26 -26.70 1.96
CA GLU A 516 -18.81 -26.85 1.93
C GLU A 516 -18.34 -27.50 0.63
N LEU A 517 -17.51 -26.77 -0.09
CA LEU A 517 -16.77 -27.32 -1.23
C LEU A 517 -15.47 -27.83 -0.66
N LEU A 518 -15.45 -29.12 -0.37
CA LEU A 518 -14.32 -29.83 0.21
C LEU A 518 -13.83 -30.88 -0.78
N HIS A 519 -12.98 -31.76 -0.27
CA HIS A 519 -12.36 -32.77 -1.12
C HIS A 519 -13.31 -33.84 -1.64
N ALA A 520 -14.40 -34.14 -0.93
CA ALA A 520 -15.23 -35.31 -1.22
C ALA A 520 -15.86 -35.22 -2.62
N PRO A 521 -16.15 -36.36 -3.25
CA PRO A 521 -16.57 -36.34 -4.67
C PRO A 521 -17.88 -35.60 -4.89
N ALA A 522 -17.94 -34.88 -6.00
CA ALA A 522 -19.12 -34.11 -6.35
C ALA A 522 -20.28 -35.03 -6.69
N THR A 523 -21.43 -34.73 -6.08
CA THR A 523 -22.62 -35.54 -6.31
C THR A 523 -23.90 -34.75 -6.53
N VAL A 524 -23.93 -33.46 -6.19
CA VAL A 524 -25.12 -32.63 -6.36
C VAL A 524 -24.78 -31.55 -7.39
N CYS A 525 -25.12 -31.81 -8.64
CA CYS A 525 -24.83 -30.89 -9.72
C CYS A 525 -26.10 -30.18 -10.16
N GLY A 526 -25.92 -29.18 -11.02
CA GLY A 526 -27.03 -28.39 -11.50
C GLY A 526 -27.88 -29.15 -12.49
N PRO A 527 -29.07 -28.61 -12.76
CA PRO A 527 -30.02 -29.27 -13.67
C PRO A 527 -29.78 -28.88 -15.13
N LYS A 528 -28.56 -29.14 -15.58
CA LYS A 528 -28.12 -28.79 -16.93
C LYS A 528 -27.93 -30.08 -17.71
N LYS A 529 -28.27 -30.06 -19.00
CA LYS A 529 -28.08 -31.24 -19.81
C LYS A 529 -26.63 -31.38 -20.22
N SER A 530 -26.18 -32.64 -20.32
CA SER A 530 -24.81 -32.93 -20.70
C SER A 530 -24.64 -32.83 -22.21
N THR A 531 -23.38 -32.78 -22.63
CA THR A 531 -23.00 -32.75 -24.03
C THR A 531 -21.98 -33.83 -24.31
N ASN A 532 -21.78 -34.12 -25.61
CA ASN A 532 -20.80 -35.10 -26.02
C ASN A 532 -19.39 -34.54 -25.90
N LEU A 533 -18.41 -35.44 -25.83
CA LEU A 533 -17.03 -35.10 -25.54
C LEU A 533 -16.28 -34.84 -26.84
N VAL A 534 -15.33 -33.90 -26.81
CA VAL A 534 -14.54 -33.53 -27.97
C VAL A 534 -13.06 -33.57 -27.60
N LYS A 535 -12.23 -34.05 -28.51
CA LYS A 535 -10.79 -34.16 -28.33
C LYS A 535 -10.05 -33.33 -29.36
N ASN A 536 -8.82 -32.95 -29.00
CA ASN A 536 -7.91 -32.16 -29.84
C ASN A 536 -8.53 -30.84 -30.29
N LYS A 537 -9.45 -30.29 -29.52
CA LYS A 537 -10.06 -29.01 -29.84
C LYS A 537 -10.48 -28.36 -28.54
N CYS A 538 -9.99 -27.16 -28.30
CA CYS A 538 -10.22 -26.50 -27.02
C CYS A 538 -11.66 -25.98 -26.96
N VAL A 539 -12.28 -26.17 -25.81
CA VAL A 539 -13.72 -25.99 -25.65
C VAL A 539 -13.97 -25.54 -24.21
N ASN A 540 -15.00 -24.69 -24.05
CA ASN A 540 -15.38 -24.23 -22.72
C ASN A 540 -15.93 -25.40 -21.94
N PHE A 541 -15.18 -25.86 -20.94
CA PHE A 541 -15.59 -26.99 -20.13
C PHE A 541 -16.08 -26.52 -18.76
N ASN A 542 -17.06 -27.27 -18.24
CA ASN A 542 -17.60 -27.00 -16.91
C ASN A 542 -17.75 -28.36 -16.23
N PHE A 543 -16.66 -28.88 -15.68
CA PHE A 543 -16.64 -30.23 -15.15
C PHE A 543 -16.84 -30.12 -13.65
N ASN A 544 -18.04 -30.54 -13.21
CA ASN A 544 -18.39 -30.60 -11.79
C ASN A 544 -18.31 -29.21 -11.14
N GLY A 545 -18.60 -28.17 -11.91
CA GLY A 545 -18.55 -26.81 -11.40
C GLY A 545 -17.29 -26.04 -11.72
N LEU A 546 -16.22 -26.71 -12.11
CA LEU A 546 -14.97 -26.02 -12.44
C LEU A 546 -15.01 -25.62 -13.91
N THR A 547 -14.97 -24.32 -14.16
CA THR A 547 -15.05 -23.77 -15.50
C THR A 547 -13.67 -23.57 -16.09
N GLY A 548 -13.63 -23.42 -17.41
CA GLY A 548 -12.38 -23.13 -18.07
C GLY A 548 -12.44 -23.52 -19.53
N THR A 549 -11.29 -23.36 -20.20
CA THR A 549 -11.13 -23.73 -21.59
C THR A 549 -9.91 -24.63 -21.70
N GLY A 550 -9.97 -25.61 -22.60
CA GLY A 550 -8.83 -26.47 -22.80
C GLY A 550 -9.18 -27.67 -23.67
N VAL A 551 -8.12 -28.41 -24.02
CA VAL A 551 -8.22 -29.60 -24.85
C VAL A 551 -8.39 -30.82 -23.96
N LEU A 552 -9.14 -31.80 -24.43
CA LEU A 552 -9.50 -32.97 -23.64
C LEU A 552 -9.05 -34.22 -24.39
N THR A 553 -7.95 -34.81 -23.95
CA THR A 553 -7.46 -36.06 -24.52
C THR A 553 -7.48 -37.15 -23.46
N GLU A 554 -7.55 -38.39 -23.93
CA GLU A 554 -7.56 -39.54 -23.02
C GLU A 554 -6.20 -39.67 -22.34
N SER A 555 -6.22 -40.20 -21.12
CA SER A 555 -5.00 -40.34 -20.33
C SER A 555 -4.90 -41.76 -19.80
N ASN A 556 -3.67 -42.21 -19.60
CA ASN A 556 -3.39 -43.59 -19.25
C ASN A 556 -3.14 -43.78 -17.75
N LYS A 557 -3.32 -42.72 -16.95
CA LYS A 557 -3.08 -42.83 -15.52
C LYS A 557 -4.20 -43.63 -14.86
N LYS A 558 -3.82 -44.40 -13.84
CA LYS A 558 -4.82 -45.22 -13.12
C LYS A 558 -5.39 -44.41 -11.96
N PHE A 559 -6.33 -43.50 -12.24
CA PHE A 559 -6.98 -42.79 -11.11
C PHE A 559 -7.66 -43.87 -10.27
N LEU A 560 -7.45 -43.82 -8.95
CA LEU A 560 -8.08 -44.82 -8.05
C LEU A 560 -9.56 -44.51 -7.93
N PRO A 561 -10.45 -45.46 -7.56
CA PRO A 561 -11.86 -45.12 -7.34
C PRO A 561 -11.85 -44.10 -6.20
N PHE A 562 -12.62 -43.01 -6.29
CA PHE A 562 -12.63 -41.92 -5.27
C PHE A 562 -11.47 -40.96 -5.56
N GLN A 563 -10.68 -41.24 -6.60
CA GLN A 563 -9.63 -40.27 -7.02
C GLN A 563 -10.28 -39.46 -8.15
N GLN A 564 -10.34 -38.14 -8.03
CA GLN A 564 -11.14 -37.36 -9.00
C GLN A 564 -10.31 -36.45 -9.91
N PHE A 565 -9.36 -35.68 -9.38
CA PHE A 565 -8.71 -34.71 -10.23
C PHE A 565 -7.20 -34.91 -10.14
N GLY A 566 -6.52 -34.49 -11.16
CA GLY A 566 -5.07 -34.34 -11.12
C GLY A 566 -4.73 -32.86 -11.16
N ARG A 567 -4.04 -32.39 -10.13
CA ARG A 567 -3.65 -31.00 -10.05
C ARG A 567 -2.16 -30.88 -10.31
N ASP A 568 -1.78 -29.81 -10.98
CA ASP A 568 -0.38 -29.50 -11.19
C ASP A 568 0.14 -28.74 -9.97
N ILE A 569 1.30 -28.13 -10.10
CA ILE A 569 1.92 -27.41 -9.00
C ILE A 569 1.06 -26.20 -8.60
N ALA A 570 0.27 -25.67 -9.53
CA ALA A 570 -0.56 -24.50 -9.30
C ALA A 570 -1.90 -24.84 -8.71
N ASP A 571 -2.11 -26.09 -8.31
CA ASP A 571 -3.39 -26.70 -7.93
C ASP A 571 -4.50 -26.47 -8.95
N THR A 572 -4.15 -26.14 -10.19
CA THR A 572 -5.09 -26.08 -11.29
C THR A 572 -5.28 -27.48 -11.85
N THR A 573 -6.49 -27.75 -12.31
CA THR A 573 -6.84 -29.10 -12.71
C THR A 573 -6.13 -29.48 -14.00
N ASP A 574 -5.16 -30.37 -13.89
CA ASP A 574 -4.40 -30.87 -15.02
C ASP A 574 -5.04 -32.08 -15.69
N ALA A 575 -5.64 -32.95 -14.91
CA ALA A 575 -6.32 -34.13 -15.44
C ALA A 575 -7.62 -34.32 -14.70
N VAL A 576 -8.61 -34.91 -15.38
CA VAL A 576 -9.88 -35.23 -14.74
C VAL A 576 -10.27 -36.62 -15.19
N ARG A 577 -11.06 -37.29 -14.36
CA ARG A 577 -11.76 -38.50 -14.75
C ARG A 577 -13.15 -38.11 -15.20
N ASP A 578 -13.54 -38.58 -16.36
CA ASP A 578 -14.89 -38.32 -16.82
C ASP A 578 -15.88 -39.05 -15.92
N PRO A 579 -16.83 -38.34 -15.33
CA PRO A 579 -17.78 -39.00 -14.45
C PRO A 579 -18.83 -39.83 -15.17
N GLN A 580 -18.96 -39.70 -16.48
CA GLN A 580 -19.90 -40.51 -17.25
C GLN A 580 -19.26 -41.83 -17.68
N THR A 581 -18.09 -41.75 -18.30
CA THR A 581 -17.30 -42.88 -18.74
C THR A 581 -16.01 -42.90 -17.93
N LEU A 582 -15.67 -44.07 -17.38
CA LEU A 582 -14.51 -44.15 -16.51
C LEU A 582 -13.22 -44.03 -17.32
N GLU A 583 -12.93 -42.83 -17.80
CA GLU A 583 -11.71 -42.56 -18.55
C GLU A 583 -11.08 -41.28 -17.99
N ILE A 584 -9.79 -41.13 -18.25
CA ILE A 584 -8.99 -40.07 -17.65
C ILE A 584 -8.68 -39.03 -18.73
N LEU A 585 -8.98 -37.77 -18.42
CA LEU A 585 -8.93 -36.70 -19.40
C LEU A 585 -7.99 -35.61 -18.93
N ASP A 586 -6.91 -35.39 -19.68
CA ASP A 586 -6.04 -34.24 -19.41
C ASP A 586 -6.74 -32.94 -19.79
N ILE A 587 -6.52 -31.91 -18.98
CA ILE A 587 -6.92 -30.55 -19.32
C ILE A 587 -5.66 -29.75 -19.58
N THR A 588 -5.48 -29.33 -20.83
CA THR A 588 -4.41 -28.41 -21.19
C THR A 588 -5.09 -27.20 -21.80
N PRO A 589 -5.00 -26.02 -21.17
CA PRO A 589 -5.75 -24.85 -21.64
C PRO A 589 -5.34 -24.45 -23.05
N CYS A 590 -6.28 -23.80 -23.74
CA CYS A 590 -6.27 -23.71 -25.19
C CYS A 590 -5.10 -22.87 -25.69
N SER A 591 -4.89 -22.92 -27.00
CA SER A 591 -3.77 -22.22 -27.64
C SER A 591 -3.93 -20.72 -27.53
N PHE A 592 -2.88 -20.06 -27.05
CA PHE A 592 -2.90 -18.61 -26.91
C PHE A 592 -1.47 -18.08 -26.97
N GLY A 593 -1.37 -16.78 -27.25
CA GLY A 593 -0.09 -16.10 -27.28
C GLY A 593 -0.28 -14.66 -27.67
N GLY A 594 0.82 -13.92 -27.63
CA GLY A 594 0.75 -12.53 -28.03
C GLY A 594 0.69 -12.37 -29.53
N VAL A 595 0.24 -11.20 -29.97
CA VAL A 595 0.19 -10.88 -31.39
C VAL A 595 1.35 -9.93 -31.66
N SER A 596 2.32 -10.39 -32.43
CA SER A 596 3.44 -9.56 -32.86
C SER A 596 3.30 -9.27 -34.35
N VAL A 597 3.87 -8.15 -34.78
CA VAL A 597 3.74 -7.66 -36.14
C VAL A 597 5.11 -7.56 -36.78
N ILE A 598 5.26 -8.15 -37.96
CA ILE A 598 6.37 -7.84 -38.83
C ILE A 598 5.89 -6.84 -39.87
N THR A 599 6.54 -5.68 -39.91
CA THR A 599 6.27 -4.70 -40.94
C THR A 599 7.54 -3.91 -41.23
N PRO A 600 7.74 -3.49 -42.46
CA PRO A 600 8.74 -2.46 -42.72
C PRO A 600 8.20 -1.09 -42.38
N GLY A 601 8.98 -0.03 -42.64
CA GLY A 601 8.52 1.29 -42.32
C GLY A 601 7.38 1.74 -43.22
N THR A 602 6.55 2.64 -42.68
CA THR A 602 5.44 3.20 -43.47
C THR A 602 5.95 4.05 -44.62
N ASN A 603 7.18 4.53 -44.56
CA ASN A 603 7.80 5.19 -45.71
C ASN A 603 8.26 4.20 -46.77
N THR A 604 8.21 2.90 -46.48
CA THR A 604 8.69 1.87 -47.39
C THR A 604 7.57 1.02 -47.97
N SER A 605 6.69 0.47 -47.14
CA SER A 605 5.68 -0.44 -47.65
C SER A 605 4.47 -0.42 -46.72
N ASN A 606 3.37 -0.97 -47.23
CA ASN A 606 2.17 -1.20 -46.42
C ASN A 606 1.81 -2.67 -46.33
N GLN A 607 2.62 -3.56 -46.91
CA GLN A 607 2.40 -4.99 -46.77
C GLN A 607 2.77 -5.43 -45.36
N VAL A 608 1.90 -6.25 -44.78
CA VAL A 608 1.92 -6.55 -43.35
C VAL A 608 2.27 -8.01 -43.14
N ALA A 609 2.56 -8.34 -41.87
CA ALA A 609 2.68 -9.73 -41.45
C ALA A 609 2.21 -9.87 -40.01
N VAL A 610 1.27 -10.78 -39.80
CA VAL A 610 0.73 -11.04 -38.47
C VAL A 610 1.25 -12.39 -37.99
N LEU A 611 1.63 -12.46 -36.72
CA LEU A 611 2.25 -13.64 -36.15
C LEU A 611 1.30 -14.34 -35.19
N TYR A 612 1.10 -15.63 -35.40
CA TYR A 612 0.55 -16.52 -34.40
C TYR A 612 1.65 -17.49 -33.98
N GLN A 613 2.15 -17.31 -32.75
CA GLN A 613 3.42 -17.88 -32.34
C GLN A 613 3.27 -19.20 -31.57
N ASP A 614 4.29 -20.06 -31.73
CA ASP A 614 4.48 -21.29 -30.95
C ASP A 614 3.29 -22.24 -31.07
N VAL A 615 2.71 -22.33 -32.27
CA VAL A 615 1.53 -23.15 -32.52
C VAL A 615 1.70 -23.90 -33.84
N ASN A 616 0.87 -24.92 -34.05
CA ASN A 616 0.50 -25.28 -35.41
C ASN A 616 -0.34 -24.21 -36.11
N CYS A 617 -0.29 -24.26 -37.43
CA CYS A 617 -1.08 -23.41 -38.31
C CYS A 617 -2.45 -24.04 -38.52
N THR A 618 -3.09 -24.45 -37.43
CA THR A 618 -4.34 -25.20 -37.48
C THR A 618 -5.46 -24.46 -36.78
N GLU A 619 -5.18 -23.92 -35.59
CA GLU A 619 -6.11 -23.01 -34.93
C GLU A 619 -6.04 -21.62 -35.51
N VAL A 620 -5.09 -21.39 -36.41
CA VAL A 620 -5.00 -20.14 -37.17
C VAL A 620 -6.22 -19.99 -38.08
N ASN A 641 1.07 -19.28 -48.45
CA ASN A 641 2.24 -18.52 -48.06
C ASN A 641 2.45 -18.51 -46.55
N VAL A 642 2.47 -19.69 -45.95
CA VAL A 642 2.53 -19.81 -44.50
C VAL A 642 3.81 -20.56 -44.13
N PHE A 643 4.56 -20.00 -43.18
CA PHE A 643 5.80 -20.61 -42.74
C PHE A 643 5.66 -21.03 -41.29
N GLN A 644 5.90 -22.31 -41.02
CA GLN A 644 5.77 -22.90 -39.70
C GLN A 644 7.15 -23.32 -39.21
N THR A 645 7.57 -22.77 -38.07
CA THR A 645 8.84 -23.14 -37.45
C THR A 645 8.64 -23.44 -35.97
N ARG A 646 9.77 -23.49 -35.25
CA ARG A 646 9.76 -23.60 -33.79
C ARG A 646 9.11 -22.39 -33.14
N ALA A 647 9.15 -21.22 -33.79
CA ALA A 647 8.49 -20.04 -33.28
C ALA A 647 6.98 -20.04 -33.55
N GLY A 648 6.52 -20.81 -34.51
CA GLY A 648 5.11 -20.89 -34.79
C GLY A 648 4.81 -20.56 -36.23
N CYS A 649 3.63 -20.00 -36.45
CA CYS A 649 3.14 -19.69 -37.79
C CYS A 649 3.29 -18.22 -38.09
N LEU A 650 3.92 -17.91 -39.21
CA LEU A 650 4.18 -16.55 -39.64
C LEU A 650 3.30 -16.27 -40.84
N ILE A 651 2.31 -15.40 -40.66
CA ILE A 651 1.30 -15.13 -41.67
C ILE A 651 1.57 -13.76 -42.27
N GLY A 652 1.93 -13.74 -43.56
CA GLY A 652 2.13 -12.50 -44.30
C GLY A 652 3.40 -12.48 -45.12
N ALA A 653 4.48 -13.07 -44.61
CA ALA A 653 5.76 -13.03 -45.30
C ALA A 653 6.04 -14.35 -46.01
N GLU A 654 6.82 -14.26 -47.08
CA GLU A 654 7.18 -15.43 -47.89
C GLU A 654 8.35 -16.16 -47.26
N HIS A 655 8.21 -17.48 -47.15
CA HIS A 655 9.32 -18.33 -46.72
C HIS A 655 10.34 -18.41 -47.85
N VAL A 656 11.60 -18.17 -47.52
CA VAL A 656 12.70 -18.28 -48.46
C VAL A 656 13.79 -19.17 -47.86
N ASN A 657 14.31 -20.09 -48.68
CA ASN A 657 15.42 -20.93 -48.25
C ASN A 657 16.74 -20.17 -48.21
N ASN A 658 16.87 -19.14 -49.03
CA ASN A 658 18.06 -18.29 -48.97
C ASN A 658 18.05 -17.50 -47.68
N SER A 659 19.21 -17.44 -47.01
CA SER A 659 19.33 -16.77 -45.74
C SER A 659 20.06 -15.44 -45.92
N TYR A 660 19.53 -14.40 -45.26
CA TYR A 660 20.11 -13.07 -45.34
C TYR A 660 20.46 -12.62 -43.93
N GLU A 661 20.93 -11.38 -43.83
CA GLU A 661 21.16 -10.77 -42.52
C GLU A 661 19.83 -10.53 -41.84
N CYS A 662 19.80 -10.73 -40.54
CA CYS A 662 18.54 -10.71 -39.82
C CYS A 662 18.17 -9.28 -39.45
N ASP A 663 16.96 -8.88 -39.81
CA ASP A 663 16.54 -7.49 -39.63
C ASP A 663 15.44 -7.33 -38.59
N ILE A 664 14.32 -8.01 -38.75
CA ILE A 664 13.19 -7.90 -37.84
C ILE A 664 12.87 -9.30 -37.30
N PRO A 665 13.40 -9.64 -36.13
CA PRO A 665 13.25 -11.01 -35.63
C PRO A 665 11.88 -11.27 -35.03
N ILE A 666 11.34 -12.45 -35.30
CA ILE A 666 9.99 -12.82 -34.86
C ILE A 666 10.03 -13.98 -33.86
N GLY A 667 11.13 -14.70 -33.82
CA GLY A 667 11.30 -15.79 -32.87
C GLY A 667 12.00 -16.97 -33.50
N ALA A 668 12.77 -17.68 -32.67
CA ALA A 668 13.52 -18.88 -33.04
C ALA A 668 14.47 -18.64 -34.21
N GLY A 669 14.97 -17.41 -34.34
CA GLY A 669 15.87 -17.04 -35.40
C GLY A 669 15.30 -17.09 -36.79
N ILE A 670 13.99 -17.12 -36.93
CA ILE A 670 13.33 -16.85 -38.19
C ILE A 670 12.99 -15.37 -38.18
N CYS A 671 13.35 -14.68 -39.24
CA CYS A 671 13.17 -13.24 -39.25
C CYS A 671 12.97 -12.75 -40.67
N ALA A 672 12.42 -11.56 -40.78
CA ALA A 672 12.01 -11.04 -42.06
C ALA A 672 12.96 -9.95 -42.55
N SER A 673 12.83 -9.64 -43.82
CA SER A 673 13.55 -8.58 -44.50
C SER A 673 12.78 -8.27 -45.77
N TYR A 674 12.97 -7.06 -46.29
CA TYR A 674 12.14 -6.57 -47.40
C TYR A 674 13.01 -6.45 -48.64
N GLN A 675 13.13 -7.54 -49.39
CA GLN A 675 13.84 -7.54 -50.65
C GLN A 675 13.02 -8.31 -51.68
N THR A 676 13.60 -8.49 -52.86
CA THR A 676 12.93 -9.20 -53.94
C THR A 676 12.91 -10.70 -53.67
N SER A 689 7.74 -5.58 -56.53
CA SER A 689 8.69 -6.68 -56.66
C SER A 689 9.17 -7.15 -55.29
N GLN A 690 9.64 -6.20 -54.49
CA GLN A 690 10.12 -6.53 -53.15
C GLN A 690 8.97 -6.94 -52.24
N SER A 691 9.28 -7.81 -51.30
CA SER A 691 8.31 -8.27 -50.33
C SER A 691 9.04 -8.71 -49.07
N ILE A 692 8.28 -8.89 -48.01
CA ILE A 692 8.81 -9.38 -46.75
C ILE A 692 9.08 -10.88 -46.85
N ILE A 693 10.32 -11.29 -46.56
CA ILE A 693 10.74 -12.67 -46.72
C ILE A 693 11.27 -13.20 -45.40
N ALA A 694 10.77 -14.36 -45.00
CA ALA A 694 11.15 -14.99 -43.74
C ALA A 694 12.09 -16.15 -44.02
N TYR A 695 13.12 -16.28 -43.19
CA TYR A 695 14.14 -17.28 -43.45
C TYR A 695 14.80 -17.64 -42.13
N THR A 696 15.53 -18.76 -42.15
CA THR A 696 16.47 -19.02 -41.07
C THR A 696 17.58 -17.99 -41.15
N MET A 697 17.86 -17.32 -40.03
CA MET A 697 18.79 -16.21 -40.06
C MET A 697 20.21 -16.70 -40.29
N SER A 698 20.92 -16.02 -41.18
CA SER A 698 22.33 -16.29 -41.38
C SER A 698 23.11 -15.65 -40.25
N LEU A 699 24.11 -16.34 -39.75
CA LEU A 699 24.84 -15.82 -38.61
C LEU A 699 25.97 -14.91 -39.05
N GLY A 700 25.79 -14.24 -40.18
CA GLY A 700 26.82 -13.44 -40.82
C GLY A 700 26.94 -13.81 -42.28
N ALA A 701 28.03 -13.33 -42.87
CA ALA A 701 28.45 -13.86 -44.16
C ALA A 701 29.15 -15.19 -43.93
N GLU A 702 28.85 -16.18 -44.76
CA GLU A 702 29.49 -17.49 -44.62
C GLU A 702 30.94 -17.35 -45.02
N ASN A 703 31.81 -17.18 -44.03
CA ASN A 703 33.22 -16.89 -44.28
C ASN A 703 34.03 -18.04 -43.72
N SER A 704 34.22 -19.07 -44.52
CA SER A 704 35.18 -20.10 -44.18
C SER A 704 36.58 -19.50 -44.18
N VAL A 705 37.36 -19.88 -43.19
CA VAL A 705 38.71 -19.38 -43.04
C VAL A 705 39.67 -20.49 -43.44
N ALA A 706 40.60 -20.16 -44.34
CA ALA A 706 41.61 -21.12 -44.77
C ALA A 706 42.66 -21.29 -43.67
N TYR A 707 42.25 -22.02 -42.64
CA TYR A 707 43.15 -22.31 -41.54
C TYR A 707 44.23 -23.27 -41.98
N SER A 708 45.44 -23.03 -41.51
CA SER A 708 46.47 -24.06 -41.51
C SER A 708 47.41 -23.80 -40.35
N ASN A 709 48.32 -24.74 -40.15
CA ASN A 709 49.45 -24.58 -39.25
C ASN A 709 50.48 -23.59 -39.76
N ASN A 710 50.35 -23.13 -41.00
CA ASN A 710 51.28 -22.16 -41.56
C ASN A 710 50.56 -21.07 -42.34
N SER A 711 49.31 -20.76 -42.00
CA SER A 711 48.55 -19.74 -42.70
C SER A 711 48.42 -18.51 -41.84
N ILE A 712 48.89 -17.39 -42.35
CA ILE A 712 48.89 -16.14 -41.60
C ILE A 712 48.31 -15.04 -42.48
N ALA A 713 47.52 -14.16 -41.87
CA ALA A 713 46.87 -13.07 -42.58
C ALA A 713 47.18 -11.76 -41.87
N ILE A 714 47.73 -10.81 -42.60
CA ILE A 714 48.30 -9.59 -42.04
C ILE A 714 47.76 -8.42 -42.85
N PRO A 715 47.18 -7.41 -42.22
CA PRO A 715 46.60 -6.31 -43.01
C PRO A 715 47.68 -5.36 -43.52
N THR A 716 47.64 -5.09 -44.82
CA THR A 716 48.49 -4.10 -45.45
C THR A 716 47.91 -2.71 -45.37
N ASN A 717 46.65 -2.60 -44.96
CA ASN A 717 45.87 -1.39 -45.13
C ASN A 717 44.81 -1.39 -44.05
N PHE A 718 44.47 -0.20 -43.57
CA PHE A 718 43.51 -0.09 -42.47
C PHE A 718 42.59 1.08 -42.77
N THR A 719 41.63 1.28 -41.88
CA THR A 719 40.88 2.52 -41.85
C THR A 719 40.64 2.91 -40.40
N ILE A 720 40.80 4.18 -40.12
CA ILE A 720 40.58 4.71 -38.78
C ILE A 720 39.10 5.08 -38.66
N SER A 721 38.28 4.08 -38.45
CA SER A 721 36.86 4.30 -38.29
C SER A 721 36.59 4.81 -36.89
N VAL A 722 35.60 5.68 -36.78
CA VAL A 722 35.18 6.17 -35.48
C VAL A 722 33.78 5.65 -35.20
N THR A 723 33.66 4.88 -34.12
CA THR A 723 32.39 4.29 -33.75
C THR A 723 31.77 5.11 -32.64
N THR A 724 30.51 5.47 -32.83
CA THR A 724 29.77 6.28 -31.89
C THR A 724 29.05 5.38 -30.89
N GLU A 725 29.60 5.26 -29.69
CA GLU A 725 28.94 4.57 -28.59
C GLU A 725 28.36 5.64 -27.68
N ILE A 726 27.07 5.55 -27.43
CA ILE A 726 26.34 6.60 -26.71
C ILE A 726 25.90 6.04 -25.37
N LEU A 727 26.38 6.64 -24.29
CA LEU A 727 26.08 6.14 -22.96
C LEU A 727 25.26 7.17 -22.19
N PRO A 728 24.10 6.79 -21.69
CA PRO A 728 23.34 7.71 -20.83
C PRO A 728 24.02 7.79 -19.48
N VAL A 729 24.39 9.00 -19.09
CA VAL A 729 25.19 9.20 -17.88
C VAL A 729 24.45 10.01 -16.83
N SER A 730 23.45 10.78 -17.23
CA SER A 730 22.64 11.49 -16.28
C SER A 730 21.19 11.28 -16.63
N MET A 731 20.31 11.98 -15.93
CA MET A 731 18.90 11.97 -16.25
C MET A 731 18.26 13.25 -15.77
N THR A 732 16.94 13.30 -15.85
CA THR A 732 16.19 14.39 -15.26
C THR A 732 16.20 14.26 -13.73
N LYS A 733 16.72 15.28 -13.06
CA LYS A 733 16.84 15.26 -11.60
C LYS A 733 15.47 15.49 -11.00
N THR A 734 14.63 14.45 -11.06
CA THR A 734 13.28 14.59 -10.55
C THR A 734 13.26 14.56 -9.04
N SER A 735 12.37 15.35 -8.46
CA SER A 735 12.15 15.34 -7.02
C SER A 735 10.66 15.40 -6.78
N VAL A 736 10.05 14.23 -6.58
CA VAL A 736 8.62 14.12 -6.40
C VAL A 736 8.34 14.08 -4.91
N ASP A 737 8.08 15.24 -4.33
CA ASP A 737 7.63 15.31 -2.94
C ASP A 737 6.28 14.64 -2.76
N CYS A 738 6.18 13.79 -1.75
CA CYS A 738 5.01 12.92 -1.62
C CYS A 738 3.77 13.75 -1.29
N THR A 739 3.94 14.79 -0.47
CA THR A 739 2.79 15.59 -0.05
C THR A 739 2.16 16.29 -1.26
N MET A 740 2.97 16.96 -2.06
CA MET A 740 2.41 17.68 -3.19
C MET A 740 2.06 16.75 -4.34
N TYR A 741 2.58 15.52 -4.36
CA TYR A 741 2.19 14.61 -5.42
C TYR A 741 0.92 13.85 -5.07
N ILE A 742 0.97 13.03 -4.03
CA ILE A 742 -0.16 12.23 -3.62
C ILE A 742 -1.26 13.10 -3.01
N CYS A 743 -0.89 14.13 -2.26
CA CYS A 743 -1.84 14.94 -1.50
C CYS A 743 -1.68 16.41 -1.86
N GLY A 744 -1.58 16.69 -3.16
CA GLY A 744 -1.46 18.05 -3.65
C GLY A 744 -2.66 18.93 -3.34
N ASP A 745 -2.38 20.09 -2.73
CA ASP A 745 -3.39 21.08 -2.34
C ASP A 745 -4.44 20.47 -1.41
N SER A 746 -4.00 19.64 -0.48
CA SER A 746 -4.91 19.02 0.49
C SER A 746 -4.20 18.94 1.82
N THR A 747 -4.94 19.21 2.89
CA THR A 747 -4.40 19.08 4.24
C THR A 747 -4.73 17.72 4.83
N GLU A 748 -5.95 17.24 4.62
CA GLU A 748 -6.38 15.98 5.19
C GLU A 748 -5.62 14.80 4.59
N CYS A 749 -5.29 14.88 3.29
CA CYS A 749 -4.49 13.82 2.68
C CYS A 749 -3.09 13.76 3.28
N SER A 750 -2.47 14.91 3.53
CA SER A 750 -1.17 14.91 4.15
C SER A 750 -1.23 14.43 5.59
N ASN A 751 -2.32 14.75 6.29
CA ASN A 751 -2.50 14.27 7.65
C ASN A 751 -2.64 12.75 7.69
N LEU A 752 -3.36 12.18 6.72
CA LEU A 752 -3.46 10.72 6.65
C LEU A 752 -2.17 10.09 6.13
N LEU A 753 -1.39 10.81 5.32
CA LEU A 753 -0.18 10.25 4.76
C LEU A 753 0.93 10.19 5.81
N LEU A 754 0.99 11.17 6.71
CA LEU A 754 1.95 11.11 7.80
C LEU A 754 1.66 10.00 8.79
N GLN A 755 0.47 9.38 8.72
CA GLN A 755 0.20 8.19 9.51
C GLN A 755 1.02 6.99 9.04
N TYR A 756 1.54 7.01 7.83
CA TYR A 756 2.45 5.95 7.40
C TYR A 756 3.88 6.18 7.86
N GLY A 757 4.13 7.29 8.52
CA GLY A 757 5.42 7.47 9.16
C GLY A 757 6.47 7.85 8.16
N SER A 758 7.38 6.92 7.89
CA SER A 758 8.67 7.26 7.30
C SER A 758 8.74 6.99 5.82
N PHE A 759 7.64 6.59 5.16
CA PHE A 759 7.69 6.35 3.72
C PHE A 759 8.03 7.62 2.96
N CYS A 760 7.37 8.73 3.29
CA CYS A 760 7.69 10.00 2.63
C CYS A 760 9.12 10.47 2.84
N THR A 761 9.62 10.42 4.06
CA THR A 761 10.98 10.90 4.26
C THR A 761 12.00 9.96 3.65
N GLN A 762 11.72 8.65 3.60
CA GLN A 762 12.69 7.74 2.97
C GLN A 762 12.62 7.81 1.46
N LEU A 763 11.44 8.05 0.86
CA LEU A 763 11.41 8.15 -0.59
C LEU A 763 11.95 9.50 -1.04
N ASN A 764 11.72 10.55 -0.25
CA ASN A 764 12.30 11.84 -0.59
C ASN A 764 13.81 11.82 -0.39
N ARG A 765 14.29 11.09 0.63
CA ARG A 765 15.72 10.85 0.73
C ARG A 765 16.24 10.06 -0.45
N ALA A 766 15.46 9.10 -0.93
CA ALA A 766 15.86 8.33 -2.10
C ALA A 766 15.96 9.22 -3.34
N LEU A 767 14.98 10.11 -3.53
CA LEU A 767 15.00 10.98 -4.70
C LEU A 767 16.08 12.04 -4.62
N THR A 768 16.29 12.62 -3.44
CA THR A 768 17.40 13.56 -3.28
C THR A 768 18.73 12.84 -3.42
N GLY A 769 18.80 11.58 -3.00
CA GLY A 769 19.96 10.78 -3.28
C GLY A 769 20.14 10.53 -4.76
N ILE A 770 19.04 10.33 -5.49
CA ILE A 770 19.11 10.20 -6.93
C ILE A 770 19.64 11.48 -7.56
N ALA A 771 19.14 12.63 -7.10
CA ALA A 771 19.58 13.90 -7.67
C ALA A 771 21.05 14.17 -7.37
N VAL A 772 21.45 14.00 -6.10
CA VAL A 772 22.84 14.27 -5.74
C VAL A 772 23.76 13.21 -6.33
N GLU A 773 23.24 12.00 -6.60
CA GLU A 773 24.09 11.00 -7.22
C GLU A 773 24.15 11.20 -8.72
N GLN A 774 23.15 11.83 -9.33
CA GLN A 774 23.28 12.21 -10.73
C GLN A 774 24.29 13.33 -10.88
N ASP A 775 24.25 14.30 -9.96
CA ASP A 775 25.30 15.30 -9.91
C ASP A 775 26.66 14.67 -9.63
N LYS A 776 26.67 13.64 -8.78
CA LYS A 776 27.91 12.98 -8.41
C LYS A 776 28.51 12.22 -9.59
N ASN A 777 27.67 11.53 -10.36
CA ASN A 777 28.23 10.78 -11.49
C ASN A 777 28.48 11.68 -12.68
N THR A 778 27.74 12.78 -12.85
CA THR A 778 28.08 13.69 -13.92
C THR A 778 29.35 14.45 -13.58
N GLN A 779 29.60 14.66 -12.28
CA GLN A 779 30.90 15.13 -11.81
C GLN A 779 31.96 14.06 -12.01
N GLU A 780 31.57 12.79 -11.86
CA GLU A 780 32.48 11.67 -11.97
C GLU A 780 32.79 11.34 -13.42
N VAL A 781 32.04 11.91 -14.36
CA VAL A 781 32.25 11.62 -15.77
C VAL A 781 32.78 12.88 -16.45
N PHE A 782 32.56 14.05 -15.87
CA PHE A 782 33.06 15.28 -16.45
C PHE A 782 34.10 15.98 -15.58
N ALA A 783 33.77 16.31 -14.33
CA ALA A 783 34.70 17.03 -13.47
C ALA A 783 35.66 16.04 -12.82
N GLN A 784 36.35 15.31 -13.69
CA GLN A 784 37.42 14.44 -13.26
C GLN A 784 38.76 15.16 -13.30
N VAL A 785 38.76 16.43 -13.68
CA VAL A 785 39.96 17.24 -13.71
C VAL A 785 39.82 18.35 -12.68
N LYS A 786 40.92 18.62 -11.99
CA LYS A 786 41.02 19.67 -11.01
C LYS A 786 41.30 21.03 -11.62
N GLN A 787 41.55 21.08 -12.92
CA GLN A 787 42.03 22.28 -13.57
C GLN A 787 41.36 22.41 -14.93
N ILE A 788 40.92 23.62 -15.26
CA ILE A 788 40.14 23.86 -16.48
C ILE A 788 41.03 24.46 -17.54
N TYR A 789 41.04 23.82 -18.69
CA TYR A 789 41.83 24.25 -19.82
C TYR A 789 40.95 24.86 -20.88
N LYS A 790 41.53 25.74 -21.68
CA LYS A 790 40.85 26.37 -22.78
C LYS A 790 41.72 26.27 -24.02
N THR A 791 41.08 26.14 -25.17
CA THR A 791 41.79 25.96 -26.40
C THR A 791 42.53 27.24 -26.78
N PRO A 792 43.67 27.13 -27.46
CA PRO A 792 44.35 28.31 -27.97
C PRO A 792 43.51 28.99 -29.03
N PRO A 793 43.71 30.29 -29.26
CA PRO A 793 42.94 30.97 -30.32
C PRO A 793 43.19 30.43 -31.71
N ILE A 794 44.35 29.83 -31.97
CA ILE A 794 44.66 29.22 -33.25
C ILE A 794 44.42 27.72 -33.12
N LYS A 795 43.49 27.19 -33.90
CA LYS A 795 43.12 25.78 -33.83
C LYS A 795 43.97 24.94 -34.79
N ASP A 796 45.27 25.16 -34.73
CA ASP A 796 46.22 24.42 -35.55
C ASP A 796 46.64 23.14 -34.83
N PHE A 797 45.97 22.06 -35.19
CA PHE A 797 46.21 20.76 -34.56
C PHE A 797 46.76 19.73 -35.53
N GLY A 798 47.69 20.14 -36.39
CA GLY A 798 48.38 19.20 -37.25
C GLY A 798 47.52 18.55 -38.31
N GLY A 799 46.56 19.28 -38.88
CA GLY A 799 45.73 18.75 -39.93
C GLY A 799 44.44 18.11 -39.45
N PHE A 800 44.25 17.97 -38.15
CA PHE A 800 43.06 17.35 -37.60
C PHE A 800 41.96 18.39 -37.40
N ASN A 801 40.91 18.30 -38.21
CA ASN A 801 39.80 19.26 -38.16
C ASN A 801 39.01 19.05 -36.88
N PHE A 802 39.24 19.90 -35.90
CA PHE A 802 38.52 19.84 -34.64
C PHE A 802 37.41 20.89 -34.58
N SER A 803 37.23 21.65 -35.67
CA SER A 803 36.22 22.69 -35.68
C SER A 803 34.81 22.12 -35.61
N GLN A 804 34.64 20.84 -35.98
CA GLN A 804 33.36 20.18 -35.75
C GLN A 804 33.13 19.89 -34.28
N ILE A 805 34.17 19.52 -33.53
CA ILE A 805 34.01 19.15 -32.13
C ILE A 805 34.41 20.25 -31.17
N LEU A 806 35.23 21.20 -31.55
CA LEU A 806 35.47 22.27 -30.59
C LEU A 806 34.31 23.25 -30.60
N PRO A 807 34.10 23.98 -29.50
CA PRO A 807 33.06 25.01 -29.49
C PRO A 807 33.35 26.11 -30.50
N ASP A 808 32.27 26.60 -31.12
CA ASP A 808 32.37 27.61 -32.16
C ASP A 808 32.09 28.97 -31.56
N PRO A 809 33.03 29.92 -31.63
CA PRO A 809 32.76 31.27 -31.10
C PRO A 809 31.63 32.00 -31.80
N SER A 810 31.30 31.62 -33.04
CA SER A 810 30.19 32.26 -33.74
C SER A 810 28.83 31.80 -33.26
N LYS A 811 28.76 30.74 -32.45
CA LYS A 811 27.47 30.30 -31.94
C LYS A 811 27.08 31.09 -30.70
N PRO A 812 25.78 31.28 -30.46
CA PRO A 812 25.35 32.01 -29.25
C PRO A 812 25.73 31.34 -27.95
N SER A 813 25.80 30.02 -27.92
CA SER A 813 26.30 29.27 -26.78
C SER A 813 27.63 28.65 -27.17
N LYS A 814 28.59 28.65 -26.25
CA LYS A 814 29.95 28.27 -26.58
C LYS A 814 30.02 26.75 -26.67
N ARG A 815 29.46 26.22 -27.76
CA ARG A 815 29.33 24.78 -27.93
C ARG A 815 29.71 24.40 -29.35
N SER A 816 29.94 23.11 -29.54
CA SER A 816 30.46 22.56 -30.78
C SER A 816 29.43 22.59 -31.91
N PHE A 817 29.93 22.33 -33.12
CA PHE A 817 29.03 22.09 -34.24
C PHE A 817 28.44 20.70 -34.17
N ILE A 818 29.25 19.71 -33.76
CA ILE A 818 28.73 18.37 -33.51
C ILE A 818 27.73 18.41 -32.37
N GLU A 819 28.05 19.16 -31.31
CA GLU A 819 27.08 19.36 -30.23
C GLU A 819 25.86 20.14 -30.72
N ASP A 820 26.03 21.03 -31.70
CA ASP A 820 24.89 21.75 -32.22
C ASP A 820 23.95 20.81 -32.95
N LEU A 821 24.50 19.81 -33.65
CA LEU A 821 23.67 18.72 -34.15
C LEU A 821 23.04 17.94 -33.01
N LEU A 822 23.80 17.69 -31.95
CA LEU A 822 23.29 16.98 -30.77
C LEU A 822 22.16 17.76 -30.10
N PHE A 823 22.08 19.05 -30.36
CA PHE A 823 21.07 19.90 -29.74
C PHE A 823 19.94 20.27 -30.70
N ASN A 824 20.13 20.08 -32.02
CA ASN A 824 19.18 20.59 -33.01
C ASN A 824 18.13 19.57 -33.40
N LYS A 825 18.55 18.50 -34.06
CA LYS A 825 17.68 17.37 -34.41
C LYS A 825 17.80 16.24 -33.42
N VAL A 826 18.94 16.16 -32.76
CA VAL A 826 19.30 15.10 -31.83
C VAL A 826 18.97 15.65 -30.45
N THR A 827 18.21 16.74 -30.42
CA THR A 827 17.61 17.34 -29.23
C THR A 827 18.61 17.65 -28.10
N LYS A 854 4.88 17.70 -15.17
CA LYS A 854 4.85 19.11 -15.48
C LYS A 854 4.67 19.95 -14.21
N PHE A 855 3.43 20.27 -13.88
CA PHE A 855 3.12 21.16 -12.77
C PHE A 855 2.15 20.50 -11.80
N ASN A 856 2.23 19.17 -11.70
CA ASN A 856 1.31 18.40 -10.86
C ASN A 856 1.99 17.85 -9.61
N GLY A 857 2.82 18.68 -8.97
CA GLY A 857 3.55 18.26 -7.79
C GLY A 857 4.91 17.66 -8.08
N LEU A 858 5.17 17.29 -9.32
CA LEU A 858 6.46 16.74 -9.73
C LEU A 858 7.24 17.84 -10.43
N THR A 859 8.52 17.95 -10.11
CA THR A 859 9.37 18.95 -10.71
C THR A 859 10.68 18.31 -11.15
N VAL A 860 11.39 19.02 -12.01
CA VAL A 860 12.75 18.67 -12.37
C VAL A 860 13.69 19.61 -11.64
N LEU A 861 14.70 19.04 -11.02
CA LEU A 861 15.68 19.98 -10.52
C LEU A 861 16.68 20.30 -11.61
N PRO A 862 17.07 21.57 -11.75
CA PRO A 862 18.14 21.90 -12.66
C PRO A 862 19.44 21.26 -12.20
N PRO A 863 20.27 20.79 -13.12
CA PRO A 863 21.57 20.24 -12.73
C PRO A 863 22.47 21.34 -12.21
N LEU A 864 23.38 20.98 -11.30
CA LEU A 864 24.43 21.90 -10.91
C LEU A 864 25.30 22.28 -12.08
N LEU A 865 25.61 21.32 -12.92
CA LEU A 865 26.36 21.55 -14.12
C LEU A 865 25.33 21.85 -15.21
N THR A 866 25.22 23.12 -15.59
CA THR A 866 24.20 23.56 -16.55
C THR A 866 24.49 22.99 -17.94
N ASP A 867 23.66 23.38 -18.91
CA ASP A 867 24.00 23.05 -20.29
C ASP A 867 25.31 23.72 -20.70
N GLU A 868 25.46 25.01 -20.40
CA GLU A 868 26.71 25.69 -20.71
C GLU A 868 27.85 25.19 -19.84
N MET A 869 27.57 24.76 -18.61
CA MET A 869 28.64 24.26 -17.76
C MET A 869 29.12 22.88 -18.20
N ILE A 870 28.20 21.98 -18.53
CA ILE A 870 28.59 20.68 -19.08
C ILE A 870 29.30 20.88 -20.40
N ALA A 871 28.87 21.89 -21.17
CA ALA A 871 29.60 22.27 -22.37
C ALA A 871 31.04 22.68 -22.06
N GLN A 872 31.25 23.48 -21.01
CA GLN A 872 32.59 23.95 -20.74
C GLN A 872 33.48 22.88 -20.13
N TYR A 873 32.95 21.98 -19.29
CA TYR A 873 33.70 20.75 -18.98
C TYR A 873 34.02 19.93 -20.20
N THR A 874 33.07 19.74 -21.12
CA THR A 874 33.39 18.90 -22.27
C THR A 874 34.48 19.54 -23.11
N SER A 875 34.43 20.85 -23.28
CA SER A 875 35.49 21.55 -24.00
C SER A 875 36.78 21.52 -23.22
N ALA A 876 36.71 21.60 -21.90
CA ALA A 876 37.92 21.62 -21.09
C ALA A 876 38.63 20.29 -21.15
N LEU A 877 37.91 19.18 -20.97
CA LEU A 877 38.56 17.88 -21.05
C LEU A 877 38.93 17.54 -22.48
N LEU A 878 38.18 18.02 -23.46
CA LEU A 878 38.57 17.77 -24.83
C LEU A 878 39.85 18.53 -25.17
N ALA A 879 39.96 19.78 -24.71
CA ALA A 879 41.18 20.53 -24.85
C ALA A 879 42.33 19.88 -24.08
N GLY A 880 42.03 19.35 -22.89
CA GLY A 880 43.04 18.64 -22.13
C GLY A 880 43.57 17.44 -22.88
N THR A 881 42.69 16.68 -23.51
CA THR A 881 43.14 15.61 -24.40
C THR A 881 44.00 16.15 -25.53
N ILE A 882 43.44 17.04 -26.34
CA ILE A 882 44.09 17.37 -27.61
C ILE A 882 45.34 18.21 -27.39
N THR A 883 45.55 18.72 -26.18
CA THR A 883 46.74 19.51 -25.90
C THR A 883 47.67 18.87 -24.87
N SER A 884 47.24 17.80 -24.20
CA SER A 884 48.03 17.24 -23.13
C SER A 884 48.04 15.71 -23.09
N GLY A 885 47.36 15.04 -24.01
CA GLY A 885 47.21 13.61 -23.95
C GLY A 885 46.37 13.15 -22.78
N TRP A 886 46.97 12.32 -21.94
CA TRP A 886 46.30 11.66 -20.83
C TRP A 886 46.69 12.24 -19.48
N THR A 887 47.70 13.10 -19.44
CA THR A 887 48.30 13.45 -18.16
C THR A 887 47.45 14.41 -17.36
N PHE A 888 46.52 15.12 -18.00
CA PHE A 888 45.73 16.10 -17.28
C PHE A 888 44.72 15.43 -16.34
N GLY A 889 44.39 14.18 -16.58
CA GLY A 889 43.53 13.46 -15.68
C GLY A 889 44.29 12.87 -14.51
N ALA A 890 45.60 12.74 -14.69
CA ALA A 890 46.43 12.12 -13.65
C ALA A 890 47.00 13.16 -12.69
N GLY A 891 47.70 14.16 -13.21
CA GLY A 891 48.43 15.10 -12.37
C GLY A 891 48.47 16.47 -12.96
N ALA A 892 49.64 17.09 -12.96
CA ALA A 892 49.80 18.35 -13.67
C ALA A 892 49.67 18.11 -15.16
N ALA A 893 49.05 19.06 -15.84
CA ALA A 893 48.85 18.94 -17.28
C ALA A 893 50.16 19.13 -18.00
N LEU A 894 50.52 18.17 -18.83
CA LEU A 894 51.81 18.15 -19.51
C LEU A 894 51.56 18.41 -20.99
N GLN A 895 52.14 19.47 -21.52
CA GLN A 895 51.91 19.83 -22.91
C GLN A 895 52.44 18.76 -23.85
N ILE A 896 51.61 18.33 -24.79
CA ILE A 896 52.06 17.54 -25.93
C ILE A 896 51.27 17.93 -27.18
N PRO A 897 51.94 18.04 -28.33
CA PRO A 897 51.23 18.27 -29.59
C PRO A 897 50.43 17.05 -29.99
N PHE A 898 49.44 17.27 -30.84
CA PHE A 898 48.52 16.20 -31.20
C PHE A 898 49.18 15.11 -32.04
N ALA A 899 50.19 15.46 -32.84
CA ALA A 899 50.92 14.43 -33.58
C ALA A 899 51.64 13.49 -32.63
N MET A 900 52.32 14.05 -31.62
CA MET A 900 52.94 13.24 -30.58
C MET A 900 51.90 12.41 -29.83
N GLN A 901 50.75 13.00 -29.54
CA GLN A 901 49.74 12.29 -28.77
C GLN A 901 49.21 11.09 -29.54
N MET A 902 48.80 11.30 -30.78
CA MET A 902 48.34 10.18 -31.61
C MET A 902 49.44 9.17 -31.88
N ALA A 903 50.70 9.61 -31.93
CA ALA A 903 51.79 8.65 -32.04
C ALA A 903 51.83 7.71 -30.84
N TYR A 904 51.70 8.25 -29.64
CA TYR A 904 51.77 7.36 -28.48
C TYR A 904 50.48 6.58 -28.27
N ARG A 905 49.35 7.10 -28.74
CA ARG A 905 48.12 6.32 -28.64
C ARG A 905 48.06 5.22 -29.67
N PHE A 906 48.74 5.39 -30.81
CA PHE A 906 49.03 4.23 -31.65
C PHE A 906 49.94 3.25 -30.94
N ASN A 907 50.99 3.76 -30.29
CA ASN A 907 51.91 2.92 -29.54
C ASN A 907 51.21 2.13 -28.43
N GLY A 908 50.09 2.65 -27.91
CA GLY A 908 49.40 2.01 -26.80
C GLY A 908 48.58 0.80 -27.17
N ILE A 909 48.26 0.60 -28.45
CA ILE A 909 47.50 -0.59 -28.85
C ILE A 909 48.37 -1.64 -29.50
N GLY A 910 49.64 -1.36 -29.75
CA GLY A 910 50.49 -2.36 -30.34
C GLY A 910 50.76 -2.11 -31.80
N VAL A 911 50.48 -0.91 -32.27
CA VAL A 911 50.91 -0.49 -33.61
C VAL A 911 51.97 0.60 -33.44
N THR A 912 53.04 0.46 -34.19
CA THR A 912 54.16 1.37 -34.03
C THR A 912 53.82 2.71 -34.68
N GLN A 913 54.22 3.80 -34.02
CA GLN A 913 53.81 5.15 -34.40
C GLN A 913 54.39 5.61 -35.75
N ASN A 914 55.33 4.84 -36.32
CA ASN A 914 55.86 5.23 -37.62
C ASN A 914 54.80 5.19 -38.71
N VAL A 915 53.78 4.35 -38.58
CA VAL A 915 52.73 4.34 -39.61
C VAL A 915 51.99 5.67 -39.62
N LEU A 916 51.71 6.21 -38.42
CA LEU A 916 51.10 7.52 -38.31
C LEU A 916 52.01 8.60 -38.88
N TYR A 917 53.30 8.53 -38.56
CA TYR A 917 54.16 9.63 -38.97
C TYR A 917 54.57 9.53 -40.43
N GLU A 918 54.37 8.38 -41.09
CA GLU A 918 54.46 8.40 -42.53
C GLU A 918 53.16 8.86 -43.17
N ASN A 919 52.01 8.46 -42.64
CA ASN A 919 50.76 8.78 -43.31
C ASN A 919 49.88 9.78 -42.57
N GLN A 920 50.50 10.77 -41.91
CA GLN A 920 49.76 11.79 -41.16
C GLN A 920 48.77 12.56 -42.02
N LYS A 921 49.09 12.83 -43.29
CA LYS A 921 48.15 13.54 -44.15
C LYS A 921 46.97 12.65 -44.53
N LEU A 922 47.25 11.39 -44.89
CA LEU A 922 46.18 10.46 -45.22
C LEU A 922 45.28 10.22 -44.01
N ILE A 923 45.86 10.10 -42.82
CA ILE A 923 45.05 9.83 -41.64
C ILE A 923 44.33 11.09 -41.20
N ALA A 924 44.87 12.26 -41.52
CA ALA A 924 44.13 13.48 -41.30
C ALA A 924 42.89 13.51 -42.18
N ASN A 925 43.06 13.14 -43.46
CA ASN A 925 41.92 13.05 -44.36
C ASN A 925 40.93 11.98 -43.90
N GLN A 926 41.43 10.83 -43.45
CA GLN A 926 40.56 9.74 -43.03
C GLN A 926 39.78 10.09 -41.77
N PHE A 927 40.45 10.69 -40.78
CA PHE A 927 39.77 11.08 -39.57
C PHE A 927 38.79 12.23 -39.80
N ASN A 928 39.15 13.18 -40.65
CA ASN A 928 38.24 14.29 -40.92
C ASN A 928 37.04 13.84 -41.73
N SER A 929 37.27 12.93 -42.69
CA SER A 929 36.16 12.38 -43.46
C SER A 929 35.30 11.48 -42.60
N ALA A 930 35.88 10.80 -41.61
CA ALA A 930 35.09 10.02 -40.67
C ALA A 930 34.26 10.93 -39.78
N ILE A 931 34.82 12.07 -39.41
CA ILE A 931 34.07 13.08 -38.67
C ILE A 931 32.91 13.59 -39.51
N GLY A 932 33.15 13.83 -40.80
CA GLY A 932 32.06 14.23 -41.68
C GLY A 932 31.03 13.13 -41.87
N LYS A 933 31.48 11.87 -41.93
CA LYS A 933 30.56 10.75 -42.08
C LYS A 933 29.68 10.60 -40.86
N ILE A 934 30.24 10.76 -39.66
CA ILE A 934 29.42 10.65 -38.46
C ILE A 934 28.58 11.90 -38.29
N GLN A 935 29.03 13.03 -38.85
CA GLN A 935 28.19 14.21 -38.91
C GLN A 935 26.95 13.94 -39.73
N ASP A 936 27.13 13.34 -40.91
CA ASP A 936 26.00 12.95 -41.76
C ASP A 936 25.12 11.90 -41.08
N SER A 937 25.73 10.92 -40.42
CA SER A 937 24.97 9.85 -39.78
C SER A 937 24.12 10.39 -38.63
N LEU A 938 24.72 11.23 -37.79
CA LEU A 938 23.98 11.82 -36.68
C LEU A 938 22.97 12.84 -37.15
N SER A 939 23.15 13.42 -38.34
CA SER A 939 22.15 14.34 -38.85
C SER A 939 21.10 13.67 -39.73
N SER A 940 21.26 12.39 -40.07
CA SER A 940 20.30 11.75 -40.97
C SER A 940 19.66 10.47 -40.42
N THR A 941 20.15 9.92 -39.33
CA THR A 941 19.61 8.66 -38.80
C THR A 941 19.11 8.90 -37.38
N ALA A 942 17.88 8.47 -37.12
CA ALA A 942 17.30 8.61 -35.78
C ALA A 942 17.96 7.72 -34.75
N SER A 943 18.61 6.63 -35.16
CA SER A 943 19.23 5.72 -34.20
C SER A 943 20.58 6.22 -33.72
N ALA A 944 21.08 7.32 -34.27
CA ALA A 944 22.29 7.93 -33.73
C ALA A 944 22.06 8.43 -32.31
N LEU A 945 20.84 8.86 -32.02
CA LEU A 945 20.40 9.11 -30.66
C LEU A 945 19.55 7.95 -30.15
N GLY A 946 19.72 6.75 -30.70
CA GLY A 946 18.84 5.65 -30.33
C GLY A 946 18.91 5.28 -28.86
N LYS A 947 20.11 4.92 -28.38
CA LYS A 947 20.26 4.41 -27.03
C LYS A 947 20.32 5.50 -25.98
N LEU A 948 20.24 6.77 -26.39
CA LEU A 948 20.06 7.85 -25.43
C LEU A 948 18.64 8.38 -25.44
N GLN A 949 18.06 8.60 -26.62
CA GLN A 949 16.69 9.06 -26.72
C GLN A 949 15.73 8.05 -26.12
N ASP A 950 16.01 6.75 -26.27
CA ASP A 950 15.13 5.78 -25.65
C ASP A 950 15.17 5.88 -24.14
N VAL A 951 16.35 6.16 -23.57
CA VAL A 951 16.46 6.34 -22.12
C VAL A 951 15.71 7.58 -21.68
N VAL A 952 15.86 8.66 -22.47
CA VAL A 952 15.04 9.86 -22.27
C VAL A 952 13.57 9.51 -22.37
N ASN A 953 13.21 8.54 -23.23
CA ASN A 953 11.83 8.11 -23.30
C ASN A 953 11.41 7.39 -22.02
N GLN A 954 12.11 6.32 -21.58
CA GLN A 954 11.61 5.59 -20.41
C GLN A 954 11.53 6.51 -19.20
N ASN A 955 12.39 7.53 -19.16
CA ASN A 955 12.18 8.62 -18.22
C ASN A 955 10.88 9.37 -18.51
N ALA A 956 10.60 9.64 -19.79
CA ALA A 956 9.46 10.48 -20.13
C ALA A 956 8.14 9.79 -19.86
N GLN A 957 7.96 8.54 -20.34
CA GLN A 957 6.74 7.84 -19.93
C GLN A 957 6.83 7.30 -18.51
N ALA A 958 7.99 7.33 -17.86
CA ALA A 958 7.98 7.08 -16.43
C ALA A 958 7.24 8.20 -15.70
N LEU A 959 7.66 9.44 -15.93
CA LEU A 959 6.95 10.58 -15.37
C LEU A 959 5.55 10.69 -15.93
N ASN A 960 5.35 10.28 -17.17
CA ASN A 960 4.05 10.41 -17.80
C ASN A 960 3.07 9.39 -17.24
N THR A 961 3.52 8.18 -16.95
CA THR A 961 2.66 7.22 -16.26
C THR A 961 2.41 7.64 -14.83
N LEU A 962 3.38 8.31 -14.20
CA LEU A 962 3.09 8.91 -12.89
C LEU A 962 1.97 9.93 -13.00
N VAL A 963 1.97 10.72 -14.07
CA VAL A 963 0.85 11.61 -14.34
C VAL A 963 -0.40 10.82 -14.68
N LYS A 964 -0.26 9.67 -15.35
CA LYS A 964 -1.41 8.82 -15.60
C LYS A 964 -2.01 8.27 -14.31
N GLN A 965 -1.24 8.21 -13.23
CA GLN A 965 -1.86 7.82 -11.97
C GLN A 965 -2.70 8.95 -11.39
N LEU A 966 -2.55 10.17 -11.90
CA LEU A 966 -3.53 11.20 -11.62
C LEU A 966 -4.84 10.94 -12.36
N SER A 967 -4.83 10.06 -13.36
CA SER A 967 -6.02 9.71 -14.11
C SER A 967 -6.45 8.26 -13.92
N SER A 968 -5.55 7.36 -13.52
CA SER A 968 -5.97 6.00 -13.21
C SER A 968 -6.42 5.94 -11.76
N ASN A 969 -7.40 5.09 -11.50
CA ASN A 969 -8.27 5.24 -10.34
C ASN A 969 -7.86 4.42 -9.12
N PHE A 970 -7.21 3.28 -9.31
CA PHE A 970 -6.70 2.43 -8.22
C PHE A 970 -7.80 1.96 -7.27
N GLY A 971 -9.01 1.78 -7.78
CA GLY A 971 -10.11 1.35 -6.94
C GLY A 971 -10.93 2.47 -6.35
N ALA A 972 -10.50 3.72 -6.51
CA ALA A 972 -11.32 4.82 -6.03
C ALA A 972 -12.44 5.11 -7.02
N ILE A 973 -13.26 6.10 -6.69
CA ILE A 973 -14.35 6.44 -7.59
C ILE A 973 -13.89 7.38 -8.71
N SER A 974 -12.91 8.25 -8.44
CA SER A 974 -12.30 9.04 -9.50
C SER A 974 -10.87 9.35 -9.06
N SER A 975 -10.02 9.56 -10.05
CA SER A 975 -8.60 9.74 -9.75
C SER A 975 -8.22 11.19 -9.51
N VAL A 976 -9.16 12.11 -9.61
CA VAL A 976 -8.87 13.52 -9.43
C VAL A 976 -9.00 13.87 -7.96
N LEU A 977 -7.93 14.42 -7.39
CA LEU A 977 -7.84 14.62 -5.94
C LEU A 977 -8.88 15.60 -5.43
N ASN A 978 -9.00 16.76 -6.08
CA ASN A 978 -9.97 17.75 -5.61
C ASN A 978 -11.39 17.29 -5.87
N ASP A 979 -11.61 16.50 -6.93
CA ASP A 979 -12.90 15.87 -7.14
C ASP A 979 -13.26 14.93 -6.00
N ILE A 980 -12.30 14.15 -5.50
CA ILE A 980 -12.55 13.32 -4.33
C ILE A 980 -12.82 14.16 -3.10
N LEU A 981 -11.96 15.15 -2.84
CA LEU A 981 -12.06 15.88 -1.59
C LEU A 981 -13.30 16.77 -1.54
N SER A 982 -13.82 17.16 -2.70
CA SER A 982 -15.01 17.99 -2.78
C SER A 982 -16.30 17.17 -2.84
N ARG A 983 -16.20 15.86 -2.96
CA ARG A 983 -17.35 14.98 -3.08
C ARG A 983 -17.39 13.86 -2.06
N LEU A 984 -16.27 13.22 -1.77
CA LEU A 984 -16.28 11.95 -1.09
C LEU A 984 -16.04 12.13 0.41
N ASP A 985 -16.82 11.38 1.22
CA ASP A 985 -16.89 11.49 2.66
C ASP A 985 -15.56 11.09 3.30
N PRO A 986 -15.24 11.63 4.48
CA PRO A 986 -13.97 11.30 5.16
C PRO A 986 -13.77 9.82 5.46
N PRO A 987 -14.79 9.03 5.87
CA PRO A 987 -14.47 7.62 6.24
C PRO A 987 -13.98 6.74 5.10
N GLU A 988 -14.73 6.58 4.00
CA GLU A 988 -14.19 5.83 2.88
C GLU A 988 -13.18 6.65 2.09
N ALA A 989 -13.15 7.97 2.32
CA ALA A 989 -12.05 8.76 1.80
C ALA A 989 -10.73 8.33 2.41
N GLU A 990 -10.72 7.91 3.67
CA GLU A 990 -9.48 7.43 4.25
C GLU A 990 -9.02 6.12 3.62
N VAL A 991 -9.94 5.22 3.28
CA VAL A 991 -9.51 3.95 2.71
C VAL A 991 -9.17 4.11 1.23
N GLN A 992 -9.77 5.09 0.55
CA GLN A 992 -9.33 5.31 -0.83
C GLN A 992 -8.04 6.12 -0.87
N ILE A 993 -7.78 6.98 0.12
CA ILE A 993 -6.43 7.54 0.24
C ILE A 993 -5.45 6.45 0.65
N ASP A 994 -5.91 5.44 1.38
CA ASP A 994 -5.07 4.26 1.57
C ASP A 994 -4.79 3.58 0.23
N ARG A 995 -5.80 3.48 -0.62
CA ARG A 995 -5.57 2.90 -1.95
C ARG A 995 -4.68 3.78 -2.80
N LEU A 996 -4.87 5.09 -2.78
CA LEU A 996 -3.98 5.96 -3.55
C LEU A 996 -2.58 5.98 -2.98
N ILE A 997 -2.39 5.96 -1.67
CA ILE A 997 -1.02 5.94 -1.17
C ILE A 997 -0.37 4.60 -1.47
N THR A 998 -1.07 3.50 -1.18
CA THR A 998 -0.53 2.17 -1.46
C THR A 998 -0.29 1.96 -2.95
N GLY A 999 -1.18 2.46 -3.81
CA GLY A 999 -1.05 2.16 -5.23
C GLY A 999 -0.31 3.23 -6.00
N ARG A 1000 -0.52 4.50 -5.65
CA ARG A 1000 0.30 5.57 -6.15
C ARG A 1000 1.75 5.37 -5.76
N LEU A 1001 1.99 4.81 -4.56
CA LEU A 1001 3.33 4.37 -4.24
C LEU A 1001 3.64 2.96 -4.72
N GLN A 1002 2.65 2.18 -5.16
CA GLN A 1002 3.06 1.03 -5.95
C GLN A 1002 3.65 1.49 -7.28
N SER A 1003 2.94 2.34 -8.00
CA SER A 1003 3.47 2.95 -9.21
C SER A 1003 4.68 3.82 -8.90
N LEU A 1004 4.68 4.49 -7.76
CA LEU A 1004 5.73 5.45 -7.45
C LEU A 1004 6.96 4.78 -6.87
N GLN A 1005 6.80 3.93 -5.84
CA GLN A 1005 7.90 3.14 -5.35
C GLN A 1005 8.44 2.19 -6.39
N THR A 1006 7.63 1.70 -7.32
CA THR A 1006 8.21 0.98 -8.44
C THR A 1006 8.75 1.92 -9.50
N TYR A 1007 8.29 3.17 -9.51
CA TYR A 1007 8.97 4.15 -10.34
C TYR A 1007 10.32 4.49 -9.73
N VAL A 1008 10.43 4.43 -8.41
CA VAL A 1008 11.64 4.82 -7.71
C VAL A 1008 12.60 3.65 -7.66
N THR A 1009 12.10 2.43 -7.53
CA THR A 1009 12.96 1.28 -7.76
C THR A 1009 13.26 1.12 -9.24
N GLN A 1010 12.42 1.69 -10.11
CA GLN A 1010 12.83 1.76 -11.50
C GLN A 1010 13.90 2.83 -11.67
N GLN A 1011 13.82 3.91 -10.89
CA GLN A 1011 14.93 4.85 -10.82
C GLN A 1011 16.19 4.20 -10.26
N LEU A 1012 16.06 3.29 -9.31
CA LEU A 1012 17.26 2.76 -8.69
C LEU A 1012 17.82 1.56 -9.46
N ILE A 1013 16.96 0.81 -10.16
CA ILE A 1013 17.45 -0.27 -11.01
C ILE A 1013 17.85 0.28 -12.37
N ARG A 1014 17.04 1.17 -12.94
CA ARG A 1014 17.45 1.93 -14.11
C ARG A 1014 18.65 2.81 -13.79
N ALA A 1015 18.83 3.20 -12.53
CA ALA A 1015 20.01 3.97 -12.17
C ALA A 1015 21.13 3.06 -11.76
N ALA A 1016 20.85 1.80 -11.49
CA ALA A 1016 21.91 0.82 -11.53
C ALA A 1016 22.39 0.64 -12.95
N GLU A 1017 21.49 0.73 -13.91
CA GLU A 1017 21.88 0.78 -15.31
C GLU A 1017 22.64 2.06 -15.64
N ILE A 1018 22.12 3.21 -15.19
CA ILE A 1018 22.77 4.50 -15.42
C ILE A 1018 24.10 4.56 -14.69
N ARG A 1019 24.16 4.01 -13.48
CA ARG A 1019 25.38 4.04 -12.68
C ARG A 1019 26.40 3.01 -13.17
N ALA A 1020 25.94 1.87 -13.65
CA ALA A 1020 26.84 0.92 -14.28
C ALA A 1020 27.40 1.51 -15.56
N SER A 1021 26.54 2.10 -16.39
CA SER A 1021 27.01 2.78 -17.58
C SER A 1021 27.73 4.08 -17.25
N ALA A 1022 27.55 4.60 -16.04
CA ALA A 1022 28.16 5.87 -15.70
C ALA A 1022 29.51 5.68 -15.05
N ASN A 1023 29.68 4.64 -14.25
CA ASN A 1023 31.02 4.20 -13.87
C ASN A 1023 31.74 3.62 -15.07
N LEU A 1024 31.00 2.99 -15.98
CA LEU A 1024 31.54 2.55 -17.24
C LEU A 1024 32.03 3.73 -18.05
N ALA A 1025 31.24 4.79 -18.11
CA ALA A 1025 31.64 6.00 -18.81
C ALA A 1025 32.69 6.77 -18.05
N ALA A 1026 32.70 6.65 -16.72
CA ALA A 1026 33.74 7.28 -15.92
C ALA A 1026 35.09 6.63 -16.21
N THR A 1027 35.10 5.31 -16.30
CA THR A 1027 36.31 4.61 -16.74
C THR A 1027 36.58 4.85 -18.22
N LYS A 1028 35.54 5.05 -19.03
CA LYS A 1028 35.80 5.40 -20.42
C LYS A 1028 36.46 6.77 -20.53
N MET A 1029 36.03 7.72 -19.71
CA MET A 1029 36.74 8.98 -19.57
C MET A 1029 38.13 8.74 -19.02
N SER A 1030 38.25 7.84 -18.06
CA SER A 1030 39.50 7.63 -17.35
C SER A 1030 40.57 7.01 -18.22
N GLU A 1031 40.30 5.87 -18.84
CA GLU A 1031 41.25 5.26 -19.75
C GLU A 1031 40.86 5.36 -21.22
N CYS A 1032 40.12 6.38 -21.60
CA CYS A 1032 39.93 6.72 -23.00
C CYS A 1032 40.12 8.20 -23.26
N VAL A 1033 39.68 9.03 -22.32
CA VAL A 1033 39.83 10.46 -22.41
C VAL A 1033 40.98 10.92 -21.52
N LEU A 1034 40.92 10.57 -20.24
CA LEU A 1034 42.02 10.81 -19.33
C LEU A 1034 43.16 9.82 -19.56
N GLY A 1035 42.98 8.84 -20.44
CA GLY A 1035 43.97 7.82 -20.71
C GLY A 1035 43.81 7.13 -22.05
N GLN A 1036 44.39 5.93 -22.19
CA GLN A 1036 44.21 5.09 -23.38
C GLN A 1036 43.90 3.67 -22.94
N SER A 1037 42.88 3.07 -23.53
CA SER A 1037 42.44 1.73 -23.18
C SER A 1037 43.24 0.70 -23.97
N LYS A 1038 44.08 -0.06 -23.29
CA LYS A 1038 44.72 -1.21 -23.90
C LYS A 1038 43.83 -2.44 -23.87
N ARG A 1039 42.68 -2.35 -23.19
CA ARG A 1039 41.75 -3.45 -23.08
C ARG A 1039 40.78 -3.43 -24.26
N VAL A 1040 40.70 -4.55 -24.97
CA VAL A 1040 40.19 -4.61 -26.33
C VAL A 1040 38.66 -4.72 -26.33
N ASP A 1041 38.04 -4.05 -27.30
CA ASP A 1041 36.61 -4.11 -27.60
C ASP A 1041 35.74 -3.62 -26.46
N PHE A 1042 36.30 -2.82 -25.57
CA PHE A 1042 35.56 -2.21 -24.47
C PHE A 1042 35.24 -0.75 -24.74
N CYS A 1043 36.22 0.00 -25.23
CA CYS A 1043 36.08 1.42 -25.52
C CYS A 1043 35.90 1.65 -27.02
N GLY A 1044 35.12 0.80 -27.67
CA GLY A 1044 34.81 0.99 -29.08
C GLY A 1044 35.05 -0.24 -29.93
N LYS A 1045 34.39 -0.31 -31.08
CA LYS A 1045 34.58 -1.43 -31.99
C LYS A 1045 35.99 -1.38 -32.58
N GLY A 1046 36.80 -2.35 -32.24
CA GLY A 1046 38.18 -2.37 -32.67
C GLY A 1046 39.11 -1.83 -31.61
N TYR A 1047 40.35 -1.59 -32.05
CA TYR A 1047 41.41 -1.20 -31.14
C TYR A 1047 41.25 0.27 -30.81
N HIS A 1048 40.92 0.57 -29.56
CA HIS A 1048 40.56 1.93 -29.17
C HIS A 1048 41.78 2.84 -29.08
N LEU A 1049 41.69 4.04 -29.66
CA LEU A 1049 42.75 5.04 -29.60
C LEU A 1049 42.44 6.17 -28.62
N MET A 1050 41.33 6.87 -28.82
CA MET A 1050 40.90 7.91 -27.89
C MET A 1050 39.40 8.06 -28.04
N SER A 1051 38.84 8.97 -27.27
CA SER A 1051 37.43 9.27 -27.45
C SER A 1051 37.17 10.73 -27.14
N PHE A 1052 36.18 11.28 -27.84
CA PHE A 1052 35.83 12.69 -27.73
C PHE A 1052 34.57 12.82 -26.92
N PRO A 1053 34.64 13.40 -25.72
CA PRO A 1053 33.40 13.67 -24.99
C PRO A 1053 32.66 14.84 -25.63
N GLN A 1054 31.43 14.57 -26.04
CA GLN A 1054 30.50 15.64 -26.38
C GLN A 1054 29.31 15.55 -25.45
N SER A 1055 28.90 16.72 -24.97
CA SER A 1055 27.76 16.82 -24.10
C SER A 1055 26.49 16.45 -24.84
N ALA A 1056 25.57 15.84 -24.12
CA ALA A 1056 24.30 15.41 -24.70
C ALA A 1056 23.24 15.59 -23.63
N PRO A 1057 21.99 15.78 -24.03
CA PRO A 1057 20.93 16.00 -23.04
C PRO A 1057 20.71 14.80 -22.14
N HIS A 1058 21.09 14.96 -20.87
CA HIS A 1058 21.03 13.91 -19.86
C HIS A 1058 21.80 12.67 -20.31
N GLY A 1059 23.02 12.90 -20.79
CA GLY A 1059 23.84 11.80 -21.26
C GLY A 1059 25.14 12.32 -21.82
N VAL A 1060 25.95 11.39 -22.31
CA VAL A 1060 27.22 11.71 -22.93
C VAL A 1060 27.38 10.82 -24.16
N VAL A 1061 28.00 11.38 -25.19
CA VAL A 1061 28.30 10.64 -26.41
C VAL A 1061 29.82 10.66 -26.62
N PHE A 1062 30.36 9.52 -27.01
CA PHE A 1062 31.80 9.39 -27.25
C PHE A 1062 32.03 9.12 -28.71
N LEU A 1063 33.08 9.70 -29.26
CA LEU A 1063 33.58 9.35 -30.58
C LEU A 1063 34.81 8.48 -30.37
N HIS A 1064 34.60 7.18 -30.17
CA HIS A 1064 35.70 6.26 -29.94
C HIS A 1064 36.49 6.11 -31.23
N VAL A 1065 37.57 6.88 -31.35
CA VAL A 1065 38.47 6.73 -32.48
C VAL A 1065 39.17 5.38 -32.33
N THR A 1066 39.03 4.53 -33.35
CA THR A 1066 39.54 3.17 -33.29
C THR A 1066 40.41 2.89 -34.50
N TYR A 1067 41.23 1.84 -34.38
CA TYR A 1067 42.06 1.35 -35.46
C TYR A 1067 41.43 0.04 -35.94
N VAL A 1068 40.93 0.04 -37.17
CA VAL A 1068 40.34 -1.14 -37.78
C VAL A 1068 41.10 -1.44 -39.06
N PRO A 1069 41.65 -2.64 -39.23
CA PRO A 1069 42.28 -3.01 -40.50
C PRO A 1069 41.24 -3.14 -41.60
N ALA A 1070 41.68 -2.94 -42.85
CA ALA A 1070 40.77 -2.90 -43.98
C ALA A 1070 40.95 -4.09 -44.91
N GLN A 1071 42.14 -4.25 -45.50
CA GLN A 1071 42.40 -5.40 -46.36
C GLN A 1071 43.75 -5.99 -46.00
N GLU A 1072 43.89 -7.28 -46.29
CA GLU A 1072 45.07 -8.03 -45.91
C GLU A 1072 45.65 -8.70 -47.14
N LYS A 1073 46.96 -8.85 -47.13
CA LYS A 1073 47.60 -9.74 -48.07
C LYS A 1073 47.89 -11.05 -47.37
N ASN A 1074 48.19 -12.05 -48.17
CA ASN A 1074 47.90 -13.42 -47.82
C ASN A 1074 49.19 -14.24 -47.81
N PHE A 1075 49.59 -14.70 -46.64
CA PHE A 1075 50.98 -15.05 -46.35
C PHE A 1075 51.10 -16.39 -45.65
N THR A 1076 52.33 -16.91 -45.62
CA THR A 1076 52.66 -18.11 -44.88
C THR A 1076 53.59 -17.77 -43.72
N THR A 1077 53.62 -18.63 -42.70
CA THR A 1077 54.39 -18.35 -41.49
C THR A 1077 55.02 -19.63 -40.95
N ALA A 1078 55.75 -19.46 -39.85
CA ALA A 1078 56.33 -20.56 -39.09
C ALA A 1078 56.46 -20.13 -37.64
N PRO A 1079 56.31 -21.04 -36.68
CA PRO A 1079 56.39 -20.65 -35.26
C PRO A 1079 57.71 -20.05 -34.83
N ALA A 1080 58.82 -20.44 -35.45
CA ALA A 1080 60.12 -19.87 -35.15
C ALA A 1080 60.97 -20.02 -36.41
N ILE A 1081 62.16 -19.43 -36.39
CA ILE A 1081 63.08 -19.55 -37.52
C ILE A 1081 64.46 -19.95 -36.99
N CYS A 1082 65.14 -20.81 -37.73
CA CYS A 1082 66.47 -21.28 -37.36
C CYS A 1082 67.50 -20.73 -38.34
N HIS A 1083 68.57 -20.14 -37.82
CA HIS A 1083 69.65 -19.65 -38.67
C HIS A 1083 70.94 -20.42 -38.47
N ASP A 1084 71.42 -20.51 -37.23
CA ASP A 1084 72.66 -21.22 -36.94
C ASP A 1084 72.47 -22.28 -35.88
N GLY A 1085 71.36 -23.02 -35.93
CA GLY A 1085 71.04 -24.00 -34.92
C GLY A 1085 70.26 -23.42 -33.76
N LYS A 1086 70.09 -22.10 -33.73
CA LYS A 1086 69.38 -21.42 -32.66
C LYS A 1086 67.96 -21.08 -33.12
N ALA A 1087 67.02 -21.11 -32.18
CA ALA A 1087 65.64 -20.81 -32.47
C ALA A 1087 65.38 -19.34 -32.19
N HIS A 1088 64.73 -18.66 -33.13
CA HIS A 1088 64.50 -17.23 -33.03
C HIS A 1088 63.01 -16.98 -32.86
N PHE A 1089 62.66 -16.03 -32.01
CA PHE A 1089 61.29 -15.65 -31.71
C PHE A 1089 61.17 -14.14 -31.70
N PRO A 1090 60.10 -13.57 -32.26
CA PRO A 1090 59.99 -12.11 -32.31
C PRO A 1090 59.64 -11.54 -30.95
N ARG A 1091 60.34 -10.48 -30.55
CA ARG A 1091 59.96 -9.81 -29.31
C ARG A 1091 58.66 -9.03 -29.48
N GLU A 1092 58.47 -8.41 -30.65
CA GLU A 1092 57.29 -7.64 -30.97
C GLU A 1092 56.97 -7.89 -32.43
N GLY A 1093 55.85 -8.52 -32.71
CA GLY A 1093 55.46 -8.81 -34.08
C GLY A 1093 55.49 -10.29 -34.39
N VAL A 1094 55.20 -10.61 -35.65
CA VAL A 1094 55.05 -11.99 -36.10
C VAL A 1094 55.94 -12.25 -37.31
N PHE A 1095 56.67 -13.36 -37.29
CA PHE A 1095 57.34 -13.88 -38.48
C PHE A 1095 56.33 -14.18 -39.57
N VAL A 1096 56.52 -13.55 -40.74
CA VAL A 1096 55.60 -13.66 -41.86
C VAL A 1096 56.40 -13.88 -43.13
N SER A 1097 55.75 -14.45 -44.14
CA SER A 1097 56.43 -14.77 -45.38
C SER A 1097 55.46 -14.77 -46.55
N ASN A 1098 55.90 -14.21 -47.67
CA ASN A 1098 55.18 -14.30 -48.94
C ASN A 1098 55.49 -15.56 -49.74
N GLY A 1099 56.35 -16.43 -49.22
CA GLY A 1099 56.76 -17.63 -49.89
C GLY A 1099 58.17 -17.58 -50.46
N THR A 1100 58.74 -16.39 -50.56
CA THR A 1100 60.09 -16.22 -51.08
C THR A 1100 61.02 -15.53 -50.09
N HIS A 1101 60.50 -14.62 -49.28
CA HIS A 1101 61.30 -13.86 -48.34
C HIS A 1101 60.59 -13.86 -47.00
N TRP A 1102 61.35 -13.90 -45.91
CA TRP A 1102 60.76 -13.97 -44.58
C TRP A 1102 60.86 -12.64 -43.87
N PHE A 1103 59.71 -12.13 -43.47
CA PHE A 1103 59.60 -10.81 -42.85
C PHE A 1103 59.05 -10.95 -41.44
N VAL A 1104 59.20 -9.89 -40.66
CA VAL A 1104 58.52 -9.76 -39.38
C VAL A 1104 57.69 -8.48 -39.42
N THR A 1105 56.42 -8.64 -39.07
CA THR A 1105 55.51 -7.52 -38.97
C THR A 1105 54.75 -7.67 -37.66
N GLN A 1106 54.23 -6.56 -37.16
CA GLN A 1106 53.34 -6.61 -36.02
C GLN A 1106 52.06 -7.34 -36.37
N ARG A 1107 51.25 -7.63 -35.35
CA ARG A 1107 50.06 -8.43 -35.60
C ARG A 1107 49.01 -7.68 -36.41
N ASN A 1108 49.05 -6.34 -36.41
CA ASN A 1108 47.91 -5.56 -36.90
C ASN A 1108 48.28 -4.53 -37.97
N PHE A 1109 49.41 -4.70 -38.62
CA PHE A 1109 49.78 -3.89 -39.77
C PHE A 1109 50.89 -4.60 -40.53
N TYR A 1110 50.81 -4.62 -41.86
CA TYR A 1110 51.87 -5.26 -42.63
C TYR A 1110 52.97 -4.24 -42.84
N GLU A 1111 54.00 -4.29 -42.00
CA GLU A 1111 55.16 -3.42 -42.13
C GLU A 1111 56.35 -4.30 -42.42
N PRO A 1112 56.67 -4.49 -43.70
CA PRO A 1112 57.67 -5.50 -44.07
C PRO A 1112 59.08 -5.08 -43.67
N GLN A 1113 59.61 -5.76 -42.65
CA GLN A 1113 60.97 -5.57 -42.21
C GLN A 1113 61.67 -6.93 -42.18
N ILE A 1114 62.96 -6.91 -42.52
CA ILE A 1114 63.77 -8.12 -42.43
C ILE A 1114 63.93 -8.49 -40.97
N ILE A 1115 64.12 -9.79 -40.70
CA ILE A 1115 64.25 -10.29 -39.33
C ILE A 1115 65.52 -9.69 -38.74
N THR A 1116 65.42 -9.11 -37.54
CA THR A 1116 66.53 -8.46 -36.88
C THR A 1116 66.69 -9.00 -35.47
N THR A 1117 67.96 -9.05 -35.02
CA THR A 1117 68.23 -9.42 -33.64
C THR A 1117 67.86 -8.31 -32.66
N ASP A 1118 67.50 -7.12 -33.16
CA ASP A 1118 66.81 -6.14 -32.34
C ASP A 1118 65.31 -6.38 -32.30
N ASN A 1119 64.80 -7.36 -33.04
CA ASN A 1119 63.41 -7.79 -32.91
C ASN A 1119 63.27 -9.25 -32.51
N THR A 1120 64.35 -10.03 -32.60
CA THR A 1120 64.33 -11.42 -32.19
C THR A 1120 65.51 -11.71 -31.27
N PHE A 1121 65.51 -12.93 -30.73
CA PHE A 1121 66.52 -13.35 -29.78
C PHE A 1121 66.85 -14.81 -30.00
N VAL A 1122 67.74 -15.33 -29.17
CA VAL A 1122 68.17 -16.72 -29.22
C VAL A 1122 67.65 -17.42 -27.98
N SER A 1123 66.89 -18.51 -28.17
CA SER A 1123 66.39 -19.30 -27.04
C SER A 1123 66.25 -20.75 -27.47
N GLY A 1124 67.00 -21.63 -26.83
CA GLY A 1124 66.92 -23.05 -27.10
C GLY A 1124 67.58 -23.44 -28.41
N ASN A 1125 67.19 -24.61 -28.92
CA ASN A 1125 67.70 -25.15 -30.15
C ASN A 1125 66.54 -25.62 -31.03
N CYS A 1126 66.84 -25.92 -32.29
CA CYS A 1126 65.81 -26.10 -33.30
C CYS A 1126 65.31 -27.52 -33.45
N ASP A 1127 65.94 -28.49 -32.79
CA ASP A 1127 65.51 -29.88 -32.94
C ASP A 1127 64.26 -30.22 -32.13
N VAL A 1128 63.94 -29.41 -31.12
CA VAL A 1128 62.80 -29.69 -30.26
C VAL A 1128 61.55 -28.94 -30.71
N VAL A 1129 61.69 -27.77 -31.32
CA VAL A 1129 60.54 -27.01 -31.79
C VAL A 1129 59.99 -27.67 -33.04
N ILE A 1130 58.66 -27.66 -33.17
CA ILE A 1130 58.01 -28.20 -34.37
C ILE A 1130 57.43 -27.05 -35.18
N GLY A 1131 57.55 -27.15 -36.50
CA GLY A 1131 57.11 -26.10 -37.39
C GLY A 1131 58.16 -25.08 -37.73
N ILE A 1132 59.35 -25.16 -37.12
CA ILE A 1132 60.41 -24.23 -37.45
C ILE A 1132 60.89 -24.48 -38.87
N VAL A 1133 61.28 -23.40 -39.54
CA VAL A 1133 61.84 -23.51 -40.88
C VAL A 1133 63.21 -22.85 -40.87
N ASN A 1134 64.04 -23.28 -41.81
CA ASN A 1134 65.39 -22.76 -41.95
C ASN A 1134 65.39 -21.44 -42.72
N ASN A 1135 65.96 -20.41 -42.11
CA ASN A 1135 66.03 -19.09 -42.72
C ASN A 1135 67.38 -18.48 -42.36
N THR A 1136 67.56 -17.21 -42.69
CA THR A 1136 68.71 -16.43 -42.29
C THR A 1136 68.23 -15.18 -41.56
N VAL A 1137 68.97 -14.77 -40.54
CA VAL A 1137 68.60 -13.59 -39.76
C VAL A 1137 69.55 -12.46 -40.10
N TYR A 1138 68.97 -11.34 -40.54
CA TYR A 1138 69.71 -10.10 -40.59
C TYR A 1138 69.94 -9.63 -39.17
N ASP A 1139 71.09 -9.03 -38.92
CA ASP A 1139 71.32 -8.42 -37.63
C ASP A 1139 71.50 -6.94 -37.82
N PRO A 1140 71.05 -6.09 -36.90
CA PRO A 1140 71.54 -4.71 -36.87
C PRO A 1140 72.97 -4.60 -36.36
N LEU A 1141 73.59 -5.73 -36.04
CA LEU A 1141 75.01 -5.79 -35.69
C LEU A 1141 75.85 -6.25 -36.87
N GLN A 1142 75.24 -6.96 -37.83
CA GLN A 1142 76.03 -7.73 -38.79
C GLN A 1142 76.72 -6.88 -39.86
N PRO A 1143 76.04 -5.98 -40.61
CA PRO A 1143 76.81 -5.18 -41.58
C PRO A 1143 77.70 -4.16 -40.91
N GLU A 1144 77.37 -3.75 -39.69
CA GLU A 1144 78.26 -2.87 -38.94
C GLU A 1144 79.54 -3.60 -38.52
N LEU A 1145 79.45 -4.88 -38.18
CA LEU A 1145 80.63 -5.69 -37.91
C LEU A 1145 81.42 -6.01 -39.17
N ASP A 1146 80.74 -6.34 -40.26
CA ASP A 1146 81.43 -6.78 -41.47
C ASP A 1146 82.06 -5.60 -42.21
N SER A 1147 81.45 -4.42 -42.13
CA SER A 1147 81.95 -3.24 -42.81
C SER A 1147 82.67 -2.31 -41.84
N ALA B 27 7.57 -53.34 26.26
CA ALA B 27 7.96 -53.70 24.90
C ALA B 27 7.85 -52.51 23.97
N TYR B 28 8.97 -52.15 23.36
CA TYR B 28 9.06 -51.02 22.46
C TYR B 28 9.47 -51.48 21.07
N THR B 29 9.12 -50.68 20.06
CA THR B 29 9.46 -50.98 18.69
C THR B 29 9.85 -49.68 17.98
N ASN B 30 10.78 -49.80 17.04
CA ASN B 30 11.13 -48.71 16.16
C ASN B 30 10.15 -48.72 14.99
N SER B 31 9.22 -47.78 14.97
CA SER B 31 8.27 -47.63 13.86
C SER B 31 9.04 -47.10 12.67
N PHE B 32 9.53 -48.02 11.85
CA PHE B 32 10.47 -47.72 10.77
C PHE B 32 9.89 -46.77 9.71
N THR B 33 8.88 -47.23 8.97
CA THR B 33 8.33 -46.44 7.88
C THR B 33 6.81 -46.46 7.78
N ARG B 34 6.12 -47.17 8.65
CA ARG B 34 4.69 -47.40 8.45
C ARG B 34 3.86 -46.22 8.92
N GLY B 35 2.64 -46.14 8.38
CA GLY B 35 1.65 -45.19 8.85
C GLY B 35 1.37 -44.00 7.96
N VAL B 36 1.84 -44.01 6.71
CA VAL B 36 1.58 -42.93 5.78
C VAL B 36 0.28 -43.19 5.02
N TYR B 37 -0.58 -42.18 4.93
CA TYR B 37 -1.83 -42.28 4.20
C TYR B 37 -1.99 -41.05 3.31
N TYR B 38 -3.16 -40.96 2.69
CA TYR B 38 -3.48 -39.82 1.85
C TYR B 38 -4.15 -38.72 2.67
N PRO B 39 -3.51 -37.56 2.85
CA PRO B 39 -4.25 -36.42 3.43
C PRO B 39 -5.40 -35.99 2.55
N ASP B 40 -5.23 -36.12 1.24
CA ASP B 40 -6.29 -35.93 0.27
C ASP B 40 -6.04 -36.92 -0.86
N LYS B 41 -7.06 -37.14 -1.67
CA LYS B 41 -7.03 -38.11 -2.75
C LYS B 41 -7.11 -37.37 -4.08
N VAL B 42 -6.35 -36.30 -4.20
CA VAL B 42 -6.17 -35.58 -5.46
C VAL B 42 -4.84 -36.02 -6.06
N PHE B 43 -4.88 -36.50 -7.31
CA PHE B 43 -3.70 -37.09 -7.91
C PHE B 43 -2.61 -36.05 -8.15
N ARG B 44 -1.38 -36.40 -7.80
CA ARG B 44 -0.22 -35.57 -8.01
C ARG B 44 0.92 -36.41 -8.57
N SER B 45 1.80 -35.77 -9.33
CA SER B 45 2.87 -36.47 -10.03
C SER B 45 4.19 -35.73 -9.88
N SER B 46 5.18 -36.43 -9.32
CA SER B 46 6.57 -35.97 -9.21
C SER B 46 6.67 -34.63 -8.51
N VAL B 47 5.79 -34.45 -7.52
CA VAL B 47 5.71 -33.19 -6.79
C VAL B 47 5.57 -33.52 -5.32
N LEU B 48 6.22 -32.72 -4.49
CA LEU B 48 6.29 -32.97 -3.05
C LEU B 48 5.40 -31.96 -2.34
N HIS B 49 4.32 -32.45 -1.73
CA HIS B 49 3.35 -31.59 -1.07
C HIS B 49 3.54 -31.66 0.43
N SER B 50 3.57 -30.49 1.07
CA SER B 50 3.72 -30.38 2.50
C SER B 50 2.39 -29.98 3.12
N THR B 51 1.98 -30.71 4.16
CA THR B 51 0.70 -30.44 4.81
C THR B 51 0.85 -30.69 6.30
N GLN B 52 -0.03 -30.06 7.08
CA GLN B 52 -0.18 -30.40 8.49
C GLN B 52 -1.30 -31.42 8.58
N ASP B 53 -1.02 -32.53 9.26
CA ASP B 53 -1.96 -33.65 9.34
C ASP B 53 -1.45 -34.52 10.49
N LEU B 54 -2.20 -35.57 10.82
CA LEU B 54 -1.93 -36.39 11.99
C LEU B 54 -1.33 -37.72 11.50
N PHE B 55 -0.01 -37.85 11.63
CA PHE B 55 0.71 -39.10 11.34
C PHE B 55 1.55 -39.47 12.55
N LEU B 56 1.98 -40.73 12.60
CA LEU B 56 2.92 -41.07 13.67
C LEU B 56 4.36 -40.89 13.16
N PRO B 57 5.29 -40.50 14.03
CA PRO B 57 6.63 -40.16 13.56
C PRO B 57 7.42 -41.36 13.07
N PHE B 58 8.33 -41.10 12.13
CA PHE B 58 9.19 -42.14 11.58
C PHE B 58 10.37 -42.42 12.52
N PHE B 59 10.79 -43.69 12.57
CA PHE B 59 11.83 -44.17 13.47
C PHE B 59 11.54 -43.82 14.93
N SER B 60 10.27 -43.82 15.31
CA SER B 60 9.89 -43.41 16.65
C SER B 60 9.68 -44.62 17.55
N ASN B 61 9.28 -44.35 18.78
CA ASN B 61 8.99 -45.39 19.76
C ASN B 61 7.51 -45.75 19.69
N VAL B 62 7.24 -47.01 19.36
CA VAL B 62 5.89 -47.55 19.40
C VAL B 62 5.90 -48.82 20.22
N THR B 63 4.77 -49.11 20.85
CA THR B 63 4.66 -50.25 21.76
C THR B 63 4.39 -51.54 21.00
N TRP B 64 4.89 -52.65 21.54
CA TRP B 64 4.82 -53.96 20.91
C TRP B 64 3.92 -54.86 21.75
N PHE B 65 2.94 -55.49 21.08
CA PHE B 65 1.95 -56.30 21.76
C PHE B 65 1.94 -57.72 21.23
N HIS B 66 1.46 -58.63 22.05
CA HIS B 66 1.25 -60.02 21.69
C HIS B 66 -0.24 -60.33 21.78
N ALA B 67 -0.61 -61.55 21.39
CA ALA B 67 -2.02 -61.95 21.35
C ALA B 67 -2.21 -63.25 22.12
N ILE B 68 -1.62 -63.32 23.32
CA ILE B 68 -1.71 -64.50 24.17
C ILE B 68 -2.56 -64.17 25.39
N HIS B 69 -3.19 -65.20 25.95
CA HIS B 69 -4.04 -65.14 27.14
C HIS B 69 -5.15 -64.08 27.03
N ASP B 80 -4.73 -59.05 25.84
CA ASP B 80 -4.29 -57.76 26.33
C ASP B 80 -4.96 -56.61 25.59
N ASN B 81 -6.04 -56.09 26.18
CA ASN B 81 -6.79 -54.97 25.59
C ASN B 81 -7.01 -53.84 26.59
N PRO B 82 -5.95 -53.11 26.93
CA PRO B 82 -6.15 -51.88 27.70
C PRO B 82 -6.63 -50.77 26.78
N VAL B 83 -7.22 -49.76 27.39
CA VAL B 83 -7.87 -48.68 26.62
C VAL B 83 -6.83 -47.58 26.43
N LEU B 84 -6.24 -47.57 25.23
CA LEU B 84 -5.15 -46.65 24.95
C LEU B 84 -5.67 -45.29 24.52
N PRO B 85 -4.89 -44.23 24.71
CA PRO B 85 -5.32 -42.90 24.24
C PRO B 85 -5.23 -42.79 22.72
N PHE B 86 -6.40 -42.69 22.10
CA PHE B 86 -6.57 -42.30 20.70
C PHE B 86 -6.81 -40.80 20.66
N ASN B 87 -5.78 -40.07 21.11
CA ASN B 87 -5.91 -38.62 21.30
C ASN B 87 -6.21 -37.92 19.99
N ASP B 88 -5.51 -38.31 18.93
CA ASP B 88 -5.95 -37.98 17.58
C ASP B 88 -5.70 -39.15 16.63
N GLY B 89 -5.25 -40.30 17.11
CA GLY B 89 -5.08 -41.43 16.24
C GLY B 89 -3.92 -42.36 16.52
N VAL B 90 -4.03 -43.60 16.06
CA VAL B 90 -2.95 -44.58 16.11
C VAL B 90 -2.91 -45.31 14.78
N TYR B 91 -1.83 -46.05 14.56
CA TYR B 91 -1.66 -46.88 13.38
C TYR B 91 -1.70 -48.35 13.78
N PHE B 92 -2.55 -49.12 13.11
CA PHE B 92 -2.76 -50.53 13.43
C PHE B 92 -2.03 -51.39 12.41
N ALA B 93 -1.47 -52.50 12.86
CA ALA B 93 -0.87 -53.49 11.97
C ALA B 93 -1.08 -54.88 12.54
N SER B 94 -1.32 -55.85 11.67
CA SER B 94 -1.63 -57.21 12.10
C SER B 94 -0.84 -58.23 11.31
N THR B 95 -0.20 -59.15 12.03
CA THR B 95 0.37 -60.35 11.44
C THR B 95 -0.65 -61.47 11.63
N GLU B 96 -1.32 -61.85 10.56
CA GLU B 96 -2.51 -62.68 10.66
C GLU B 96 -2.39 -63.90 9.77
N LYS B 97 -2.89 -65.03 10.27
CA LYS B 97 -2.95 -66.26 9.49
C LYS B 97 -4.29 -66.97 9.53
N SER B 98 -5.16 -66.66 10.50
CA SER B 98 -6.45 -67.33 10.60
C SER B 98 -7.60 -66.36 10.86
N ASN B 99 -7.39 -65.06 10.61
CA ASN B 99 -8.42 -64.02 10.72
C ASN B 99 -9.01 -63.96 12.12
N ILE B 100 -8.14 -63.69 13.09
CA ILE B 100 -8.57 -63.54 14.48
C ILE B 100 -8.99 -62.12 14.79
N ILE B 101 -8.15 -61.15 14.43
CA ILE B 101 -8.52 -59.75 14.58
C ILE B 101 -9.57 -59.42 13.53
N ARG B 102 -10.73 -58.96 13.99
CA ARG B 102 -11.87 -58.79 13.10
C ARG B 102 -12.63 -57.49 13.29
N GLY B 103 -12.31 -56.69 14.30
CA GLY B 103 -13.11 -55.50 14.51
C GLY B 103 -12.46 -54.56 15.50
N TRP B 104 -13.14 -53.43 15.71
CA TRP B 104 -12.70 -52.36 16.60
C TRP B 104 -13.92 -51.68 17.22
N ILE B 105 -13.73 -51.09 18.39
CA ILE B 105 -14.68 -50.14 18.95
C ILE B 105 -13.89 -48.90 19.33
N PHE B 106 -14.29 -47.75 18.78
CA PHE B 106 -13.63 -46.49 19.07
C PHE B 106 -14.66 -45.54 19.66
N GLY B 107 -14.21 -44.63 20.52
CA GLY B 107 -15.12 -43.66 21.10
C GLY B 107 -14.53 -42.82 22.20
N THR B 108 -15.38 -42.20 23.03
CA THR B 108 -14.91 -41.45 24.18
C THR B 108 -15.27 -42.13 25.50
N THR B 109 -16.34 -42.93 25.52
CA THR B 109 -16.65 -43.79 26.66
C THR B 109 -16.70 -45.26 26.29
N LEU B 110 -17.10 -45.58 25.06
CA LEU B 110 -17.00 -46.93 24.47
C LEU B 110 -17.80 -47.96 25.25
N ASP B 111 -18.86 -47.51 25.92
CA ASP B 111 -19.65 -48.38 26.78
C ASP B 111 -21.13 -48.22 26.51
N SER B 112 -21.49 -47.90 25.27
CA SER B 112 -22.83 -47.56 24.81
C SER B 112 -23.42 -46.32 25.48
N LYS B 113 -22.63 -45.59 26.26
CA LYS B 113 -23.03 -44.29 26.78
C LYS B 113 -22.93 -43.22 25.71
N THR B 114 -21.94 -43.31 24.83
CA THR B 114 -21.80 -42.44 23.68
C THR B 114 -21.99 -43.27 22.41
N GLN B 115 -21.97 -42.58 21.29
CA GLN B 115 -22.08 -43.25 20.00
C GLN B 115 -20.77 -43.96 19.67
N SER B 116 -20.79 -45.29 19.66
CA SER B 116 -19.60 -46.10 19.45
C SER B 116 -19.86 -47.12 18.35
N LEU B 117 -18.89 -47.29 17.46
CA LEU B 117 -19.05 -48.16 16.30
C LEU B 117 -18.61 -49.58 16.61
N LEU B 118 -19.21 -50.55 15.91
CA LEU B 118 -18.85 -51.95 16.00
C LEU B 118 -18.68 -52.49 14.58
N ILE B 119 -17.66 -53.31 14.37
CA ILE B 119 -17.33 -53.86 13.06
C ILE B 119 -17.36 -55.38 13.12
N VAL B 120 -18.15 -56.00 12.24
CA VAL B 120 -18.18 -57.45 12.09
C VAL B 120 -18.28 -57.77 10.61
N ASN B 121 -17.56 -58.82 10.19
CA ASN B 121 -17.60 -59.32 8.82
C ASN B 121 -17.97 -60.80 8.86
N ASN B 122 -19.23 -61.09 8.55
CA ASN B 122 -19.74 -62.46 8.62
C ASN B 122 -19.59 -63.15 7.25
N ALA B 123 -18.37 -63.02 6.70
CA ALA B 123 -17.89 -63.69 5.51
C ALA B 123 -18.61 -63.30 4.22
N THR B 124 -19.67 -62.49 4.32
CA THR B 124 -20.41 -62.03 3.17
C THR B 124 -20.75 -60.54 3.19
N ASN B 125 -20.82 -59.91 4.36
CA ASN B 125 -21.28 -58.54 4.50
C ASN B 125 -20.31 -57.74 5.35
N VAL B 126 -20.07 -56.49 4.97
CA VAL B 126 -19.34 -55.53 5.79
C VAL B 126 -20.36 -54.76 6.63
N VAL B 127 -20.17 -54.78 7.94
CA VAL B 127 -21.15 -54.26 8.89
C VAL B 127 -20.45 -53.27 9.81
N ILE B 128 -20.70 -51.98 9.59
CA ILE B 128 -20.15 -50.91 10.41
C ILE B 128 -21.32 -50.06 10.91
N LYS B 129 -21.69 -50.26 12.17
CA LYS B 129 -22.84 -49.55 12.75
C LYS B 129 -22.43 -48.98 14.09
N VAL B 130 -23.07 -47.86 14.44
CA VAL B 130 -22.86 -47.24 15.74
C VAL B 130 -24.12 -47.43 16.56
N CYS B 131 -25.03 -48.26 16.06
CA CYS B 131 -26.35 -48.39 16.63
C CYS B 131 -26.26 -49.16 17.95
N GLU B 132 -27.31 -49.08 18.76
CA GLU B 132 -27.28 -49.61 20.13
C GLU B 132 -27.26 -51.14 20.13
N PHE B 133 -26.09 -51.68 19.79
CA PHE B 133 -25.93 -53.11 19.79
C PHE B 133 -25.65 -53.63 21.20
N GLN B 134 -25.96 -54.90 21.42
CA GLN B 134 -25.72 -55.55 22.70
C GLN B 134 -24.26 -56.03 22.72
N PHE B 135 -23.44 -55.31 23.47
CA PHE B 135 -22.05 -55.70 23.65
C PHE B 135 -21.92 -56.62 24.86
N CYS B 136 -20.94 -57.52 24.79
CA CYS B 136 -20.77 -58.52 25.82
C CYS B 136 -20.13 -57.92 27.07
N ASN B 137 -20.03 -58.74 28.13
CA ASN B 137 -19.39 -58.29 29.37
C ASN B 137 -17.92 -57.97 29.13
N ASP B 138 -17.21 -58.81 28.39
CA ASP B 138 -15.93 -58.46 27.79
C ASP B 138 -16.21 -58.39 26.29
N PRO B 139 -16.05 -57.21 25.68
CA PRO B 139 -16.48 -57.04 24.29
C PRO B 139 -15.69 -57.91 23.32
N PHE B 140 -16.41 -58.79 22.63
CA PHE B 140 -15.81 -59.66 21.63
C PHE B 140 -16.86 -59.95 20.55
N LEU B 141 -16.37 -60.49 19.44
CA LEU B 141 -17.22 -61.03 18.39
C LEU B 141 -16.91 -62.50 18.22
N GLY B 142 -17.95 -63.32 18.00
CA GLY B 142 -17.80 -64.76 18.06
C GLY B 142 -16.99 -65.34 16.91
N VAL B 143 -16.59 -66.60 17.10
CA VAL B 143 -15.77 -67.30 16.13
C VAL B 143 -16.50 -68.52 15.59
N ASN B 165 -30.01 -44.40 20.53
CA ASN B 165 -29.12 -43.54 19.77
C ASN B 165 -28.72 -44.19 18.45
N CYS B 166 -29.69 -44.76 17.75
CA CYS B 166 -29.44 -45.43 16.47
C CYS B 166 -29.60 -44.42 15.34
N THR B 167 -28.80 -43.36 15.43
CA THR B 167 -28.91 -42.20 14.54
C THR B 167 -28.34 -42.43 13.15
N PHE B 168 -27.20 -43.10 13.03
CA PHE B 168 -26.62 -43.39 11.73
C PHE B 168 -27.45 -44.50 11.09
N GLU B 169 -28.42 -44.10 10.27
CA GLU B 169 -29.47 -45.01 9.82
C GLU B 169 -28.96 -45.80 8.63
N TYR B 170 -28.03 -46.72 8.89
CA TYR B 170 -27.59 -47.70 7.91
C TYR B 170 -27.66 -49.04 8.61
N VAL B 171 -28.58 -49.89 8.15
CA VAL B 171 -28.91 -51.16 8.82
C VAL B 171 -28.81 -52.24 7.76
N SER B 172 -27.95 -53.22 7.99
CA SER B 172 -27.78 -54.32 7.04
C SER B 172 -27.67 -55.66 7.77
N PHE B 186 4.97 -64.17 8.43
CA PHE B 186 3.56 -64.14 8.04
C PHE B 186 3.39 -63.79 6.57
N LYS B 187 2.15 -63.88 6.11
CA LYS B 187 1.81 -63.64 4.71
C LYS B 187 0.91 -62.45 4.47
N ASN B 188 0.23 -61.94 5.49
CA ASN B 188 -0.68 -60.80 5.32
C ASN B 188 -0.43 -59.79 6.43
N LEU B 189 -0.15 -58.55 6.05
CA LEU B 189 -0.19 -57.41 6.94
C LEU B 189 -1.42 -56.57 6.65
N ARG B 190 -2.24 -56.34 7.67
CA ARG B 190 -3.46 -55.56 7.55
C ARG B 190 -3.29 -54.29 8.38
N GLU B 191 -3.44 -53.14 7.74
CA GLU B 191 -3.37 -51.85 8.40
C GLU B 191 -4.71 -51.14 8.30
N PHE B 192 -5.28 -50.80 9.45
CA PHE B 192 -6.58 -50.13 9.50
C PHE B 192 -6.53 -48.92 10.42
N VAL B 193 -6.90 -47.76 9.86
CA VAL B 193 -6.96 -46.54 10.64
C VAL B 193 -8.38 -45.98 10.54
N PHE B 194 -9.17 -46.19 11.58
CA PHE B 194 -10.49 -45.60 11.65
C PHE B 194 -10.42 -44.31 12.46
N LYS B 195 -10.84 -43.20 11.85
CA LYS B 195 -10.70 -41.90 12.49
C LYS B 195 -11.85 -40.98 12.08
N ASN B 196 -11.87 -39.81 12.71
CA ASN B 196 -12.78 -38.72 12.37
C ASN B 196 -12.01 -37.42 12.23
N ILE B 197 -12.11 -36.81 11.05
CA ILE B 197 -11.66 -35.45 10.80
C ILE B 197 -12.84 -34.71 10.19
N ASP B 198 -13.37 -33.72 10.93
CA ASP B 198 -14.47 -32.86 10.50
C ASP B 198 -15.73 -33.65 10.14
N GLY B 199 -16.01 -34.70 10.90
CA GLY B 199 -17.22 -35.47 10.69
C GLY B 199 -17.14 -36.55 9.63
N TYR B 200 -16.05 -36.58 8.85
CA TYR B 200 -15.81 -37.65 7.90
C TYR B 200 -15.29 -38.84 8.68
N PHE B 201 -15.85 -40.02 8.41
CA PHE B 201 -15.23 -41.26 8.88
C PHE B 201 -14.56 -41.97 7.72
N LYS B 202 -13.24 -41.94 7.73
CA LYS B 202 -12.40 -42.53 6.71
C LYS B 202 -12.04 -43.94 7.12
N ILE B 203 -12.43 -44.92 6.31
CA ILE B 203 -11.92 -46.28 6.44
C ILE B 203 -10.64 -46.36 5.63
N TYR B 204 -9.54 -46.57 6.33
CA TYR B 204 -8.21 -46.71 5.74
C TYR B 204 -7.81 -48.18 5.81
N SER B 205 -7.46 -48.74 4.66
CA SER B 205 -7.20 -50.16 4.60
C SER B 205 -6.05 -50.43 3.65
N LYS B 206 -5.28 -51.46 3.97
CA LYS B 206 -4.23 -51.95 3.09
C LYS B 206 -3.88 -53.37 3.51
N HIS B 207 -3.80 -54.26 2.53
CA HIS B 207 -3.38 -55.64 2.74
C HIS B 207 -2.11 -55.87 1.95
N THR B 208 -1.07 -56.36 2.62
CA THR B 208 0.23 -56.43 1.98
C THR B 208 0.90 -57.76 2.29
N PRO B 209 1.34 -58.50 1.27
CA PRO B 209 2.11 -59.72 1.51
C PRO B 209 3.55 -59.42 1.88
N ILE B 210 4.14 -60.32 2.68
CA ILE B 210 5.51 -60.18 3.14
C ILE B 210 6.11 -61.56 3.32
N ASN B 211 7.44 -61.60 3.48
CA ASN B 211 8.15 -62.76 4.03
C ASN B 211 8.93 -62.27 5.24
N LEU B 212 8.25 -62.19 6.38
CA LEU B 212 8.85 -61.74 7.64
C LEU B 212 7.98 -62.18 8.81
N VAL B 213 8.61 -62.61 9.91
CA VAL B 213 7.87 -63.14 11.04
C VAL B 213 8.14 -62.38 12.34
N ARG B 214 9.21 -61.60 12.43
CA ARG B 214 9.64 -61.13 13.74
C ARG B 214 8.80 -59.96 14.26
N ASP B 215 8.50 -58.98 13.40
CA ASP B 215 7.74 -57.81 13.81
C ASP B 215 7.15 -57.16 12.56
N LEU B 216 6.73 -55.90 12.70
CA LEU B 216 6.24 -55.15 11.55
C LEU B 216 7.35 -54.94 10.54
N PRO B 217 7.06 -55.07 9.25
CA PRO B 217 8.13 -55.02 8.25
C PRO B 217 8.59 -53.60 7.99
N GLN B 218 9.80 -53.50 7.42
CA GLN B 218 10.30 -52.24 6.92
C GLN B 218 9.87 -52.07 5.48
N GLY B 219 9.13 -51.00 5.20
CA GLY B 219 8.65 -50.78 3.86
C GLY B 219 7.64 -49.65 3.85
N PHE B 220 7.39 -49.16 2.65
CA PHE B 220 6.52 -48.01 2.43
C PHE B 220 5.18 -48.49 1.90
N SER B 221 4.09 -47.98 2.48
CA SER B 221 2.77 -48.41 2.07
C SER B 221 1.82 -47.23 2.19
N ALA B 222 1.36 -46.72 1.06
CA ALA B 222 0.31 -45.72 1.05
C ALA B 222 -0.98 -46.36 1.56
N LEU B 223 -1.73 -45.58 2.32
CA LEU B 223 -2.94 -46.08 2.97
C LEU B 223 -4.13 -45.29 2.44
N GLU B 224 -5.00 -45.96 1.68
CA GLU B 224 -5.95 -45.18 0.91
C GLU B 224 -7.35 -45.21 1.54
N PRO B 225 -8.14 -44.14 1.37
CA PRO B 225 -9.52 -44.19 1.85
C PRO B 225 -10.36 -45.10 0.97
N LEU B 226 -11.42 -45.65 1.57
CA LEU B 226 -12.39 -46.43 0.80
C LEU B 226 -13.78 -45.84 0.84
N VAL B 227 -14.35 -45.66 2.03
CA VAL B 227 -15.75 -45.30 2.23
C VAL B 227 -15.80 -44.23 3.31
N ASP B 228 -16.64 -43.22 3.11
CA ASP B 228 -16.84 -42.17 4.10
C ASP B 228 -18.27 -42.27 4.58
N LEU B 229 -18.46 -42.38 5.90
CA LEU B 229 -19.78 -42.60 6.44
C LEU B 229 -20.17 -41.51 7.42
N PRO B 230 -21.47 -41.17 7.54
CA PRO B 230 -21.93 -40.09 8.42
C PRO B 230 -22.12 -40.47 9.89
N ILE B 231 -21.02 -40.51 10.64
CA ILE B 231 -21.15 -40.62 12.10
C ILE B 231 -20.51 -39.44 12.83
N GLY B 232 -19.31 -39.02 12.44
CA GLY B 232 -18.67 -37.85 13.03
C GLY B 232 -18.45 -37.91 14.53
N ILE B 233 -17.65 -38.87 15.00
CA ILE B 233 -17.63 -39.26 16.40
C ILE B 233 -16.36 -38.75 17.09
N ASN B 234 -16.53 -38.23 18.29
CA ASN B 234 -15.45 -37.94 19.24
C ASN B 234 -14.76 -39.24 19.62
N ILE B 235 -13.45 -39.33 19.35
CA ILE B 235 -12.61 -40.36 19.95
C ILE B 235 -11.40 -39.69 20.59
N THR B 236 -11.23 -39.90 21.89
CA THR B 236 -10.04 -39.46 22.60
C THR B 236 -9.24 -40.61 23.19
N ARG B 237 -9.84 -41.77 23.40
CA ARG B 237 -9.14 -42.95 23.84
C ARG B 237 -9.88 -44.19 23.33
N PHE B 238 -9.12 -45.21 22.94
CA PHE B 238 -9.70 -46.33 22.21
C PHE B 238 -9.28 -47.64 22.85
N GLN B 239 -10.14 -48.64 22.67
CA GLN B 239 -9.87 -50.01 23.09
C GLN B 239 -10.07 -50.93 21.90
N THR B 240 -9.10 -51.81 21.68
CA THR B 240 -9.18 -52.76 20.56
C THR B 240 -10.25 -53.82 20.85
N LEU B 241 -10.69 -54.47 19.79
CA LEU B 241 -11.72 -55.50 19.87
C LEU B 241 -11.09 -56.86 19.61
N LEU B 242 -11.39 -57.81 20.47
CA LEU B 242 -10.88 -59.17 20.39
C LEU B 242 -11.96 -60.12 19.92
N ALA B 243 -11.56 -61.32 19.52
CA ALA B 243 -12.50 -62.38 19.19
C ALA B 243 -12.33 -63.51 20.20
N LEU B 244 -13.36 -63.72 21.02
CA LEU B 244 -13.32 -64.71 22.09
C LEU B 244 -14.25 -65.87 21.76
N HIS B 245 -14.02 -67.00 22.42
CA HIS B 245 -14.82 -68.20 22.22
C HIS B 245 -16.02 -68.22 23.15
N ALA B 263 -4.69 -59.40 20.20
CA ALA B 263 -4.56 -58.51 19.05
C ALA B 263 -3.22 -57.78 19.09
N ALA B 264 -2.35 -58.09 18.15
CA ALA B 264 -1.11 -57.34 18.01
C ALA B 264 -1.39 -56.01 17.31
N TYR B 265 -0.92 -54.93 17.94
CA TYR B 265 -1.10 -53.60 17.37
C TYR B 265 -0.01 -52.70 17.90
N TYR B 266 -0.03 -51.45 17.42
CA TYR B 266 0.97 -50.46 17.77
C TYR B 266 0.25 -49.15 18.05
N VAL B 267 0.75 -48.39 19.01
CA VAL B 267 0.16 -47.11 19.37
C VAL B 267 1.19 -46.03 19.19
N GLY B 268 0.95 -45.14 18.22
CA GLY B 268 1.74 -43.95 18.07
C GLY B 268 0.85 -42.73 18.24
N TYR B 269 1.28 -41.83 19.12
CA TYR B 269 0.53 -40.63 19.41
C TYR B 269 0.73 -39.66 18.26
N LEU B 270 -0.36 -39.28 17.60
CA LEU B 270 -0.23 -38.38 16.47
C LEU B 270 -0.20 -36.97 17.02
N GLN B 271 0.44 -36.07 16.28
CA GLN B 271 0.53 -34.69 16.72
C GLN B 271 0.25 -33.80 15.51
N PRO B 272 -0.22 -32.55 15.72
CA PRO B 272 -0.42 -31.63 14.59
C PRO B 272 0.91 -31.23 13.96
N ARG B 273 1.51 -32.14 13.21
CA ARG B 273 2.85 -31.99 12.66
C ARG B 273 2.74 -31.76 11.17
N THR B 274 3.76 -31.13 10.60
CA THR B 274 3.80 -30.88 9.16
C THR B 274 4.65 -31.94 8.49
N PHE B 275 4.22 -32.36 7.30
CA PHE B 275 4.75 -33.58 6.69
C PHE B 275 5.10 -33.35 5.23
N LEU B 276 6.32 -33.73 4.85
CA LEU B 276 6.76 -33.68 3.47
C LEU B 276 6.36 -34.98 2.81
N LEU B 277 5.42 -34.91 1.87
CA LEU B 277 4.83 -36.08 1.25
C LEU B 277 5.24 -36.15 -0.21
N LYS B 278 5.50 -37.35 -0.71
CA LYS B 278 5.96 -37.55 -2.08
C LYS B 278 4.94 -38.41 -2.83
N TYR B 279 4.52 -37.91 -3.99
CA TYR B 279 3.64 -38.65 -4.88
C TYR B 279 4.43 -39.07 -6.11
N ASN B 280 4.08 -40.21 -6.69
CA ASN B 280 4.72 -40.65 -7.92
C ASN B 280 3.79 -40.47 -9.11
N GLU B 281 4.25 -40.84 -10.30
CA GLU B 281 3.49 -40.61 -11.52
C GLU B 281 2.32 -41.56 -11.67
N ASN B 282 2.35 -42.68 -10.96
CA ASN B 282 1.27 -43.66 -10.91
C ASN B 282 0.35 -43.39 -9.72
N GLY B 283 0.70 -42.44 -8.86
CA GLY B 283 -0.23 -41.96 -7.86
C GLY B 283 -0.22 -42.70 -6.55
N THR B 284 0.81 -43.49 -6.29
CA THR B 284 0.98 -44.12 -4.99
C THR B 284 2.00 -43.34 -4.18
N ILE B 285 1.66 -43.04 -2.93
CA ILE B 285 2.57 -42.32 -2.06
C ILE B 285 3.70 -43.26 -1.70
N THR B 286 4.90 -42.96 -2.19
CA THR B 286 6.02 -43.88 -2.04
C THR B 286 6.90 -43.57 -0.84
N ASP B 287 6.78 -42.39 -0.25
CA ASP B 287 7.64 -42.01 0.86
C ASP B 287 6.98 -40.86 1.62
N ALA B 288 7.46 -40.65 2.84
CA ALA B 288 6.96 -39.55 3.66
C ALA B 288 8.04 -39.15 4.66
N VAL B 289 7.94 -37.94 5.16
CA VAL B 289 8.87 -37.41 6.16
C VAL B 289 8.07 -36.70 7.25
N ASP B 290 8.25 -37.13 8.49
CA ASP B 290 7.84 -36.33 9.64
C ASP B 290 8.95 -35.31 9.85
N CYS B 291 8.70 -34.08 9.42
CA CYS B 291 9.85 -33.21 9.27
C CYS B 291 10.11 -32.33 10.48
N ALA B 292 9.34 -32.48 11.55
CA ALA B 292 9.61 -31.77 12.80
C ALA B 292 10.41 -32.61 13.77
N LEU B 293 11.05 -33.66 13.29
CA LEU B 293 11.63 -34.65 14.19
C LEU B 293 13.10 -34.40 14.47
N ASP B 294 13.93 -34.48 13.44
CA ASP B 294 15.37 -34.39 13.60
C ASP B 294 15.89 -33.40 12.56
N PRO B 295 17.12 -32.90 12.74
CA PRO B 295 17.68 -31.93 11.77
C PRO B 295 17.67 -32.37 10.32
N LEU B 296 17.86 -33.67 10.04
CA LEU B 296 17.71 -34.19 8.69
C LEU B 296 16.35 -33.85 8.12
N SER B 297 15.30 -34.17 8.86
CA SER B 297 13.95 -33.98 8.34
C SER B 297 13.56 -32.50 8.32
N GLU B 298 14.09 -31.73 9.27
CA GLU B 298 13.82 -30.28 9.27
C GLU B 298 14.40 -29.63 8.02
N THR B 299 15.63 -29.99 7.65
CA THR B 299 16.17 -29.55 6.37
C THR B 299 15.36 -30.11 5.20
N LYS B 300 14.85 -31.34 5.36
CA LYS B 300 14.09 -31.97 4.28
C LYS B 300 12.82 -31.18 3.94
N CYS B 301 12.09 -30.71 4.95
CA CYS B 301 10.87 -29.99 4.60
C CYS B 301 11.04 -28.48 4.56
N THR B 302 12.20 -27.94 4.94
CA THR B 302 12.43 -26.53 4.61
C THR B 302 13.06 -26.37 3.23
N LEU B 303 13.78 -27.37 2.75
CA LEU B 303 14.33 -27.33 1.40
C LEU B 303 13.43 -28.01 0.38
N LYS B 304 12.30 -28.56 0.82
CA LYS B 304 11.27 -29.16 -0.03
C LYS B 304 11.85 -30.27 -0.90
N SER B 305 12.69 -31.09 -0.29
CA SER B 305 13.37 -32.16 -1.02
C SER B 305 13.66 -33.31 -0.07
N PHE B 306 13.67 -34.53 -0.62
CA PHE B 306 14.03 -35.68 0.17
C PHE B 306 15.54 -35.87 0.27
N THR B 307 16.31 -35.19 -0.58
CA THR B 307 17.76 -35.24 -0.54
C THR B 307 18.26 -33.81 -0.41
N VAL B 308 19.03 -33.55 0.64
CA VAL B 308 19.51 -32.21 0.94
C VAL B 308 21.02 -32.19 0.70
N GLU B 309 21.49 -31.12 0.05
CA GLU B 309 22.90 -30.95 -0.19
C GLU B 309 23.62 -30.63 1.12
N LYS B 310 24.92 -30.89 1.16
CA LYS B 310 25.72 -30.51 2.31
C LYS B 310 25.81 -28.99 2.40
N GLY B 311 25.36 -28.44 3.52
CA GLY B 311 25.38 -27.00 3.70
C GLY B 311 24.66 -26.58 4.97
N ILE B 312 24.51 -25.27 5.09
CA ILE B 312 23.90 -24.64 6.26
C ILE B 312 22.52 -24.12 5.87
N TYR B 313 21.51 -24.45 6.68
CA TYR B 313 20.13 -24.11 6.33
C TYR B 313 19.38 -23.69 7.58
N GLN B 314 18.82 -22.49 7.55
CA GLN B 314 17.97 -22.03 8.64
C GLN B 314 16.59 -22.66 8.48
N THR B 315 16.08 -23.26 9.56
CA THR B 315 14.83 -24.00 9.49
C THR B 315 13.69 -23.35 10.25
N SER B 316 13.92 -22.82 11.44
CA SER B 316 12.88 -22.19 12.24
C SER B 316 13.55 -21.19 13.16
N ASN B 317 12.82 -20.76 14.19
CA ASN B 317 13.34 -19.80 15.15
C ASN B 317 13.27 -20.39 16.55
N PHE B 318 14.33 -20.16 17.33
CA PHE B 318 14.35 -20.60 18.72
C PHE B 318 14.06 -19.43 19.65
N ARG B 319 13.08 -19.60 20.50
CA ARG B 319 12.72 -18.58 21.48
C ARG B 319 12.63 -19.24 22.85
N VAL B 320 13.31 -18.67 23.84
CA VAL B 320 13.19 -19.18 25.19
C VAL B 320 11.79 -18.88 25.70
N GLN B 321 10.98 -19.93 25.82
CA GLN B 321 9.58 -19.83 26.20
C GLN B 321 9.45 -19.38 27.65
N PRO B 322 8.47 -18.53 27.95
CA PRO B 322 8.24 -18.13 29.33
C PRO B 322 7.69 -19.28 30.15
N THR B 323 8.33 -19.54 31.29
CA THR B 323 7.91 -20.66 32.14
C THR B 323 6.73 -20.31 33.02
N GLU B 324 6.46 -19.02 33.23
CA GLU B 324 5.40 -18.58 34.13
C GLU B 324 5.06 -17.14 33.81
N SER B 325 4.04 -16.61 34.49
CA SER B 325 3.53 -15.28 34.26
C SER B 325 3.64 -14.43 35.51
N ILE B 326 4.26 -13.27 35.39
CA ILE B 326 4.41 -12.32 36.48
C ILE B 326 3.51 -11.12 36.18
N VAL B 327 2.76 -10.70 37.19
CA VAL B 327 1.90 -9.52 37.09
C VAL B 327 2.37 -8.52 38.13
N ARG B 328 2.64 -7.29 37.71
CA ARG B 328 3.10 -6.24 38.61
C ARG B 328 2.25 -5.00 38.39
N PHE B 329 1.40 -4.69 39.36
CA PHE B 329 0.48 -3.58 39.30
C PHE B 329 0.68 -2.77 40.56
N PRO B 330 0.28 -1.48 40.58
CA PRO B 330 0.43 -0.69 41.81
C PRO B 330 -0.39 -1.27 42.96
N ASN B 331 0.05 -1.01 44.20
CA ASN B 331 -0.67 -1.50 45.37
C ASN B 331 -1.90 -0.61 45.60
N ILE B 332 -2.86 -0.74 44.69
CA ILE B 332 -4.12 -0.03 44.81
C ILE B 332 -5.00 -0.71 45.85
N THR B 333 -5.51 0.07 46.81
CA THR B 333 -6.52 -0.42 47.75
C THR B 333 -7.67 0.57 47.84
N ASN B 334 -8.57 0.50 46.84
CA ASN B 334 -9.91 1.09 46.85
C ASN B 334 -10.68 0.61 45.63
N LEU B 335 -11.91 0.13 45.84
CA LEU B 335 -12.74 -0.26 44.71
C LEU B 335 -13.25 0.99 44.00
N CYS B 336 -13.07 1.01 42.68
CA CYS B 336 -13.31 2.22 41.91
C CYS B 336 -14.80 2.52 41.80
N PRO B 337 -15.18 3.79 41.86
CA PRO B 337 -16.58 4.17 41.66
C PRO B 337 -17.04 4.08 40.21
N PHE B 338 -16.83 2.94 39.55
CA PHE B 338 -17.54 2.69 38.31
C PHE B 338 -19.03 2.52 38.56
N GLY B 339 -19.39 1.85 39.65
CA GLY B 339 -20.80 1.73 40.00
C GLY B 339 -21.46 3.04 40.34
N GLU B 340 -20.67 4.02 40.79
CA GLU B 340 -21.21 5.34 41.06
C GLU B 340 -21.66 6.05 39.79
N VAL B 341 -20.87 5.96 38.71
CA VAL B 341 -21.29 6.58 37.46
C VAL B 341 -22.27 5.71 36.70
N PHE B 342 -22.58 4.52 37.19
CA PHE B 342 -23.72 3.78 36.69
C PHE B 342 -24.97 4.02 37.52
N ASN B 343 -24.84 4.20 38.83
CA ASN B 343 -25.99 4.25 39.72
C ASN B 343 -26.10 5.58 40.46
N ALA B 344 -25.72 6.68 39.81
CA ALA B 344 -25.89 7.99 40.41
C ALA B 344 -27.37 8.36 40.47
N THR B 345 -27.70 9.28 41.38
CA THR B 345 -29.09 9.70 41.54
C THR B 345 -29.56 10.52 40.34
N ARG B 346 -28.64 11.19 39.65
CA ARG B 346 -28.98 11.91 38.43
C ARG B 346 -27.82 11.81 37.45
N PHE B 347 -28.15 11.86 36.17
CA PHE B 347 -27.18 11.88 35.08
C PHE B 347 -27.28 13.19 34.32
N ALA B 348 -26.14 13.63 33.79
CA ALA B 348 -26.09 14.88 33.07
C ALA B 348 -26.64 14.69 31.65
N SER B 349 -27.04 15.81 31.06
CA SER B 349 -27.51 15.81 29.68
C SER B 349 -26.34 15.84 28.72
N VAL B 350 -26.66 15.86 27.42
CA VAL B 350 -25.60 15.99 26.43
C VAL B 350 -25.16 17.45 26.34
N TYR B 351 -25.99 18.37 26.82
CA TYR B 351 -25.59 19.77 26.84
C TYR B 351 -24.53 20.04 27.90
N ALA B 352 -24.51 19.29 28.99
CA ALA B 352 -23.55 19.49 30.07
C ALA B 352 -23.05 18.16 30.64
N TRP B 353 -22.72 17.20 29.77
CA TRP B 353 -22.18 15.94 30.27
C TRP B 353 -20.83 16.12 30.94
N ASN B 354 -20.53 15.22 31.87
CA ASN B 354 -19.45 15.39 32.83
C ASN B 354 -18.18 14.66 32.39
N ARG B 355 -17.05 15.11 32.91
CA ARG B 355 -15.78 14.43 32.78
C ARG B 355 -15.37 13.90 34.15
N LYS B 356 -15.82 12.70 34.51
CA LYS B 356 -15.41 12.09 35.76
C LYS B 356 -14.08 11.40 35.51
N ARG B 357 -13.01 11.98 36.04
CA ARG B 357 -11.69 11.44 35.77
C ARG B 357 -11.29 10.51 36.90
N ILE B 358 -10.61 9.42 36.55
CA ILE B 358 -10.42 8.26 37.42
C ILE B 358 -8.94 8.04 37.64
N SER B 359 -8.54 7.92 38.91
CA SER B 359 -7.20 7.46 39.25
C SER B 359 -7.29 6.74 40.59
N ASN B 360 -6.28 5.90 40.86
CA ASN B 360 -6.21 5.06 42.07
C ASN B 360 -7.45 4.16 42.17
N CYS B 361 -7.52 3.21 41.23
CA CYS B 361 -8.68 2.34 41.13
C CYS B 361 -8.29 0.92 40.73
N VAL B 362 -9.25 0.02 40.84
CA VAL B 362 -9.16 -1.32 40.26
C VAL B 362 -10.39 -1.52 39.38
N ALA B 363 -10.18 -1.84 38.11
CA ALA B 363 -11.26 -2.13 37.18
C ALA B 363 -11.19 -3.60 36.79
N ASP B 364 -12.24 -4.34 37.11
CA ASP B 364 -12.32 -5.75 36.75
C ASP B 364 -13.05 -5.96 35.44
N TYR B 365 -14.15 -5.21 35.22
CA TYR B 365 -15.08 -5.29 34.10
C TYR B 365 -15.83 -6.63 34.05
N SER B 366 -15.52 -7.52 35.00
CA SER B 366 -16.20 -8.80 35.06
C SER B 366 -17.64 -8.63 35.51
N VAL B 367 -17.89 -7.67 36.40
CA VAL B 367 -19.27 -7.33 36.75
C VAL B 367 -19.98 -6.70 35.57
N LEU B 368 -19.25 -5.95 34.73
CA LEU B 368 -19.83 -5.37 33.52
C LEU B 368 -20.27 -6.45 32.55
N TYR B 369 -19.43 -7.46 32.33
CA TYR B 369 -19.79 -8.51 31.38
C TYR B 369 -20.79 -9.48 31.99
N ASN B 370 -20.76 -9.63 33.31
CA ASN B 370 -21.71 -10.49 33.99
C ASN B 370 -23.10 -9.87 34.02
N SER B 371 -23.17 -8.54 34.00
CA SER B 371 -24.45 -7.87 33.82
C SER B 371 -24.93 -8.08 32.39
N ALA B 372 -26.14 -8.60 32.25
CA ALA B 372 -26.74 -8.85 30.94
C ALA B 372 -27.65 -7.72 30.50
N SER B 373 -27.56 -6.56 31.16
CA SER B 373 -28.43 -5.44 30.85
C SER B 373 -28.08 -4.75 29.53
N PHE B 374 -26.90 -5.04 28.96
CA PHE B 374 -26.41 -4.31 27.81
C PHE B 374 -27.29 -4.54 26.59
N SER B 375 -27.97 -3.48 26.15
CA SER B 375 -28.79 -3.55 24.95
C SER B 375 -27.93 -3.64 23.70
N THR B 376 -26.92 -2.78 23.62
CA THR B 376 -25.92 -2.85 22.56
C THR B 376 -24.57 -2.55 23.16
N PHE B 377 -23.53 -3.16 22.60
CA PHE B 377 -22.18 -3.00 23.12
C PHE B 377 -21.27 -2.90 21.90
N LYS B 378 -21.16 -1.71 21.34
CA LYS B 378 -20.34 -1.49 20.15
C LYS B 378 -19.03 -0.88 20.62
N CYS B 379 -18.03 -1.73 20.76
CA CYS B 379 -16.81 -1.39 21.46
C CYS B 379 -15.73 -1.20 20.39
N TYR B 380 -15.32 0.04 20.17
CA TYR B 380 -14.70 0.41 18.90
C TYR B 380 -13.20 0.27 18.89
N GLY B 381 -12.52 0.60 19.97
CA GLY B 381 -11.08 0.52 19.94
C GLY B 381 -10.58 -0.80 20.46
N VAL B 382 -11.23 -1.30 21.50
CA VAL B 382 -10.77 -2.46 22.25
C VAL B 382 -11.81 -3.56 22.07
N SER B 383 -11.40 -4.81 22.35
CA SER B 383 -12.29 -5.96 22.18
C SER B 383 -13.53 -5.82 23.05
N PRO B 384 -14.69 -6.22 22.55
CA PRO B 384 -15.87 -6.26 23.43
C PRO B 384 -15.75 -7.27 24.55
N THR B 385 -15.22 -8.46 24.27
CA THR B 385 -15.08 -9.46 25.32
C THR B 385 -13.73 -9.35 26.04
N LYS B 386 -12.65 -9.18 25.29
CA LYS B 386 -11.30 -9.24 25.86
C LYS B 386 -10.87 -7.85 26.34
N LEU B 387 -11.31 -7.52 27.56
CA LEU B 387 -10.95 -6.26 28.19
C LEU B 387 -10.60 -6.40 29.67
N ASN B 388 -11.07 -7.45 30.35
CA ASN B 388 -10.92 -7.61 31.80
C ASN B 388 -9.46 -7.64 32.23
N ASP B 389 -8.61 -8.33 31.48
CA ASP B 389 -7.19 -8.42 31.76
C ASP B 389 -6.44 -7.15 31.35
N LEU B 390 -7.07 -6.30 30.54
CA LEU B 390 -6.38 -5.11 30.05
C LEU B 390 -6.49 -3.96 31.05
N CYS B 391 -5.48 -3.10 31.02
CA CYS B 391 -5.36 -1.95 31.90
C CYS B 391 -5.24 -0.68 31.07
N PHE B 392 -6.04 0.32 31.43
CA PHE B 392 -6.05 1.60 30.74
C PHE B 392 -5.49 2.70 31.64
N THR B 393 -5.11 3.79 30.97
CA THR B 393 -4.43 4.86 31.66
C THR B 393 -5.42 5.84 32.29
N ASN B 394 -6.50 6.14 31.59
CA ASN B 394 -7.51 7.06 32.08
C ASN B 394 -8.82 6.74 31.38
N VAL B 395 -9.93 6.99 32.06
CA VAL B 395 -11.25 6.67 31.53
C VAL B 395 -12.18 7.86 31.78
N TYR B 396 -13.07 8.09 30.82
CA TYR B 396 -14.10 9.13 30.89
C TYR B 396 -15.47 8.48 30.80
N ALA B 397 -16.36 8.89 31.69
CA ALA B 397 -17.75 8.46 31.66
C ALA B 397 -18.58 9.62 31.14
N ASP B 398 -18.92 9.58 29.86
CA ASP B 398 -19.66 10.68 29.24
C ASP B 398 -21.13 10.28 29.22
N SER B 399 -21.81 10.58 30.30
CA SER B 399 -23.19 10.15 30.52
C SER B 399 -24.16 11.18 29.97
N PHE B 400 -25.00 10.75 29.04
CA PHE B 400 -26.01 11.61 28.43
C PHE B 400 -27.09 10.71 27.82
N VAL B 401 -28.32 11.20 27.81
CA VAL B 401 -29.48 10.42 27.40
C VAL B 401 -29.90 10.82 25.99
N ILE B 402 -30.08 9.83 25.12
CA ILE B 402 -30.38 10.05 23.72
C ILE B 402 -31.25 8.89 23.23
N ARG B 403 -31.95 9.09 22.11
CA ARG B 403 -32.97 8.19 21.60
C ARG B 403 -32.39 6.89 21.06
N GLY B 404 -33.27 5.90 20.89
CA GLY B 404 -32.93 4.57 20.44
C GLY B 404 -32.43 4.49 19.01
N ASP B 405 -33.04 5.24 18.10
CA ASP B 405 -32.55 5.30 16.73
C ASP B 405 -31.21 6.01 16.63
N GLU B 406 -30.86 6.82 17.63
CA GLU B 406 -29.66 7.63 17.61
C GLU B 406 -28.46 6.92 18.20
N VAL B 407 -28.64 5.69 18.71
CA VAL B 407 -27.53 5.00 19.36
C VAL B 407 -26.44 4.60 18.37
N ARG B 408 -26.79 4.50 17.07
CA ARG B 408 -25.76 4.27 16.06
C ARG B 408 -25.03 5.54 15.70
N GLN B 409 -25.58 6.70 16.06
CA GLN B 409 -24.91 7.97 15.79
C GLN B 409 -23.79 8.26 16.77
N ILE B 410 -23.69 7.51 17.86
CA ILE B 410 -22.52 7.61 18.72
C ILE B 410 -21.50 6.66 18.10
N ALA B 411 -20.76 7.17 17.12
CA ALA B 411 -19.83 6.38 16.33
C ALA B 411 -18.92 7.32 15.56
N PRO B 412 -17.69 6.92 15.26
CA PRO B 412 -16.83 7.78 14.43
C PRO B 412 -17.37 7.90 13.01
N GLY B 413 -17.31 9.11 12.48
CA GLY B 413 -17.78 9.38 11.14
C GLY B 413 -19.28 9.57 11.01
N GLN B 414 -20.03 9.48 12.10
CA GLN B 414 -21.47 9.65 12.06
C GLN B 414 -21.85 11.12 12.07
N THR B 415 -22.95 11.44 11.38
CA THR B 415 -23.46 12.79 11.29
C THR B 415 -24.95 12.80 11.58
N GLY B 416 -25.48 13.99 11.79
CA GLY B 416 -26.85 14.21 12.16
C GLY B 416 -26.96 15.38 13.10
N LYS B 417 -28.18 15.62 13.59
CA LYS B 417 -28.41 16.70 14.55
C LYS B 417 -27.54 16.52 15.80
N ILE B 418 -27.62 15.36 16.42
CA ILE B 418 -26.88 15.12 17.66
C ILE B 418 -25.39 15.03 17.39
N ALA B 419 -25.00 14.29 16.34
CA ALA B 419 -23.59 14.09 16.06
C ALA B 419 -22.88 15.36 15.60
N ASP B 420 -23.61 16.35 15.08
CA ASP B 420 -23.00 17.60 14.65
C ASP B 420 -23.25 18.77 15.58
N TYR B 421 -24.20 18.66 16.50
CA TYR B 421 -24.54 19.77 17.36
C TYR B 421 -24.37 19.50 18.84
N ASN B 422 -24.23 18.25 19.25
CA ASN B 422 -24.17 17.92 20.67
C ASN B 422 -22.90 17.20 21.09
N TYR B 423 -22.49 16.17 20.37
CA TYR B 423 -21.38 15.32 20.81
C TYR B 423 -20.77 14.63 19.59
N LYS B 424 -19.59 15.07 19.19
CA LYS B 424 -18.93 14.55 18.01
C LYS B 424 -17.77 13.65 18.43
N LEU B 425 -17.67 12.49 17.81
CA LEU B 425 -16.59 11.55 18.06
C LEU B 425 -15.55 11.67 16.98
N PRO B 426 -14.26 11.68 17.31
CA PRO B 426 -13.23 11.77 16.28
C PRO B 426 -13.16 10.49 15.45
N ASP B 427 -12.63 10.63 14.23
CA ASP B 427 -12.46 9.47 13.36
C ASP B 427 -11.43 8.49 13.91
N ASP B 428 -10.50 8.96 14.74
CA ASP B 428 -9.54 8.10 15.42
C ASP B 428 -9.92 7.90 16.88
N PHE B 429 -11.22 7.81 17.18
CA PHE B 429 -11.66 7.62 18.55
C PHE B 429 -11.26 6.23 19.04
N THR B 430 -10.48 6.19 20.11
CA THR B 430 -9.97 4.95 20.67
C THR B 430 -10.70 4.71 21.99
N GLY B 431 -11.73 3.90 21.93
CA GLY B 431 -12.48 3.58 23.14
C GLY B 431 -13.62 2.64 22.84
N CYS B 432 -14.69 2.77 23.63
CA CYS B 432 -15.68 1.71 23.70
C CYS B 432 -16.98 2.35 24.16
N VAL B 433 -18.09 1.98 23.55
CA VAL B 433 -19.35 2.68 23.76
C VAL B 433 -20.31 1.75 24.50
N ILE B 434 -20.98 2.29 25.52
CA ILE B 434 -21.80 1.50 26.44
C ILE B 434 -23.24 1.99 26.30
N ALA B 435 -24.18 1.05 26.23
CA ALA B 435 -25.61 1.36 26.21
C ALA B 435 -26.39 0.13 26.67
N TRP B 436 -27.01 0.22 27.83
CA TRP B 436 -27.76 -0.93 28.33
C TRP B 436 -29.27 -0.71 28.23
N ASN B 437 -30.01 -1.82 28.27
CA ASN B 437 -31.46 -1.80 28.13
C ASN B 437 -32.10 -1.23 29.39
N SER B 438 -32.58 0.01 29.28
CA SER B 438 -32.82 0.83 30.46
C SER B 438 -34.06 1.71 30.39
N ASN B 439 -35.20 1.13 30.00
CA ASN B 439 -36.41 1.92 29.84
C ASN B 439 -36.99 2.39 31.18
N ASN B 440 -36.59 1.77 32.29
CA ASN B 440 -37.37 1.85 33.52
C ASN B 440 -36.86 2.87 34.54
N LEU B 441 -35.59 3.26 34.51
CA LEU B 441 -35.02 4.01 35.63
C LEU B 441 -34.93 5.51 35.37
N ASP B 442 -34.31 5.93 34.27
CA ASP B 442 -34.27 7.35 33.92
C ASP B 442 -35.48 7.75 33.08
N SER B 443 -36.68 7.52 33.63
CA SER B 443 -37.91 7.82 32.91
C SER B 443 -39.02 8.01 33.94
N LYS B 444 -39.47 9.26 34.11
CA LYS B 444 -40.54 9.55 35.05
C LYS B 444 -41.87 9.08 34.49
N VAL B 445 -42.77 8.67 35.41
CA VAL B 445 -44.10 8.22 35.02
C VAL B 445 -44.99 9.36 34.56
N GLY B 446 -44.63 10.60 34.88
CA GLY B 446 -45.38 11.74 34.40
C GLY B 446 -44.58 12.50 33.36
N GLY B 447 -43.41 11.98 33.00
CA GLY B 447 -42.57 12.61 31.99
C GLY B 447 -41.25 13.11 32.53
N ASN B 448 -40.15 12.65 31.94
CA ASN B 448 -38.80 13.08 32.32
C ASN B 448 -38.44 14.27 31.44
N TYR B 449 -38.26 15.43 32.05
CA TYR B 449 -38.14 16.70 31.33
C TYR B 449 -36.76 17.34 31.50
N ASN B 450 -35.83 16.68 32.17
CA ASN B 450 -34.59 17.30 32.60
C ASN B 450 -33.41 17.03 31.67
N TYR B 451 -33.64 16.41 30.51
CA TYR B 451 -32.55 16.08 29.59
C TYR B 451 -32.70 16.94 28.34
N LEU B 452 -31.65 17.69 28.01
CA LEU B 452 -31.65 18.65 26.92
C LEU B 452 -30.67 18.23 25.83
N TYR B 453 -30.81 18.87 24.67
CA TYR B 453 -29.92 18.63 23.55
C TYR B 453 -30.04 19.83 22.60
N ARG B 454 -29.00 20.02 21.79
CA ARG B 454 -28.92 21.17 20.89
C ARG B 454 -29.35 20.77 19.50
N LEU B 455 -30.33 21.49 18.95
CA LEU B 455 -30.88 21.23 17.63
C LEU B 455 -30.49 22.29 16.61
N PHE B 456 -30.00 23.44 17.05
CA PHE B 456 -29.66 24.54 16.16
C PHE B 456 -28.29 25.09 16.53
N ARG B 457 -27.40 25.20 15.55
CA ARG B 457 -26.10 25.82 15.74
C ARG B 457 -25.55 26.21 14.38
N LYS B 458 -24.85 27.34 14.31
CA LYS B 458 -24.25 27.85 13.08
C LYS B 458 -23.10 27.00 12.58
N SER B 459 -22.54 26.09 13.37
CA SER B 459 -21.39 25.32 12.93
C SER B 459 -21.40 23.95 13.59
N ASN B 460 -20.84 22.98 12.88
CA ASN B 460 -20.72 21.64 13.43
C ASN B 460 -19.63 21.61 14.50
N LEU B 461 -19.82 20.75 15.50
CA LEU B 461 -18.97 20.78 16.68
C LEU B 461 -17.76 19.87 16.53
N LYS B 462 -16.81 20.07 17.43
CA LYS B 462 -15.48 19.45 17.41
C LYS B 462 -15.45 18.21 18.29
N PRO B 463 -14.52 17.29 18.03
CA PRO B 463 -14.44 16.09 18.88
C PRO B 463 -13.99 16.41 20.30
N PHE B 464 -14.78 15.94 21.27
CA PHE B 464 -14.48 15.99 22.70
C PHE B 464 -14.25 17.41 23.21
N GLU B 465 -14.98 18.38 22.67
CA GLU B 465 -15.00 19.72 23.23
C GLU B 465 -16.27 19.86 24.07
N ARG B 466 -16.32 20.92 24.88
CA ARG B 466 -17.51 21.22 25.66
C ARG B 466 -17.98 22.64 25.36
N ASP B 467 -19.19 22.75 24.82
CA ASP B 467 -19.81 24.03 24.51
C ASP B 467 -20.95 24.28 25.50
N ILE B 468 -20.80 25.32 26.32
CA ILE B 468 -21.80 25.69 27.30
C ILE B 468 -22.62 26.90 26.82
N SER B 469 -22.28 27.43 25.64
CA SER B 469 -22.87 28.66 25.14
C SER B 469 -24.37 28.50 24.89
N THR B 470 -25.11 29.54 25.24
CA THR B 470 -26.57 29.56 25.14
C THR B 470 -27.06 30.68 24.24
N GLU B 471 -26.25 31.10 23.27
CA GLU B 471 -26.63 32.19 22.37
C GLU B 471 -27.75 31.75 21.45
N ILE B 472 -28.71 32.65 21.22
CA ILE B 472 -29.90 32.33 20.44
C ILE B 472 -29.51 32.14 18.98
N TYR B 473 -29.94 31.03 18.39
CA TYR B 473 -29.55 30.69 17.03
C TYR B 473 -30.19 31.64 16.02
N GLN B 474 -29.42 32.02 15.01
CA GLN B 474 -29.85 32.97 13.99
C GLN B 474 -30.33 32.19 12.78
N ALA B 475 -31.64 32.26 12.52
CA ALA B 475 -32.24 31.46 11.44
C ALA B 475 -32.64 32.34 10.26
N GLY B 476 -33.41 33.39 10.51
CA GLY B 476 -33.91 34.29 9.50
C GLY B 476 -32.93 35.41 9.19
N SER B 477 -33.45 36.64 9.15
CA SER B 477 -32.64 37.79 8.77
C SER B 477 -32.47 38.82 9.89
N THR B 478 -33.55 39.24 10.55
CA THR B 478 -33.46 40.32 11.53
C THR B 478 -33.13 39.78 12.91
N PRO B 479 -32.33 40.50 13.71
CA PRO B 479 -31.95 39.97 15.03
C PRO B 479 -32.95 40.33 16.12
N CYS B 480 -32.74 39.75 17.31
CA CYS B 480 -33.61 39.96 18.47
C CYS B 480 -32.82 40.71 19.54
N ASN B 481 -33.49 41.63 20.22
CA ASN B 481 -33.00 42.16 21.50
C ASN B 481 -33.74 41.47 22.64
N GLY B 482 -33.68 40.13 22.63
CA GLY B 482 -34.34 39.35 23.66
C GLY B 482 -35.80 39.05 23.44
N VAL B 483 -36.30 39.18 22.22
CA VAL B 483 -37.71 39.00 21.88
C VAL B 483 -37.85 37.75 21.03
N GLU B 484 -39.08 37.42 20.66
CA GLU B 484 -39.33 36.31 19.75
C GLU B 484 -39.52 36.84 18.32
N GLY B 485 -39.85 35.94 17.39
CA GLY B 485 -40.05 36.30 16.00
C GLY B 485 -39.05 35.59 15.11
N PHE B 486 -38.50 36.32 14.14
CA PHE B 486 -37.40 35.81 13.33
C PHE B 486 -36.17 35.62 14.20
N ASN B 487 -35.37 34.61 13.85
CA ASN B 487 -34.05 34.34 14.42
C ASN B 487 -34.08 34.04 15.91
N CYS B 488 -35.22 33.63 16.45
CA CYS B 488 -35.34 33.44 17.90
C CYS B 488 -36.11 32.16 18.24
N TYR B 489 -35.35 31.09 18.37
CA TYR B 489 -35.71 29.91 19.13
C TYR B 489 -34.54 29.60 20.05
N PHE B 490 -34.83 29.03 21.21
CA PHE B 490 -33.75 28.57 22.07
C PHE B 490 -33.06 27.39 21.42
N PRO B 491 -31.74 27.43 21.23
CA PRO B 491 -31.05 26.34 20.52
C PRO B 491 -30.99 25.03 21.29
N LEU B 492 -31.50 25.01 22.53
CA LEU B 492 -31.55 23.82 23.36
C LEU B 492 -33.03 23.54 23.61
N GLN B 493 -33.47 22.32 23.31
CA GLN B 493 -34.80 21.90 23.73
C GLN B 493 -34.76 20.43 24.13
N SER B 494 -35.73 20.06 24.97
CA SER B 494 -35.65 18.83 25.74
C SER B 494 -36.52 17.73 25.15
N TYR B 495 -36.22 16.50 25.54
CA TYR B 495 -37.04 15.34 25.22
C TYR B 495 -38.14 15.20 26.28
N GLY B 496 -39.34 14.88 25.83
CA GLY B 496 -40.37 14.46 26.76
C GLY B 496 -40.36 12.95 26.87
N PHE B 497 -39.67 12.44 27.89
CA PHE B 497 -39.48 11.00 28.05
C PHE B 497 -40.66 10.42 28.81
N GLN B 498 -41.49 9.66 28.10
CA GLN B 498 -42.60 8.96 28.69
C GLN B 498 -42.52 7.48 28.31
N PRO B 499 -43.03 6.57 29.14
CA PRO B 499 -43.05 5.15 28.76
C PRO B 499 -44.00 4.85 27.61
N THR B 500 -44.83 5.81 27.18
CA THR B 500 -45.79 5.63 26.10
C THR B 500 -45.21 5.95 24.74
N ASN B 501 -43.91 6.24 24.65
CA ASN B 501 -43.28 6.58 23.39
C ASN B 501 -43.09 5.34 22.52
N GLY B 502 -42.65 5.57 21.28
CA GLY B 502 -42.36 4.48 20.38
C GLY B 502 -41.15 3.68 20.84
N VAL B 503 -41.02 2.46 20.30
CA VAL B 503 -39.99 1.54 20.78
C VAL B 503 -38.60 2.03 20.44
N GLY B 504 -38.42 2.69 19.28
CA GLY B 504 -37.18 3.39 19.01
C GLY B 504 -37.13 4.77 19.62
N TYR B 505 -38.26 5.25 20.12
CA TYR B 505 -38.38 6.55 20.78
C TYR B 505 -38.40 6.41 22.29
N GLN B 506 -38.11 5.20 22.81
CA GLN B 506 -38.16 4.94 24.24
C GLN B 506 -37.05 5.67 24.99
N PRO B 507 -37.29 6.04 26.24
CA PRO B 507 -36.19 6.53 27.09
C PRO B 507 -35.20 5.44 27.42
N TYR B 508 -33.95 5.85 27.65
CA TYR B 508 -32.87 4.95 28.03
C TYR B 508 -32.01 5.61 29.09
N ARG B 509 -31.32 4.80 29.88
CA ARG B 509 -30.12 5.27 30.56
C ARG B 509 -28.93 4.91 29.70
N VAL B 510 -28.90 5.37 28.45
CA VAL B 510 -27.70 5.22 27.66
C VAL B 510 -26.60 6.05 28.33
N VAL B 511 -25.45 5.42 28.55
CA VAL B 511 -24.32 6.05 29.17
C VAL B 511 -23.06 5.68 28.41
N VAL B 512 -22.63 6.57 27.53
CA VAL B 512 -21.50 6.31 26.66
C VAL B 512 -20.27 6.54 27.50
N LEU B 513 -19.77 5.48 28.12
CA LEU B 513 -18.52 5.53 28.86
C LEU B 513 -17.41 5.69 27.83
N SER B 514 -17.06 6.93 27.52
CA SER B 514 -16.05 7.21 26.52
C SER B 514 -14.69 6.81 27.07
N PHE B 515 -14.36 5.53 26.91
CA PHE B 515 -13.02 5.04 27.20
C PHE B 515 -12.02 5.70 26.27
N GLU B 516 -10.83 5.95 26.78
CA GLU B 516 -9.73 6.46 25.99
C GLU B 516 -8.51 5.64 26.36
N LEU B 517 -7.74 5.24 25.38
CA LEU B 517 -6.41 4.71 25.63
C LEU B 517 -5.45 5.83 25.30
N LEU B 518 -4.87 6.42 26.34
CA LEU B 518 -3.86 7.47 26.18
C LEU B 518 -2.67 6.97 26.97
N HIS B 519 -1.67 7.82 27.22
CA HIS B 519 -0.52 7.34 27.96
C HIS B 519 -0.40 8.08 29.30
N ALA B 520 -1.52 8.19 30.00
CA ALA B 520 -1.58 8.71 31.37
C ALA B 520 -0.98 7.69 32.33
N PRO B 521 -0.86 8.01 33.65
CA PRO B 521 -0.49 6.94 34.59
C PRO B 521 -1.57 5.87 34.67
N ALA B 522 -1.21 4.63 34.31
CA ALA B 522 -2.20 3.57 34.21
C ALA B 522 -2.68 3.15 35.59
N THR B 523 -4.00 3.19 35.77
CA THR B 523 -4.56 2.93 37.09
C THR B 523 -5.60 1.80 37.11
N VAL B 524 -6.44 1.69 36.07
CA VAL B 524 -7.58 0.78 36.11
C VAL B 524 -7.22 -0.62 35.59
N CYS B 525 -6.66 -1.43 36.46
CA CYS B 525 -6.14 -2.75 36.09
C CYS B 525 -7.06 -3.83 36.63
N GLY B 526 -7.08 -4.97 35.94
CA GLY B 526 -7.67 -6.16 36.48
C GLY B 526 -6.83 -6.63 37.65
N PRO B 527 -7.47 -7.25 38.66
CA PRO B 527 -6.77 -7.50 39.93
C PRO B 527 -5.54 -8.38 39.84
N LYS B 528 -5.72 -9.66 39.45
CA LYS B 528 -4.67 -10.65 39.16
C LYS B 528 -3.43 -10.54 40.04
N LYS B 529 -3.61 -10.83 41.34
CA LYS B 529 -2.65 -10.58 42.42
C LYS B 529 -1.19 -10.84 42.04
N SER B 530 -0.33 -9.94 42.47
CA SER B 530 1.03 -9.83 41.97
C SER B 530 1.89 -10.99 42.45
N THR B 531 3.08 -11.11 41.85
CA THR B 531 4.07 -12.11 42.21
C THR B 531 5.43 -11.44 42.35
N ASN B 532 6.43 -12.23 42.74
CA ASN B 532 7.76 -11.70 42.99
C ASN B 532 8.50 -11.43 41.68
N LEU B 533 9.45 -10.50 41.75
CA LEU B 533 10.20 -10.04 40.59
C LEU B 533 11.33 -11.02 40.30
N VAL B 534 11.20 -11.77 39.21
CA VAL B 534 12.26 -12.69 38.82
C VAL B 534 13.35 -11.92 38.07
N LYS B 535 14.55 -12.47 38.08
CA LYS B 535 15.69 -11.85 37.42
C LYS B 535 16.38 -12.87 36.52
N ASN B 536 16.92 -12.36 35.41
CA ASN B 536 17.74 -13.12 34.45
C ASN B 536 16.99 -14.33 33.89
N LYS B 537 15.67 -14.20 33.75
CA LYS B 537 14.85 -15.27 33.19
C LYS B 537 13.64 -14.62 32.55
N CYS B 538 13.51 -14.78 31.23
CA CYS B 538 12.46 -14.08 30.50
C CYS B 538 11.13 -14.80 30.72
N VAL B 539 10.13 -14.05 31.18
CA VAL B 539 8.81 -14.56 31.48
C VAL B 539 7.78 -13.56 30.97
N ASN B 540 6.51 -13.93 31.07
CA ASN B 540 5.41 -13.08 30.63
C ASN B 540 5.15 -12.04 31.71
N PHE B 541 5.57 -10.80 31.46
CA PHE B 541 5.33 -9.70 32.39
C PHE B 541 4.21 -8.81 31.87
N ASN B 542 3.47 -8.23 32.82
CA ASN B 542 2.46 -7.22 32.52
C ASN B 542 2.61 -6.11 33.55
N PHE B 543 3.45 -5.13 33.25
CA PHE B 543 3.73 -4.02 34.14
C PHE B 543 2.76 -2.90 33.82
N ASN B 544 1.70 -2.79 34.64
CA ASN B 544 0.74 -1.69 34.58
C ASN B 544 0.07 -1.60 33.21
N GLY B 545 -0.32 -2.75 32.67
CA GLY B 545 -0.97 -2.81 31.38
C GLY B 545 -0.05 -2.97 30.20
N LEU B 546 1.25 -2.91 30.40
CA LEU B 546 2.22 -3.05 29.32
C LEU B 546 2.77 -4.47 29.34
N THR B 547 2.53 -5.22 28.28
CA THR B 547 2.94 -6.62 28.22
C THR B 547 4.19 -6.79 27.37
N GLY B 548 4.80 -7.96 27.51
CA GLY B 548 5.96 -8.29 26.71
C GLY B 548 6.62 -9.55 27.24
N THR B 549 7.76 -9.86 26.66
CA THR B 549 8.57 -10.99 27.10
C THR B 549 10.00 -10.52 27.30
N GLY B 550 10.53 -10.75 28.50
CA GLY B 550 11.90 -10.35 28.77
C GLY B 550 12.28 -10.58 30.20
N VAL B 551 13.54 -10.29 30.48
CA VAL B 551 14.10 -10.41 31.83
C VAL B 551 13.94 -9.07 32.53
N LEU B 552 13.83 -9.12 33.86
CA LEU B 552 13.64 -7.92 34.67
C LEU B 552 14.84 -7.77 35.59
N THR B 553 15.73 -6.83 35.28
CA THR B 553 16.94 -6.62 36.05
C THR B 553 16.93 -5.24 36.67
N GLU B 554 17.70 -5.09 37.74
CA GLU B 554 17.87 -3.81 38.39
C GLU B 554 18.62 -2.84 37.48
N SER B 555 18.28 -1.57 37.58
CA SER B 555 18.91 -0.54 36.78
C SER B 555 19.34 0.62 37.67
N ASN B 556 20.26 1.43 37.14
CA ASN B 556 20.72 2.65 37.78
C ASN B 556 20.12 3.87 37.11
N LYS B 557 19.00 3.70 36.41
CA LYS B 557 18.49 4.74 35.52
C LYS B 557 17.61 5.68 36.33
N LYS B 558 18.10 6.91 36.55
CA LYS B 558 17.55 7.79 37.57
C LYS B 558 16.28 8.47 37.06
N PHE B 559 15.13 7.90 37.38
CA PHE B 559 13.86 8.50 36.96
C PHE B 559 13.51 9.73 37.81
N LEU B 560 12.87 10.69 37.16
CA LEU B 560 12.18 11.75 37.89
C LEU B 560 10.86 11.21 38.45
N PRO B 561 10.40 11.73 39.61
CA PRO B 561 9.26 11.12 40.31
C PRO B 561 7.94 11.06 39.55
N PHE B 562 7.67 12.02 38.66
CA PHE B 562 6.49 11.92 37.82
C PHE B 562 6.65 10.91 36.70
N GLN B 563 7.86 10.76 36.18
CA GLN B 563 8.11 9.86 35.05
C GLN B 563 8.09 8.41 35.49
N GLN B 564 7.55 7.55 34.64
CA GLN B 564 7.27 6.16 34.99
C GLN B 564 7.88 5.14 34.05
N PHE B 565 7.89 5.39 32.74
CA PHE B 565 8.34 4.41 31.77
C PHE B 565 9.61 4.87 31.07
N GLY B 566 10.33 3.89 30.50
CA GLY B 566 11.51 4.13 29.73
C GLY B 566 11.34 3.69 28.28
N ARG B 567 12.10 4.35 27.40
CA ARG B 567 12.06 4.05 25.98
C ARG B 567 13.48 3.95 25.46
N ASP B 568 13.61 3.39 24.26
CA ASP B 568 14.89 3.18 23.60
C ASP B 568 15.00 4.17 22.44
N ILE B 569 16.09 4.04 21.67
CA ILE B 569 16.20 4.76 20.40
C ILE B 569 15.10 4.33 19.45
N ALA B 570 14.77 3.04 19.46
CA ALA B 570 13.71 2.46 18.67
C ALA B 570 12.34 2.57 19.32
N ASP B 571 12.19 3.51 20.28
CA ASP B 571 11.04 3.88 21.10
C ASP B 571 10.21 2.69 21.57
N THR B 572 10.84 1.55 21.79
CA THR B 572 10.22 0.46 22.52
C THR B 572 10.63 0.55 23.97
N THR B 573 9.94 -0.21 24.82
CA THR B 573 10.11 -0.05 26.25
C THR B 573 11.47 -0.57 26.70
N ASP B 574 12.23 0.31 27.34
CA ASP B 574 13.56 0.00 27.83
C ASP B 574 13.60 -0.30 29.32
N ALA B 575 12.92 0.52 30.12
CA ALA B 575 12.88 0.29 31.55
C ALA B 575 11.50 0.65 32.09
N VAL B 576 11.12 0.00 33.18
CA VAL B 576 9.90 0.34 33.90
C VAL B 576 10.25 0.43 35.37
N ARG B 577 9.43 1.18 36.10
CA ARG B 577 9.50 1.20 37.55
C ARG B 577 8.47 0.24 38.09
N ASP B 578 8.88 -0.59 39.04
CA ASP B 578 7.91 -1.45 39.70
C ASP B 578 6.94 -0.58 40.49
N PRO B 579 5.64 -0.67 40.21
CA PRO B 579 4.68 0.25 40.83
C PRO B 579 4.36 -0.08 42.28
N GLN B 580 4.81 -1.23 42.81
CA GLN B 580 4.70 -1.51 44.22
C GLN B 580 5.92 -1.08 45.02
N THR B 581 7.11 -1.52 44.61
CA THR B 581 8.35 -1.08 45.24
C THR B 581 9.13 -0.23 44.24
N LEU B 582 9.50 0.98 44.67
CA LEU B 582 9.99 2.00 43.75
C LEU B 582 11.41 1.64 43.34
N GLU B 583 11.51 0.76 42.34
CA GLU B 583 12.78 0.31 41.81
C GLU B 583 12.74 0.34 40.29
N ILE B 584 13.86 0.73 39.69
CA ILE B 584 14.00 0.80 38.25
C ILE B 584 14.28 -0.60 37.72
N LEU B 585 13.37 -1.12 36.91
CA LEU B 585 13.51 -2.45 36.34
C LEU B 585 13.83 -2.32 34.85
N ASP B 586 15.02 -2.75 34.47
CA ASP B 586 15.37 -2.83 33.06
C ASP B 586 14.64 -3.99 32.42
N ILE B 587 14.17 -3.79 31.19
CA ILE B 587 13.51 -4.82 30.41
C ILE B 587 14.38 -5.13 29.19
N THR B 588 14.73 -6.39 29.03
CA THR B 588 15.43 -6.84 27.84
C THR B 588 14.91 -8.23 27.47
N PRO B 589 14.38 -8.42 26.27
CA PRO B 589 13.95 -9.76 25.87
C PRO B 589 15.12 -10.72 25.83
N CYS B 590 14.86 -11.98 26.21
CA CYS B 590 15.92 -12.94 26.42
C CYS B 590 16.52 -13.39 25.08
N SER B 591 17.45 -14.35 25.18
CA SER B 591 18.13 -14.84 23.99
C SER B 591 17.17 -15.53 23.06
N PHE B 592 17.18 -15.13 21.81
CA PHE B 592 16.33 -15.72 20.79
C PHE B 592 17.14 -15.85 19.50
N GLY B 593 16.48 -16.31 18.46
CA GLY B 593 17.10 -16.35 17.16
C GLY B 593 16.67 -17.56 16.39
N GLY B 594 16.87 -17.49 15.08
CA GLY B 594 16.61 -18.63 14.23
C GLY B 594 17.57 -19.78 14.51
N VAL B 595 17.09 -20.98 14.22
CA VAL B 595 17.90 -22.19 14.30
C VAL B 595 18.37 -22.53 12.91
N SER B 596 19.66 -22.79 12.77
CA SER B 596 20.19 -23.28 11.52
C SER B 596 20.74 -24.67 11.76
N VAL B 597 20.92 -25.43 10.68
CA VAL B 597 21.21 -26.85 10.78
C VAL B 597 22.44 -27.16 9.94
N ILE B 598 23.41 -27.83 10.55
CA ILE B 598 24.56 -28.36 9.85
C ILE B 598 24.26 -29.80 9.46
N THR B 599 24.31 -30.09 8.16
CA THR B 599 24.03 -31.46 7.73
C THR B 599 24.77 -31.73 6.43
N PRO B 600 25.54 -32.82 6.36
CA PRO B 600 26.13 -33.23 5.08
C PRO B 600 25.10 -33.84 4.14
N GLY B 601 25.54 -34.41 3.03
CA GLY B 601 24.60 -35.00 2.09
C GLY B 601 23.89 -36.22 2.68
N THR B 602 22.61 -36.35 2.36
CA THR B 602 21.89 -37.58 2.71
C THR B 602 22.40 -38.77 1.93
N ASN B 603 23.01 -38.53 0.77
CA ASN B 603 23.77 -39.55 0.06
C ASN B 603 25.11 -39.85 0.73
N THR B 604 25.49 -39.06 1.73
CA THR B 604 26.71 -39.28 2.49
C THR B 604 26.42 -39.69 3.93
N SER B 605 25.51 -38.99 4.61
CA SER B 605 25.33 -39.26 6.03
C SER B 605 23.90 -38.96 6.45
N ASN B 606 23.51 -39.55 7.57
CA ASN B 606 22.27 -39.22 8.27
C ASN B 606 22.52 -38.72 9.68
N GLN B 607 23.77 -38.42 10.03
CA GLN B 607 24.08 -37.86 11.34
C GLN B 607 23.57 -36.43 11.40
N VAL B 608 23.00 -36.05 12.54
CA VAL B 608 22.25 -34.80 12.66
C VAL B 608 23.05 -33.82 13.51
N ALA B 609 22.80 -32.53 13.25
CA ALA B 609 23.39 -31.45 14.03
C ALA B 609 22.46 -30.25 14.02
N VAL B 610 22.50 -29.49 15.11
CA VAL B 610 21.68 -28.28 15.25
C VAL B 610 22.61 -27.15 15.71
N LEU B 611 22.25 -25.92 15.38
CA LEU B 611 23.04 -24.74 15.72
C LEU B 611 22.12 -23.74 16.39
N TYR B 612 22.50 -23.25 17.55
CA TYR B 612 21.80 -22.16 18.21
C TYR B 612 22.74 -20.96 18.20
N GLN B 613 22.47 -20.02 17.30
CA GLN B 613 23.34 -18.86 17.16
C GLN B 613 22.96 -17.76 18.14
N ASP B 614 23.97 -17.08 18.68
CA ASP B 614 23.82 -15.96 19.61
C ASP B 614 22.97 -16.32 20.82
N VAL B 615 23.11 -17.57 21.27
CA VAL B 615 22.51 -18.06 22.50
C VAL B 615 23.63 -18.60 23.37
N ASN B 616 23.62 -18.16 24.63
CA ASN B 616 24.65 -18.54 25.59
C ASN B 616 24.24 -19.88 26.18
N CYS B 617 25.21 -20.77 26.36
CA CYS B 617 24.89 -22.17 26.65
C CYS B 617 24.45 -22.37 28.10
N THR B 618 23.47 -21.59 28.54
CA THR B 618 22.73 -21.85 29.77
C THR B 618 21.24 -21.97 29.51
N GLU B 619 20.67 -21.04 28.75
CA GLU B 619 19.22 -20.94 28.63
C GLU B 619 18.64 -22.04 27.75
N VAL B 620 19.48 -22.70 26.95
CA VAL B 620 19.03 -23.74 26.05
C VAL B 620 18.60 -24.99 26.81
N ASN B 641 28.88 -32.94 24.81
CA ASN B 641 28.93 -32.71 23.37
C ASN B 641 28.25 -31.40 23.01
N VAL B 642 28.48 -30.37 23.84
CA VAL B 642 27.93 -29.04 23.63
C VAL B 642 29.10 -28.06 23.55
N PHE B 643 29.08 -27.21 22.52
CA PHE B 643 30.13 -26.23 22.31
C PHE B 643 29.53 -24.83 22.33
N GLN B 644 30.18 -23.93 23.06
CA GLN B 644 29.83 -22.51 23.11
C GLN B 644 30.91 -21.72 22.39
N THR B 645 30.50 -20.87 21.45
CA THR B 645 31.41 -19.98 20.75
C THR B 645 30.84 -18.57 20.75
N ARG B 646 31.57 -17.64 20.14
CA ARG B 646 31.05 -16.29 20.01
C ARG B 646 29.81 -16.22 19.14
N ALA B 647 29.67 -17.11 18.17
CA ALA B 647 28.46 -17.14 17.36
C ALA B 647 27.27 -17.72 18.10
N GLY B 648 27.49 -18.52 19.14
CA GLY B 648 26.39 -19.07 19.90
C GLY B 648 26.62 -20.43 20.52
N CYS B 649 25.54 -21.16 20.78
CA CYS B 649 25.57 -22.45 21.44
C CYS B 649 25.41 -23.53 20.37
N LEU B 650 26.44 -24.35 20.19
CA LEU B 650 26.46 -25.34 19.13
C LEU B 650 26.32 -26.72 19.75
N ILE B 651 25.25 -27.43 19.39
CA ILE B 651 24.95 -28.74 19.96
C ILE B 651 24.94 -29.79 18.85
N GLY B 652 25.75 -30.81 19.03
CA GLY B 652 25.87 -31.90 18.10
C GLY B 652 27.28 -32.17 17.62
N ALA B 653 28.07 -31.12 17.37
CA ALA B 653 29.42 -31.28 16.86
C ALA B 653 30.41 -31.16 18.01
N GLU B 654 31.37 -32.07 18.06
CA GLU B 654 32.43 -32.01 19.06
C GLU B 654 33.44 -30.95 18.66
N HIS B 655 33.83 -30.11 19.61
CA HIS B 655 34.76 -29.02 19.35
C HIS B 655 36.15 -29.60 19.10
N VAL B 656 36.81 -29.10 18.06
CA VAL B 656 38.14 -29.58 17.67
C VAL B 656 39.10 -28.41 17.72
N ASN B 657 40.21 -28.59 18.45
CA ASN B 657 41.24 -27.56 18.48
C ASN B 657 42.02 -27.51 17.18
N ASN B 658 42.12 -28.63 16.48
CA ASN B 658 42.72 -28.64 15.16
C ASN B 658 41.82 -27.89 14.18
N SER B 659 42.44 -27.15 13.27
CA SER B 659 41.71 -26.29 12.36
C SER B 659 41.71 -26.88 10.94
N TYR B 660 40.57 -26.81 10.28
CA TYR B 660 40.41 -27.33 8.94
C TYR B 660 39.78 -26.26 8.06
N GLU B 661 39.61 -26.57 6.78
CA GLU B 661 39.01 -25.63 5.85
C GLU B 661 37.49 -25.65 6.03
N CYS B 662 36.87 -24.51 5.79
CA CYS B 662 35.44 -24.36 6.05
C CYS B 662 34.60 -25.09 5.02
N ASP B 663 33.66 -25.92 5.49
CA ASP B 663 32.71 -26.60 4.63
C ASP B 663 31.30 -26.09 4.84
N ILE B 664 30.80 -26.15 6.06
CA ILE B 664 29.50 -25.58 6.40
C ILE B 664 29.73 -24.44 7.37
N PRO B 665 29.57 -23.19 6.94
CA PRO B 665 29.90 -22.05 7.81
C PRO B 665 28.91 -21.91 8.96
N ILE B 666 29.42 -21.50 10.11
CA ILE B 666 28.64 -21.37 11.33
C ILE B 666 28.51 -19.91 11.75
N GLY B 667 29.64 -19.22 11.84
CA GLY B 667 29.66 -17.84 12.30
C GLY B 667 30.80 -17.60 13.25
N ALA B 668 31.30 -16.35 13.27
CA ALA B 668 32.40 -15.92 14.13
C ALA B 668 33.64 -16.79 13.97
N GLY B 669 33.92 -17.22 12.75
CA GLY B 669 35.12 -17.99 12.50
C GLY B 669 35.01 -19.47 12.77
N ILE B 670 33.82 -19.97 13.07
CA ILE B 670 33.62 -21.39 13.34
C ILE B 670 33.02 -22.02 12.08
N CYS B 671 33.52 -23.19 11.72
CA CYS B 671 32.98 -23.94 10.59
C CYS B 671 32.94 -25.41 10.93
N ALA B 672 31.95 -26.09 10.36
CA ALA B 672 31.69 -27.49 10.62
C ALA B 672 31.84 -28.31 9.35
N SER B 673 32.17 -29.58 9.54
CA SER B 673 32.34 -30.49 8.41
C SER B 673 32.14 -31.92 8.90
N TYR B 674 32.35 -32.85 7.99
CA TYR B 674 32.15 -34.28 8.24
C TYR B 674 33.45 -35.03 7.98
N GLN B 675 34.15 -35.41 9.05
CA GLN B 675 35.40 -36.15 8.92
C GLN B 675 35.51 -37.13 10.08
N THR B 676 36.59 -37.92 10.05
CA THR B 676 36.86 -38.89 11.11
C THR B 676 37.23 -38.18 12.40
N SER B 689 33.53 -44.14 11.21
CA SER B 689 34.51 -43.34 11.95
C SER B 689 34.30 -41.85 11.71
N GLN B 690 33.59 -41.53 10.63
CA GLN B 690 33.28 -40.14 10.29
C GLN B 690 32.31 -39.55 11.29
N SER B 691 32.45 -38.24 11.52
CA SER B 691 31.60 -37.54 12.48
C SER B 691 31.55 -36.07 12.11
N ILE B 692 30.61 -35.37 12.72
CA ILE B 692 30.51 -33.92 12.59
C ILE B 692 31.46 -33.27 13.60
N ILE B 693 32.22 -32.29 13.14
CA ILE B 693 33.20 -31.62 13.98
C ILE B 693 32.94 -30.12 13.92
N ALA B 694 33.34 -29.42 14.97
CA ALA B 694 33.29 -27.97 15.03
C ALA B 694 34.66 -27.44 15.38
N TYR B 695 35.09 -26.37 14.71
CA TYR B 695 36.44 -25.89 14.89
C TYR B 695 36.55 -24.45 14.43
N THR B 696 37.60 -23.79 14.90
CA THR B 696 38.01 -22.52 14.31
C THR B 696 38.49 -22.78 12.90
N MET B 697 37.85 -22.16 11.91
CA MET B 697 38.14 -22.49 10.54
C MET B 697 39.51 -21.94 10.16
N SER B 698 40.20 -22.67 9.29
CA SER B 698 41.52 -22.24 8.86
C SER B 698 41.39 -21.11 7.84
N LEU B 699 42.33 -20.19 7.91
CA LEU B 699 42.46 -19.16 6.90
C LEU B 699 43.36 -19.64 5.77
N GLY B 700 43.60 -20.94 5.70
CA GLY B 700 44.61 -21.52 4.85
C GLY B 700 45.57 -22.34 5.67
N ALA B 701 46.55 -22.90 4.98
CA ALA B 701 47.72 -23.44 5.67
C ALA B 701 48.51 -22.28 6.26
N GLU B 702 48.88 -22.43 7.53
CA GLU B 702 49.68 -21.41 8.19
C GLU B 702 51.08 -21.41 7.60
N ASN B 703 51.35 -20.45 6.72
CA ASN B 703 52.56 -20.49 5.92
C ASN B 703 53.24 -19.13 6.00
N SER B 704 54.22 -19.02 6.88
CA SER B 704 55.07 -17.83 6.90
C SER B 704 55.94 -17.82 5.66
N VAL B 705 56.19 -16.63 5.17
CA VAL B 705 57.05 -16.45 4.00
C VAL B 705 58.48 -16.28 4.48
N ALA B 706 59.43 -16.69 3.64
CA ALA B 706 60.84 -16.65 3.98
C ALA B 706 61.45 -15.31 3.56
N TYR B 707 60.87 -14.23 4.07
CA TYR B 707 61.34 -12.90 3.69
C TYR B 707 62.69 -12.57 4.31
N SER B 708 63.47 -11.80 3.56
CA SER B 708 64.63 -11.06 4.06
C SER B 708 64.85 -9.88 3.13
N ASN B 709 65.99 -9.19 3.30
CA ASN B 709 66.31 -8.13 2.35
C ASN B 709 66.86 -8.66 1.03
N ASN B 710 67.21 -9.93 0.97
CA ASN B 710 67.92 -10.46 -0.18
C ASN B 710 67.37 -11.81 -0.61
N SER B 711 66.09 -12.07 -0.34
CA SER B 711 65.52 -13.37 -0.62
C SER B 711 64.54 -13.26 -1.78
N ILE B 712 64.77 -14.07 -2.81
CA ILE B 712 63.94 -14.06 -4.00
C ILE B 712 63.48 -15.49 -4.30
N ALA B 713 62.24 -15.63 -4.74
CA ALA B 713 61.71 -16.93 -5.15
C ALA B 713 61.11 -16.79 -6.54
N ILE B 714 61.65 -17.53 -7.50
CA ILE B 714 61.18 -17.55 -8.89
C ILE B 714 61.00 -18.99 -9.35
N PRO B 715 59.86 -19.31 -9.96
CA PRO B 715 59.53 -20.73 -10.20
C PRO B 715 60.36 -21.35 -11.30
N THR B 716 60.93 -22.52 -10.99
CA THR B 716 61.58 -23.33 -12.00
C THR B 716 60.60 -24.12 -12.84
N ASN B 717 59.37 -24.30 -12.35
CA ASN B 717 58.38 -25.12 -13.01
C ASN B 717 57.04 -24.40 -12.97
N PHE B 718 56.19 -24.73 -13.94
CA PHE B 718 54.87 -24.17 -14.01
C PHE B 718 53.90 -25.27 -14.39
N THR B 719 52.62 -24.92 -14.43
CA THR B 719 51.60 -25.76 -15.00
C THR B 719 50.54 -24.87 -15.63
N ILE B 720 49.86 -25.39 -16.64
CA ILE B 720 48.71 -24.71 -17.24
C ILE B 720 47.47 -25.28 -16.57
N SER B 721 46.90 -24.50 -15.67
CA SER B 721 45.65 -24.88 -15.03
C SER B 721 44.51 -24.26 -15.79
N VAL B 722 43.40 -24.98 -15.82
CA VAL B 722 42.18 -24.53 -16.49
C VAL B 722 41.07 -24.45 -15.45
N THR B 723 40.39 -23.32 -15.43
CA THR B 723 39.38 -23.05 -14.42
C THR B 723 38.07 -22.70 -15.11
N THR B 724 36.97 -23.23 -14.56
CA THR B 724 35.65 -23.07 -15.14
C THR B 724 34.90 -21.92 -14.48
N GLU B 725 35.20 -20.69 -14.90
CA GLU B 725 34.40 -19.53 -14.52
C GLU B 725 33.13 -19.63 -15.32
N ILE B 726 32.06 -20.06 -14.70
CA ILE B 726 30.77 -20.20 -15.35
C ILE B 726 29.93 -18.98 -14.97
N LEU B 727 29.27 -18.39 -15.97
CA LEU B 727 28.58 -17.13 -15.72
C LEU B 727 27.15 -17.16 -16.23
N PRO B 728 26.18 -16.81 -15.39
CA PRO B 728 24.80 -16.71 -15.88
C PRO B 728 24.64 -15.49 -16.76
N VAL B 729 24.49 -15.73 -18.06
CA VAL B 729 24.44 -14.64 -19.04
C VAL B 729 23.01 -14.29 -19.40
N SER B 730 22.09 -15.23 -19.30
CA SER B 730 20.77 -15.03 -19.82
C SER B 730 19.78 -15.78 -18.94
N MET B 731 18.49 -15.59 -19.25
CA MET B 731 17.43 -16.11 -18.44
C MET B 731 16.33 -16.59 -19.37
N THR B 732 15.48 -17.47 -18.85
CA THR B 732 14.27 -17.85 -19.56
C THR B 732 13.39 -16.62 -19.74
N LYS B 733 13.05 -16.30 -20.99
CA LYS B 733 12.29 -15.07 -21.27
C LYS B 733 10.85 -15.25 -20.80
N THR B 734 10.68 -15.15 -19.49
CA THR B 734 9.34 -15.25 -18.96
C THR B 734 8.58 -13.97 -19.25
N SER B 735 7.33 -14.14 -19.67
CA SER B 735 6.47 -13.00 -19.97
C SER B 735 5.06 -13.36 -19.52
N VAL B 736 4.55 -12.62 -18.56
CA VAL B 736 3.19 -12.82 -18.06
C VAL B 736 2.28 -11.86 -18.78
N ASP B 737 1.01 -12.20 -18.83
CA ASP B 737 0.00 -11.39 -19.51
C ASP B 737 -0.86 -10.74 -18.45
N CYS B 738 -1.18 -9.45 -18.66
CA CYS B 738 -2.20 -8.77 -17.87
C CYS B 738 -3.50 -9.57 -17.84
N THR B 739 -3.95 -10.02 -19.01
CA THR B 739 -5.10 -10.92 -19.03
C THR B 739 -4.74 -12.26 -18.42
N MET B 740 -3.85 -13.02 -19.07
CA MET B 740 -3.76 -14.45 -18.79
C MET B 740 -3.24 -14.74 -17.38
N TYR B 741 -2.12 -14.14 -16.97
CA TYR B 741 -1.58 -14.50 -15.66
C TYR B 741 -2.41 -13.94 -14.53
N ILE B 742 -2.60 -12.63 -14.50
CA ILE B 742 -3.28 -11.99 -13.39
C ILE B 742 -4.76 -12.35 -13.37
N CYS B 743 -5.44 -12.26 -14.51
CA CYS B 743 -6.88 -12.47 -14.63
C CYS B 743 -7.19 -13.37 -15.81
N GLY B 744 -6.54 -14.55 -15.84
CA GLY B 744 -6.68 -15.50 -16.93
C GLY B 744 -8.07 -15.87 -17.36
N ASP B 745 -8.40 -15.51 -18.60
CA ASP B 745 -9.68 -15.78 -19.26
C ASP B 745 -10.86 -15.25 -18.45
N SER B 746 -10.78 -14.00 -18.01
CA SER B 746 -11.85 -13.38 -17.23
C SER B 746 -12.02 -11.95 -17.70
N THR B 747 -13.17 -11.67 -18.31
CA THR B 747 -13.49 -10.31 -18.73
C THR B 747 -13.62 -9.37 -17.53
N GLU B 748 -14.26 -9.84 -16.45
CA GLU B 748 -14.42 -9.02 -15.26
C GLU B 748 -13.09 -8.68 -14.62
N CYS B 749 -12.19 -9.65 -14.51
CA CYS B 749 -10.92 -9.38 -13.86
C CYS B 749 -10.01 -8.56 -14.76
N SER B 750 -10.08 -8.75 -16.08
CA SER B 750 -9.29 -7.91 -16.97
C SER B 750 -9.77 -6.46 -16.91
N ASN B 751 -11.09 -6.26 -16.82
CA ASN B 751 -11.62 -4.92 -16.63
C ASN B 751 -11.19 -4.32 -15.30
N LEU B 752 -11.18 -5.13 -14.24
CA LEU B 752 -10.76 -4.62 -12.94
C LEU B 752 -9.26 -4.42 -12.84
N LEU B 753 -8.49 -5.01 -13.75
CA LEU B 753 -7.06 -4.69 -13.79
C LEU B 753 -6.82 -3.42 -14.59
N LEU B 754 -7.56 -3.24 -15.69
CA LEU B 754 -7.54 -1.95 -16.38
C LEU B 754 -8.17 -0.84 -15.56
N GLN B 755 -8.88 -1.18 -14.48
CA GLN B 755 -9.26 -0.22 -13.45
C GLN B 755 -8.03 0.42 -12.79
N TYR B 756 -6.92 -0.31 -12.69
CA TYR B 756 -5.64 0.23 -12.25
C TYR B 756 -4.92 1.01 -13.34
N GLY B 757 -5.53 1.14 -14.51
CA GLY B 757 -4.96 1.95 -15.57
C GLY B 757 -3.82 1.27 -16.29
N SER B 758 -2.74 2.02 -16.51
CA SER B 758 -1.58 1.54 -17.26
C SER B 758 -0.66 0.71 -16.41
N PHE B 759 -1.08 0.37 -15.19
CA PHE B 759 -0.20 -0.20 -14.18
C PHE B 759 0.36 -1.54 -14.61
N CYS B 760 -0.49 -2.44 -15.11
CA CYS B 760 0.04 -3.71 -15.57
C CYS B 760 0.68 -3.56 -16.94
N THR B 761 0.36 -2.48 -17.64
CA THR B 761 0.98 -2.25 -18.95
C THR B 761 2.45 -1.92 -18.82
N GLN B 762 2.85 -1.14 -17.80
CA GLN B 762 4.30 -0.95 -17.70
C GLN B 762 4.95 -2.20 -17.13
N LEU B 763 4.19 -3.07 -16.46
CA LEU B 763 4.75 -4.34 -16.02
C LEU B 763 5.02 -5.26 -17.21
N ASN B 764 4.07 -5.32 -18.14
CA ASN B 764 4.27 -6.06 -19.37
C ASN B 764 5.41 -5.45 -20.17
N ARG B 765 5.48 -4.11 -20.19
CA ARG B 765 6.59 -3.42 -20.83
C ARG B 765 7.92 -3.79 -20.19
N ALA B 766 7.95 -3.86 -18.86
CA ALA B 766 9.17 -4.18 -18.15
C ALA B 766 9.60 -5.61 -18.40
N LEU B 767 8.65 -6.54 -18.43
CA LEU B 767 9.01 -7.94 -18.64
C LEU B 767 9.44 -8.19 -20.08
N THR B 768 8.76 -7.57 -21.04
CA THR B 768 9.22 -7.63 -22.41
C THR B 768 10.57 -6.94 -22.56
N GLY B 769 10.81 -5.90 -21.76
CA GLY B 769 12.12 -5.29 -21.74
C GLY B 769 13.18 -6.22 -21.21
N ILE B 770 12.84 -7.00 -20.19
CA ILE B 770 13.76 -8.02 -19.67
C ILE B 770 14.05 -9.05 -20.75
N ALA B 771 13.02 -9.42 -21.52
CA ALA B 771 13.21 -10.34 -22.64
C ALA B 771 14.16 -9.75 -23.68
N VAL B 772 13.93 -8.51 -24.08
CA VAL B 772 14.75 -7.89 -25.12
C VAL B 772 16.17 -7.63 -24.63
N GLU B 773 16.35 -7.23 -23.36
CA GLU B 773 17.71 -6.99 -22.91
C GLU B 773 18.43 -8.30 -22.65
N GLN B 774 17.71 -9.38 -22.31
CA GLN B 774 18.31 -10.70 -22.25
C GLN B 774 18.82 -11.13 -23.62
N ASP B 775 17.99 -10.90 -24.65
CA ASP B 775 18.43 -11.09 -26.03
C ASP B 775 19.63 -10.22 -26.36
N LYS B 776 19.65 -9.01 -25.80
CA LYS B 776 20.76 -8.10 -26.01
C LYS B 776 22.03 -8.60 -25.31
N ASN B 777 21.88 -9.19 -24.11
CA ASN B 777 23.03 -9.78 -23.43
C ASN B 777 23.59 -10.92 -24.26
N THR B 778 22.70 -11.77 -24.77
CA THR B 778 23.12 -12.92 -25.56
C THR B 778 23.77 -12.46 -26.86
N GLN B 779 23.23 -11.38 -27.45
CA GLN B 779 23.80 -10.81 -28.66
C GLN B 779 25.17 -10.19 -28.41
N GLU B 780 25.34 -9.52 -27.26
CA GLU B 780 26.61 -8.88 -26.98
C GLU B 780 27.67 -9.90 -26.62
N VAL B 781 27.28 -11.02 -26.03
CA VAL B 781 28.30 -12.01 -25.71
C VAL B 781 28.60 -12.91 -26.90
N PHE B 782 27.64 -13.14 -27.78
CA PHE B 782 27.85 -14.06 -28.89
C PHE B 782 27.92 -13.37 -30.24
N ALA B 783 26.89 -12.60 -30.60
CA ALA B 783 26.84 -11.90 -31.86
C ALA B 783 27.56 -10.56 -31.74
N GLN B 784 28.78 -10.63 -31.22
CA GLN B 784 29.79 -9.63 -31.51
C GLN B 784 30.42 -9.98 -32.84
N VAL B 785 30.27 -11.23 -33.28
CA VAL B 785 30.81 -11.73 -34.52
C VAL B 785 29.91 -11.28 -35.67
N LYS B 786 30.54 -10.82 -36.76
CA LYS B 786 29.81 -10.31 -37.91
C LYS B 786 29.69 -11.31 -39.03
N GLN B 787 30.35 -12.46 -38.93
CA GLN B 787 30.42 -13.42 -40.03
C GLN B 787 30.12 -14.82 -39.52
N ILE B 788 30.13 -15.77 -40.45
CA ILE B 788 29.99 -17.18 -40.14
C ILE B 788 31.36 -17.83 -40.24
N TYR B 789 31.88 -18.27 -39.10
CA TYR B 789 33.12 -19.02 -39.06
C TYR B 789 32.82 -20.49 -38.84
N LYS B 790 33.48 -21.34 -39.64
CA LYS B 790 33.30 -22.77 -39.48
C LYS B 790 34.67 -23.42 -39.37
N THR B 791 34.72 -24.51 -38.62
CA THR B 791 35.98 -25.18 -38.38
C THR B 791 36.43 -25.93 -39.62
N PRO B 792 37.73 -25.95 -39.89
CA PRO B 792 38.25 -26.70 -41.05
C PRO B 792 38.04 -28.19 -40.89
N PRO B 793 37.96 -28.94 -41.99
CA PRO B 793 37.74 -30.39 -41.88
C PRO B 793 38.86 -31.16 -41.20
N ILE B 794 40.08 -30.62 -41.19
CA ILE B 794 41.20 -31.25 -40.50
C ILE B 794 41.47 -30.49 -39.21
N LYS B 795 41.67 -31.22 -38.13
CA LYS B 795 42.03 -30.63 -36.84
C LYS B 795 43.52 -30.80 -36.57
N ASP B 796 44.35 -30.32 -37.50
CA ASP B 796 45.80 -30.35 -37.32
C ASP B 796 46.23 -29.12 -36.53
N PHE B 797 45.84 -29.12 -35.25
CA PHE B 797 45.88 -27.94 -34.39
C PHE B 797 47.19 -27.83 -33.62
N GLY B 798 48.25 -28.45 -34.12
CA GLY B 798 49.52 -28.45 -33.40
C GLY B 798 49.49 -29.22 -32.10
N GLY B 799 48.80 -30.37 -32.07
CA GLY B 799 48.78 -31.21 -30.90
C GLY B 799 47.65 -30.93 -29.91
N PHE B 800 46.79 -29.97 -30.21
CA PHE B 800 45.78 -29.54 -29.26
C PHE B 800 44.43 -30.05 -29.71
N ASN B 801 44.04 -31.27 -29.33
CA ASN B 801 42.80 -31.83 -29.85
C ASN B 801 41.62 -31.14 -29.19
N PHE B 802 40.72 -30.62 -30.02
CA PHE B 802 39.60 -29.82 -29.56
C PHE B 802 38.26 -30.51 -29.79
N SER B 803 38.28 -31.76 -30.24
CA SER B 803 37.06 -32.48 -30.61
C SER B 803 36.12 -32.65 -29.43
N GLN B 804 36.62 -32.50 -28.21
CA GLN B 804 35.82 -32.45 -27.01
C GLN B 804 35.24 -31.07 -26.74
N ILE B 805 35.90 -29.99 -27.18
CA ILE B 805 35.39 -28.63 -26.96
C ILE B 805 34.78 -28.05 -28.22
N LEU B 806 35.13 -28.56 -29.40
CA LEU B 806 34.59 -28.13 -30.67
C LEU B 806 33.43 -29.04 -31.05
N PRO B 807 32.49 -28.57 -31.88
CA PRO B 807 31.36 -29.42 -32.28
C PRO B 807 31.80 -30.69 -33.00
N ASP B 808 31.09 -31.78 -32.69
CA ASP B 808 31.41 -33.09 -33.23
C ASP B 808 30.55 -33.34 -34.46
N PRO B 809 31.15 -33.54 -35.64
CA PRO B 809 30.34 -33.86 -36.83
C PRO B 809 29.60 -35.18 -36.74
N SER B 810 30.02 -36.10 -35.88
CA SER B 810 29.31 -37.35 -35.69
C SER B 810 28.04 -37.19 -34.86
N LYS B 811 27.92 -36.10 -34.13
CA LYS B 811 26.76 -35.77 -33.32
C LYS B 811 25.63 -35.24 -34.20
N PRO B 812 24.39 -35.66 -33.93
CA PRO B 812 23.26 -35.15 -34.73
C PRO B 812 23.05 -33.65 -34.62
N SER B 813 23.37 -33.04 -33.49
CA SER B 813 23.35 -31.60 -33.34
C SER B 813 24.80 -31.15 -33.22
N LYS B 814 25.20 -30.18 -34.04
CA LYS B 814 26.61 -29.83 -34.12
C LYS B 814 27.08 -29.07 -32.88
N ARG B 815 27.19 -29.77 -31.75
CA ARG B 815 27.66 -29.19 -30.50
C ARG B 815 28.85 -30.00 -29.99
N SER B 816 29.55 -29.40 -29.05
CA SER B 816 30.73 -30.03 -28.46
C SER B 816 30.35 -31.23 -27.61
N PHE B 817 31.35 -32.06 -27.32
CA PHE B 817 31.14 -33.21 -26.43
C PHE B 817 31.01 -32.74 -24.99
N ILE B 818 31.87 -31.81 -24.57
CA ILE B 818 31.72 -31.25 -23.23
C ILE B 818 30.44 -30.45 -23.15
N GLU B 819 30.00 -29.87 -24.27
CA GLU B 819 28.68 -29.25 -24.29
C GLU B 819 27.59 -30.30 -24.20
N ASP B 820 27.81 -31.49 -24.73
CA ASP B 820 26.83 -32.56 -24.59
C ASP B 820 26.68 -32.98 -23.14
N LEU B 821 27.79 -33.08 -22.42
CA LEU B 821 27.66 -33.39 -20.99
C LEU B 821 27.20 -32.17 -20.20
N LEU B 822 27.34 -30.98 -20.77
CA LEU B 822 26.72 -29.78 -20.20
C LEU B 822 25.24 -29.72 -20.55
N PHE B 823 24.81 -30.55 -21.48
CA PHE B 823 23.41 -30.59 -21.87
C PHE B 823 22.71 -31.80 -21.26
N ASN B 824 23.47 -32.78 -20.77
CA ASN B 824 22.97 -34.06 -20.32
C ASN B 824 22.97 -34.19 -18.81
N LYS B 825 24.14 -34.09 -18.17
CA LYS B 825 24.24 -34.16 -16.73
C LYS B 825 23.61 -32.96 -16.03
N VAL B 826 23.82 -31.77 -16.56
CA VAL B 826 23.03 -30.62 -16.18
C VAL B 826 22.08 -30.28 -17.32
N THR B 827 20.83 -30.01 -16.97
CA THR B 827 19.79 -29.75 -17.96
C THR B 827 19.11 -28.41 -17.71
N LYS B 854 3.41 -22.88 -17.13
CA LYS B 854 3.65 -23.61 -18.37
C LYS B 854 2.55 -23.33 -19.38
N PHE B 855 1.32 -23.72 -19.03
CA PHE B 855 0.13 -23.48 -19.84
C PHE B 855 -0.95 -22.77 -19.05
N ASN B 856 -0.60 -22.31 -17.85
CA ASN B 856 -1.58 -21.85 -16.86
C ASN B 856 -1.52 -20.34 -16.61
N GLY B 857 -1.43 -19.56 -17.68
CA GLY B 857 -1.52 -18.12 -17.59
C GLY B 857 -0.23 -17.36 -17.74
N LEU B 858 0.91 -17.97 -17.40
CA LEU B 858 2.21 -17.38 -17.69
C LEU B 858 2.93 -18.29 -18.67
N THR B 859 3.51 -17.69 -19.69
CA THR B 859 4.19 -18.45 -20.72
C THR B 859 5.68 -18.18 -20.65
N VAL B 860 6.43 -18.99 -21.38
CA VAL B 860 7.82 -18.72 -21.65
C VAL B 860 7.94 -18.39 -23.14
N LEU B 861 8.54 -17.28 -23.42
CA LEU B 861 8.80 -16.97 -24.80
C LEU B 861 10.03 -17.76 -25.27
N PRO B 862 9.97 -18.38 -26.45
CA PRO B 862 11.16 -19.03 -26.97
C PRO B 862 12.25 -18.00 -27.23
N PRO B 863 13.51 -18.37 -27.05
CA PRO B 863 14.58 -17.42 -27.33
C PRO B 863 14.61 -17.06 -28.80
N LEU B 864 15.10 -15.85 -29.09
CA LEU B 864 15.42 -15.51 -30.48
C LEU B 864 16.49 -16.43 -31.01
N LEU B 865 17.30 -16.96 -30.11
CA LEU B 865 18.39 -17.85 -30.46
C LEU B 865 18.12 -19.20 -29.78
N THR B 866 17.70 -20.19 -30.58
CA THR B 866 17.49 -21.53 -30.07
C THR B 866 18.81 -22.14 -29.62
N ASP B 867 18.72 -23.30 -28.96
CA ASP B 867 19.91 -23.90 -28.37
C ASP B 867 20.92 -24.32 -29.43
N GLU B 868 20.45 -24.85 -30.56
CA GLU B 868 21.37 -25.34 -31.58
C GLU B 868 22.16 -24.20 -32.21
N MET B 869 21.54 -23.03 -32.38
CA MET B 869 22.27 -21.96 -33.05
C MET B 869 22.92 -21.01 -32.06
N ILE B 870 22.53 -21.05 -30.78
CA ILE B 870 23.43 -20.56 -29.74
C ILE B 870 24.72 -21.36 -29.77
N ALA B 871 24.59 -22.68 -29.91
CA ALA B 871 25.77 -23.52 -30.09
C ALA B 871 26.51 -23.17 -31.37
N GLN B 872 25.76 -22.76 -32.40
CA GLN B 872 26.42 -22.31 -33.63
C GLN B 872 27.21 -21.03 -33.43
N TYR B 873 26.68 -20.06 -32.67
CA TYR B 873 27.47 -18.87 -32.35
C TYR B 873 28.68 -19.22 -31.49
N THR B 874 28.52 -20.14 -30.54
CA THR B 874 29.67 -20.53 -29.74
C THR B 874 30.71 -21.19 -30.59
N SER B 875 30.29 -22.04 -31.53
CA SER B 875 31.23 -22.64 -32.47
C SER B 875 31.89 -21.58 -33.32
N ALA B 876 31.16 -20.53 -33.67
CA ALA B 876 31.75 -19.42 -34.42
C ALA B 876 32.81 -18.71 -33.60
N LEU B 877 32.53 -18.45 -32.32
CA LEU B 877 33.49 -17.79 -31.46
C LEU B 877 34.72 -18.66 -31.23
N LEU B 878 34.50 -19.95 -30.99
CA LEU B 878 35.61 -20.88 -30.86
C LEU B 878 36.43 -20.94 -32.13
N ALA B 879 35.78 -20.99 -33.29
CA ALA B 879 36.50 -21.04 -34.54
C ALA B 879 37.31 -19.77 -34.75
N GLY B 880 36.72 -18.62 -34.42
CA GLY B 880 37.45 -17.37 -34.58
C GLY B 880 38.63 -17.27 -33.65
N THR B 881 38.50 -17.83 -32.44
CA THR B 881 39.61 -17.78 -31.50
C THR B 881 40.51 -19.00 -31.61
N ILE B 882 40.23 -19.89 -32.55
CA ILE B 882 41.15 -20.98 -32.84
C ILE B 882 41.97 -20.67 -34.08
N THR B 883 41.32 -20.21 -35.16
CA THR B 883 42.05 -19.89 -36.37
C THR B 883 42.28 -18.39 -36.56
N SER B 884 41.65 -17.53 -35.78
CA SER B 884 41.77 -16.10 -36.00
C SER B 884 42.05 -15.30 -34.75
N GLY B 885 41.83 -15.87 -33.56
CA GLY B 885 42.31 -15.25 -32.33
C GLY B 885 41.59 -13.96 -31.99
N TRP B 886 42.37 -12.90 -31.81
CA TRP B 886 41.83 -11.61 -31.40
C TRP B 886 41.42 -10.74 -32.58
N THR B 887 41.82 -11.10 -33.79
CA THR B 887 41.69 -10.17 -34.89
C THR B 887 40.26 -10.00 -35.36
N PHE B 888 39.46 -11.07 -35.28
CA PHE B 888 38.09 -11.00 -35.79
C PHE B 888 37.18 -10.25 -34.84
N GLY B 889 37.60 -10.08 -33.59
CA GLY B 889 36.87 -9.23 -32.67
C GLY B 889 36.98 -7.76 -33.05
N ALA B 890 38.15 -7.36 -33.53
CA ALA B 890 38.37 -5.98 -33.90
C ALA B 890 37.88 -5.71 -35.32
N GLY B 891 38.46 -6.36 -36.31
CA GLY B 891 38.17 -6.01 -37.68
C GLY B 891 37.98 -7.19 -38.61
N ALA B 892 38.74 -7.22 -39.69
CA ALA B 892 38.68 -8.32 -40.63
C ALA B 892 39.25 -9.60 -40.01
N ALA B 893 38.73 -10.73 -40.47
CA ALA B 893 39.19 -12.02 -40.00
C ALA B 893 40.59 -12.28 -40.51
N LEU B 894 41.55 -12.42 -39.61
CA LEU B 894 42.92 -12.71 -39.97
C LEU B 894 43.25 -14.11 -39.48
N GLN B 895 43.58 -15.02 -40.39
CA GLN B 895 43.86 -16.38 -40.00
C GLN B 895 45.20 -16.48 -39.28
N ILE B 896 45.16 -16.93 -38.03
CA ILE B 896 46.37 -17.08 -37.22
C ILE B 896 46.38 -18.46 -36.56
N PRO B 897 47.52 -19.15 -36.56
CA PRO B 897 47.57 -20.50 -35.96
C PRO B 897 47.35 -20.48 -34.45
N PHE B 898 46.86 -21.60 -33.93
CA PHE B 898 46.65 -21.72 -32.50
C PHE B 898 47.96 -21.75 -31.73
N ALA B 899 49.02 -22.29 -32.32
CA ALA B 899 50.33 -22.20 -31.70
C ALA B 899 50.76 -20.76 -31.56
N MET B 900 50.49 -19.94 -32.57
CA MET B 900 50.77 -18.52 -32.50
C MET B 900 49.94 -17.85 -31.41
N GLN B 901 48.65 -18.22 -31.30
CA GLN B 901 47.80 -17.62 -30.28
C GLN B 901 48.30 -17.92 -28.88
N MET B 902 48.64 -19.17 -28.62
CA MET B 902 49.22 -19.44 -27.28
C MET B 902 50.55 -18.70 -27.15
N ALA B 903 51.40 -18.72 -28.19
CA ALA B 903 52.74 -18.09 -28.05
C ALA B 903 52.61 -16.58 -27.79
N TYR B 904 51.79 -15.90 -28.59
CA TYR B 904 51.56 -14.44 -28.38
C TYR B 904 50.78 -14.19 -27.10
N ARG B 905 49.82 -15.04 -26.76
CA ARG B 905 49.11 -14.88 -25.46
C ARG B 905 50.11 -15.08 -24.32
N PHE B 906 51.12 -15.94 -24.48
CA PHE B 906 52.15 -16.06 -23.43
C PHE B 906 52.84 -14.71 -23.24
N ASN B 907 53.12 -14.00 -24.34
CA ASN B 907 53.83 -12.70 -24.25
C ASN B 907 52.97 -11.74 -23.43
N GLY B 908 51.66 -11.78 -23.62
CA GLY B 908 50.76 -10.84 -22.91
C GLY B 908 51.02 -10.80 -21.42
N ILE B 909 51.17 -11.97 -20.78
CA ILE B 909 51.35 -12.03 -19.34
C ILE B 909 52.80 -11.84 -18.94
N GLY B 910 53.66 -11.48 -19.88
CA GLY B 910 55.02 -11.16 -19.54
C GLY B 910 55.94 -12.34 -19.40
N VAL B 911 55.51 -13.55 -19.78
CA VAL B 911 56.41 -14.67 -19.95
C VAL B 911 56.74 -14.79 -21.44
N THR B 912 57.97 -15.17 -21.74
CA THR B 912 58.39 -15.16 -23.12
C THR B 912 57.82 -16.38 -23.85
N GLN B 913 57.51 -16.21 -25.13
CA GLN B 913 56.86 -17.27 -25.91
C GLN B 913 57.81 -18.40 -26.28
N ASN B 914 59.11 -18.26 -26.00
CA ASN B 914 60.07 -19.29 -26.39
C ASN B 914 59.84 -20.61 -25.65
N VAL B 915 59.38 -20.51 -24.40
CA VAL B 915 59.15 -21.71 -23.60
C VAL B 915 58.06 -22.57 -24.24
N LEU B 916 57.07 -21.92 -24.88
CA LEU B 916 55.96 -22.66 -25.47
C LEU B 916 56.40 -23.57 -26.60
N TYR B 917 57.16 -23.03 -27.54
CA TYR B 917 57.62 -23.88 -28.63
C TYR B 917 58.69 -24.84 -28.15
N GLU B 918 59.41 -24.49 -27.07
CA GLU B 918 60.36 -25.45 -26.52
C GLU B 918 59.69 -26.66 -25.88
N ASN B 919 58.54 -26.48 -25.22
CA ASN B 919 57.83 -27.60 -24.61
C ASN B 919 56.41 -27.78 -25.16
N GLN B 920 56.28 -27.59 -26.49
CA GLN B 920 54.99 -27.69 -27.16
C GLN B 920 54.30 -29.03 -26.92
N LYS B 921 55.04 -30.13 -27.07
CA LYS B 921 54.46 -31.47 -26.83
C LYS B 921 54.04 -31.64 -25.38
N LEU B 922 54.88 -31.15 -24.45
CA LEU B 922 54.58 -31.31 -23.04
C LEU B 922 53.32 -30.54 -22.66
N ILE B 923 53.21 -29.29 -23.10
CA ILE B 923 52.06 -28.47 -22.73
C ILE B 923 50.84 -28.91 -23.50
N ALA B 924 51.04 -29.52 -24.67
CA ALA B 924 49.90 -30.14 -25.36
C ALA B 924 49.36 -31.29 -24.52
N ASN B 925 50.26 -32.11 -23.96
CA ASN B 925 49.82 -33.16 -23.05
C ASN B 925 49.12 -32.59 -21.82
N GLN B 926 49.72 -31.57 -21.19
CA GLN B 926 49.11 -31.00 -19.99
C GLN B 926 47.78 -30.32 -20.28
N PHE B 927 47.66 -29.63 -21.40
CA PHE B 927 46.43 -28.91 -21.69
C PHE B 927 45.33 -29.87 -22.14
N ASN B 928 45.69 -30.89 -22.94
CA ASN B 928 44.70 -31.90 -23.32
C ASN B 928 44.23 -32.69 -22.11
N SER B 929 45.15 -33.10 -21.23
CA SER B 929 44.76 -33.81 -20.02
C SER B 929 44.04 -32.89 -19.05
N ALA B 930 44.31 -31.59 -19.12
CA ALA B 930 43.59 -30.63 -18.30
C ALA B 930 42.15 -30.48 -18.77
N ILE B 931 41.94 -30.45 -20.08
CA ILE B 931 40.59 -30.45 -20.62
C ILE B 931 39.91 -31.78 -20.31
N GLY B 932 40.68 -32.86 -20.27
CA GLY B 932 40.13 -34.14 -19.83
C GLY B 932 39.73 -34.12 -18.37
N LYS B 933 40.50 -33.43 -17.53
CA LYS B 933 40.11 -33.25 -16.13
C LYS B 933 38.86 -32.40 -16.02
N ILE B 934 38.72 -31.40 -16.91
CA ILE B 934 37.46 -30.67 -17.02
C ILE B 934 36.33 -31.62 -17.36
N GLN B 935 36.57 -32.53 -18.31
CA GLN B 935 35.54 -33.47 -18.72
C GLN B 935 35.14 -34.37 -17.56
N ASP B 936 36.14 -34.85 -16.81
CA ASP B 936 35.88 -35.75 -15.69
C ASP B 936 35.17 -35.04 -14.54
N SER B 937 35.66 -33.86 -14.15
CA SER B 937 35.03 -33.12 -13.06
C SER B 937 33.64 -32.65 -13.43
N LEU B 938 33.48 -32.15 -14.66
CA LEU B 938 32.20 -31.67 -15.15
C LEU B 938 31.22 -32.81 -15.34
N SER B 939 31.70 -34.04 -15.47
CA SER B 939 30.82 -35.20 -15.56
C SER B 939 30.61 -35.90 -14.22
N SER B 940 31.44 -35.62 -13.22
CA SER B 940 31.36 -36.32 -11.94
C SER B 940 30.77 -35.50 -10.80
N THR B 941 31.12 -34.23 -10.70
CA THR B 941 30.69 -33.40 -9.57
C THR B 941 29.55 -32.50 -10.03
N ALA B 942 28.42 -32.58 -9.34
CA ALA B 942 27.31 -31.70 -9.64
C ALA B 942 27.57 -30.27 -9.19
N SER B 943 28.51 -30.10 -8.25
CA SER B 943 28.82 -28.77 -7.73
C SER B 943 29.59 -27.93 -8.74
N ALA B 944 30.20 -28.55 -9.76
CA ALA B 944 30.93 -27.81 -10.78
C ALA B 944 30.02 -26.91 -11.62
N LEU B 945 28.72 -27.21 -11.69
CA LEU B 945 27.76 -26.37 -12.36
C LEU B 945 27.00 -25.48 -11.41
N GLY B 946 27.65 -25.02 -10.33
CA GLY B 946 26.92 -24.34 -9.28
C GLY B 946 26.32 -23.03 -9.72
N LYS B 947 27.10 -22.20 -10.42
CA LYS B 947 26.66 -20.84 -10.66
C LYS B 947 25.61 -20.75 -11.76
N LEU B 948 25.38 -21.81 -12.53
CA LEU B 948 24.22 -21.86 -13.42
C LEU B 948 23.08 -22.69 -12.86
N GLN B 949 23.38 -23.78 -12.16
CA GLN B 949 22.32 -24.58 -11.56
C GLN B 949 21.56 -23.75 -10.54
N ASP B 950 22.28 -22.95 -9.75
CA ASP B 950 21.61 -22.14 -8.73
C ASP B 950 20.76 -21.06 -9.36
N VAL B 951 21.20 -20.49 -10.49
CA VAL B 951 20.45 -19.38 -11.06
C VAL B 951 19.25 -19.88 -11.86
N VAL B 952 19.40 -21.02 -12.54
CA VAL B 952 18.27 -21.64 -13.21
C VAL B 952 17.26 -22.10 -12.17
N ASN B 953 17.75 -22.64 -11.07
CA ASN B 953 16.87 -22.96 -9.95
C ASN B 953 16.24 -21.69 -9.37
N GLN B 954 16.99 -20.59 -9.30
CA GLN B 954 16.45 -19.34 -8.74
C GLN B 954 15.29 -18.82 -9.58
N ASN B 955 15.45 -18.84 -10.89
CA ASN B 955 14.33 -18.50 -11.76
C ASN B 955 13.21 -19.52 -11.61
N ALA B 956 13.57 -20.77 -11.37
CA ALA B 956 12.56 -21.80 -11.16
C ALA B 956 11.79 -21.56 -9.87
N GLN B 957 12.45 -21.12 -8.80
CA GLN B 957 11.72 -20.84 -7.57
C GLN B 957 10.94 -19.54 -7.70
N ALA B 958 11.42 -18.60 -8.50
CA ALA B 958 10.65 -17.38 -8.72
C ALA B 958 9.33 -17.71 -9.43
N LEU B 959 9.42 -18.45 -10.53
CA LEU B 959 8.23 -18.91 -11.24
C LEU B 959 7.39 -19.79 -10.34
N ASN B 960 8.05 -20.62 -9.51
CA ASN B 960 7.34 -21.58 -8.69
C ASN B 960 6.62 -20.88 -7.56
N THR B 961 7.18 -19.79 -7.04
CA THR B 961 6.46 -18.99 -6.06
C THR B 961 5.29 -18.27 -6.70
N LEU B 962 5.44 -17.82 -7.96
CA LEU B 962 4.29 -17.28 -8.67
C LEU B 962 3.19 -18.34 -8.79
N VAL B 963 3.59 -19.55 -9.16
CA VAL B 963 2.69 -20.70 -9.21
C VAL B 963 2.07 -20.97 -7.84
N LYS B 964 2.85 -20.81 -6.78
CA LYS B 964 2.35 -21.07 -5.43
C LYS B 964 1.38 -19.97 -4.99
N GLN B 965 1.51 -18.77 -5.55
CA GLN B 965 0.49 -17.77 -5.29
C GLN B 965 -0.84 -18.13 -5.93
N LEU B 966 -0.84 -18.99 -6.96
CA LEU B 966 -2.10 -19.50 -7.46
C LEU B 966 -2.75 -20.49 -6.50
N SER B 967 -2.05 -20.90 -5.45
CA SER B 967 -2.67 -21.52 -4.31
C SER B 967 -2.92 -20.54 -3.17
N SER B 968 -2.22 -19.42 -3.15
CA SER B 968 -2.33 -18.49 -2.04
C SER B 968 -3.61 -17.69 -2.13
N ASN B 969 -4.22 -17.47 -0.97
CA ASN B 969 -5.57 -16.94 -0.92
C ASN B 969 -5.61 -15.42 -0.79
N PHE B 970 -4.61 -14.83 -0.12
CA PHE B 970 -4.46 -13.37 0.01
C PHE B 970 -5.66 -12.73 0.69
N GLY B 971 -6.33 -13.46 1.56
CA GLY B 971 -7.51 -12.97 2.22
C GLY B 971 -8.80 -13.27 1.49
N ALA B 972 -8.74 -13.60 0.21
CA ALA B 972 -9.92 -14.08 -0.49
C ALA B 972 -10.21 -15.52 -0.09
N ILE B 973 -11.45 -15.95 -0.30
CA ILE B 973 -11.84 -17.28 0.16
C ILE B 973 -11.31 -18.39 -0.72
N SER B 974 -10.84 -18.06 -1.93
CA SER B 974 -10.33 -19.08 -2.82
C SER B 974 -9.22 -18.48 -3.65
N SER B 975 -8.45 -19.35 -4.28
CA SER B 975 -7.29 -18.87 -5.02
C SER B 975 -7.38 -19.10 -6.52
N VAL B 976 -8.19 -20.04 -6.96
CA VAL B 976 -8.42 -20.25 -8.39
C VAL B 976 -9.45 -19.26 -8.87
N LEU B 977 -9.13 -18.53 -9.95
CA LEU B 977 -9.95 -17.39 -10.34
C LEU B 977 -11.27 -17.82 -10.94
N ASN B 978 -11.29 -18.94 -11.65
CA ASN B 978 -12.55 -19.46 -12.15
C ASN B 978 -13.47 -19.86 -11.00
N ASP B 979 -12.90 -20.41 -9.94
CA ASP B 979 -13.69 -20.73 -8.75
C ASP B 979 -14.23 -19.46 -8.08
N ILE B 980 -13.39 -18.45 -7.91
CA ILE B 980 -13.83 -17.26 -7.18
C ILE B 980 -14.85 -16.47 -8.00
N LEU B 981 -14.71 -16.47 -9.33
CA LEU B 981 -15.68 -15.77 -10.15
C LEU B 981 -16.97 -16.56 -10.31
N SER B 982 -16.90 -17.89 -10.33
CA SER B 982 -18.07 -18.71 -10.60
C SER B 982 -19.00 -18.78 -9.41
N ARG B 983 -18.58 -18.34 -8.23
CA ARG B 983 -19.41 -18.41 -7.05
C ARG B 983 -19.64 -17.07 -6.37
N LEU B 984 -19.06 -15.98 -6.84
CA LEU B 984 -19.32 -14.66 -6.27
C LEU B 984 -20.17 -13.82 -7.22
N ASP B 985 -21.21 -13.22 -6.65
CA ASP B 985 -22.02 -12.24 -7.38
C ASP B 985 -21.14 -11.02 -7.65
N PRO B 986 -21.31 -10.36 -8.81
CA PRO B 986 -20.36 -9.32 -9.25
C PRO B 986 -20.15 -8.17 -8.26
N PRO B 987 -21.19 -7.63 -7.58
CA PRO B 987 -20.93 -6.50 -6.65
C PRO B 987 -19.96 -6.80 -5.50
N GLU B 988 -20.04 -7.97 -4.87
CA GLU B 988 -19.02 -8.37 -3.92
C GLU B 988 -17.82 -9.02 -4.58
N ALA B 989 -17.96 -9.35 -5.86
CA ALA B 989 -16.82 -9.87 -6.59
C ALA B 989 -15.81 -8.78 -6.89
N GLU B 990 -16.22 -7.50 -7.01
CA GLU B 990 -15.16 -6.49 -7.09
C GLU B 990 -14.31 -6.49 -5.83
N VAL B 991 -14.93 -6.68 -4.67
CA VAL B 991 -14.17 -6.71 -3.42
C VAL B 991 -13.26 -7.93 -3.35
N GLN B 992 -13.81 -9.12 -3.65
CA GLN B 992 -13.03 -10.34 -3.55
C GLN B 992 -11.91 -10.39 -4.60
N ILE B 993 -12.26 -10.11 -5.86
CA ILE B 993 -11.26 -9.99 -6.91
C ILE B 993 -10.27 -8.89 -6.60
N ASP B 994 -10.69 -7.79 -5.95
CA ASP B 994 -9.75 -6.71 -5.68
C ASP B 994 -8.73 -7.11 -4.63
N ARG B 995 -9.16 -7.81 -3.58
CA ARG B 995 -8.21 -8.38 -2.63
C ARG B 995 -7.28 -9.37 -3.31
N LEU B 996 -7.85 -10.24 -4.16
CA LEU B 996 -7.03 -11.25 -4.81
C LEU B 996 -6.05 -10.62 -5.78
N ILE B 997 -6.43 -9.53 -6.45
CA ILE B 997 -5.53 -8.98 -7.45
C ILE B 997 -4.56 -8.00 -6.82
N THR B 998 -4.89 -7.38 -5.69
CA THR B 998 -3.86 -6.59 -5.01
C THR B 998 -2.83 -7.53 -4.40
N GLY B 999 -3.26 -8.69 -3.92
CA GLY B 999 -2.30 -9.69 -3.47
C GLY B 999 -1.50 -10.27 -4.63
N ARG B 1000 -2.19 -10.64 -5.71
CA ARG B 1000 -1.53 -11.19 -6.89
C ARG B 1000 -0.59 -10.19 -7.52
N LEU B 1001 -1.02 -8.93 -7.60
CA LEU B 1001 -0.23 -7.90 -8.24
C LEU B 1001 0.92 -7.47 -7.36
N GLN B 1002 0.76 -7.54 -6.03
CA GLN B 1002 1.86 -7.21 -5.16
C GLN B 1002 2.88 -8.34 -5.15
N SER B 1003 2.42 -9.59 -5.23
CA SER B 1003 3.34 -10.72 -5.36
C SER B 1003 4.03 -10.70 -6.71
N LEU B 1004 3.28 -10.40 -7.77
CA LEU B 1004 3.87 -10.24 -9.09
C LEU B 1004 4.80 -9.05 -9.13
N GLN B 1005 4.51 -8.04 -8.30
CA GLN B 1005 5.35 -6.87 -8.24
C GLN B 1005 6.68 -7.18 -7.58
N THR B 1006 6.63 -7.93 -6.47
CA THR B 1006 7.84 -8.47 -5.88
C THR B 1006 8.58 -9.35 -6.87
N TYR B 1007 7.83 -10.11 -7.68
CA TYR B 1007 8.44 -10.99 -8.68
C TYR B 1007 9.15 -10.19 -9.76
N VAL B 1008 8.48 -9.18 -10.31
CA VAL B 1008 9.05 -8.46 -11.44
C VAL B 1008 10.16 -7.55 -10.96
N THR B 1009 10.08 -7.03 -9.74
CA THR B 1009 11.21 -6.28 -9.20
C THR B 1009 12.35 -7.21 -8.84
N GLN B 1010 12.02 -8.43 -8.42
CA GLN B 1010 13.05 -9.41 -8.09
C GLN B 1010 13.79 -9.83 -9.34
N GLN B 1011 13.09 -10.02 -10.46
CA GLN B 1011 13.81 -10.30 -11.69
C GLN B 1011 14.29 -9.04 -12.38
N LEU B 1012 13.82 -7.85 -11.98
CA LEU B 1012 14.49 -6.66 -12.47
C LEU B 1012 15.86 -6.51 -11.85
N ILE B 1013 15.97 -6.70 -10.54
CA ILE B 1013 17.28 -6.67 -9.91
C ILE B 1013 18.06 -7.94 -10.23
N ARG B 1014 17.36 -9.03 -10.52
CA ARG B 1014 18.06 -10.25 -10.91
C ARG B 1014 18.58 -10.13 -12.33
N ALA B 1015 17.84 -9.47 -13.21
CA ALA B 1015 18.31 -9.21 -14.55
C ALA B 1015 19.35 -8.10 -14.53
N ALA B 1016 19.32 -7.24 -13.52
CA ALA B 1016 20.41 -6.31 -13.33
C ALA B 1016 21.68 -7.04 -12.92
N GLU B 1017 21.55 -8.03 -12.04
CA GLU B 1017 22.69 -8.85 -11.67
C GLU B 1017 23.18 -9.67 -12.86
N ILE B 1018 22.23 -10.23 -13.61
CA ILE B 1018 22.55 -11.02 -14.79
C ILE B 1018 23.18 -10.15 -15.86
N ARG B 1019 22.70 -8.91 -15.99
CA ARG B 1019 23.22 -8.00 -17.00
C ARG B 1019 24.55 -7.42 -16.57
N ALA B 1020 24.77 -7.24 -15.27
CA ALA B 1020 26.08 -6.85 -14.79
C ALA B 1020 27.09 -7.97 -15.02
N SER B 1021 26.69 -9.21 -14.71
CA SER B 1021 27.54 -10.35 -14.99
C SER B 1021 27.59 -10.64 -16.48
N ALA B 1022 26.67 -10.09 -17.25
CA ALA B 1022 26.63 -10.36 -18.67
C ALA B 1022 27.43 -9.32 -19.45
N ASN B 1023 27.46 -8.09 -18.97
CA ASN B 1023 28.44 -7.12 -19.43
C ASN B 1023 29.83 -7.54 -18.97
N LEU B 1024 29.90 -8.13 -17.78
CA LEU B 1024 31.12 -8.80 -17.34
C LEU B 1024 31.48 -9.94 -18.27
N ALA B 1025 30.48 -10.69 -18.72
CA ALA B 1025 30.73 -11.79 -19.64
C ALA B 1025 31.08 -11.27 -21.03
N ALA B 1026 30.52 -10.13 -21.42
CA ALA B 1026 30.80 -9.58 -22.72
C ALA B 1026 32.20 -9.00 -22.76
N THR B 1027 32.59 -8.26 -21.73
CA THR B 1027 33.96 -7.81 -21.59
C THR B 1027 34.89 -8.98 -21.39
N LYS B 1028 34.40 -10.03 -20.72
CA LYS B 1028 35.19 -11.24 -20.50
C LYS B 1028 35.47 -11.92 -21.81
N MET B 1029 34.45 -12.07 -22.65
CA MET B 1029 34.59 -12.68 -23.95
C MET B 1029 35.43 -11.79 -24.87
N SER B 1030 35.23 -10.48 -24.76
CA SER B 1030 35.93 -9.50 -25.59
C SER B 1030 37.42 -9.46 -25.26
N GLU B 1031 37.76 -9.57 -23.99
CA GLU B 1031 39.11 -9.36 -23.51
C GLU B 1031 39.81 -10.65 -23.15
N CYS B 1032 39.11 -11.76 -23.21
CA CYS B 1032 39.56 -13.03 -22.69
C CYS B 1032 39.34 -14.14 -23.70
N VAL B 1033 38.35 -13.96 -24.57
CA VAL B 1033 38.14 -14.79 -25.73
C VAL B 1033 38.56 -14.05 -26.99
N LEU B 1034 37.96 -12.90 -27.22
CA LEU B 1034 38.21 -12.09 -28.40
C LEU B 1034 39.52 -11.33 -28.33
N GLY B 1035 40.28 -11.51 -27.26
CA GLY B 1035 41.59 -10.90 -27.10
C GLY B 1035 42.19 -11.48 -25.84
N GLN B 1036 43.34 -10.95 -25.44
CA GLN B 1036 43.99 -11.40 -24.20
C GLN B 1036 43.96 -10.27 -23.18
N SER B 1037 43.49 -10.59 -21.97
CA SER B 1037 43.39 -9.62 -20.89
C SER B 1037 44.67 -9.63 -20.08
N LYS B 1038 45.20 -8.44 -19.82
CA LYS B 1038 46.30 -8.26 -18.90
C LYS B 1038 45.81 -8.01 -17.47
N ARG B 1039 44.50 -7.99 -17.27
CA ARG B 1039 43.94 -7.85 -15.94
C ARG B 1039 44.21 -9.11 -15.13
N VAL B 1040 45.07 -9.01 -14.12
CA VAL B 1040 45.41 -10.19 -13.34
C VAL B 1040 44.26 -10.56 -12.42
N ASP B 1041 43.97 -11.86 -12.34
CA ASP B 1041 42.86 -12.46 -11.61
C ASP B 1041 41.49 -11.96 -12.08
N PHE B 1042 41.35 -11.67 -13.37
CA PHE B 1042 40.03 -11.35 -13.92
C PHE B 1042 39.44 -12.52 -14.69
N CYS B 1043 40.28 -13.40 -15.22
CA CYS B 1043 39.84 -14.54 -16.01
C CYS B 1043 40.14 -15.83 -15.26
N GLY B 1044 39.78 -15.89 -13.99
CA GLY B 1044 40.11 -17.02 -13.15
C GLY B 1044 41.46 -16.83 -12.47
N LYS B 1045 41.75 -17.74 -11.55
CA LYS B 1045 43.00 -17.64 -10.80
C LYS B 1045 44.17 -17.96 -11.70
N GLY B 1046 45.18 -17.09 -11.66
CA GLY B 1046 46.40 -17.28 -12.42
C GLY B 1046 46.49 -16.30 -13.57
N TYR B 1047 47.65 -16.36 -14.21
CA TYR B 1047 47.96 -15.49 -15.35
C TYR B 1047 47.14 -15.94 -16.55
N HIS B 1048 46.17 -15.13 -16.95
CA HIS B 1048 45.21 -15.48 -17.99
C HIS B 1048 45.87 -15.62 -19.37
N LEU B 1049 45.54 -16.71 -20.07
CA LEU B 1049 46.04 -16.93 -21.43
C LEU B 1049 44.96 -16.74 -22.49
N MET B 1050 43.89 -17.53 -22.44
CA MET B 1050 42.70 -17.30 -23.24
C MET B 1050 41.53 -18.00 -22.58
N SER B 1051 40.38 -17.93 -23.22
CA SER B 1051 39.21 -18.59 -22.68
C SER B 1051 38.42 -19.18 -23.84
N PHE B 1052 37.70 -20.26 -23.56
CA PHE B 1052 36.92 -20.94 -24.55
C PHE B 1052 35.45 -20.86 -24.18
N PRO B 1053 34.62 -20.21 -24.99
CA PRO B 1053 33.19 -20.18 -24.74
C PRO B 1053 32.60 -21.57 -24.88
N GLN B 1054 31.63 -21.85 -24.02
CA GLN B 1054 30.80 -23.04 -24.18
C GLN B 1054 29.37 -22.66 -23.84
N SER B 1055 28.45 -22.96 -24.76
CA SER B 1055 27.05 -22.72 -24.49
C SER B 1055 26.57 -23.64 -23.39
N ALA B 1056 25.55 -23.17 -22.68
CA ALA B 1056 24.97 -23.93 -21.57
C ALA B 1056 23.55 -23.41 -21.41
N PRO B 1057 22.66 -24.16 -20.72
CA PRO B 1057 21.29 -23.68 -20.58
C PRO B 1057 21.21 -22.36 -19.83
N HIS B 1058 20.94 -21.30 -20.59
CA HIS B 1058 20.90 -19.93 -20.10
C HIS B 1058 22.17 -19.54 -19.36
N GLY B 1059 23.31 -19.77 -20.00
CA GLY B 1059 24.57 -19.37 -19.39
C GLY B 1059 25.72 -19.66 -20.31
N VAL B 1060 26.89 -19.17 -19.92
CA VAL B 1060 28.13 -19.42 -20.64
C VAL B 1060 29.12 -20.05 -19.69
N VAL B 1061 29.75 -21.14 -20.12
CA VAL B 1061 30.86 -21.75 -19.42
C VAL B 1061 32.13 -21.35 -20.13
N PHE B 1062 33.05 -20.74 -19.40
CA PHE B 1062 34.34 -20.35 -19.94
C PHE B 1062 35.38 -21.36 -19.49
N LEU B 1063 36.24 -21.78 -20.41
CA LEU B 1063 37.39 -22.61 -20.09
C LEU B 1063 38.61 -21.70 -20.09
N HIS B 1064 38.83 -20.99 -18.98
CA HIS B 1064 39.96 -20.08 -18.87
C HIS B 1064 41.23 -20.89 -18.68
N VAL B 1065 42.11 -20.86 -19.67
CA VAL B 1065 43.44 -21.41 -19.51
C VAL B 1065 44.30 -20.35 -18.83
N THR B 1066 44.99 -20.75 -17.76
CA THR B 1066 45.81 -19.83 -17.01
C THR B 1066 47.20 -20.42 -16.81
N TYR B 1067 48.16 -19.53 -16.62
CA TYR B 1067 49.53 -19.88 -16.28
C TYR B 1067 49.66 -19.87 -14.77
N VAL B 1068 49.98 -21.01 -14.19
CA VAL B 1068 50.20 -21.10 -12.75
C VAL B 1068 51.57 -21.71 -12.48
N PRO B 1069 52.46 -20.99 -11.81
CA PRO B 1069 53.75 -21.56 -11.42
C PRO B 1069 53.60 -22.69 -10.42
N ALA B 1070 54.51 -23.67 -10.49
CA ALA B 1070 54.39 -24.88 -9.69
C ALA B 1070 55.52 -25.04 -8.68
N GLN B 1071 56.77 -25.13 -9.15
CA GLN B 1071 57.90 -25.41 -8.29
C GLN B 1071 58.92 -24.28 -8.36
N GLU B 1072 59.37 -23.84 -7.20
CA GLU B 1072 60.21 -22.66 -7.07
C GLU B 1072 61.44 -22.99 -6.24
N LYS B 1073 62.48 -22.18 -6.43
CA LYS B 1073 63.73 -22.34 -5.69
C LYS B 1073 64.09 -21.02 -5.02
N ASN B 1074 64.90 -21.12 -3.98
CA ASN B 1074 65.39 -19.97 -3.25
C ASN B 1074 66.66 -19.48 -3.93
N PHE B 1075 66.74 -18.18 -4.18
CA PHE B 1075 67.93 -17.56 -4.69
C PHE B 1075 68.24 -16.29 -3.90
N THR B 1076 69.49 -15.84 -3.97
CA THR B 1076 69.86 -14.57 -3.31
C THR B 1076 69.71 -13.47 -4.36
N THR B 1077 69.14 -12.32 -3.99
CA THR B 1077 68.87 -11.27 -5.02
C THR B 1077 69.39 -9.91 -4.59
N ALA B 1078 69.67 -9.04 -5.55
CA ALA B 1078 70.09 -7.67 -5.24
C ALA B 1078 69.30 -6.71 -6.14
N PRO B 1079 69.00 -5.47 -5.72
CA PRO B 1079 68.20 -4.55 -6.52
C PRO B 1079 68.86 -4.26 -7.87
N ALA B 1080 70.18 -4.13 -7.88
CA ALA B 1080 70.89 -3.78 -9.13
C ALA B 1080 72.24 -4.49 -9.18
N ILE B 1081 72.87 -4.52 -10.36
CA ILE B 1081 74.24 -5.09 -10.45
C ILE B 1081 75.21 -3.97 -10.86
N CYS B 1082 76.29 -3.76 -10.11
CA CYS B 1082 77.30 -2.73 -10.50
C CYS B 1082 78.42 -3.44 -11.27
N HIS B 1083 78.81 -2.94 -12.45
CA HIS B 1083 79.83 -3.61 -13.23
C HIS B 1083 81.12 -2.82 -13.37
N ASP B 1084 81.05 -1.60 -13.92
CA ASP B 1084 82.24 -0.76 -14.05
C ASP B 1084 82.04 0.61 -13.43
N GLY B 1085 81.54 0.66 -12.20
CA GLY B 1085 81.19 1.92 -11.57
C GLY B 1085 79.79 2.38 -11.90
N LYS B 1086 79.09 1.66 -12.76
CA LYS B 1086 77.74 1.99 -13.15
C LYS B 1086 76.78 0.90 -12.67
N ALA B 1087 75.63 1.32 -12.18
CA ALA B 1087 74.60 0.40 -11.71
C ALA B 1087 73.81 -0.12 -12.90
N HIS B 1088 73.37 -1.36 -12.85
CA HIS B 1088 72.60 -1.96 -13.93
C HIS B 1088 71.27 -2.48 -13.40
N PHE B 1089 70.20 -2.21 -14.16
CA PHE B 1089 68.82 -2.62 -13.95
C PHE B 1089 68.31 -3.36 -15.18
N PRO B 1090 67.53 -4.42 -15.00
CA PRO B 1090 67.10 -5.22 -16.16
C PRO B 1090 65.93 -4.54 -16.87
N ARG B 1091 65.91 -4.62 -18.20
CA ARG B 1091 64.74 -4.15 -18.91
C ARG B 1091 63.55 -5.07 -18.66
N GLU B 1092 63.80 -6.38 -18.64
CA GLU B 1092 62.78 -7.38 -18.37
C GLU B 1092 63.38 -8.41 -17.44
N GLY B 1093 62.58 -8.92 -16.52
CA GLY B 1093 63.05 -10.01 -15.69
C GLY B 1093 63.68 -9.58 -14.38
N VAL B 1094 64.07 -10.55 -13.55
CA VAL B 1094 64.54 -10.28 -12.19
C VAL B 1094 65.96 -10.81 -12.08
N PHE B 1095 66.83 -10.02 -11.47
CA PHE B 1095 68.16 -10.50 -11.10
C PHE B 1095 68.06 -11.56 -10.00
N VAL B 1096 68.77 -12.68 -10.19
CA VAL B 1096 68.88 -13.74 -9.20
C VAL B 1096 70.30 -14.25 -9.14
N SER B 1097 70.61 -14.94 -8.03
CA SER B 1097 71.84 -15.70 -7.91
C SER B 1097 71.57 -16.94 -7.09
N ASN B 1098 72.05 -18.08 -7.57
CA ASN B 1098 71.97 -19.32 -6.83
C ASN B 1098 73.03 -19.42 -5.73
N GLY B 1099 73.84 -18.39 -5.57
CA GLY B 1099 74.95 -18.39 -4.63
C GLY B 1099 76.31 -18.50 -5.28
N THR B 1100 76.35 -18.85 -6.56
CA THR B 1100 77.62 -19.03 -7.25
C THR B 1100 77.72 -18.09 -8.44
N HIS B 1101 76.63 -17.94 -9.18
CA HIS B 1101 76.59 -17.12 -10.37
C HIS B 1101 75.32 -16.29 -10.36
N TRP B 1102 75.42 -15.07 -10.87
CA TRP B 1102 74.28 -14.15 -10.92
C TRP B 1102 73.56 -14.34 -12.25
N PHE B 1103 72.23 -14.27 -12.21
CA PHE B 1103 71.44 -14.44 -13.41
C PHE B 1103 70.26 -13.50 -13.40
N VAL B 1104 69.77 -13.19 -14.59
CA VAL B 1104 68.53 -12.44 -14.78
C VAL B 1104 67.50 -13.41 -15.35
N THR B 1105 66.30 -13.37 -14.78
CA THR B 1105 65.27 -14.32 -15.20
C THR B 1105 63.91 -13.65 -15.09
N GLN B 1106 62.99 -14.14 -15.92
CA GLN B 1106 61.65 -13.59 -16.00
C GLN B 1106 60.90 -13.86 -14.69
N ARG B 1107 59.95 -12.97 -14.37
CA ARG B 1107 59.35 -12.96 -13.05
C ARG B 1107 58.47 -14.18 -12.77
N ASN B 1108 58.04 -14.90 -13.80
CA ASN B 1108 57.11 -16.01 -13.60
C ASN B 1108 57.64 -17.34 -14.12
N PHE B 1109 58.90 -17.42 -14.53
CA PHE B 1109 59.53 -18.69 -14.88
C PHE B 1109 61.04 -18.54 -14.76
N TYR B 1110 61.70 -19.55 -14.22
CA TYR B 1110 63.15 -19.48 -14.04
C TYR B 1110 63.85 -19.75 -15.38
N GLU B 1111 64.26 -18.68 -16.04
CA GLU B 1111 65.16 -18.78 -17.20
C GLU B 1111 66.40 -17.97 -16.90
N PRO B 1112 67.40 -18.60 -16.31
CA PRO B 1112 68.65 -17.87 -16.02
C PRO B 1112 69.46 -17.62 -17.29
N GLN B 1113 69.78 -16.37 -17.54
CA GLN B 1113 70.82 -16.00 -18.49
C GLN B 1113 71.80 -15.07 -17.79
N ILE B 1114 73.00 -14.98 -18.36
CA ILE B 1114 73.99 -14.03 -17.89
C ILE B 1114 73.46 -12.63 -18.12
N ILE B 1115 73.81 -11.71 -17.23
CA ILE B 1115 73.34 -10.33 -17.30
C ILE B 1115 73.89 -9.71 -18.57
N THR B 1116 73.01 -9.35 -19.49
CA THR B 1116 73.39 -8.89 -20.81
C THR B 1116 72.71 -7.56 -21.08
N THR B 1117 73.42 -6.69 -21.80
CA THR B 1117 72.93 -5.33 -22.00
C THR B 1117 71.82 -5.23 -23.03
N ASP B 1118 71.47 -6.33 -23.70
CA ASP B 1118 70.20 -6.37 -24.40
C ASP B 1118 69.08 -6.86 -23.49
N ASN B 1119 69.38 -7.12 -22.22
CA ASN B 1119 68.37 -7.36 -21.19
C ASN B 1119 68.48 -6.40 -20.02
N THR B 1120 69.57 -5.65 -19.92
CA THR B 1120 69.71 -4.63 -18.89
C THR B 1120 70.12 -3.31 -19.54
N PHE B 1121 70.16 -2.26 -18.72
CA PHE B 1121 70.55 -0.94 -19.20
C PHE B 1121 71.40 -0.25 -18.13
N VAL B 1122 72.19 0.72 -18.58
CA VAL B 1122 73.11 1.46 -17.71
C VAL B 1122 72.37 2.69 -17.17
N SER B 1123 72.51 2.93 -15.87
CA SER B 1123 71.85 4.07 -15.22
C SER B 1123 72.51 4.35 -13.88
N GLY B 1124 72.79 5.63 -13.61
CA GLY B 1124 73.18 6.05 -12.28
C GLY B 1124 74.58 5.62 -11.87
N ASN B 1125 74.83 5.65 -10.56
CA ASN B 1125 76.13 5.33 -9.99
C ASN B 1125 75.91 4.38 -8.81
N CYS B 1126 76.95 3.62 -8.49
CA CYS B 1126 76.86 2.54 -7.51
C CYS B 1126 76.96 3.02 -6.06
N ASP B 1127 77.10 4.32 -5.83
CA ASP B 1127 77.31 4.85 -4.49
C ASP B 1127 76.04 5.24 -3.76
N VAL B 1128 74.87 5.13 -4.39
CA VAL B 1128 73.63 5.63 -3.82
C VAL B 1128 72.68 4.50 -3.47
N VAL B 1129 72.46 3.58 -4.39
CA VAL B 1129 71.51 2.50 -4.21
C VAL B 1129 72.01 1.54 -3.13
N ILE B 1130 71.09 1.08 -2.28
CA ILE B 1130 71.44 0.17 -1.20
C ILE B 1130 71.18 -1.25 -1.66
N GLY B 1131 72.04 -2.17 -1.25
CA GLY B 1131 71.89 -3.57 -1.58
C GLY B 1131 72.49 -3.98 -2.90
N ILE B 1132 73.20 -3.09 -3.59
CA ILE B 1132 73.80 -3.45 -4.86
C ILE B 1132 75.07 -4.26 -4.59
N VAL B 1133 75.33 -5.23 -5.45
CA VAL B 1133 76.42 -6.16 -5.22
C VAL B 1133 77.43 -6.08 -6.36
N ASN B 1134 78.66 -6.49 -6.05
CA ASN B 1134 79.71 -6.61 -7.05
C ASN B 1134 79.35 -7.73 -8.01
N ASN B 1135 79.48 -7.48 -9.31
CA ASN B 1135 79.47 -8.52 -10.34
C ASN B 1135 80.06 -7.94 -11.61
N THR B 1136 80.09 -8.74 -12.67
CA THR B 1136 80.36 -8.27 -14.01
C THR B 1136 79.15 -8.55 -14.90
N VAL B 1137 78.85 -7.61 -15.79
CA VAL B 1137 77.72 -7.72 -16.70
C VAL B 1137 78.27 -7.92 -18.10
N TYR B 1138 77.88 -9.03 -18.72
CA TYR B 1138 78.46 -9.41 -20.00
C TYR B 1138 77.66 -8.82 -21.13
N ASP B 1139 78.22 -7.79 -21.77
CA ASP B 1139 77.63 -7.21 -22.96
C ASP B 1139 77.73 -8.22 -24.10
N PRO B 1140 76.63 -8.52 -24.80
CA PRO B 1140 76.75 -9.35 -26.02
C PRO B 1140 77.56 -8.68 -27.13
N LEU B 1141 77.77 -7.37 -27.05
CA LEU B 1141 78.66 -6.71 -28.00
C LEU B 1141 80.13 -7.02 -27.73
N GLN B 1142 80.48 -7.37 -26.49
CA GLN B 1142 81.89 -7.66 -26.17
C GLN B 1142 82.48 -8.84 -26.95
N PRO B 1143 81.85 -10.02 -27.07
CA PRO B 1143 82.47 -11.07 -27.90
C PRO B 1143 82.56 -10.69 -29.37
N GLU B 1144 81.62 -9.89 -29.87
CA GLU B 1144 81.67 -9.46 -31.26
C GLU B 1144 82.84 -8.50 -31.50
N LEU B 1145 83.06 -7.56 -30.57
CA LEU B 1145 84.16 -6.62 -30.73
C LEU B 1145 85.51 -7.24 -30.38
N ASP B 1146 85.53 -8.24 -29.50
CA ASP B 1146 86.79 -8.91 -29.17
C ASP B 1146 87.18 -9.91 -30.25
N SER B 1147 86.20 -10.50 -30.93
CA SER B 1147 86.48 -11.45 -31.99
C SER B 1147 86.54 -10.75 -33.34
N ALA C 27 9.55 47.70 25.41
CA ALA C 27 10.67 47.01 26.03
C ALA C 27 10.79 45.58 25.51
N TYR C 28 11.74 45.36 24.60
CA TYR C 28 12.00 44.05 24.04
C TYR C 28 13.31 43.51 24.60
N THR C 29 13.29 42.24 25.01
CA THR C 29 14.45 41.62 25.61
C THR C 29 14.61 40.23 25.00
N ASN C 30 15.86 39.83 24.78
CA ASN C 30 16.16 38.52 24.25
C ASN C 30 15.80 37.47 25.29
N SER C 31 14.97 36.51 24.91
CA SER C 31 14.69 35.34 25.74
C SER C 31 15.56 34.21 25.21
N PHE C 32 16.57 33.84 25.99
CA PHE C 32 17.59 32.91 25.53
C PHE C 32 17.08 31.47 25.39
N THR C 33 16.71 30.82 26.50
CA THR C 33 16.37 29.40 26.44
C THR C 33 15.14 28.98 27.24
N ARG C 34 14.43 29.90 27.90
CA ARG C 34 13.52 29.46 28.93
C ARG C 34 12.19 28.98 28.34
N GLY C 35 11.23 28.71 29.23
CA GLY C 35 9.88 28.36 28.83
C GLY C 35 9.64 26.91 28.44
N VAL C 36 10.66 26.07 28.47
CA VAL C 36 10.54 24.69 27.99
C VAL C 36 10.06 23.80 29.13
N TYR C 37 9.54 22.62 28.78
CA TYR C 37 9.13 21.66 29.79
C TYR C 37 9.23 20.26 29.22
N TYR C 38 8.93 19.28 30.05
CA TYR C 38 8.86 17.89 29.60
C TYR C 38 7.55 17.66 28.87
N PRO C 39 7.58 17.26 27.59
CA PRO C 39 6.35 17.25 26.81
C PRO C 39 5.40 16.13 27.17
N ASP C 40 5.88 15.06 27.77
CA ASP C 40 5.04 13.88 27.95
C ASP C 40 5.43 13.27 29.31
N LYS C 41 4.96 12.06 29.57
CA LYS C 41 5.10 11.37 30.84
C LYS C 41 6.25 10.36 30.79
N VAL C 42 6.94 10.31 29.66
CA VAL C 42 7.87 9.22 29.33
C VAL C 42 9.30 9.70 29.58
N PHE C 43 10.04 8.95 30.38
CA PHE C 43 11.43 9.26 30.65
C PHE C 43 12.31 8.47 29.68
N ARG C 44 13.17 9.18 28.95
CA ARG C 44 13.96 8.60 27.89
C ARG C 44 15.41 9.06 28.06
N SER C 45 16.33 8.41 27.36
CA SER C 45 17.73 8.81 27.40
C SER C 45 18.34 8.76 26.01
N SER C 46 19.15 9.78 25.69
CA SER C 46 19.94 9.85 24.46
C SER C 46 19.09 9.73 23.20
N VAL C 47 17.90 10.32 23.24
CA VAL C 47 17.01 10.32 22.08
C VAL C 47 16.67 11.76 21.75
N LEU C 48 16.30 11.98 20.50
CA LEU C 48 15.86 13.28 20.02
C LEU C 48 14.41 13.15 19.57
N HIS C 49 13.49 13.72 20.34
CA HIS C 49 12.07 13.55 20.11
C HIS C 49 11.47 14.90 19.74
N SER C 50 10.76 14.93 18.62
CA SER C 50 10.19 16.17 18.09
C SER C 50 8.70 16.20 18.36
N THR C 51 8.24 17.26 19.03
CA THR C 51 6.85 17.42 19.39
C THR C 51 6.50 18.90 19.32
N GLN C 52 5.25 19.21 18.98
CA GLN C 52 4.78 20.58 18.89
C GLN C 52 3.76 20.86 19.99
N ASP C 53 3.90 22.01 20.64
CA ASP C 53 2.95 22.49 21.64
C ASP C 53 3.18 23.99 21.80
N LEU C 54 2.42 24.60 22.70
CA LEU C 54 2.58 26.02 23.05
C LEU C 54 3.94 26.20 23.72
N PHE C 55 4.92 26.61 22.93
CA PHE C 55 6.31 26.64 23.34
C PHE C 55 6.88 28.04 23.22
N LEU C 56 8.04 28.23 23.82
CA LEU C 56 8.75 29.50 23.77
C LEU C 56 9.62 29.57 22.53
N PRO C 57 9.32 30.46 21.57
CA PRO C 57 10.27 30.67 20.48
C PRO C 57 11.51 31.38 21.02
N PHE C 58 12.67 30.82 20.67
CA PHE C 58 13.92 31.31 21.25
C PHE C 58 14.27 32.69 20.70
N PHE C 59 15.16 33.39 21.41
CA PHE C 59 15.79 34.63 20.95
C PHE C 59 14.76 35.71 20.64
N SER C 60 13.57 35.62 21.22
CA SER C 60 12.46 36.46 20.81
C SER C 60 12.48 37.78 21.56
N ASN C 61 11.41 38.55 21.37
CA ASN C 61 11.22 39.80 22.09
C ASN C 61 10.21 39.55 23.21
N VAL C 62 10.66 39.74 24.45
CA VAL C 62 9.79 39.61 25.61
C VAL C 62 9.70 40.95 26.31
N THR C 63 8.65 41.11 27.11
CA THR C 63 8.32 42.41 27.67
C THR C 63 8.82 42.52 29.10
N TRP C 64 9.43 43.67 29.41
CA TRP C 64 9.92 43.99 30.74
C TRP C 64 8.78 44.61 31.54
N PHE C 65 8.55 44.09 32.74
CA PHE C 65 7.48 44.58 33.59
C PHE C 65 8.01 45.08 34.93
N HIS C 66 7.30 46.05 35.48
CA HIS C 66 7.53 46.54 36.83
C HIS C 66 6.19 46.96 37.43
N ALA C 67 6.01 46.65 38.71
CA ALA C 67 4.71 46.73 39.37
C ALA C 67 4.74 47.73 40.52
N ILE C 68 5.31 48.90 40.27
CA ILE C 68 5.34 49.99 41.25
C ILE C 68 4.51 51.13 40.68
N HIS C 69 3.49 51.54 41.45
CA HIS C 69 2.60 52.66 41.12
C HIS C 69 1.91 52.48 39.77
N ASP C 80 1.98 46.65 36.41
CA ASP C 80 1.52 46.39 35.05
C ASP C 80 1.25 44.90 34.72
N ASN C 81 0.04 44.64 34.23
CA ASN C 81 -0.43 43.28 33.98
C ASN C 81 -1.60 43.19 32.98
N PRO C 82 -1.38 43.51 31.70
CA PRO C 82 -2.48 43.40 30.73
C PRO C 82 -2.73 41.95 30.32
N VAL C 83 -3.59 41.79 29.32
CA VAL C 83 -3.78 40.49 28.69
C VAL C 83 -2.51 40.14 27.93
N LEU C 84 -2.10 38.89 27.96
CA LEU C 84 -0.92 38.57 27.20
C LEU C 84 -1.30 37.74 25.98
N PRO C 85 -0.65 37.96 24.82
CA PRO C 85 -1.01 37.19 23.62
C PRO C 85 -0.51 35.76 23.68
N PHE C 86 -1.16 34.96 24.53
CA PHE C 86 -0.86 33.54 24.67
C PHE C 86 -2.21 32.83 24.59
N ASN C 87 -2.90 32.98 23.46
CA ASN C 87 -4.32 32.68 23.34
C ASN C 87 -4.73 31.23 23.58
N ASP C 88 -3.80 30.33 23.92
CA ASP C 88 -4.15 28.92 24.07
C ASP C 88 -3.76 28.38 25.44
N GLY C 89 -3.36 29.24 26.36
CA GLY C 89 -2.99 28.80 27.70
C GLY C 89 -2.57 30.00 28.53
N VAL C 90 -1.58 29.76 29.40
CA VAL C 90 -0.70 30.81 29.90
C VAL C 90 0.72 30.28 29.93
N TYR C 91 1.68 31.20 29.90
CA TYR C 91 3.01 30.94 30.42
C TYR C 91 3.29 31.98 31.49
N PHE C 92 3.77 31.52 32.64
CA PHE C 92 3.91 32.36 33.81
C PHE C 92 5.38 32.55 34.15
N ALA C 93 5.71 33.75 34.64
CA ALA C 93 7.08 34.04 35.04
C ALA C 93 7.06 35.05 36.16
N SER C 94 7.84 34.78 37.21
CA SER C 94 7.97 35.69 38.34
C SER C 94 9.37 35.58 38.91
N THR C 95 9.97 36.73 39.21
CA THR C 95 11.19 36.81 39.99
C THR C 95 10.78 37.12 41.42
N GLU C 96 11.32 36.35 42.36
CA GLU C 96 10.78 36.30 43.71
C GLU C 96 11.92 36.06 44.68
N LYS C 97 11.91 36.80 45.79
CA LYS C 97 12.98 36.69 46.76
C LYS C 97 12.46 36.46 48.17
N SER C 98 11.25 36.96 48.48
CA SER C 98 10.69 36.85 49.82
C SER C 98 9.20 36.56 49.82
N ASN C 99 8.72 35.70 48.93
CA ASN C 99 7.31 35.29 48.83
C ASN C 99 6.39 36.49 48.65
N ILE C 100 6.78 37.39 47.75
CA ILE C 100 5.99 38.59 47.49
C ILE C 100 4.73 38.24 46.72
N ILE C 101 4.86 37.37 45.70
CA ILE C 101 3.74 37.03 44.85
C ILE C 101 2.77 36.16 45.63
N ARG C 102 1.49 36.54 45.62
CA ARG C 102 0.46 35.82 46.36
C ARG C 102 -0.48 34.98 45.52
N GLY C 103 -0.78 35.37 44.27
CA GLY C 103 -1.73 34.61 43.50
C GLY C 103 -1.83 35.10 42.08
N TRP C 104 -2.62 34.37 41.29
CA TRP C 104 -2.78 34.63 39.86
C TRP C 104 -4.13 34.11 39.40
N ILE C 105 -4.71 34.82 38.44
CA ILE C 105 -6.08 34.58 37.98
C ILE C 105 -6.05 34.14 36.52
N PHE C 106 -6.73 33.03 36.22
CA PHE C 106 -6.84 32.51 34.87
C PHE C 106 -8.29 32.44 34.44
N GLY C 107 -8.55 32.86 33.21
CA GLY C 107 -9.88 32.77 32.64
C GLY C 107 -10.10 33.90 31.64
N THR C 108 -11.37 34.11 31.32
CA THR C 108 -11.80 35.19 30.45
C THR C 108 -12.53 36.28 31.20
N THR C 109 -13.52 35.92 32.01
CA THR C 109 -14.21 36.88 32.87
C THR C 109 -13.40 37.24 34.09
N LEU C 110 -12.45 36.38 34.47
CA LEU C 110 -11.41 36.60 35.49
C LEU C 110 -11.94 36.98 36.88
N ASP C 111 -13.25 36.93 37.10
CA ASP C 111 -13.80 37.20 38.44
C ASP C 111 -15.12 36.44 38.59
N SER C 112 -15.04 35.21 39.09
CA SER C 112 -16.16 34.46 39.65
C SER C 112 -17.33 34.19 38.71
N LYS C 113 -17.20 34.50 37.42
CA LYS C 113 -18.28 34.23 36.48
C LYS C 113 -18.07 32.92 35.72
N THR C 114 -16.94 32.26 35.92
CA THR C 114 -16.70 30.90 35.48
C THR C 114 -15.98 30.15 36.60
N GLN C 115 -15.77 28.87 36.40
CA GLN C 115 -14.83 28.15 37.23
C GLN C 115 -13.44 28.72 36.98
N SER C 116 -12.72 29.05 38.04
CA SER C 116 -11.38 29.62 37.93
C SER C 116 -10.60 29.32 39.18
N LEU C 117 -9.31 29.00 39.04
CA LEU C 117 -8.52 28.62 40.20
C LEU C 117 -8.20 29.82 41.06
N LEU C 118 -8.38 29.65 42.37
CA LEU C 118 -8.02 30.63 43.38
C LEU C 118 -7.09 29.95 44.37
N ILE C 119 -5.79 30.05 44.13
CA ILE C 119 -4.79 29.21 44.80
C ILE C 119 -3.79 30.08 45.54
N VAL C 120 -3.27 29.55 46.65
CA VAL C 120 -2.31 30.22 47.51
C VAL C 120 -1.20 29.28 47.98
N ASN C 121 -0.14 29.86 48.54
CA ASN C 121 0.98 29.12 49.06
C ASN C 121 1.28 29.69 50.45
N ASN C 122 1.59 28.83 51.44
CA ASN C 122 2.25 29.30 52.68
C ASN C 122 3.62 28.61 52.80
N ALA C 123 4.19 28.26 51.63
CA ALA C 123 5.50 27.69 51.41
C ALA C 123 5.60 26.24 51.86
N THR C 124 4.51 25.65 52.37
CA THR C 124 4.61 24.30 52.95
C THR C 124 3.59 23.36 52.32
N ASN C 125 2.60 23.94 51.63
CA ASN C 125 1.61 23.21 50.84
C ASN C 125 0.89 24.22 49.95
N VAL C 126 0.41 23.76 48.80
CA VAL C 126 -0.34 24.62 47.90
C VAL C 126 -1.75 24.06 47.77
N VAL C 127 -2.75 24.90 48.06
CA VAL C 127 -4.16 24.50 48.04
C VAL C 127 -4.81 25.00 46.78
N ILE C 128 -5.45 24.08 46.06
CA ILE C 128 -6.07 24.37 44.77
C ILE C 128 -7.57 24.32 44.93
N LYS C 129 -8.23 25.44 44.65
CA LYS C 129 -9.68 25.48 44.52
C LYS C 129 -10.01 26.25 43.25
N VAL C 130 -10.71 25.59 42.34
CA VAL C 130 -11.04 26.19 41.05
C VAL C 130 -12.48 26.68 41.01
N CYS C 131 -13.13 26.73 42.17
CA CYS C 131 -14.56 26.97 42.18
C CYS C 131 -14.90 28.38 42.65
N GLU C 132 -16.20 28.66 42.68
CA GLU C 132 -16.71 30.01 42.89
C GLU C 132 -16.89 30.30 44.37
N PHE C 133 -15.76 30.49 45.04
CA PHE C 133 -15.71 31.03 46.38
C PHE C 133 -16.08 32.51 46.35
N GLN C 134 -16.44 33.06 47.52
CA GLN C 134 -16.73 34.49 47.62
C GLN C 134 -15.40 35.24 47.45
N PHE C 135 -15.13 35.65 46.22
CA PHE C 135 -13.80 36.10 45.83
C PHE C 135 -13.66 37.61 46.00
N CYS C 136 -12.57 37.99 46.66
CA CYS C 136 -12.27 39.39 46.89
C CYS C 136 -11.58 39.99 45.67
N ASN C 137 -11.85 41.27 45.41
CA ASN C 137 -11.25 41.95 44.27
C ASN C 137 -9.76 42.16 44.45
N ASP C 138 -9.30 42.31 45.68
CA ASP C 138 -7.88 42.33 46.02
C ASP C 138 -7.67 41.25 47.08
N PRO C 139 -7.59 40.00 46.67
CA PRO C 139 -7.80 38.90 47.61
C PRO C 139 -6.61 38.61 48.51
N PHE C 140 -6.89 38.51 49.80
CA PHE C 140 -5.97 37.98 50.80
C PHE C 140 -6.79 37.61 52.03
N LEU C 141 -6.19 36.80 52.89
CA LEU C 141 -6.78 36.43 54.17
C LEU C 141 -5.84 36.87 55.27
N GLY C 142 -6.41 37.30 56.40
CA GLY C 142 -5.63 37.85 57.47
C GLY C 142 -4.82 36.79 58.20
N VAL C 143 -3.93 37.28 59.06
CA VAL C 143 -3.06 36.40 59.84
C VAL C 143 -3.81 35.90 61.07
N ASN C 165 -21.02 26.49 44.80
CA ASN C 165 -20.71 26.20 43.40
C ASN C 165 -19.38 25.49 43.26
N CYS C 166 -19.12 24.53 44.15
CA CYS C 166 -17.85 23.82 44.11
C CYS C 166 -18.01 22.36 43.75
N THR C 167 -17.56 22.00 42.55
CA THR C 167 -17.44 20.61 42.14
C THR C 167 -16.01 20.09 42.20
N PHE C 168 -15.04 20.91 42.62
CA PHE C 168 -13.68 20.46 42.74
C PHE C 168 -12.96 21.27 43.82
N GLU C 169 -12.09 20.60 44.57
CA GLU C 169 -11.31 21.20 45.64
C GLU C 169 -10.10 20.32 45.90
N TYR C 170 -8.91 20.92 46.01
CA TYR C 170 -7.69 20.14 46.15
C TYR C 170 -6.78 20.75 47.21
N VAL C 171 -6.05 19.90 47.92
CA VAL C 171 -5.04 20.31 48.89
C VAL C 171 -3.78 19.48 48.61
N SER C 172 -2.62 20.11 48.76
CA SER C 172 -1.34 19.39 48.64
C SER C 172 -0.92 18.82 49.98
N PHE C 186 16.05 38.59 44.20
CA PHE C 186 15.52 37.70 43.17
C PHE C 186 16.44 36.50 42.96
N LYS C 187 16.87 35.87 44.05
CA LYS C 187 17.70 34.68 43.98
C LYS C 187 16.90 33.41 43.73
N ASN C 188 15.57 33.49 43.76
CA ASN C 188 14.71 32.34 43.55
C ASN C 188 13.89 32.56 42.29
N LEU C 189 14.42 32.13 41.15
CA LEU C 189 13.74 32.23 39.88
C LEU C 189 12.70 31.12 39.79
N ARG C 190 11.43 31.51 39.89
CA ARG C 190 10.30 30.59 39.94
C ARG C 190 9.57 30.67 38.61
N GLU C 191 9.78 29.66 37.76
CA GLU C 191 9.10 29.57 36.48
C GLU C 191 7.92 28.62 36.60
N PHE C 192 6.80 29.01 36.00
CA PHE C 192 5.60 28.17 36.02
C PHE C 192 5.01 28.18 34.63
N VAL C 193 4.63 27.00 34.14
CA VAL C 193 3.74 26.97 32.98
C VAL C 193 2.50 26.22 33.42
N PHE C 194 1.55 26.96 33.99
CA PHE C 194 0.30 26.36 34.42
C PHE C 194 -0.64 26.25 33.24
N LYS C 195 -0.58 25.11 32.55
CA LYS C 195 -1.34 24.91 31.34
C LYS C 195 -2.43 23.89 31.60
N ASN C 196 -3.41 23.86 30.70
CA ASN C 196 -4.47 22.86 30.75
C ASN C 196 -4.73 22.36 29.35
N ILE C 197 -4.44 21.08 29.14
CA ILE C 197 -4.67 20.41 27.85
C ILE C 197 -5.51 19.18 28.12
N ASP C 198 -6.63 19.06 27.40
CA ASP C 198 -7.57 17.93 27.50
C ASP C 198 -8.11 17.76 28.91
N GLY C 199 -8.25 18.88 29.61
CA GLY C 199 -8.71 18.82 30.98
C GLY C 199 -7.66 18.43 32.00
N TYR C 200 -6.41 18.23 31.56
CA TYR C 200 -5.32 17.87 32.46
C TYR C 200 -4.56 19.15 32.79
N PHE C 201 -4.50 19.48 34.07
CA PHE C 201 -3.74 20.62 34.56
C PHE C 201 -2.43 20.13 35.16
N LYS C 202 -1.33 20.36 34.45
CA LYS C 202 0.00 20.03 34.93
C LYS C 202 0.62 21.26 35.54
N ILE C 203 1.11 21.15 36.77
CA ILE C 203 1.84 22.23 37.42
C ILE C 203 3.32 22.04 37.10
N TYR C 204 3.94 23.10 36.61
CA TYR C 204 5.37 23.10 36.36
C TYR C 204 6.06 24.08 37.30
N SER C 205 7.15 23.63 37.91
CA SER C 205 7.85 24.44 38.89
C SER C 205 9.34 24.25 38.71
N LYS C 206 10.07 25.33 39.00
CA LYS C 206 11.52 25.30 38.92
C LYS C 206 12.05 26.42 39.80
N HIS C 207 13.09 26.12 40.57
CA HIS C 207 13.65 27.07 41.52
C HIS C 207 15.17 27.05 41.35
N THR C 208 15.72 28.10 40.74
CA THR C 208 17.14 28.15 40.44
C THR C 208 17.72 29.46 40.91
N PRO C 209 18.97 29.46 41.36
CA PRO C 209 19.63 30.72 41.72
C PRO C 209 20.34 31.35 40.53
N ILE C 210 20.36 32.69 40.52
CA ILE C 210 21.01 33.45 39.46
C ILE C 210 21.98 34.44 40.10
N ASN C 211 22.94 34.88 39.30
CA ASN C 211 23.82 35.98 39.68
C ASN C 211 24.14 36.76 38.41
N LEU C 212 23.30 37.75 38.11
CA LEU C 212 23.41 38.53 36.88
C LEU C 212 22.72 39.86 37.12
N VAL C 213 23.00 40.82 36.24
CA VAL C 213 22.66 42.20 36.53
C VAL C 213 21.74 42.83 35.47
N ARG C 214 21.78 42.33 34.24
CA ARG C 214 21.15 43.08 33.16
C ARG C 214 20.14 42.28 32.34
N ASP C 215 20.33 40.97 32.21
CA ASP C 215 19.49 40.17 31.34
C ASP C 215 19.21 38.84 32.02
N LEU C 216 18.16 38.16 31.56
CA LEU C 216 17.92 36.78 31.94
C LEU C 216 19.10 35.92 31.46
N PRO C 217 19.55 34.95 32.25
CA PRO C 217 20.82 34.30 31.92
C PRO C 217 20.75 33.25 30.82
N GLN C 218 21.90 33.05 30.17
CA GLN C 218 22.01 32.08 29.10
C GLN C 218 22.28 30.70 29.69
N GLY C 219 21.31 29.81 29.57
CA GLY C 219 21.39 28.51 30.18
C GLY C 219 20.02 27.86 30.17
N PHE C 220 20.04 26.53 30.11
CA PHE C 220 18.86 25.75 29.79
C PHE C 220 18.26 25.17 31.06
N SER C 221 16.95 25.34 31.22
CA SER C 221 16.27 24.85 32.41
C SER C 221 14.89 24.34 32.01
N ALA C 222 14.66 23.06 32.25
CA ALA C 222 13.43 22.38 31.87
C ALA C 222 12.45 22.39 33.02
N LEU C 223 11.16 22.49 32.70
CA LEU C 223 10.11 22.41 33.69
C LEU C 223 9.58 21.00 33.79
N GLU C 224 9.49 20.50 35.03
CA GLU C 224 9.03 19.14 35.29
C GLU C 224 7.61 19.15 35.84
N PRO C 225 6.77 18.22 35.40
CA PRO C 225 5.43 18.09 36.01
C PRO C 225 5.57 17.62 37.45
N LEU C 226 4.68 18.12 38.30
CA LEU C 226 4.60 17.60 39.66
C LEU C 226 3.24 17.00 39.99
N VAL C 227 2.17 17.74 39.79
CA VAL C 227 0.81 17.27 40.02
C VAL C 227 -0.02 17.54 38.77
N ASP C 228 -0.74 16.51 38.32
CA ASP C 228 -1.62 16.61 37.16
C ASP C 228 -3.03 16.76 37.70
N LEU C 229 -3.80 17.70 37.12
CA LEU C 229 -5.00 17.99 37.86
C LEU C 229 -6.22 17.99 36.94
N PRO C 230 -7.31 17.35 37.36
CA PRO C 230 -8.53 17.23 36.53
C PRO C 230 -9.51 18.40 36.72
N ILE C 231 -9.29 19.48 35.98
CA ILE C 231 -10.20 20.63 36.10
C ILE C 231 -11.03 20.86 34.83
N GLY C 232 -10.43 20.97 33.64
CA GLY C 232 -11.23 21.15 32.44
C GLY C 232 -11.73 22.56 32.17
N ILE C 233 -10.83 23.50 31.86
CA ILE C 233 -11.13 24.93 31.79
C ILE C 233 -10.58 25.49 30.48
N ASN C 234 -11.03 26.68 30.04
CA ASN C 234 -10.06 27.43 29.26
C ASN C 234 -9.12 28.21 30.15
N ILE C 235 -7.93 28.45 29.63
CA ILE C 235 -6.96 29.36 30.22
C ILE C 235 -6.40 30.23 29.10
N THR C 236 -6.53 31.56 29.26
CA THR C 236 -6.04 32.49 28.25
C THR C 236 -5.35 33.73 28.82
N ARG C 237 -5.51 34.03 30.09
CA ARG C 237 -5.01 35.26 30.68
C ARG C 237 -4.43 34.98 32.05
N PHE C 238 -3.29 35.60 32.34
CA PHE C 238 -2.67 35.50 33.65
C PHE C 238 -2.34 36.88 34.19
N GLN C 239 -2.46 37.03 35.50
CA GLN C 239 -2.31 38.29 36.19
C GLN C 239 -1.39 38.07 37.38
N THR C 240 -0.45 38.99 37.58
CA THR C 240 0.54 38.86 38.63
C THR C 240 0.16 39.75 39.80
N LEU C 241 0.12 39.15 41.00
CA LEU C 241 -0.17 39.88 42.23
C LEU C 241 1.06 39.85 43.12
N LEU C 242 1.14 40.81 44.04
CA LEU C 242 2.26 40.93 44.95
C LEU C 242 1.76 41.09 46.38
N ALA C 243 2.72 41.16 47.31
CA ALA C 243 2.41 41.45 48.71
C ALA C 243 3.59 42.23 49.29
N LEU C 244 3.46 43.56 49.31
CA LEU C 244 4.52 44.43 49.80
C LEU C 244 4.60 44.38 51.32
N HIS C 245 5.81 44.56 51.85
CA HIS C 245 6.04 44.59 53.29
C HIS C 245 5.56 45.91 53.89
N ALA C 263 13.71 47.10 39.48
CA ALA C 263 13.66 45.65 39.32
C ALA C 263 13.06 45.26 37.98
N ALA C 264 13.80 44.48 37.21
CA ALA C 264 13.38 44.05 35.88
C ALA C 264 13.10 42.57 35.86
N TYR C 265 11.95 42.19 35.31
CA TYR C 265 11.69 40.79 35.00
C TYR C 265 10.95 40.72 33.68
N TYR C 266 10.97 39.53 33.07
CA TYR C 266 10.62 39.38 31.67
C TYR C 266 9.59 38.28 31.51
N VAL C 267 8.54 38.56 30.74
CA VAL C 267 7.47 37.62 30.42
C VAL C 267 7.22 37.69 28.91
N GLY C 268 7.03 36.53 28.27
CA GLY C 268 7.07 36.45 26.83
C GLY C 268 5.72 36.18 26.19
N TYR C 269 5.74 36.22 24.85
CA TYR C 269 4.59 35.96 23.99
C TYR C 269 4.87 34.70 23.19
N LEU C 270 4.22 33.59 23.52
CA LEU C 270 4.73 32.30 23.05
C LEU C 270 3.67 31.59 22.21
N GLN C 271 4.11 31.02 21.09
CA GLN C 271 3.22 30.51 20.05
C GLN C 271 3.59 29.07 19.66
N PRO C 272 2.61 28.26 19.20
CA PRO C 272 2.85 26.81 19.06
C PRO C 272 3.62 26.38 17.82
N ARG C 273 4.95 26.41 17.85
CA ARG C 273 5.77 25.58 16.97
C ARG C 273 6.51 24.54 17.79
N THR C 274 7.34 23.77 17.09
CA THR C 274 7.84 22.48 17.56
C THR C 274 9.26 22.59 18.07
N PHE C 275 9.65 21.63 18.92
CA PHE C 275 10.99 21.54 19.49
C PHE C 275 11.63 20.20 19.17
N LEU C 276 12.97 20.18 19.18
CA LEU C 276 13.75 18.95 19.19
C LEU C 276 14.50 18.88 20.52
N LEU C 277 14.17 17.89 21.33
CA LEU C 277 14.65 17.80 22.70
C LEU C 277 15.71 16.72 22.84
N LYS C 278 16.81 17.05 23.50
CA LYS C 278 17.89 16.12 23.76
C LYS C 278 17.86 15.73 25.23
N TYR C 279 17.85 14.42 25.49
CA TYR C 279 17.81 13.91 26.85
C TYR C 279 19.17 13.30 27.15
N ASN C 280 19.72 13.60 28.32
CA ASN C 280 21.08 13.15 28.63
C ASN C 280 21.03 11.74 29.21
N GLU C 281 22.13 11.30 29.82
CA GLU C 281 22.22 9.92 30.30
C GLU C 281 21.33 9.67 31.51
N ASN C 282 21.24 10.60 32.44
CA ASN C 282 20.15 10.58 33.42
C ASN C 282 18.94 11.36 32.96
N GLY C 283 18.79 11.56 31.65
CA GLY C 283 17.49 11.83 31.07
C GLY C 283 16.91 13.20 31.31
N THR C 284 17.75 14.20 31.58
CA THR C 284 17.25 15.56 31.74
C THR C 284 17.50 16.32 30.45
N ILE C 285 16.58 17.22 30.13
CA ILE C 285 16.67 17.97 28.88
C ILE C 285 17.79 18.99 29.00
N THR C 286 18.71 18.98 28.03
CA THR C 286 19.91 19.80 28.09
C THR C 286 19.89 20.99 27.14
N ASP C 287 19.16 20.91 26.03
CA ASP C 287 19.06 22.01 25.09
C ASP C 287 17.84 21.79 24.22
N ALA C 288 17.44 22.82 23.48
CA ALA C 288 16.29 22.70 22.59
C ALA C 288 16.45 23.68 21.43
N VAL C 289 15.75 23.38 20.33
CA VAL C 289 15.75 24.23 19.14
C VAL C 289 14.32 24.40 18.66
N ASP C 290 14.03 25.58 18.10
CA ASP C 290 12.70 25.79 17.47
C ASP C 290 12.96 25.96 15.97
N CYS C 291 12.48 25.05 15.11
CA CYS C 291 12.85 25.19 13.68
C CYS C 291 12.34 26.56 13.22
N ALA C 292 11.16 26.98 13.69
CA ALA C 292 10.54 28.23 13.20
C ALA C 292 11.46 29.43 13.47
N LEU C 293 12.25 29.41 14.55
CA LEU C 293 13.04 30.62 14.90
C LEU C 293 13.97 31.00 13.74
N ASP C 294 14.70 30.04 13.15
CA ASP C 294 15.65 30.44 12.09
C ASP C 294 15.96 29.24 11.17
N PRO C 295 16.45 29.47 9.93
CA PRO C 295 16.82 28.37 9.06
C PRO C 295 17.89 27.50 9.73
N LEU C 296 18.83 28.11 10.46
CA LEU C 296 19.83 27.30 11.21
C LEU C 296 19.14 26.16 11.94
N SER C 297 18.05 26.44 12.66
CA SER C 297 17.35 25.44 13.45
C SER C 297 16.37 24.66 12.60
N GLU C 298 15.90 25.25 11.50
CA GLU C 298 15.08 24.49 10.55
C GLU C 298 15.84 23.29 9.99
N THR C 299 17.08 23.53 9.56
CA THR C 299 17.96 22.43 9.17
C THR C 299 18.21 21.48 10.33
N LYS C 300 18.34 22.03 11.54
CA LYS C 300 18.61 21.18 12.71
C LYS C 300 17.48 20.19 12.97
N CYS C 301 16.24 20.65 12.94
CA CYS C 301 15.17 19.72 13.27
C CYS C 301 14.85 18.80 12.11
N THR C 302 15.10 19.24 10.87
CA THR C 302 14.89 18.33 9.75
C THR C 302 15.99 17.28 9.67
N LEU C 303 17.20 17.60 10.12
CA LEU C 303 18.29 16.63 10.14
C LEU C 303 18.34 15.83 11.42
N LYS C 304 17.53 16.20 12.42
CA LYS C 304 17.40 15.45 13.68
C LYS C 304 18.72 15.40 14.44
N SER C 305 19.33 16.57 14.64
CA SER C 305 20.59 16.66 15.37
C SER C 305 20.83 18.11 15.80
N PHE C 306 21.63 18.27 16.84
CA PHE C 306 22.14 19.57 17.23
C PHE C 306 23.41 19.97 16.48
N THR C 307 24.04 19.02 15.79
CA THR C 307 25.12 19.35 14.88
C THR C 307 24.65 19.08 13.46
N VAL C 308 24.80 20.07 12.60
CA VAL C 308 24.42 19.94 11.19
C VAL C 308 25.68 20.06 10.35
N GLU C 309 25.86 19.11 9.45
CA GLU C 309 26.95 19.17 8.51
C GLU C 309 26.70 20.31 7.53
N LYS C 310 27.78 20.92 7.08
CA LYS C 310 27.68 22.00 6.09
C LYS C 310 27.14 21.48 4.77
N GLY C 311 25.94 21.91 4.41
CA GLY C 311 25.27 21.45 3.21
C GLY C 311 23.88 22.04 3.08
N ILE C 312 23.21 21.69 1.98
CA ILE C 312 21.82 22.07 1.76
C ILE C 312 20.93 20.92 2.17
N TYR C 313 19.80 21.27 2.77
CA TYR C 313 18.83 20.28 3.24
C TYR C 313 17.43 20.82 3.00
N GLN C 314 16.62 20.08 2.26
CA GLN C 314 15.25 20.49 2.04
C GLN C 314 14.47 20.41 3.34
N THR C 315 13.91 21.54 3.76
CA THR C 315 13.13 21.62 4.98
C THR C 315 11.63 21.54 4.75
N SER C 316 11.13 22.24 3.74
CA SER C 316 9.72 22.18 3.38
C SER C 316 9.61 22.43 1.88
N ASN C 317 8.40 22.74 1.43
CA ASN C 317 8.15 23.03 0.02
C ASN C 317 7.64 24.46 -0.06
N PHE C 318 8.37 25.30 -0.79
CA PHE C 318 7.96 26.68 -1.00
C PHE C 318 6.85 26.74 -2.04
N ARG C 319 5.76 27.43 -1.71
CA ARG C 319 4.60 27.48 -2.59
C ARG C 319 3.97 28.86 -2.50
N VAL C 320 3.78 29.50 -3.65
CA VAL C 320 2.98 30.72 -3.68
C VAL C 320 1.53 30.37 -3.40
N GLN C 321 1.01 30.90 -2.33
CA GLN C 321 -0.33 30.55 -1.91
C GLN C 321 -1.36 31.38 -2.65
N PRO C 322 -2.47 30.78 -3.06
CA PRO C 322 -3.55 31.55 -3.69
C PRO C 322 -4.19 32.50 -2.71
N THR C 323 -4.48 33.71 -3.18
CA THR C 323 -4.96 34.78 -2.33
C THR C 323 -6.47 34.86 -2.23
N GLU C 324 -7.18 34.65 -3.33
CA GLU C 324 -8.63 34.83 -3.37
C GLU C 324 -9.21 34.01 -4.51
N SER C 325 -10.53 33.86 -4.49
CA SER C 325 -11.25 33.06 -5.45
C SER C 325 -11.93 33.94 -6.48
N ILE C 326 -11.70 33.64 -7.76
CA ILE C 326 -12.35 34.32 -8.87
C ILE C 326 -13.12 33.29 -9.67
N VAL C 327 -14.40 33.54 -9.88
CA VAL C 327 -15.28 32.64 -10.64
C VAL C 327 -15.67 33.35 -11.92
N ARG C 328 -15.35 32.75 -13.05
CA ARG C 328 -15.69 33.31 -14.35
C ARG C 328 -16.66 32.35 -15.03
N PHE C 329 -17.94 32.69 -15.03
CA PHE C 329 -18.98 31.82 -15.62
C PHE C 329 -19.49 32.48 -16.91
N PRO C 330 -19.94 31.76 -17.97
CA PRO C 330 -20.33 32.40 -19.23
C PRO C 330 -21.66 33.16 -19.18
N ASN C 331 -22.10 33.72 -20.29
CA ASN C 331 -23.45 34.35 -20.33
C ASN C 331 -24.28 33.54 -21.32
N ILE C 332 -25.49 33.13 -20.95
CA ILE C 332 -26.27 32.23 -21.84
C ILE C 332 -26.49 32.88 -23.21
N THR C 333 -26.20 32.15 -24.28
CA THR C 333 -26.41 32.65 -25.67
C THR C 333 -27.78 33.33 -25.77
N ASN C 334 -28.81 32.73 -25.18
CA ASN C 334 -30.15 33.35 -25.17
C ASN C 334 -30.35 34.01 -23.80
N LEU C 335 -30.11 35.32 -23.70
CA LEU C 335 -30.12 36.01 -22.39
C LEU C 335 -31.54 36.17 -21.83
N CYS C 336 -32.39 35.15 -21.96
CA CYS C 336 -33.77 35.20 -21.39
C CYS C 336 -34.57 36.39 -21.97
N PRO C 337 -35.21 36.26 -23.16
CA PRO C 337 -36.03 37.37 -23.68
C PRO C 337 -37.43 37.41 -23.09
N PHE C 338 -37.52 37.80 -21.82
CA PHE C 338 -38.78 37.76 -21.09
C PHE C 338 -39.62 39.02 -21.26
N GLY C 339 -39.15 40.01 -22.03
CA GLY C 339 -39.99 41.17 -22.29
C GLY C 339 -41.24 40.81 -23.07
N GLU C 340 -41.08 40.05 -24.14
CA GLU C 340 -42.21 39.53 -24.91
C GLU C 340 -43.02 38.50 -24.15
N VAL C 341 -42.47 37.94 -23.07
CA VAL C 341 -43.17 36.91 -22.29
C VAL C 341 -43.99 37.52 -21.16
N PHE C 342 -43.51 38.56 -20.50
CA PHE C 342 -44.20 39.12 -19.34
C PHE C 342 -44.90 40.44 -19.61
N ASN C 343 -44.52 41.17 -20.67
CA ASN C 343 -45.21 42.41 -21.04
C ASN C 343 -46.04 42.24 -22.30
N ALA C 344 -46.74 41.11 -22.44
CA ALA C 344 -47.49 40.83 -23.65
C ALA C 344 -48.88 41.45 -23.57
N THR C 345 -49.66 41.24 -24.65
CA THR C 345 -50.89 42.01 -24.83
C THR C 345 -52.12 41.27 -24.29
N ARG C 346 -52.45 40.11 -24.85
CA ARG C 346 -53.75 39.51 -24.62
C ARG C 346 -53.64 38.03 -24.29
N PHE C 347 -54.43 37.60 -23.31
CA PHE C 347 -54.45 36.25 -22.77
C PHE C 347 -55.26 35.32 -23.67
N ALA C 348 -54.97 34.03 -23.52
CA ALA C 348 -55.65 32.91 -24.15
C ALA C 348 -56.88 32.54 -23.32
N SER C 349 -57.34 31.30 -23.47
CA SER C 349 -58.22 30.77 -22.45
C SER C 349 -57.38 30.33 -21.24
N VAL C 350 -58.06 30.11 -20.11
CA VAL C 350 -57.33 29.69 -18.92
C VAL C 350 -56.85 28.25 -19.05
N TYR C 351 -57.53 27.44 -19.85
CA TYR C 351 -57.16 26.04 -19.99
C TYR C 351 -56.14 25.82 -21.11
N ALA C 352 -55.92 26.82 -21.96
CA ALA C 352 -55.00 26.71 -23.09
C ALA C 352 -53.66 27.30 -22.71
N TRP C 353 -52.77 26.46 -22.16
CA TRP C 353 -51.43 26.93 -21.72
C TRP C 353 -50.33 26.17 -22.47
N ASN C 354 -49.08 26.25 -22.00
CA ASN C 354 -47.95 25.56 -22.67
C ASN C 354 -47.43 24.43 -21.78
N ARG C 355 -47.40 23.20 -22.30
CA ARG C 355 -46.96 22.02 -21.48
C ARG C 355 -45.43 21.96 -21.50
N LYS C 356 -44.76 23.02 -21.05
CA LYS C 356 -43.28 23.10 -21.13
C LYS C 356 -42.76 23.76 -19.86
N ARG C 357 -41.43 23.82 -19.63
CA ARG C 357 -40.82 24.55 -18.48
C ARG C 357 -39.78 25.46 -19.12
N ILE C 358 -39.28 26.53 -18.50
CA ILE C 358 -38.36 27.48 -19.23
C ILE C 358 -37.02 26.81 -19.62
N SER C 359 -36.31 27.33 -20.66
CA SER C 359 -35.04 26.71 -21.16
C SER C 359 -33.94 27.73 -21.48
N ASN C 360 -32.67 27.30 -21.49
CA ASN C 360 -31.53 28.15 -21.95
C ASN C 360 -31.56 29.57 -21.37
N CYS C 361 -31.47 29.70 -20.04
CA CYS C 361 -31.65 31.06 -19.47
C CYS C 361 -30.82 31.30 -18.21
N VAL C 362 -30.62 32.57 -17.82
CA VAL C 362 -29.96 32.87 -16.52
C VAL C 362 -31.13 32.98 -15.54
N ALA C 363 -31.61 31.84 -15.02
CA ALA C 363 -32.80 31.88 -14.15
C ALA C 363 -32.43 32.79 -12.99
N ASP C 364 -33.34 33.65 -12.55
CA ASP C 364 -32.89 34.66 -11.55
C ASP C 364 -33.74 34.81 -10.28
N TYR C 365 -35.05 34.54 -10.32
CA TYR C 365 -35.85 34.85 -9.11
C TYR C 365 -35.79 36.31 -8.65
N SER C 366 -35.05 37.19 -9.30
CA SER C 366 -34.86 38.51 -8.72
C SER C 366 -36.02 39.45 -9.02
N VAL C 367 -36.55 39.42 -10.25
CA VAL C 367 -37.52 40.42 -10.68
C VAL C 367 -38.86 40.26 -9.96
N LEU C 368 -39.30 39.02 -9.73
CA LEU C 368 -40.58 38.78 -9.08
C LEU C 368 -40.56 39.15 -7.60
N TYR C 369 -39.37 39.33 -7.02
CA TYR C 369 -39.27 39.87 -5.67
C TYR C 369 -39.08 41.38 -5.68
N ASN C 370 -38.13 41.89 -6.47
CA ASN C 370 -37.73 43.29 -6.30
C ASN C 370 -38.61 44.27 -7.07
N SER C 371 -39.24 43.84 -8.16
CA SER C 371 -40.05 44.74 -8.97
C SER C 371 -41.31 45.15 -8.20
N ALA C 372 -41.63 46.44 -8.26
CA ALA C 372 -42.76 47.01 -7.53
C ALA C 372 -44.10 46.56 -8.09
N SER C 373 -44.12 45.97 -9.29
CA SER C 373 -45.36 45.45 -9.85
C SER C 373 -45.80 44.17 -9.16
N PHE C 374 -44.90 43.46 -8.48
CA PHE C 374 -45.20 42.15 -7.91
C PHE C 374 -45.43 42.26 -6.41
N SER C 375 -46.41 41.50 -5.92
CA SER C 375 -46.80 41.56 -4.52
C SER C 375 -46.67 40.23 -3.79
N THR C 376 -47.09 39.13 -4.40
CA THR C 376 -47.14 37.84 -3.72
C THR C 376 -46.46 36.79 -4.59
N PHE C 377 -45.55 36.03 -3.98
CA PHE C 377 -44.80 34.99 -4.68
C PHE C 377 -44.35 33.97 -3.63
N LYS C 378 -45.05 32.84 -3.56
CA LYS C 378 -44.83 31.86 -2.50
C LYS C 378 -44.33 30.56 -3.11
N CYS C 379 -43.03 30.31 -3.01
CA CYS C 379 -42.45 29.04 -3.42
C CYS C 379 -42.28 28.14 -2.21
N TYR C 380 -42.83 26.93 -2.30
CA TYR C 380 -42.94 26.03 -1.16
C TYR C 380 -41.91 24.91 -1.19
N GLY C 381 -41.86 24.13 -2.28
CA GLY C 381 -40.95 23.01 -2.36
C GLY C 381 -39.57 23.38 -2.87
N VAL C 382 -39.40 24.64 -3.27
CA VAL C 382 -38.15 25.14 -3.81
C VAL C 382 -37.76 26.39 -3.02
N SER C 383 -36.45 26.52 -2.77
CA SER C 383 -35.94 27.63 -1.99
C SER C 383 -36.20 28.96 -2.70
N PRO C 384 -36.48 30.04 -1.96
CA PRO C 384 -36.89 31.29 -2.62
C PRO C 384 -35.79 31.99 -3.41
N THR C 385 -34.52 31.61 -3.27
CA THR C 385 -33.48 32.24 -4.07
C THR C 385 -32.79 31.25 -5.01
N LYS C 386 -33.39 30.09 -5.24
CA LYS C 386 -32.69 28.95 -5.84
C LYS C 386 -32.99 28.87 -7.34
N LEU C 387 -32.52 29.86 -8.11
CA LEU C 387 -32.51 29.72 -9.56
C LEU C 387 -31.21 30.15 -10.22
N ASN C 388 -30.31 30.81 -9.47
CA ASN C 388 -28.98 31.07 -10.00
C ASN C 388 -28.07 29.84 -9.96
N ASP C 389 -28.62 28.66 -9.64
CA ASP C 389 -27.97 27.39 -9.90
C ASP C 389 -28.91 26.31 -10.43
N LEU C 390 -30.23 26.43 -10.23
CA LEU C 390 -31.17 25.47 -10.76
C LEU C 390 -31.39 25.70 -12.26
N CYS C 391 -32.03 24.72 -12.92
CA CYS C 391 -31.85 24.53 -14.34
C CYS C 391 -32.94 23.55 -14.83
N PHE C 392 -33.47 23.75 -16.05
CA PHE C 392 -34.60 22.95 -16.57
C PHE C 392 -34.47 22.62 -18.06
N THR C 393 -35.52 22.01 -18.64
CA THR C 393 -35.36 21.20 -19.87
C THR C 393 -36.12 21.68 -21.12
N ASN C 394 -37.45 21.81 -21.08
CA ASN C 394 -38.32 22.17 -22.22
C ASN C 394 -38.38 23.70 -22.25
N VAL C 395 -39.37 24.31 -22.93
CA VAL C 395 -39.37 25.79 -22.91
C VAL C 395 -40.71 26.56 -22.88
N TYR C 396 -41.04 27.30 -21.79
CA TYR C 396 -42.17 28.23 -21.82
C TYR C 396 -42.07 29.26 -22.94
N ALA C 397 -43.25 29.63 -23.47
CA ALA C 397 -43.44 30.90 -24.16
C ALA C 397 -44.76 31.50 -23.68
N ASP C 398 -44.99 31.50 -22.36
CA ASP C 398 -46.24 31.96 -21.77
C ASP C 398 -46.32 33.48 -21.84
N SER C 399 -46.71 33.98 -23.02
CA SER C 399 -46.74 35.46 -23.23
C SER C 399 -48.17 35.98 -23.21
N PHE C 400 -48.70 36.28 -22.01
CA PHE C 400 -50.11 36.74 -21.92
C PHE C 400 -50.36 37.54 -20.63
N VAL C 401 -51.38 38.40 -20.62
CA VAL C 401 -51.78 39.12 -19.37
C VAL C 401 -53.31 39.05 -19.29
N ILE C 402 -53.88 38.93 -18.08
CA ILE C 402 -55.36 38.76 -17.95
C ILE C 402 -55.87 39.58 -16.78
N ARG C 403 -57.17 39.90 -16.76
CA ARG C 403 -57.77 40.63 -15.62
C ARG C 403 -57.66 39.74 -14.37
N GLY C 404 -57.40 40.31 -13.20
CA GLY C 404 -57.16 39.49 -12.00
C GLY C 404 -58.31 39.47 -11.01
N ASP C 405 -59.52 39.85 -11.42
CA ASP C 405 -60.67 39.96 -10.47
C ASP C 405 -61.10 38.59 -9.92
N GLU C 406 -60.21 37.60 -9.88
CA GLU C 406 -60.59 36.31 -9.29
C GLU C 406 -59.51 35.82 -8.32
N VAL C 407 -59.01 36.74 -7.48
CA VAL C 407 -57.75 36.58 -6.76
C VAL C 407 -57.77 35.36 -5.86
N ARG C 408 -58.80 35.24 -5.04
CA ARG C 408 -58.86 34.24 -3.99
C ARG C 408 -59.31 32.88 -4.52
N GLN C 409 -59.51 32.77 -5.83
CA GLN C 409 -59.80 31.50 -6.47
C GLN C 409 -58.73 31.07 -7.45
N ILE C 410 -57.87 31.97 -7.92
CA ILE C 410 -56.69 31.56 -8.73
C ILE C 410 -55.54 31.33 -7.76
N ALA C 411 -55.50 30.13 -7.20
CA ALA C 411 -54.47 29.69 -6.28
C ALA C 411 -54.52 28.16 -6.22
N PRO C 412 -53.41 27.50 -5.86
CA PRO C 412 -53.43 26.03 -5.78
C PRO C 412 -54.37 25.52 -4.71
N GLY C 413 -55.01 24.38 -5.01
CA GLY C 413 -55.91 23.74 -4.07
C GLY C 413 -57.13 24.55 -3.70
N GLN C 414 -57.74 25.23 -4.65
CA GLN C 414 -58.88 26.10 -4.38
C GLN C 414 -60.08 25.74 -5.23
N THR C 415 -61.25 26.11 -4.71
CA THR C 415 -62.52 26.02 -5.43
C THR C 415 -63.09 27.43 -5.57
N GLY C 416 -64.04 27.58 -6.48
CA GLY C 416 -64.56 28.88 -6.82
C GLY C 416 -65.10 28.90 -8.22
N LYS C 417 -65.27 30.11 -8.74
CA LYS C 417 -65.99 30.28 -10.01
C LYS C 417 -65.11 30.02 -11.22
N ILE C 418 -63.82 29.78 -11.03
CA ILE C 418 -62.93 29.63 -12.17
C ILE C 418 -62.33 28.24 -12.34
N ALA C 419 -61.68 27.67 -11.32
CA ALA C 419 -61.00 26.38 -11.46
C ALA C 419 -61.87 25.26 -10.89
N ASP C 420 -63.09 25.18 -11.41
CA ASP C 420 -64.00 24.10 -11.05
C ASP C 420 -64.49 23.31 -12.27
N TYR C 421 -65.02 24.00 -13.28
CA TYR C 421 -65.22 23.50 -14.63
C TYR C 421 -64.45 24.33 -15.65
N ASN C 422 -64.32 23.75 -16.85
CA ASN C 422 -63.64 24.29 -18.04
C ASN C 422 -62.12 24.36 -17.87
N TYR C 423 -61.62 24.11 -16.65
CA TYR C 423 -60.20 24.03 -16.35
C TYR C 423 -60.05 23.40 -14.96
N LYS C 424 -59.49 22.21 -14.87
CA LYS C 424 -59.36 21.52 -13.60
C LYS C 424 -57.92 21.59 -13.12
N LEU C 425 -57.74 22.08 -11.89
CA LEU C 425 -56.43 22.02 -11.28
C LEU C 425 -56.07 20.57 -10.98
N PRO C 426 -54.83 20.15 -11.23
CA PRO C 426 -54.50 18.73 -11.12
C PRO C 426 -54.27 18.31 -9.68
N ASP C 427 -54.25 17.00 -9.48
CA ASP C 427 -53.77 16.45 -8.22
C ASP C 427 -52.24 16.47 -8.15
N ASP C 428 -51.56 16.50 -9.29
CA ASP C 428 -50.11 16.41 -9.35
C ASP C 428 -49.48 17.73 -9.81
N PHE C 429 -49.97 18.86 -9.31
CA PHE C 429 -49.34 20.13 -9.60
C PHE C 429 -48.00 20.23 -8.88
N THR C 430 -47.00 20.78 -9.56
CA THR C 430 -45.67 20.97 -9.01
C THR C 430 -45.10 22.27 -9.55
N GLY C 431 -44.98 23.28 -8.68
CA GLY C 431 -44.48 24.57 -9.12
C GLY C 431 -44.77 25.65 -8.10
N CYS C 432 -44.69 26.89 -8.58
CA CYS C 432 -44.76 28.06 -7.72
C CYS C 432 -45.66 29.11 -8.36
N VAL C 433 -46.29 29.96 -7.54
CA VAL C 433 -47.37 30.83 -7.98
C VAL C 433 -47.03 32.28 -7.66
N ILE C 434 -47.23 33.17 -8.65
CA ILE C 434 -47.04 34.61 -8.49
C ILE C 434 -48.42 35.26 -8.39
N ALA C 435 -48.52 36.32 -7.59
CA ALA C 435 -49.75 37.09 -7.49
C ALA C 435 -49.40 38.56 -7.27
N TRP C 436 -50.10 39.45 -7.99
CA TRP C 436 -49.69 40.85 -7.94
C TRP C 436 -50.83 41.76 -8.37
N ASN C 437 -50.85 42.95 -7.75
CA ASN C 437 -51.88 43.95 -7.99
C ASN C 437 -51.81 44.52 -9.41
N SER C 438 -52.98 44.59 -10.06
CA SER C 438 -53.12 45.14 -11.40
C SER C 438 -54.41 45.94 -11.53
N ASN C 439 -54.70 46.80 -10.55
CA ASN C 439 -55.96 47.53 -10.54
C ASN C 439 -56.04 48.57 -11.66
N ASN C 440 -54.95 49.30 -11.92
CA ASN C 440 -54.99 50.41 -12.86
C ASN C 440 -54.84 49.98 -14.31
N LEU C 441 -54.40 48.76 -14.57
CA LEU C 441 -54.12 48.30 -15.93
C LEU C 441 -55.12 47.28 -16.43
N ASP C 442 -55.44 46.27 -15.62
CA ASP C 442 -56.33 45.19 -16.03
C ASP C 442 -57.78 45.47 -15.64
N SER C 443 -58.45 46.31 -16.43
CA SER C 443 -59.85 46.63 -16.20
C SER C 443 -60.47 47.12 -17.51
N LYS C 444 -61.66 46.61 -17.80
CA LYS C 444 -62.42 46.99 -18.99
C LYS C 444 -63.78 47.50 -18.54
N VAL C 445 -64.65 47.84 -19.50
CA VAL C 445 -65.96 48.37 -19.16
C VAL C 445 -67.08 47.52 -19.75
N GLY C 446 -66.76 46.62 -20.69
CA GLY C 446 -67.78 45.97 -21.49
C GLY C 446 -68.36 44.65 -21.00
N GLY C 447 -67.81 44.06 -19.94
CA GLY C 447 -68.33 42.79 -19.44
C GLY C 447 -67.41 41.62 -19.70
N ASN C 448 -67.04 40.89 -18.65
CA ASN C 448 -66.07 39.79 -18.75
C ASN C 448 -66.81 38.58 -19.30
N TYR C 449 -66.36 38.08 -20.46
CA TYR C 449 -67.03 37.00 -21.16
C TYR C 449 -66.11 35.82 -21.47
N ASN C 450 -65.41 35.28 -20.47
CA ASN C 450 -64.40 34.27 -20.74
C ASN C 450 -64.32 33.14 -19.71
N TYR C 451 -64.88 33.31 -18.52
CA TYR C 451 -64.66 32.35 -17.43
C TYR C 451 -65.96 31.64 -17.06
N LEU C 452 -65.87 30.35 -16.77
CA LEU C 452 -67.03 29.52 -16.47
C LEU C 452 -66.83 28.79 -15.14
N TYR C 453 -67.95 28.51 -14.46
CA TYR C 453 -67.99 27.91 -13.14
C TYR C 453 -68.74 26.57 -13.19
N ARG C 454 -69.11 26.06 -12.03
CA ARG C 454 -69.78 24.76 -11.91
C ARG C 454 -71.18 24.87 -12.51
N LEU C 455 -71.26 24.84 -13.84
CA LEU C 455 -72.53 25.09 -14.50
C LEU C 455 -73.25 23.79 -14.83
N PHE C 456 -72.66 22.98 -15.72
CA PHE C 456 -73.29 21.76 -16.22
C PHE C 456 -72.23 20.86 -16.85
N ARG C 457 -72.00 19.69 -16.26
CA ARG C 457 -71.21 18.65 -16.90
C ARG C 457 -71.58 17.31 -16.30
N LYS C 458 -71.66 16.27 -17.16
CA LYS C 458 -71.98 14.92 -16.73
C LYS C 458 -70.95 14.31 -15.78
N SER C 459 -69.66 14.48 -16.08
CA SER C 459 -68.62 13.81 -15.30
C SER C 459 -67.45 14.76 -15.10
N ASN C 460 -66.77 14.60 -13.98
CA ASN C 460 -65.72 15.53 -13.56
C ASN C 460 -64.53 15.49 -14.51
N LEU C 461 -63.81 16.61 -14.57
CA LEU C 461 -62.76 16.84 -15.54
C LEU C 461 -61.52 15.98 -15.23
N LYS C 462 -60.61 15.94 -16.19
CA LYS C 462 -59.35 15.24 -16.05
C LYS C 462 -58.23 16.22 -15.70
N PRO C 463 -57.32 15.83 -14.80
CA PRO C 463 -56.22 16.73 -14.42
C PRO C 463 -55.27 17.00 -15.59
N PHE C 464 -55.01 18.29 -15.82
CA PHE C 464 -54.20 18.78 -16.95
C PHE C 464 -54.69 18.25 -18.29
N GLU C 465 -56.01 18.25 -18.49
CA GLU C 465 -56.59 18.00 -19.81
C GLU C 465 -57.03 19.33 -20.39
N ARG C 466 -56.52 19.68 -21.57
CA ARG C 466 -56.92 20.91 -22.25
C ARG C 466 -58.40 20.80 -22.63
N ASP C 467 -59.24 21.59 -21.97
CA ASP C 467 -60.67 21.35 -21.92
C ASP C 467 -61.44 22.40 -22.70
N ILE C 468 -61.97 22.00 -23.85
CA ILE C 468 -62.88 22.82 -24.62
C ILE C 468 -64.22 22.08 -24.54
N SER C 469 -64.45 21.45 -23.41
CA SER C 469 -65.66 20.64 -23.18
C SER C 469 -66.85 21.57 -23.05
N THR C 470 -67.63 21.68 -24.13
CA THR C 470 -68.86 22.46 -24.15
C THR C 470 -70.06 21.54 -23.90
N GLU C 471 -69.81 20.27 -23.59
CA GLU C 471 -70.88 19.33 -23.31
C GLU C 471 -71.62 19.71 -22.03
N ILE C 472 -72.95 19.71 -22.10
CA ILE C 472 -73.78 20.25 -21.04
C ILE C 472 -74.49 19.10 -20.32
N TYR C 473 -74.59 19.20 -19.00
CA TYR C 473 -75.20 18.15 -18.18
C TYR C 473 -76.66 17.95 -18.51
N GLN C 474 -77.06 16.69 -18.62
CA GLN C 474 -78.45 16.30 -18.80
C GLN C 474 -78.83 15.34 -17.69
N ALA C 475 -79.90 15.65 -16.96
CA ALA C 475 -80.40 14.76 -15.91
C ALA C 475 -80.92 13.46 -16.50
N GLY C 476 -81.61 13.55 -17.63
CA GLY C 476 -82.16 12.40 -18.32
C GLY C 476 -81.16 11.73 -19.24
N SER C 477 -81.64 11.32 -20.41
CA SER C 477 -80.81 10.58 -21.35
C SER C 477 -80.49 11.38 -22.61
N THR C 478 -81.27 12.40 -22.95
CA THR C 478 -81.14 13.07 -24.23
C THR C 478 -80.14 14.22 -24.16
N PRO C 479 -79.01 14.16 -24.84
CA PRO C 479 -78.03 15.24 -24.77
C PRO C 479 -78.21 16.28 -25.86
N CYS C 480 -77.41 17.33 -25.76
CA CYS C 480 -77.32 18.35 -26.80
C CYS C 480 -76.38 17.86 -27.90
N ASN C 481 -76.86 17.82 -29.14
CA ASN C 481 -76.05 17.50 -30.31
C ASN C 481 -76.23 18.61 -31.33
N GLY C 482 -75.44 19.68 -31.19
CA GLY C 482 -75.53 20.79 -32.12
C GLY C 482 -76.80 21.59 -32.04
N VAL C 483 -77.47 21.59 -30.89
CA VAL C 483 -78.73 22.30 -30.71
C VAL C 483 -78.54 23.36 -29.63
N GLU C 484 -78.90 24.59 -29.95
CA GLU C 484 -78.80 25.72 -29.03
C GLU C 484 -80.20 26.17 -28.61
N GLY C 485 -80.36 26.42 -27.32
CA GLY C 485 -81.65 26.84 -26.79
C GLY C 485 -81.70 26.90 -25.27
N PHE C 486 -82.87 26.58 -24.71
CA PHE C 486 -83.05 26.57 -23.28
C PHE C 486 -82.31 25.39 -22.64
N ASN C 487 -81.63 25.67 -21.53
CA ASN C 487 -80.85 24.74 -20.72
C ASN C 487 -79.64 24.20 -21.48
N CYS C 488 -79.39 24.73 -22.68
CA CYS C 488 -78.23 24.39 -23.50
C CYS C 488 -77.61 25.74 -23.87
N TYR C 489 -76.73 26.23 -23.00
CA TYR C 489 -76.33 27.64 -22.99
C TYR C 489 -75.03 27.86 -23.75
N PHE C 490 -74.58 29.11 -23.74
CA PHE C 490 -73.28 29.45 -24.31
C PHE C 490 -72.17 28.83 -23.45
N PRO C 491 -71.03 28.49 -24.03
CA PRO C 491 -69.91 27.96 -23.23
C PRO C 491 -69.37 28.92 -22.18
N LEU C 492 -69.55 30.22 -22.37
CA LEU C 492 -69.01 31.23 -21.48
C LEU C 492 -70.12 31.92 -20.71
N GLN C 493 -69.83 32.26 -19.46
CA GLN C 493 -70.77 32.95 -18.58
C GLN C 493 -70.12 34.24 -18.08
N SER C 494 -70.94 35.27 -17.90
CA SER C 494 -70.42 36.61 -17.70
C SER C 494 -69.99 36.86 -16.24
N TYR C 495 -68.77 37.36 -16.09
CA TYR C 495 -68.38 38.10 -14.89
C TYR C 495 -68.66 39.57 -15.14
N GLY C 496 -68.09 40.44 -14.31
CA GLY C 496 -68.16 41.86 -14.58
C GLY C 496 -66.83 42.55 -14.85
N PHE C 497 -66.58 42.94 -16.10
CA PHE C 497 -65.53 43.93 -16.39
C PHE C 497 -65.98 45.29 -15.90
N GLN C 498 -65.94 45.51 -14.59
CA GLN C 498 -66.36 46.76 -13.98
C GLN C 498 -65.46 47.04 -12.79
N PRO C 499 -64.91 48.24 -12.69
CA PRO C 499 -64.09 48.58 -11.51
C PRO C 499 -64.92 48.86 -10.27
N THR C 500 -66.24 48.96 -10.38
CA THR C 500 -67.13 49.24 -9.27
C THR C 500 -67.70 47.99 -8.62
N ASN C 501 -67.26 46.80 -9.04
CA ASN C 501 -67.78 45.57 -8.48
C ASN C 501 -67.27 45.35 -7.05
N GLY C 502 -67.61 44.19 -6.50
CA GLY C 502 -67.35 43.88 -5.11
C GLY C 502 -65.89 43.67 -4.74
N VAL C 503 -65.64 43.45 -3.45
CA VAL C 503 -64.28 43.28 -2.95
C VAL C 503 -63.65 41.98 -3.45
N GLY C 504 -64.47 40.98 -3.82
CA GLY C 504 -63.91 39.79 -4.42
C GLY C 504 -63.51 39.98 -5.87
N TYR C 505 -63.99 41.06 -6.50
CA TYR C 505 -63.77 41.32 -7.92
C TYR C 505 -62.73 42.42 -8.12
N GLN C 506 -61.72 42.42 -7.31
CA GLN C 506 -60.59 43.34 -7.32
C GLN C 506 -59.43 42.79 -8.14
N PRO C 507 -58.75 43.63 -8.92
CA PRO C 507 -57.77 43.11 -9.90
C PRO C 507 -56.40 42.81 -9.31
N TYR C 508 -56.06 41.52 -9.21
CA TYR C 508 -54.71 41.08 -8.90
C TYR C 508 -54.35 39.94 -9.84
N ARG C 509 -53.39 40.19 -10.73
CA ARG C 509 -53.06 39.23 -11.78
C ARG C 509 -52.18 38.11 -11.24
N VAL C 510 -52.37 36.90 -11.79
CA VAL C 510 -51.63 35.71 -11.40
C VAL C 510 -51.16 34.99 -12.65
N VAL C 511 -49.85 34.74 -12.73
CA VAL C 511 -49.27 33.84 -13.72
C VAL C 511 -48.43 32.81 -12.98
N VAL C 512 -48.65 31.53 -13.29
CA VAL C 512 -48.05 30.42 -12.57
C VAL C 512 -46.87 29.90 -13.38
N LEU C 513 -45.72 29.76 -12.72
CA LEU C 513 -44.55 29.15 -13.33
C LEU C 513 -44.28 27.84 -12.59
N SER C 514 -44.46 26.72 -13.28
CA SER C 514 -44.35 25.40 -12.67
C SER C 514 -43.00 24.79 -13.03
N PHE C 515 -42.41 24.09 -12.07
CA PHE C 515 -41.09 23.51 -12.22
C PHE C 515 -41.18 21.99 -12.35
N GLU C 516 -40.46 21.46 -13.35
CA GLU C 516 -40.37 20.03 -13.56
C GLU C 516 -38.94 19.70 -13.92
N LEU C 517 -38.37 18.70 -13.25
CA LEU C 517 -37.00 18.24 -13.52
C LEU C 517 -37.02 16.71 -13.55
N LEU C 518 -36.58 16.15 -14.67
CA LEU C 518 -36.64 14.71 -14.90
C LEU C 518 -35.20 14.17 -14.93
N HIS C 519 -35.04 12.87 -15.22
CA HIS C 519 -33.73 12.29 -15.44
C HIS C 519 -33.03 12.87 -16.66
N ALA C 520 -33.78 13.46 -17.60
CA ALA C 520 -33.18 14.20 -18.69
C ALA C 520 -32.48 15.45 -18.16
N PRO C 521 -31.24 15.69 -18.58
CA PRO C 521 -30.49 16.83 -18.03
C PRO C 521 -31.09 18.17 -18.42
N ALA C 522 -30.58 19.22 -17.77
CA ALA C 522 -31.25 20.51 -17.74
C ALA C 522 -30.43 21.59 -18.44
N THR C 523 -31.09 22.68 -18.83
CA THR C 523 -30.47 23.72 -19.66
C THR C 523 -30.56 25.16 -19.12
N VAL C 524 -31.48 25.45 -18.19
CA VAL C 524 -31.66 26.85 -17.68
C VAL C 524 -30.59 27.13 -16.63
N CYS C 525 -29.36 26.70 -16.88
CA CYS C 525 -28.35 26.84 -15.81
C CYS C 525 -27.95 28.31 -15.69
N GLY C 526 -27.94 28.83 -14.46
CA GLY C 526 -27.63 30.26 -14.26
C GLY C 526 -26.16 30.44 -13.92
N PRO C 527 -25.41 31.28 -14.67
CA PRO C 527 -24.01 31.54 -14.35
C PRO C 527 -23.89 32.23 -12.99
N LYS C 528 -22.88 31.85 -12.21
CA LYS C 528 -22.64 32.53 -10.92
C LYS C 528 -22.10 33.92 -11.22
N LYS C 529 -22.20 34.85 -10.27
CA LYS C 529 -21.80 36.25 -10.56
C LYS C 529 -20.36 36.23 -11.06
N SER C 530 -20.07 36.96 -12.14
CA SER C 530 -18.71 36.87 -12.74
C SER C 530 -17.84 38.08 -12.43
N THR C 531 -16.69 37.85 -11.80
CA THR C 531 -15.71 38.88 -11.50
C THR C 531 -14.68 38.94 -12.60
N ASN C 532 -13.83 39.97 -12.55
CA ASN C 532 -12.87 40.23 -13.61
C ASN C 532 -11.72 39.23 -13.54
N LEU C 533 -10.97 39.13 -14.64
CA LEU C 533 -9.82 38.25 -14.74
C LEU C 533 -8.55 39.03 -14.44
N VAL C 534 -7.62 38.42 -13.72
CA VAL C 534 -6.38 39.08 -13.30
C VAL C 534 -5.20 38.37 -13.95
N LYS C 535 -4.11 39.12 -14.16
CA LYS C 535 -2.90 38.59 -14.75
C LYS C 535 -1.81 38.45 -13.70
N ASN C 536 -0.99 37.40 -13.86
CA ASN C 536 0.21 37.16 -13.06
C ASN C 536 -0.08 37.08 -11.56
N LYS C 537 -1.21 36.48 -11.21
CA LYS C 537 -1.53 36.27 -9.81
C LYS C 537 -2.16 34.91 -9.63
N CYS C 538 -1.69 34.17 -8.62
CA CYS C 538 -2.19 32.82 -8.36
C CYS C 538 -3.53 32.94 -7.65
N VAL C 539 -4.60 32.57 -8.36
CA VAL C 539 -5.95 32.66 -7.85
C VAL C 539 -6.59 31.28 -7.91
N ASN C 540 -7.72 31.15 -7.22
CA ASN C 540 -8.50 29.91 -7.23
C ASN C 540 -9.64 30.09 -8.22
N PHE C 541 -9.41 29.71 -9.46
CA PHE C 541 -10.41 29.88 -10.52
C PHE C 541 -11.34 28.67 -10.56
N ASN C 542 -12.60 28.94 -10.89
CA ASN C 542 -13.61 27.91 -11.11
C ASN C 542 -14.27 28.21 -12.45
N PHE C 543 -13.86 27.50 -13.49
CA PHE C 543 -14.34 27.74 -14.85
C PHE C 543 -15.32 26.64 -15.21
N ASN C 544 -16.60 27.01 -15.34
CA ASN C 544 -17.69 26.11 -15.73
C ASN C 544 -17.80 24.89 -14.81
N GLY C 545 -17.61 25.09 -13.51
CA GLY C 545 -17.66 24.01 -12.55
C GLY C 545 -16.35 23.28 -12.34
N LEU C 546 -15.29 23.66 -13.05
CA LEU C 546 -14.00 23.01 -12.98
C LEU C 546 -13.03 23.92 -12.23
N THR C 547 -12.39 23.39 -11.20
CA THR C 547 -11.59 24.19 -10.28
C THR C 547 -10.10 23.96 -10.52
N GLY C 548 -9.31 24.96 -10.14
CA GLY C 548 -7.86 24.87 -10.24
C GLY C 548 -7.21 26.11 -9.70
N THR C 549 -5.88 26.05 -9.58
CA THR C 549 -5.07 27.17 -9.13
C THR C 549 -4.10 27.54 -10.24
N GLY C 550 -4.07 28.81 -10.61
CA GLY C 550 -3.20 29.24 -11.69
C GLY C 550 -3.28 30.73 -11.90
N VAL C 551 -2.63 31.16 -12.99
CA VAL C 551 -2.62 32.56 -13.40
C VAL C 551 -3.29 32.66 -14.77
N LEU C 552 -4.01 33.75 -14.99
CA LEU C 552 -4.75 33.96 -16.24
C LEU C 552 -3.94 34.87 -17.16
N THR C 553 -3.60 34.37 -18.35
CA THR C 553 -2.91 35.17 -19.34
C THR C 553 -3.50 34.90 -20.72
N GLU C 554 -3.35 35.89 -21.59
CA GLU C 554 -3.92 35.82 -22.94
C GLU C 554 -3.07 34.93 -23.83
N SER C 555 -3.72 34.00 -24.54
CA SER C 555 -3.05 33.09 -25.44
C SER C 555 -3.32 33.49 -26.88
N ASN C 556 -2.44 33.02 -27.78
CA ASN C 556 -2.42 33.49 -29.16
C ASN C 556 -2.97 32.48 -30.15
N LYS C 557 -3.78 31.52 -29.68
CA LYS C 557 -4.49 30.66 -30.62
C LYS C 557 -5.88 31.22 -30.90
N LYS C 558 -6.28 31.17 -32.16
CA LYS C 558 -7.67 31.38 -32.55
C LYS C 558 -8.40 30.04 -32.36
N PHE C 559 -9.30 30.00 -31.38
CA PHE C 559 -10.19 28.85 -31.25
C PHE C 559 -11.26 28.88 -32.32
N LEU C 560 -11.61 27.70 -32.80
CA LEU C 560 -12.78 27.56 -33.65
C LEU C 560 -14.03 27.73 -32.79
N PRO C 561 -15.15 28.18 -33.38
CA PRO C 561 -16.30 28.64 -32.57
C PRO C 561 -17.00 27.56 -31.72
N PHE C 562 -16.50 26.34 -31.66
CA PHE C 562 -17.03 25.33 -30.77
C PHE C 562 -16.12 25.02 -29.59
N GLN C 563 -14.87 25.47 -29.62
CA GLN C 563 -13.87 25.06 -28.65
C GLN C 563 -13.87 25.99 -27.45
N GLN C 564 -13.97 25.41 -26.26
CA GLN C 564 -13.89 26.17 -25.01
C GLN C 564 -12.62 25.90 -24.24
N PHE C 565 -12.32 24.64 -23.95
CA PHE C 565 -11.20 24.23 -23.11
C PHE C 565 -10.10 23.63 -23.99
N GLY C 566 -9.03 23.18 -23.34
CA GLY C 566 -7.95 22.52 -24.04
C GLY C 566 -7.03 21.78 -23.11
N ARG C 567 -6.76 20.53 -23.44
CA ARG C 567 -5.85 19.68 -22.70
C ARG C 567 -4.47 19.76 -23.31
N ASP C 568 -3.46 19.64 -22.46
CA ASP C 568 -2.09 19.46 -22.91
C ASP C 568 -1.86 17.95 -23.10
N ILE C 569 -0.61 17.53 -23.19
CA ILE C 569 -0.31 16.11 -23.21
C ILE C 569 -0.73 15.44 -21.91
N ALA C 570 -0.53 16.15 -20.79
CA ALA C 570 -0.89 15.61 -19.48
C ALA C 570 -2.32 15.99 -19.08
N ASP C 571 -3.26 15.69 -19.99
CA ASP C 571 -4.72 15.57 -19.82
C ASP C 571 -5.35 16.51 -18.80
N THR C 572 -4.91 17.77 -18.78
CA THR C 572 -5.46 18.79 -17.89
C THR C 572 -5.64 20.09 -18.65
N THR C 573 -6.59 20.90 -18.19
CA THR C 573 -6.97 22.13 -18.88
C THR C 573 -5.82 23.14 -18.85
N ASP C 574 -5.50 23.69 -20.03
CA ASP C 574 -4.47 24.71 -20.15
C ASP C 574 -4.92 25.99 -20.83
N ALA C 575 -5.89 25.92 -21.73
CA ALA C 575 -6.36 27.12 -22.41
C ALA C 575 -7.88 27.18 -22.29
N VAL C 576 -8.38 28.35 -21.93
CA VAL C 576 -9.82 28.57 -21.81
C VAL C 576 -10.20 29.80 -22.62
N ARG C 577 -11.11 29.61 -23.56
CA ARG C 577 -11.81 30.73 -24.19
C ARG C 577 -12.63 31.42 -23.11
N ASP C 578 -12.39 32.72 -22.93
CA ASP C 578 -13.22 33.49 -22.00
C ASP C 578 -14.61 33.56 -22.60
N PRO C 579 -15.62 32.96 -21.95
CA PRO C 579 -16.93 32.84 -22.58
C PRO C 579 -17.74 34.13 -22.55
N GLN C 580 -17.24 35.19 -21.92
CA GLN C 580 -17.90 36.48 -21.92
C GLN C 580 -17.31 37.44 -22.95
N THR C 581 -16.00 37.72 -22.84
CA THR C 581 -15.27 38.46 -23.86
C THR C 581 -14.53 37.44 -24.71
N LEU C 582 -14.79 37.45 -26.02
CA LEU C 582 -14.38 36.34 -26.87
C LEU C 582 -12.87 36.31 -27.07
N GLU C 583 -12.15 35.91 -26.02
CA GLU C 583 -10.70 35.86 -26.01
C GLU C 583 -10.27 34.56 -25.32
N ILE C 584 -9.10 34.06 -25.67
CA ILE C 584 -8.62 32.78 -25.19
C ILE C 584 -7.61 33.03 -24.07
N LEU C 585 -7.87 32.44 -22.90
CA LEU C 585 -7.03 32.62 -21.73
C LEU C 585 -6.23 31.35 -21.49
N ASP C 586 -4.91 31.48 -21.42
CA ASP C 586 -4.02 30.41 -21.01
C ASP C 586 -3.90 30.42 -19.49
N ILE C 587 -4.03 29.24 -18.88
CA ILE C 587 -3.85 29.09 -17.44
C ILE C 587 -2.52 28.38 -17.20
N THR C 588 -1.61 29.07 -16.54
CA THR C 588 -0.38 28.46 -16.07
C THR C 588 -0.46 28.37 -14.56
N PRO C 589 -0.18 27.23 -13.94
CA PRO C 589 -0.15 27.16 -12.48
C PRO C 589 0.90 28.09 -11.91
N CYS C 590 0.58 28.67 -10.74
CA CYS C 590 1.48 29.62 -10.12
C CYS C 590 2.76 28.93 -9.66
N SER C 591 3.85 29.70 -9.62
CA SER C 591 5.18 29.14 -9.42
C SER C 591 5.32 28.56 -8.03
N PHE C 592 5.88 27.35 -7.95
CA PHE C 592 6.18 26.72 -6.68
C PHE C 592 7.37 25.80 -6.89
N GLY C 593 8.03 25.46 -5.79
CA GLY C 593 9.18 24.60 -5.86
C GLY C 593 9.74 24.33 -4.48
N GLY C 594 10.42 23.21 -4.30
CA GLY C 594 10.92 22.85 -3.00
C GLY C 594 11.97 23.83 -2.50
N VAL C 595 11.85 24.18 -1.23
CA VAL C 595 12.77 25.10 -0.56
C VAL C 595 13.78 24.28 0.23
N SER C 596 15.03 24.38 -0.17
CA SER C 596 16.14 23.85 0.61
C SER C 596 16.83 25.02 1.30
N VAL C 597 17.53 24.70 2.38
CA VAL C 597 18.20 25.71 3.18
C VAL C 597 19.70 25.49 3.10
N ILE C 598 20.42 26.50 2.64
CA ILE C 598 21.86 26.44 2.56
C ILE C 598 22.43 26.95 3.88
N THR C 599 23.26 26.12 4.51
CA THR C 599 23.69 26.38 5.88
C THR C 599 25.14 25.96 6.04
N PRO C 600 26.00 26.84 6.56
CA PRO C 600 27.32 26.40 6.97
C PRO C 600 27.24 25.58 8.24
N GLY C 601 28.37 24.97 8.60
CA GLY C 601 28.42 24.13 9.79
C GLY C 601 28.09 24.86 11.07
N THR C 602 27.23 24.28 11.92
CA THR C 602 26.84 24.96 13.15
C THR C 602 27.98 25.01 14.15
N ASN C 603 29.01 24.16 13.98
CA ASN C 603 30.25 24.33 14.72
C ASN C 603 31.03 25.55 14.26
N THR C 604 30.76 26.06 13.07
CA THR C 604 31.42 27.25 12.54
C THR C 604 30.62 28.51 12.82
N SER C 605 29.34 28.54 12.44
CA SER C 605 28.56 29.75 12.62
C SER C 605 27.07 29.40 12.69
N ASN C 606 26.29 30.39 13.11
CA ASN C 606 24.85 30.29 13.18
C ASN C 606 24.16 31.16 12.14
N GLN C 607 24.90 31.99 11.43
CA GLN C 607 24.36 32.76 10.31
C GLN C 607 23.94 31.81 9.21
N VAL C 608 22.84 32.15 8.54
CA VAL C 608 22.16 31.20 7.65
C VAL C 608 21.30 31.97 6.66
N ALA C 609 21.09 31.36 5.49
CA ALA C 609 20.25 31.92 4.45
C ALA C 609 19.41 30.79 3.83
N VAL C 610 18.31 31.17 3.19
CA VAL C 610 17.43 30.22 2.51
C VAL C 610 17.62 30.39 1.01
N LEU C 611 17.02 29.47 0.27
CA LEU C 611 16.95 29.52 -1.18
C LEU C 611 15.50 29.38 -1.61
N TYR C 612 15.03 30.33 -2.40
CA TYR C 612 13.70 30.23 -2.99
C TYR C 612 13.88 29.86 -4.45
N GLN C 613 13.32 28.72 -4.84
CA GLN C 613 13.78 28.00 -6.03
C GLN C 613 12.85 28.21 -7.22
N ASP C 614 13.45 28.58 -8.36
CA ASP C 614 12.79 28.65 -9.66
C ASP C 614 11.66 29.67 -9.68
N VAL C 615 11.75 30.69 -8.82
CA VAL C 615 10.74 31.75 -8.69
C VAL C 615 11.49 33.06 -8.52
N ASN C 616 11.07 34.10 -9.26
CA ASN C 616 11.62 35.40 -8.89
C ASN C 616 11.12 35.93 -7.56
N CYS C 617 11.76 37.01 -7.15
CA CYS C 617 11.65 37.56 -5.81
C CYS C 617 10.41 38.43 -5.64
N THR C 618 9.66 38.66 -6.71
CA THR C 618 8.51 39.53 -6.69
C THR C 618 7.28 38.85 -6.11
N GLU C 619 7.14 37.54 -6.35
CA GLU C 619 6.04 36.78 -5.78
C GLU C 619 6.26 36.49 -4.30
N VAL C 620 7.50 36.45 -3.85
CA VAL C 620 7.76 36.29 -2.43
C VAL C 620 7.98 37.66 -1.80
N ASN C 641 20.97 42.40 -0.62
CA ASN C 641 21.58 41.12 -0.32
C ASN C 641 20.71 39.96 -0.79
N VAL C 642 19.98 40.18 -1.89
CA VAL C 642 19.14 39.16 -2.50
C VAL C 642 19.62 38.93 -3.92
N PHE C 643 19.92 37.67 -4.25
CA PHE C 643 20.47 37.33 -5.55
C PHE C 643 19.48 36.46 -6.31
N GLN C 644 19.34 36.74 -7.60
CA GLN C 644 18.46 36.00 -8.49
C GLN C 644 19.31 35.25 -9.52
N THR C 645 19.12 33.94 -9.61
CA THR C 645 19.72 33.15 -10.67
C THR C 645 18.67 32.27 -11.35
N ARG C 646 19.16 31.42 -12.26
CA ARG C 646 18.30 30.50 -12.99
C ARG C 646 17.68 29.46 -12.07
N ALA C 647 18.36 29.10 -10.98
CA ALA C 647 17.76 28.21 -9.99
C ALA C 647 16.77 28.94 -9.10
N GLY C 648 16.73 30.26 -9.13
CA GLY C 648 15.74 31.00 -8.36
C GLY C 648 16.28 32.20 -7.61
N CYS C 649 15.64 32.55 -6.50
CA CYS C 649 16.05 33.66 -5.66
C CYS C 649 16.86 33.13 -4.49
N LEU C 650 18.11 33.55 -4.41
CA LEU C 650 18.99 33.22 -3.30
C LEU C 650 19.12 34.47 -2.43
N ILE C 651 18.45 34.45 -1.28
CA ILE C 651 18.41 35.62 -0.41
C ILE C 651 19.27 35.33 0.81
N GLY C 652 20.19 36.25 1.11
CA GLY C 652 21.13 36.11 2.19
C GLY C 652 22.57 36.03 1.75
N ALA C 653 22.83 35.85 0.46
CA ALA C 653 24.19 35.76 -0.04
C ALA C 653 24.44 36.85 -1.09
N GLU C 654 25.53 37.58 -0.90
CA GLU C 654 25.94 38.57 -1.88
C GLU C 654 26.51 37.90 -3.11
N HIS C 655 26.05 38.35 -4.28
CA HIS C 655 26.61 37.90 -5.54
C HIS C 655 27.95 38.57 -5.77
N VAL C 656 28.98 37.77 -6.04
CA VAL C 656 30.32 38.27 -6.28
C VAL C 656 30.81 37.77 -7.64
N ASN C 657 31.45 38.67 -8.41
CA ASN C 657 31.98 38.32 -9.71
C ASN C 657 33.12 37.31 -9.59
N ASN C 658 34.01 37.48 -8.62
CA ASN C 658 35.05 36.51 -8.36
C ASN C 658 34.42 35.21 -7.87
N SER C 659 35.01 34.08 -8.25
CA SER C 659 34.43 32.80 -7.94
C SER C 659 35.33 32.01 -6.99
N TYR C 660 34.70 31.27 -6.08
CA TYR C 660 35.38 30.48 -5.08
C TYR C 660 35.16 29.02 -5.42
N GLU C 661 35.94 28.13 -4.80
CA GLU C 661 35.76 26.71 -5.05
C GLU C 661 34.41 26.25 -4.51
N CYS C 662 33.76 25.36 -5.25
CA CYS C 662 32.37 25.05 -4.96
C CYS C 662 32.27 24.22 -3.71
N ASP C 663 31.45 24.68 -2.77
CA ASP C 663 31.31 24.00 -1.49
C ASP C 663 29.90 23.44 -1.30
N ILE C 664 28.88 24.28 -1.34
CA ILE C 664 27.54 23.85 -0.96
C ILE C 664 26.61 24.09 -2.15
N PRO C 665 26.34 23.07 -2.96
CA PRO C 665 25.65 23.28 -4.23
C PRO C 665 24.22 23.74 -4.04
N ILE C 666 23.74 24.62 -4.92
CA ILE C 666 22.38 25.14 -4.84
C ILE C 666 21.56 24.75 -6.06
N GLY C 667 22.18 24.68 -7.22
CA GLY C 667 21.47 24.52 -8.47
C GLY C 667 21.92 25.52 -9.51
N ALA C 668 21.95 25.08 -10.78
CA ALA C 668 22.21 25.92 -11.95
C ALA C 668 23.59 26.59 -11.91
N GLY C 669 24.57 25.98 -11.25
CA GLY C 669 25.94 26.47 -11.33
C GLY C 669 26.33 27.53 -10.32
N ILE C 670 25.72 27.53 -9.14
CA ILE C 670 26.05 28.46 -8.07
C ILE C 670 26.19 27.67 -6.78
N CYS C 671 27.16 28.06 -5.94
CA CYS C 671 27.25 27.51 -4.60
C CYS C 671 27.88 28.57 -3.70
N ALA C 672 27.80 28.34 -2.40
CA ALA C 672 28.24 29.31 -1.42
C ALA C 672 29.46 28.80 -0.65
N SER C 673 30.08 29.72 0.07
CA SER C 673 31.14 29.41 1.01
C SER C 673 31.13 30.48 2.09
N TYR C 674 31.12 30.04 3.34
CA TYR C 674 31.10 30.95 4.48
C TYR C 674 32.53 31.43 4.68
N GLN C 675 32.93 32.44 3.92
CA GLN C 675 34.32 32.88 3.89
C GLN C 675 34.38 34.37 4.17
N THR C 676 35.57 34.83 4.52
CA THR C 676 35.82 36.22 4.86
C THR C 676 35.70 37.13 3.64
N SER C 689 32.41 39.44 9.91
CA SER C 689 33.47 39.36 8.93
C SER C 689 33.12 38.35 7.83
N GLN C 690 33.00 37.08 8.22
CA GLN C 690 32.64 36.02 7.30
C GLN C 690 31.13 36.01 7.09
N SER C 691 30.71 35.62 5.90
CA SER C 691 29.29 35.59 5.57
C SER C 691 29.05 34.58 4.47
N ILE C 692 27.78 34.31 4.20
CA ILE C 692 27.37 33.49 3.08
C ILE C 692 27.48 34.33 1.81
N ILE C 693 28.18 33.80 0.82
CA ILE C 693 28.46 34.54 -0.40
C ILE C 693 27.90 33.77 -1.58
N ALA C 694 27.51 34.49 -2.62
CA ALA C 694 26.97 33.86 -3.82
C ALA C 694 27.87 34.18 -5.00
N TYR C 695 28.06 33.19 -5.88
CA TYR C 695 28.90 33.38 -7.05
C TYR C 695 28.58 32.26 -8.02
N THR C 696 28.77 32.55 -9.32
CA THR C 696 28.87 31.48 -10.30
C THR C 696 30.02 30.60 -9.86
N MET C 697 29.74 29.31 -9.65
CA MET C 697 30.70 28.43 -9.00
C MET C 697 31.95 28.29 -9.87
N SER C 698 33.09 28.08 -9.23
CA SER C 698 34.28 27.81 -9.99
C SER C 698 34.13 26.52 -10.75
N LEU C 699 34.02 26.66 -12.06
CA LEU C 699 34.06 25.52 -12.95
C LEU C 699 35.45 24.91 -12.96
N GLY C 700 36.42 25.64 -12.44
CA GLY C 700 37.81 25.39 -12.15
C GLY C 700 38.61 26.67 -12.27
N ALA C 701 39.57 26.84 -11.37
CA ALA C 701 40.42 28.01 -11.45
C ALA C 701 41.27 27.93 -12.72
N GLU C 702 40.94 28.77 -13.69
CA GLU C 702 41.32 28.57 -15.08
C GLU C 702 42.82 28.63 -15.29
N ASN C 703 43.32 27.74 -16.16
CA ASN C 703 44.71 27.76 -16.58
C ASN C 703 44.75 27.83 -18.10
N SER C 704 45.57 28.73 -18.63
CA SER C 704 45.88 28.72 -20.04
C SER C 704 46.76 27.52 -20.36
N VAL C 705 46.64 27.03 -21.57
CA VAL C 705 47.44 25.92 -22.05
C VAL C 705 48.38 26.43 -23.12
N ALA C 706 49.68 26.18 -22.92
CA ALA C 706 50.70 26.63 -23.86
C ALA C 706 50.85 25.59 -24.98
N TYR C 707 49.73 25.33 -25.65
CA TYR C 707 49.72 24.42 -26.78
C TYR C 707 50.51 24.99 -27.94
N SER C 708 51.28 24.12 -28.58
CA SER C 708 51.80 24.39 -29.90
C SER C 708 52.20 23.07 -30.54
N ASN C 709 52.54 23.15 -31.80
CA ASN C 709 53.17 22.08 -32.56
C ASN C 709 54.61 21.82 -32.09
N ASN C 710 55.18 22.71 -31.28
CA ASN C 710 56.53 22.52 -30.78
C ASN C 710 56.63 22.78 -29.28
N SER C 711 55.76 22.19 -28.47
CA SER C 711 55.79 22.44 -27.04
C SER C 711 55.52 21.18 -26.23
N ILE C 712 56.46 20.84 -25.34
CA ILE C 712 56.20 19.90 -24.26
C ILE C 712 56.69 20.48 -22.94
N ALA C 713 55.78 20.51 -21.95
CA ALA C 713 56.13 20.67 -20.55
C ALA C 713 56.18 19.27 -19.94
N ILE C 714 57.39 18.76 -19.72
CA ILE C 714 57.62 17.39 -19.28
C ILE C 714 58.12 17.46 -17.84
N PRO C 715 57.64 16.60 -16.94
CA PRO C 715 57.97 16.78 -15.51
C PRO C 715 59.40 16.40 -15.17
N THR C 716 60.16 17.39 -14.73
CA THR C 716 61.51 17.18 -14.23
C THR C 716 61.53 16.49 -12.89
N ASN C 717 60.52 16.70 -12.05
CA ASN C 717 60.47 16.13 -10.72
C ASN C 717 59.04 15.73 -10.43
N PHE C 718 58.89 14.73 -9.56
CA PHE C 718 57.58 14.15 -9.31
C PHE C 718 57.27 14.28 -7.83
N THR C 719 56.13 13.73 -7.44
CA THR C 719 55.86 13.44 -6.05
C THR C 719 55.13 12.11 -5.99
N ILE C 720 55.30 11.40 -4.89
CA ILE C 720 54.50 10.21 -4.62
C ILE C 720 53.45 10.62 -3.61
N SER C 721 52.20 10.60 -4.04
CA SER C 721 51.08 10.89 -3.17
C SER C 721 50.40 9.58 -2.83
N VAL C 722 49.60 9.62 -1.78
CA VAL C 722 48.74 8.50 -1.44
C VAL C 722 47.34 9.04 -1.27
N THR C 723 46.37 8.34 -1.85
CA THR C 723 44.98 8.72 -1.73
C THR C 723 44.20 7.55 -1.17
N THR C 724 43.32 7.85 -0.23
CA THR C 724 42.45 6.85 0.35
C THR C 724 41.17 6.80 -0.47
N GLU C 725 40.98 5.69 -1.17
CA GLU C 725 39.71 5.37 -1.81
C GLU C 725 39.04 4.32 -0.95
N ILE C 726 37.97 4.70 -0.29
CA ILE C 726 37.40 3.90 0.78
C ILE C 726 36.08 3.33 0.27
N LEU C 727 36.04 2.00 0.12
CA LEU C 727 34.93 1.36 -0.55
C LEU C 727 34.22 0.36 0.35
N PRO C 728 32.90 0.41 0.44
CA PRO C 728 32.18 -0.59 1.22
C PRO C 728 32.13 -1.91 0.47
N VAL C 729 32.42 -2.98 1.19
CA VAL C 729 32.40 -4.32 0.61
C VAL C 729 31.24 -5.14 1.13
N SER C 730 30.70 -4.79 2.29
CA SER C 730 29.57 -5.51 2.84
C SER C 730 28.71 -4.52 3.60
N MET C 731 27.46 -4.88 3.76
CA MET C 731 26.60 -4.20 4.70
C MET C 731 26.61 -4.98 5.99
N THR C 732 25.92 -4.44 7.00
CA THR C 732 25.69 -5.21 8.21
C THR C 732 24.84 -6.42 7.86
N LYS C 733 25.32 -7.61 8.23
CA LYS C 733 24.65 -8.85 7.87
C LYS C 733 23.37 -8.99 8.69
N THR C 734 22.37 -8.22 8.32
CA THR C 734 21.09 -8.31 9.00
C THR C 734 20.35 -9.56 8.54
N SER C 735 19.98 -10.39 9.50
CA SER C 735 19.15 -11.56 9.23
C SER C 735 17.81 -11.30 9.90
N VAL C 736 16.94 -10.58 9.21
CA VAL C 736 15.66 -10.17 9.75
C VAL C 736 14.64 -11.21 9.36
N ASP C 737 14.12 -11.94 10.34
CA ASP C 737 13.18 -13.01 10.06
C ASP C 737 11.76 -12.45 9.87
N CYS C 738 11.07 -13.00 8.87
CA CYS C 738 9.76 -12.50 8.49
C CYS C 738 8.76 -12.61 9.62
N THR C 739 8.62 -13.81 10.17
CA THR C 739 7.53 -14.06 11.11
C THR C 739 7.75 -13.34 12.43
N MET C 740 8.98 -13.31 12.95
CA MET C 740 9.16 -12.66 14.24
C MET C 740 9.29 -11.14 14.09
N TYR C 741 9.83 -10.65 12.97
CA TYR C 741 9.82 -9.20 12.76
C TYR C 741 8.40 -8.68 12.62
N ILE C 742 7.56 -9.36 11.86
CA ILE C 742 6.22 -8.83 11.65
C ILE C 742 5.32 -9.13 12.84
N CYS C 743 5.39 -10.34 13.39
CA CYS C 743 4.46 -10.82 14.41
C CYS C 743 5.24 -11.46 15.56
N GLY C 744 6.24 -10.75 16.07
CA GLY C 744 7.12 -11.27 17.11
C GLY C 744 6.43 -11.72 18.38
N ASP C 745 6.78 -12.92 18.84
CA ASP C 745 6.19 -13.57 20.01
C ASP C 745 4.67 -13.67 19.87
N SER C 746 4.21 -14.01 18.68
CA SER C 746 2.77 -14.05 18.40
C SER C 746 2.47 -15.26 17.53
N THR C 747 1.41 -15.98 17.88
CA THR C 747 0.98 -17.11 17.06
C THR C 747 -0.12 -16.71 16.08
N GLU C 748 -1.06 -15.87 16.53
CA GLU C 748 -2.20 -15.51 15.70
C GLU C 748 -1.75 -14.70 14.48
N CYS C 749 -0.86 -13.74 14.68
CA CYS C 749 -0.39 -12.94 13.56
C CYS C 749 0.44 -13.76 12.59
N SER C 750 1.25 -14.71 13.10
CA SER C 750 2.00 -15.56 12.20
C SER C 750 1.09 -16.49 11.41
N ASN C 751 -0.02 -16.93 12.02
CA ASN C 751 -0.98 -17.74 11.30
C ASN C 751 -1.68 -16.93 10.20
N LEU C 752 -2.04 -15.68 10.48
CA LEU C 752 -2.62 -14.85 9.44
C LEU C 752 -1.59 -14.48 8.38
N LEU C 753 -0.32 -14.44 8.75
CA LEU C 753 0.72 -14.03 7.83
C LEU C 753 1.13 -15.17 6.89
N LEU C 754 1.08 -16.41 7.39
CA LEU C 754 1.37 -17.55 6.53
C LEU C 754 0.26 -17.76 5.50
N GLN C 755 -0.92 -17.23 5.76
CA GLN C 755 -2.05 -17.22 4.84
C GLN C 755 -1.79 -16.30 3.63
N TYR C 756 -0.79 -15.43 3.71
CA TYR C 756 -0.30 -14.72 2.54
C TYR C 756 0.54 -15.58 1.61
N GLY C 757 0.73 -16.85 1.93
CA GLY C 757 1.48 -17.70 1.04
C GLY C 757 2.94 -17.66 1.37
N SER C 758 3.76 -17.32 0.38
CA SER C 758 5.18 -17.58 0.45
C SER C 758 6.02 -16.38 0.90
N PHE C 759 5.40 -15.23 1.18
CA PHE C 759 6.17 -13.99 1.35
C PHE C 759 7.23 -14.12 2.42
N CYS C 760 6.93 -14.86 3.49
CA CYS C 760 7.98 -15.12 4.46
C CYS C 760 9.09 -16.00 3.92
N THR C 761 8.79 -17.01 3.10
CA THR C 761 9.89 -17.88 2.71
C THR C 761 10.75 -17.23 1.62
N GLN C 762 10.16 -16.46 0.69
CA GLN C 762 11.07 -15.75 -0.21
C GLN C 762 11.72 -14.54 0.46
N LEU C 763 11.08 -13.93 1.46
CA LEU C 763 11.77 -12.85 2.17
C LEU C 763 12.91 -13.36 3.02
N ASN C 764 12.73 -14.48 3.71
CA ASN C 764 13.82 -15.06 4.47
C ASN C 764 14.91 -15.58 3.54
N ARG C 765 14.52 -16.16 2.40
CA ARG C 765 15.52 -16.58 1.42
C ARG C 765 16.23 -15.38 0.83
N ALA C 766 15.54 -14.24 0.72
CA ALA C 766 16.16 -13.03 0.20
C ALA C 766 17.18 -12.49 1.19
N LEU C 767 16.81 -12.44 2.48
CA LEU C 767 17.76 -12.00 3.49
C LEU C 767 18.93 -12.95 3.63
N THR C 768 18.66 -14.25 3.56
CA THR C 768 19.72 -15.25 3.63
C THR C 768 20.64 -15.13 2.42
N GLY C 769 20.06 -14.88 1.24
CA GLY C 769 20.87 -14.64 0.06
C GLY C 769 21.70 -13.39 0.20
N ILE C 770 21.15 -12.36 0.83
CA ILE C 770 21.91 -11.15 1.13
C ILE C 770 23.06 -11.47 2.08
N ALA C 771 22.80 -12.24 3.13
CA ALA C 771 23.82 -12.54 4.12
C ALA C 771 24.94 -13.38 3.53
N VAL C 772 24.57 -14.39 2.74
CA VAL C 772 25.60 -15.21 2.11
C VAL C 772 26.26 -14.41 0.98
N GLU C 773 25.60 -13.36 0.49
CA GLU C 773 26.24 -12.48 -0.47
C GLU C 773 27.32 -11.63 0.18
N GLN C 774 27.08 -11.12 1.39
CA GLN C 774 28.17 -10.44 2.10
C GLN C 774 29.27 -11.41 2.47
N ASP C 775 28.91 -12.62 2.89
CA ASP C 775 29.96 -13.61 3.17
C ASP C 775 30.77 -13.90 1.91
N LYS C 776 30.08 -14.02 0.78
CA LYS C 776 30.72 -14.32 -0.49
C LYS C 776 31.58 -13.15 -0.98
N ASN C 777 31.12 -11.91 -0.78
CA ASN C 777 31.88 -10.81 -1.36
C ASN C 777 33.02 -10.39 -0.45
N THR C 778 32.88 -10.58 0.87
CA THR C 778 34.04 -10.48 1.73
C THR C 778 35.04 -11.59 1.43
N GLN C 779 34.53 -12.78 1.12
CA GLN C 779 35.40 -13.86 0.64
C GLN C 779 36.13 -13.45 -0.62
N GLU C 780 35.42 -12.80 -1.54
CA GLU C 780 35.98 -12.44 -2.83
C GLU C 780 36.79 -11.15 -2.78
N VAL C 781 36.76 -10.40 -1.67
CA VAL C 781 37.56 -9.19 -1.61
C VAL C 781 38.75 -9.39 -0.69
N PHE C 782 38.65 -10.29 0.28
CA PHE C 782 39.77 -10.60 1.14
C PHE C 782 40.44 -11.91 0.76
N ALA C 783 39.69 -13.01 0.76
CA ALA C 783 40.28 -14.34 0.61
C ALA C 783 40.37 -14.69 -0.87
N GLN C 784 41.23 -13.94 -1.56
CA GLN C 784 41.75 -14.37 -2.85
C GLN C 784 43.01 -15.18 -2.67
N VAL C 785 43.41 -15.43 -1.44
CA VAL C 785 44.61 -16.16 -1.12
C VAL C 785 44.23 -17.51 -0.52
N LYS C 786 44.85 -18.56 -1.03
CA LYS C 786 44.56 -19.92 -0.62
C LYS C 786 45.13 -20.25 0.75
N GLN C 787 46.13 -19.51 1.20
CA GLN C 787 46.80 -19.75 2.47
C GLN C 787 46.69 -18.50 3.32
N ILE C 788 47.06 -18.63 4.59
CA ILE C 788 47.22 -17.49 5.47
C ILE C 788 48.71 -17.20 5.60
N TYR C 789 49.09 -15.94 5.42
CA TYR C 789 50.47 -15.55 5.56
C TYR C 789 50.62 -14.65 6.78
N LYS C 790 51.82 -14.64 7.34
CA LYS C 790 52.14 -13.72 8.41
C LYS C 790 53.49 -13.08 8.11
N THR C 791 53.60 -11.83 8.48
CA THR C 791 54.84 -11.08 8.37
C THR C 791 55.88 -11.66 9.31
N PRO C 792 57.16 -11.55 8.99
CA PRO C 792 58.19 -11.99 9.93
C PRO C 792 58.21 -11.09 11.16
N PRO C 793 58.74 -11.58 12.28
CA PRO C 793 58.95 -10.69 13.44
C PRO C 793 59.88 -9.53 13.13
N ILE C 794 60.82 -9.69 12.22
CA ILE C 794 61.61 -8.59 11.72
C ILE C 794 60.75 -7.73 10.81
N LYS C 795 60.96 -6.41 10.85
CA LYS C 795 60.15 -5.46 10.10
C LYS C 795 60.99 -4.50 9.27
N ASP C 796 62.22 -4.86 8.93
CA ASP C 796 63.06 -3.99 8.11
C ASP C 796 62.62 -4.13 6.66
N PHE C 797 62.34 -3.01 6.01
CA PHE C 797 61.83 -3.02 4.64
C PHE C 797 62.51 -1.99 3.76
N GLY C 798 63.81 -1.76 3.97
CA GLY C 798 64.50 -0.75 3.20
C GLY C 798 64.02 0.66 3.44
N GLY C 799 63.78 1.03 4.69
CA GLY C 799 63.34 2.38 5.02
C GLY C 799 61.84 2.58 4.96
N PHE C 800 61.10 1.56 4.59
CA PHE C 800 59.66 1.69 4.41
C PHE C 800 58.96 1.41 5.74
N ASN C 801 58.43 2.44 6.38
CA ASN C 801 57.77 2.28 7.67
C ASN C 801 56.44 1.56 7.49
N PHE C 802 56.47 0.24 7.62
CA PHE C 802 55.26 -0.55 7.48
C PHE C 802 54.70 -0.99 8.81
N SER C 803 55.31 -0.58 9.92
CA SER C 803 54.71 -0.80 11.23
C SER C 803 53.40 -0.05 11.39
N GLN C 804 53.18 1.01 10.61
CA GLN C 804 51.94 1.74 10.67
C GLN C 804 50.78 0.98 10.02
N ILE C 805 51.05 0.10 9.07
CA ILE C 805 49.99 -0.68 8.43
C ILE C 805 49.95 -2.13 8.87
N LEU C 806 51.06 -2.69 9.32
CA LEU C 806 51.05 -4.07 9.78
C LEU C 806 50.42 -4.12 11.16
N PRO C 807 49.83 -5.25 11.55
CA PRO C 807 49.37 -5.40 12.94
C PRO C 807 50.53 -5.29 13.91
N ASP C 808 50.28 -4.62 15.02
CA ASP C 808 51.31 -4.39 16.04
C ASP C 808 51.35 -5.58 16.97
N PRO C 809 52.49 -6.27 17.12
CA PRO C 809 52.57 -7.36 18.10
C PRO C 809 52.39 -6.90 19.54
N SER C 810 52.62 -5.63 19.85
CA SER C 810 52.43 -5.13 21.20
C SER C 810 51.00 -4.72 21.50
N LYS C 811 50.14 -4.60 20.48
CA LYS C 811 48.77 -4.25 20.80
C LYS C 811 47.99 -5.48 21.24
N PRO C 812 47.05 -5.30 22.18
CA PRO C 812 46.20 -6.42 22.59
C PRO C 812 45.33 -6.95 21.46
N SER C 813 44.84 -6.07 20.59
CA SER C 813 44.09 -6.47 19.41
C SER C 813 45.07 -6.53 18.24
N LYS C 814 45.03 -7.63 17.49
CA LYS C 814 46.06 -7.87 16.49
C LYS C 814 45.79 -7.09 15.22
N ARG C 815 45.71 -5.76 15.32
CA ARG C 815 45.48 -4.88 14.20
C ARG C 815 46.56 -3.80 14.16
N SER C 816 46.51 -3.01 13.09
CA SER C 816 47.52 -2.00 12.87
C SER C 816 47.31 -0.78 13.75
N PHE C 817 48.21 0.19 13.60
CA PHE C 817 47.96 1.52 14.14
C PHE C 817 46.91 2.24 13.31
N ILE C 818 47.04 2.17 11.99
CA ILE C 818 46.02 2.70 11.10
C ILE C 818 44.71 1.97 11.32
N GLU C 819 44.76 0.65 11.44
CA GLU C 819 43.54 -0.10 11.74
C GLU C 819 42.98 0.24 13.11
N ASP C 820 43.87 0.54 14.07
CA ASP C 820 43.43 0.94 15.40
C ASP C 820 42.67 2.26 15.34
N LEU C 821 43.14 3.21 14.55
CA LEU C 821 42.39 4.47 14.48
C LEU C 821 41.13 4.33 13.63
N LEU C 822 41.15 3.46 12.61
CA LEU C 822 39.94 3.15 11.86
C LEU C 822 38.92 2.40 12.71
N PHE C 823 39.35 1.80 13.81
CA PHE C 823 38.36 1.20 14.70
C PHE C 823 37.95 2.15 15.81
N ASN C 824 38.88 2.98 16.31
CA ASN C 824 38.60 3.80 17.47
C ASN C 824 38.08 5.18 17.08
N LYS C 825 38.91 5.94 16.35
CA LYS C 825 38.55 7.29 15.91
C LYS C 825 37.49 7.26 14.82
N VAL C 826 37.25 6.11 14.23
CA VAL C 826 36.28 5.94 13.15
C VAL C 826 35.23 4.95 13.62
N THR C 827 33.96 5.35 13.49
CA THR C 827 32.86 4.50 13.92
C THR C 827 32.73 3.30 12.99
N LYS C 854 17.02 -3.43 17.83
CA LYS C 854 18.13 -4.27 18.27
C LYS C 854 17.61 -5.60 18.82
N PHE C 855 16.49 -5.55 19.52
CA PHE C 855 15.89 -6.74 20.14
C PHE C 855 14.41 -6.86 19.85
N ASN C 856 13.95 -6.33 18.71
CA ASN C 856 12.53 -6.32 18.38
C ASN C 856 12.18 -7.33 17.29
N GLY C 857 12.83 -8.49 17.29
CA GLY C 857 12.66 -9.47 16.24
C GLY C 857 13.68 -9.39 15.13
N LEU C 858 14.38 -8.28 15.00
CA LEU C 858 15.43 -8.13 14.01
C LEU C 858 16.77 -8.42 14.67
N THR C 859 17.62 -9.18 13.99
CA THR C 859 18.92 -9.55 14.50
C THR C 859 19.98 -9.09 13.53
N VAL C 860 21.22 -9.11 14.00
CA VAL C 860 22.39 -9.08 13.13
C VAL C 860 23.05 -10.45 13.21
N LEU C 861 23.18 -11.09 12.08
CA LEU C 861 24.00 -12.29 12.09
C LEU C 861 25.47 -11.87 12.11
N PRO C 862 26.27 -12.47 13.00
CA PRO C 862 27.70 -12.19 12.98
C PRO C 862 28.29 -12.62 11.66
N PRO C 863 29.29 -11.91 11.15
CA PRO C 863 29.91 -12.32 9.90
C PRO C 863 30.65 -13.63 10.09
N LEU C 864 30.69 -14.43 9.03
CA LEU C 864 31.53 -15.62 9.05
C LEU C 864 32.98 -15.26 9.28
N LEU C 865 33.43 -14.20 8.61
CA LEU C 865 34.73 -13.61 8.88
C LEU C 865 34.54 -12.54 9.95
N THR C 866 34.89 -12.88 11.19
CA THR C 866 34.82 -11.93 12.29
C THR C 866 35.98 -10.93 12.20
N ASP C 867 36.01 -9.96 13.11
CA ASP C 867 36.93 -8.83 12.96
C ASP C 867 38.39 -9.26 13.07
N GLU C 868 38.71 -10.16 14.00
CA GLU C 868 40.10 -10.59 14.18
C GLU C 868 40.60 -11.36 12.95
N MET C 869 39.76 -12.21 12.37
CA MET C 869 40.21 -12.98 11.22
C MET C 869 40.13 -12.17 9.93
N ILE C 870 39.27 -11.14 9.88
CA ILE C 870 39.37 -10.17 8.79
C ILE C 870 40.69 -9.43 8.88
N ALA C 871 41.09 -9.08 10.10
CA ALA C 871 42.40 -8.47 10.32
C ALA C 871 43.52 -9.41 9.91
N GLN C 872 43.33 -10.71 10.15
CA GLN C 872 44.36 -11.68 9.78
C GLN C 872 44.47 -11.86 8.26
N TYR C 873 43.33 -11.91 7.55
CA TYR C 873 43.37 -11.81 6.09
C TYR C 873 44.05 -10.54 5.61
N THR C 874 43.72 -9.40 6.20
CA THR C 874 44.32 -8.16 5.71
C THR C 874 45.81 -8.15 5.98
N SER C 875 46.23 -8.74 7.11
CA SER C 875 47.66 -8.89 7.38
C SER C 875 48.30 -9.82 6.36
N ALA C 876 47.60 -10.88 5.97
CA ALA C 876 48.13 -11.79 4.95
C ALA C 876 48.26 -11.09 3.62
N LEU C 877 47.27 -10.30 3.24
CA LEU C 877 47.31 -9.58 1.97
C LEU C 877 48.44 -8.55 1.97
N LEU C 878 48.60 -7.83 3.08
CA LEU C 878 49.72 -6.92 3.21
C LEU C 878 51.03 -7.66 3.15
N ALA C 879 51.12 -8.82 3.81
CA ALA C 879 52.35 -9.60 3.81
C ALA C 879 52.69 -10.09 2.41
N GLY C 880 51.67 -10.52 1.67
CA GLY C 880 51.91 -10.95 0.30
C GLY C 880 52.33 -9.80 -0.59
N THR C 881 51.76 -8.62 -0.37
CA THR C 881 52.14 -7.48 -1.19
C THR C 881 53.42 -6.80 -0.73
N ILE C 882 53.96 -7.16 0.42
CA ILE C 882 55.24 -6.58 0.79
C ILE C 882 56.38 -7.58 0.69
N THR C 883 56.08 -8.87 0.71
CA THR C 883 57.10 -9.90 0.63
C THR C 883 57.03 -10.72 -0.64
N SER C 884 55.86 -10.81 -1.29
CA SER C 884 55.72 -11.60 -2.50
C SER C 884 55.08 -10.83 -3.65
N GLY C 885 54.55 -9.63 -3.40
CA GLY C 885 54.04 -8.79 -4.48
C GLY C 885 52.75 -9.27 -5.08
N TRP C 886 52.80 -9.68 -6.35
CA TRP C 886 51.61 -10.07 -7.10
C TRP C 886 51.46 -11.56 -7.28
N THR C 887 52.51 -12.33 -7.00
CA THR C 887 52.49 -13.74 -7.37
C THR C 887 51.57 -14.56 -6.47
N PHE C 888 51.31 -14.08 -5.25
CA PHE C 888 50.49 -14.86 -4.34
C PHE C 888 49.01 -14.74 -4.67
N GLY C 889 48.64 -13.87 -5.60
CA GLY C 889 47.28 -13.86 -6.11
C GLY C 889 47.10 -14.89 -7.20
N ALA C 890 48.12 -15.04 -8.05
CA ALA C 890 48.03 -15.92 -9.19
C ALA C 890 48.44 -17.36 -8.90
N GLY C 891 49.14 -17.63 -7.81
CA GLY C 891 49.57 -18.99 -7.56
C GLY C 891 50.27 -19.17 -6.24
N ALA C 892 51.45 -19.77 -6.26
CA ALA C 892 52.27 -19.87 -5.06
C ALA C 892 52.82 -18.49 -4.71
N ALA C 893 53.00 -18.26 -3.41
CA ALA C 893 53.56 -17.00 -2.93
C ALA C 893 55.07 -17.05 -3.12
N LEU C 894 55.59 -16.19 -3.99
CA LEU C 894 57.01 -16.21 -4.34
C LEU C 894 57.67 -14.95 -3.80
N GLN C 895 58.64 -15.12 -2.91
CA GLN C 895 59.18 -14.03 -2.12
C GLN C 895 59.94 -13.03 -2.98
N ILE C 896 59.60 -11.74 -2.83
CA ILE C 896 60.32 -10.65 -3.50
C ILE C 896 60.62 -9.52 -2.51
N PRO C 897 61.80 -8.92 -2.57
CA PRO C 897 62.08 -7.76 -1.71
C PRO C 897 61.33 -6.50 -2.14
N PHE C 898 61.10 -5.62 -1.18
CA PHE C 898 60.24 -4.47 -1.43
C PHE C 898 60.87 -3.44 -2.34
N ALA C 899 62.20 -3.33 -2.31
CA ALA C 899 62.86 -2.35 -3.18
C ALA C 899 62.61 -2.68 -4.65
N MET C 900 62.86 -3.92 -5.05
CA MET C 900 62.55 -4.30 -6.42
C MET C 900 61.06 -4.40 -6.68
N GLN C 901 60.24 -4.64 -5.65
CA GLN C 901 58.80 -4.62 -5.86
C GLN C 901 58.32 -3.22 -6.26
N MET C 902 58.78 -2.20 -5.54
CA MET C 902 58.44 -0.84 -5.90
C MET C 902 59.08 -0.45 -7.24
N ALA C 903 60.28 -0.97 -7.52
CA ALA C 903 60.89 -0.75 -8.83
C ALA C 903 60.02 -1.32 -9.94
N TYR C 904 59.41 -2.48 -9.69
CA TYR C 904 58.59 -3.10 -10.70
C TYR C 904 57.25 -2.42 -10.86
N ARG C 905 56.71 -1.85 -9.79
CA ARG C 905 55.44 -1.15 -9.95
C ARG C 905 55.65 0.28 -10.45
N PHE C 906 56.89 0.76 -10.44
CA PHE C 906 57.22 1.88 -11.32
C PHE C 906 57.35 1.43 -12.77
N ASN C 907 57.91 0.24 -12.99
CA ASN C 907 58.05 -0.29 -14.34
C ASN C 907 56.66 -0.53 -14.96
N GLY C 908 55.67 -0.87 -14.13
CA GLY C 908 54.32 -1.08 -14.61
C GLY C 908 53.59 0.18 -15.02
N ILE C 909 54.16 1.34 -14.71
CA ILE C 909 53.69 2.62 -15.22
C ILE C 909 54.40 3.05 -16.49
N GLY C 910 55.66 2.72 -16.63
CA GLY C 910 56.44 3.23 -17.73
C GLY C 910 57.49 4.24 -17.31
N VAL C 911 57.69 4.42 -16.01
CA VAL C 911 58.87 5.10 -15.49
C VAL C 911 59.87 4.04 -15.04
N THR C 912 61.11 4.22 -15.47
CA THR C 912 62.12 3.21 -15.28
C THR C 912 62.58 3.13 -13.83
N GLN C 913 63.34 2.07 -13.54
CA GLN C 913 63.68 1.72 -12.16
C GLN C 913 64.73 2.65 -11.56
N ASN C 914 65.56 3.28 -12.39
CA ASN C 914 66.59 4.15 -11.85
C ASN C 914 66.00 5.38 -11.19
N VAL C 915 64.82 5.80 -11.65
CA VAL C 915 64.16 6.95 -11.05
C VAL C 915 63.79 6.66 -9.60
N LEU C 916 63.45 5.40 -9.30
CA LEU C 916 63.41 5.00 -7.90
C LEU C 916 64.81 4.95 -7.31
N TYR C 917 65.71 4.20 -7.95
CA TYR C 917 66.83 3.63 -7.21
C TYR C 917 67.88 4.69 -6.90
N GLU C 918 67.90 5.77 -7.67
CA GLU C 918 68.91 6.79 -7.44
C GLU C 918 68.54 7.70 -6.28
N ASN C 919 67.31 7.63 -5.78
CA ASN C 919 66.93 8.31 -4.54
C ASN C 919 65.96 7.50 -3.71
N GLN C 920 66.17 6.17 -3.69
CA GLN C 920 65.36 5.23 -2.91
C GLN C 920 65.07 5.73 -1.49
N LYS C 921 66.06 6.35 -0.85
CA LYS C 921 65.84 6.92 0.48
C LYS C 921 64.81 8.05 0.43
N LEU C 922 64.86 8.88 -0.61
CA LEU C 922 63.89 9.97 -0.71
C LEU C 922 62.49 9.45 -1.02
N ILE C 923 62.38 8.42 -1.87
CA ILE C 923 61.08 7.78 -2.05
C ILE C 923 60.58 7.18 -0.74
N ALA C 924 61.45 6.55 0.03
CA ALA C 924 61.03 5.95 1.30
C ALA C 924 60.55 7.02 2.29
N ASN C 925 61.31 8.10 2.42
CA ASN C 925 60.91 9.18 3.32
C ASN C 925 59.65 9.88 2.83
N GLN C 926 59.50 10.02 1.52
CA GLN C 926 58.30 10.65 1.01
C GLN C 926 57.09 9.75 1.20
N PHE C 927 57.29 8.44 1.09
CA PHE C 927 56.18 7.52 1.29
C PHE C 927 55.77 7.43 2.76
N ASN C 928 56.73 7.43 3.69
CA ASN C 928 56.30 7.30 5.08
C ASN C 928 55.84 8.65 5.64
N SER C 929 56.31 9.75 5.06
CA SER C 929 55.67 11.03 5.34
C SER C 929 54.27 11.07 4.75
N ALA C 930 54.06 10.35 3.64
CA ALA C 930 52.71 10.21 3.11
C ALA C 930 51.86 9.34 4.02
N ILE C 931 52.48 8.36 4.70
CA ILE C 931 51.79 7.59 5.72
C ILE C 931 51.38 8.49 6.87
N GLY C 932 52.27 9.39 7.28
CA GLY C 932 51.90 10.38 8.27
C GLY C 932 50.82 11.33 7.78
N LYS C 933 50.81 11.60 6.48
CA LYS C 933 49.74 12.39 5.88
C LYS C 933 48.41 11.64 5.97
N ILE C 934 48.46 10.32 5.81
CA ILE C 934 47.26 9.49 6.01
C ILE C 934 46.79 9.61 7.44
N GLN C 935 47.72 9.53 8.39
CA GLN C 935 47.40 9.71 9.81
C GLN C 935 46.72 11.05 10.03
N ASP C 936 47.29 12.11 9.46
CA ASP C 936 46.75 13.46 9.62
C ASP C 936 45.37 13.59 9.01
N SER C 937 45.18 13.09 7.80
CA SER C 937 43.90 13.22 7.12
C SER C 937 42.82 12.41 7.81
N LEU C 938 43.17 11.20 8.28
CA LEU C 938 42.18 10.35 8.93
C LEU C 938 41.86 10.85 10.34
N SER C 939 42.81 11.51 11.00
CA SER C 939 42.58 12.00 12.35
C SER C 939 42.04 13.42 12.39
N SER C 940 42.09 14.15 11.27
CA SER C 940 41.59 15.52 11.26
C SER C 940 40.11 15.56 10.92
N THR C 941 39.73 15.01 9.78
CA THR C 941 38.36 15.05 9.31
C THR C 941 37.83 13.62 9.15
N ALA C 942 36.52 13.48 9.35
CA ALA C 942 35.84 12.21 9.14
C ALA C 942 35.04 12.18 7.85
N SER C 943 35.15 13.22 7.02
CA SER C 943 34.36 13.27 5.79
C SER C 943 35.03 12.52 4.65
N ALA C 944 36.34 12.28 4.73
CA ALA C 944 37.01 11.47 3.70
C ALA C 944 36.50 10.04 3.71
N LEU C 945 36.32 9.46 4.89
CA LEU C 945 35.69 8.17 5.09
C LEU C 945 34.18 8.24 5.16
N GLY C 946 33.61 9.36 4.70
CA GLY C 946 32.18 9.51 4.69
C GLY C 946 31.48 8.49 3.82
N LYS C 947 32.16 7.97 2.79
CA LYS C 947 31.53 7.00 1.92
C LYS C 947 31.37 5.63 2.56
N LEU C 948 31.99 5.39 3.71
CA LEU C 948 31.68 4.22 4.52
C LEU C 948 30.82 4.58 5.71
N GLN C 949 31.04 5.79 6.23
CA GLN C 949 30.21 6.27 7.33
C GLN C 949 28.75 6.33 6.91
N ASP C 950 28.48 6.80 5.69
CA ASP C 950 27.10 6.89 5.23
C ASP C 950 26.54 5.52 4.87
N VAL C 951 27.41 4.57 4.51
CA VAL C 951 26.93 3.21 4.27
C VAL C 951 26.42 2.60 5.56
N VAL C 952 27.24 2.70 6.61
CA VAL C 952 26.83 2.19 7.93
C VAL C 952 25.64 2.97 8.44
N ASN C 953 25.64 4.29 8.20
CA ASN C 953 24.54 5.13 8.63
C ASN C 953 23.25 4.78 7.90
N GLN C 954 23.31 4.63 6.58
CA GLN C 954 22.12 4.32 5.79
C GLN C 954 21.55 2.97 6.20
N ASN C 955 22.43 2.04 6.56
CA ASN C 955 21.96 0.81 7.18
C ASN C 955 21.26 1.11 8.50
N ALA C 956 21.80 2.06 9.28
CA ALA C 956 21.20 2.39 10.56
C ALA C 956 19.84 3.06 10.40
N GLN C 957 19.69 4.00 9.46
CA GLN C 957 18.36 4.56 9.24
C GLN C 957 17.45 3.57 8.53
N ALA C 958 18.00 2.57 7.86
CA ALA C 958 17.15 1.51 7.32
C ALA C 958 16.48 0.73 8.44
N LEU C 959 17.29 0.17 9.34
CA LEU C 959 16.75 -0.53 10.50
C LEU C 959 15.94 0.42 11.39
N ASN C 960 16.30 1.70 11.41
CA ASN C 960 15.58 2.68 12.22
C ASN C 960 14.21 2.98 11.62
N THR C 961 14.12 3.04 10.29
CA THR C 961 12.84 3.20 9.65
C THR C 961 11.96 1.98 9.86
N LEU C 962 12.57 0.80 9.86
CA LEU C 962 11.82 -0.41 10.16
C LEU C 962 11.27 -0.40 11.58
N VAL C 963 12.09 -0.01 12.55
CA VAL C 963 11.58 -0.01 13.92
C VAL C 963 10.69 1.20 14.16
N LYS C 964 10.77 2.22 13.32
CA LYS C 964 9.78 3.29 13.36
C LYS C 964 8.46 2.81 12.77
N GLN C 965 8.51 1.89 11.82
CA GLN C 965 7.29 1.26 11.35
C GLN C 965 6.65 0.41 12.44
N LEU C 966 7.43 -0.06 13.41
CA LEU C 966 6.87 -0.66 14.61
C LEU C 966 6.12 0.36 15.46
N SER C 967 6.38 1.65 15.26
CA SER C 967 5.65 2.70 15.95
C SER C 967 4.65 3.41 15.04
N SER C 968 4.77 3.26 13.73
CA SER C 968 3.81 3.86 12.82
C SER C 968 2.59 2.95 12.66
N ASN C 969 1.44 3.57 12.43
CA ASN C 969 0.17 2.89 12.56
C ASN C 969 -0.38 2.33 11.27
N PHE C 970 0.03 2.87 10.12
CA PHE C 970 -0.41 2.46 8.78
C PHE C 970 -1.92 2.55 8.59
N GLY C 971 -2.60 3.39 9.36
CA GLY C 971 -4.04 3.44 9.32
C GLY C 971 -4.72 2.55 10.32
N ALA C 972 -3.98 1.64 10.96
CA ALA C 972 -4.53 0.88 12.06
C ALA C 972 -4.57 1.75 13.31
N ILE C 973 -5.24 1.24 14.35
CA ILE C 973 -5.50 2.06 15.53
C ILE C 973 -4.40 1.97 16.56
N SER C 974 -3.45 1.05 16.39
CA SER C 974 -2.30 0.97 17.26
C SER C 974 -1.14 0.40 16.46
N SER C 975 0.06 0.45 17.02
CA SER C 975 1.21 -0.02 16.26
C SER C 975 2.04 -1.05 16.98
N VAL C 976 1.85 -1.24 18.28
CA VAL C 976 2.56 -2.28 19.02
C VAL C 976 1.71 -3.54 18.98
N LEU C 977 2.23 -4.57 18.28
CA LEU C 977 1.39 -5.70 17.92
C LEU C 977 0.92 -6.48 19.14
N ASN C 978 1.67 -6.45 20.23
CA ASN C 978 1.15 -6.98 21.49
C ASN C 978 -0.10 -6.22 21.92
N ASP C 979 -0.10 -4.90 21.74
CA ASP C 979 -1.28 -4.12 22.08
C ASP C 979 -2.44 -4.44 21.16
N ILE C 980 -2.18 -4.62 19.86
CA ILE C 980 -3.28 -5.01 18.97
C ILE C 980 -3.82 -6.40 19.33
N LEU C 981 -2.94 -7.36 19.64
CA LEU C 981 -3.39 -8.69 20.02
C LEU C 981 -4.22 -8.69 21.30
N SER C 982 -3.79 -7.92 22.30
CA SER C 982 -4.56 -7.81 23.53
C SER C 982 -5.78 -6.90 23.38
N ARG C 983 -5.84 -6.12 22.31
CA ARG C 983 -6.84 -5.08 22.17
C ARG C 983 -8.00 -5.48 21.27
N LEU C 984 -7.75 -6.21 20.21
CA LEU C 984 -8.79 -6.55 19.24
C LEU C 984 -9.11 -8.04 19.30
N ASP C 985 -10.39 -8.36 19.14
CA ASP C 985 -10.84 -9.72 18.89
C ASP C 985 -10.39 -10.13 17.49
N PRO C 986 -10.34 -11.43 17.20
CA PRO C 986 -9.90 -11.90 15.85
C PRO C 986 -10.68 -11.32 14.67
N PRO C 987 -12.01 -11.15 14.70
CA PRO C 987 -12.69 -10.73 13.46
C PRO C 987 -12.38 -9.32 12.97
N GLU C 988 -12.20 -8.34 13.86
CA GLU C 988 -11.72 -7.03 13.45
C GLU C 988 -10.22 -6.91 13.57
N ALA C 989 -9.62 -7.78 14.37
CA ALA C 989 -8.17 -7.90 14.43
C ALA C 989 -7.60 -8.33 13.11
N GLU C 990 -8.32 -9.14 12.34
CA GLU C 990 -7.79 -9.48 11.03
C GLU C 990 -7.77 -8.26 10.13
N VAL C 991 -8.74 -7.35 10.30
CA VAL C 991 -8.77 -6.14 9.48
C VAL C 991 -7.60 -5.23 9.84
N GLN C 992 -7.47 -4.87 11.12
CA GLN C 992 -6.34 -4.02 11.50
C GLN C 992 -5.00 -4.72 11.32
N ILE C 993 -4.95 -6.02 11.59
CA ILE C 993 -3.70 -6.74 11.51
C ILE C 993 -3.25 -6.93 10.07
N ASP C 994 -4.14 -7.23 9.11
CA ASP C 994 -3.60 -7.35 7.77
C ASP C 994 -3.39 -5.97 7.16
N ARG C 995 -4.05 -4.93 7.69
CA ARG C 995 -3.57 -3.58 7.41
C ARG C 995 -2.13 -3.38 7.87
N LEU C 996 -1.84 -3.81 9.10
CA LEU C 996 -0.50 -3.72 9.64
C LEU C 996 0.47 -4.58 8.86
N ILE C 997 0.04 -5.75 8.43
CA ILE C 997 0.90 -6.63 7.64
C ILE C 997 1.13 -6.05 6.26
N THR C 998 0.11 -5.43 5.66
CA THR C 998 0.33 -4.77 4.38
C THR C 998 1.34 -3.66 4.52
N GLY C 999 1.22 -2.87 5.58
CA GLY C 999 2.20 -1.81 5.83
C GLY C 999 3.58 -2.34 6.14
N ARG C 1000 3.66 -3.39 6.96
CA ARG C 1000 4.95 -3.83 7.46
C ARG C 1000 5.65 -4.74 6.48
N LEU C 1001 4.90 -5.56 5.72
CA LEU C 1001 5.44 -6.12 4.50
C LEU C 1001 5.94 -5.02 3.57
N GLN C 1002 5.08 -4.08 3.15
CA GLN C 1002 5.49 -3.14 2.11
C GLN C 1002 6.68 -2.31 2.58
N SER C 1003 6.80 -2.08 3.89
CA SER C 1003 8.05 -1.58 4.44
C SER C 1003 9.16 -2.60 4.28
N LEU C 1004 8.84 -3.89 4.42
CA LEU C 1004 9.89 -4.90 4.29
C LEU C 1004 10.34 -5.09 2.84
N GLN C 1005 9.44 -5.03 1.86
CA GLN C 1005 9.92 -5.12 0.48
C GLN C 1005 10.59 -3.83 0.05
N THR C 1006 10.16 -2.67 0.57
CA THR C 1006 10.99 -1.49 0.35
C THR C 1006 12.35 -1.67 1.00
N TYR C 1007 12.38 -2.34 2.16
CA TYR C 1007 13.64 -2.55 2.86
C TYR C 1007 14.54 -3.51 2.09
N VAL C 1008 13.97 -4.60 1.58
CA VAL C 1008 14.80 -5.65 1.02
C VAL C 1008 15.12 -5.35 -0.43
N THR C 1009 14.22 -4.70 -1.16
CA THR C 1009 14.58 -4.19 -2.47
C THR C 1009 15.49 -2.98 -2.34
N GLN C 1010 15.36 -2.23 -1.25
CA GLN C 1010 16.21 -1.07 -1.08
C GLN C 1010 17.62 -1.50 -0.72
N GLN C 1011 17.76 -2.45 0.20
CA GLN C 1011 19.07 -3.02 0.48
C GLN C 1011 19.48 -4.04 -0.56
N LEU C 1012 18.58 -4.40 -1.47
CA LEU C 1012 18.96 -5.31 -2.54
C LEU C 1012 19.51 -4.53 -3.72
N ILE C 1013 18.97 -3.35 -3.97
CA ILE C 1013 19.60 -2.40 -4.87
C ILE C 1013 20.86 -1.84 -4.23
N ARG C 1014 20.84 -1.63 -2.92
CA ARG C 1014 22.06 -1.32 -2.19
C ARG C 1014 23.03 -2.47 -2.24
N ALA C 1015 22.53 -3.70 -2.32
CA ALA C 1015 23.40 -4.85 -2.43
C ALA C 1015 23.95 -4.96 -3.82
N ALA C 1016 23.19 -4.49 -4.81
CA ALA C 1016 23.75 -4.33 -6.15
C ALA C 1016 24.80 -3.24 -6.16
N GLU C 1017 24.59 -2.18 -5.40
CA GLU C 1017 25.58 -1.11 -5.28
C GLU C 1017 26.83 -1.62 -4.59
N ILE C 1018 26.66 -2.28 -3.45
CA ILE C 1018 27.73 -2.88 -2.68
C ILE C 1018 28.39 -3.99 -3.48
N ARG C 1019 27.63 -4.72 -4.28
CA ARG C 1019 28.15 -5.84 -5.04
C ARG C 1019 28.90 -5.36 -6.27
N ALA C 1020 28.42 -4.28 -6.90
CA ALA C 1020 29.16 -3.67 -7.98
C ALA C 1020 30.44 -3.05 -7.47
N SER C 1021 30.36 -2.34 -6.34
CA SER C 1021 31.56 -1.78 -5.73
C SER C 1021 32.41 -2.86 -5.08
N ALA C 1022 31.85 -4.04 -4.87
CA ALA C 1022 32.57 -5.10 -4.19
C ALA C 1022 33.26 -6.02 -5.19
N ASN C 1023 32.64 -6.25 -6.33
CA ASN C 1023 33.35 -6.81 -7.47
C ASN C 1023 34.35 -5.80 -7.99
N LEU C 1024 34.02 -4.52 -7.88
CA LEU C 1024 34.98 -3.46 -8.13
C LEU C 1024 36.12 -3.54 -7.13
N ALA C 1025 35.81 -3.81 -5.87
CA ALA C 1025 36.83 -3.93 -4.85
C ALA C 1025 37.59 -5.23 -4.97
N ALA C 1026 36.95 -6.26 -5.53
CA ALA C 1026 37.64 -7.51 -5.78
C ALA C 1026 38.62 -7.35 -6.93
N THR C 1027 38.19 -6.68 -8.00
CA THR C 1027 39.10 -6.32 -9.06
C THR C 1027 40.15 -5.34 -8.55
N LYS C 1028 39.79 -4.50 -7.60
CA LYS C 1028 40.78 -3.58 -7.03
C LYS C 1028 41.81 -4.34 -6.22
N MET C 1029 41.37 -5.29 -5.40
CA MET C 1029 42.27 -6.13 -4.65
C MET C 1029 43.18 -6.92 -5.59
N SER C 1030 42.59 -7.50 -6.63
CA SER C 1030 43.33 -8.38 -7.52
C SER C 1030 44.23 -7.62 -8.48
N GLU C 1031 43.82 -6.43 -8.93
CA GLU C 1031 44.50 -5.69 -9.98
C GLU C 1031 45.35 -4.57 -9.44
N CYS C 1032 44.93 -3.92 -8.36
CA CYS C 1032 45.69 -2.92 -7.66
C CYS C 1032 46.55 -3.52 -6.55
N VAL C 1033 46.08 -4.57 -5.88
CA VAL C 1033 46.75 -5.12 -4.73
C VAL C 1033 47.51 -6.39 -5.08
N LEU C 1034 46.80 -7.38 -5.61
CA LEU C 1034 47.44 -8.62 -6.05
C LEU C 1034 48.13 -8.48 -7.41
N GLY C 1035 48.28 -7.27 -7.89
CA GLY C 1035 48.90 -7.01 -9.17
C GLY C 1035 49.11 -5.53 -9.33
N GLN C 1036 49.41 -5.12 -10.55
CA GLN C 1036 49.69 -3.71 -10.86
C GLN C 1036 48.81 -3.32 -12.04
N SER C 1037 47.70 -2.63 -11.76
CA SER C 1037 46.78 -2.24 -12.83
C SER C 1037 47.41 -1.18 -13.73
N LYS C 1038 47.16 -1.29 -15.03
CA LYS C 1038 47.81 -0.44 -16.01
C LYS C 1038 46.91 0.67 -16.51
N ARG C 1039 45.63 0.66 -16.17
CA ARG C 1039 44.72 1.71 -16.62
C ARG C 1039 44.77 2.84 -15.59
N VAL C 1040 44.58 4.05 -16.04
CA VAL C 1040 44.65 5.20 -15.16
C VAL C 1040 43.27 5.49 -14.57
N ASP C 1041 43.27 5.95 -13.30
CA ASP C 1041 42.12 6.40 -12.52
C ASP C 1041 41.21 5.23 -12.14
N PHE C 1042 41.72 4.01 -12.13
CA PHE C 1042 40.97 2.91 -11.56
C PHE C 1042 41.35 2.65 -10.11
N CYS C 1043 42.63 2.82 -9.77
CA CYS C 1043 43.10 2.55 -8.42
C CYS C 1043 43.52 3.84 -7.76
N GLY C 1044 42.67 4.86 -7.83
CA GLY C 1044 42.94 6.14 -7.22
C GLY C 1044 43.50 7.16 -8.21
N LYS C 1045 43.54 8.40 -7.76
CA LYS C 1045 43.96 9.49 -8.62
C LYS C 1045 45.45 9.40 -8.91
N GLY C 1046 45.80 9.44 -10.18
CA GLY C 1046 47.18 9.39 -10.59
C GLY C 1046 47.60 8.04 -11.11
N TYR C 1047 48.91 7.83 -11.13
CA TYR C 1047 49.55 6.68 -11.73
C TYR C 1047 49.82 5.66 -10.64
N HIS C 1048 49.20 4.49 -10.75
CA HIS C 1048 49.08 3.61 -9.60
C HIS C 1048 50.35 2.81 -9.32
N LEU C 1049 50.62 2.54 -8.05
CA LEU C 1049 51.73 1.66 -7.68
C LEU C 1049 51.27 0.38 -7.00
N MET C 1050 50.59 0.48 -5.87
CA MET C 1050 50.02 -0.67 -5.18
C MET C 1050 48.97 -0.15 -4.23
N SER C 1051 48.41 -1.04 -3.42
CA SER C 1051 47.38 -0.61 -2.51
C SER C 1051 47.44 -1.47 -1.26
N PHE C 1052 46.94 -0.90 -0.17
CA PHE C 1052 47.09 -1.45 1.16
C PHE C 1052 45.71 -1.82 1.68
N PRO C 1053 45.35 -3.08 1.69
CA PRO C 1053 44.10 -3.49 2.33
C PRO C 1053 44.14 -3.22 3.83
N GLN C 1054 43.18 -2.42 4.26
CA GLN C 1054 42.92 -2.24 5.68
C GLN C 1054 41.42 -2.40 5.89
N SER C 1055 41.06 -3.13 6.94
CA SER C 1055 39.66 -3.39 7.19
C SER C 1055 38.96 -2.13 7.69
N ALA C 1056 37.65 -2.24 7.81
CA ALA C 1056 36.81 -1.17 8.33
C ALA C 1056 35.52 -1.81 8.81
N PRO C 1057 34.72 -1.10 9.60
CA PRO C 1057 33.42 -1.67 9.97
C PRO C 1057 32.51 -1.81 8.76
N HIS C 1058 32.37 -3.06 8.32
CA HIS C 1058 31.63 -3.41 7.10
C HIS C 1058 32.12 -2.63 5.89
N GLY C 1059 33.43 -2.66 5.64
CA GLY C 1059 33.99 -2.00 4.48
C GLY C 1059 35.49 -2.16 4.45
N VAL C 1060 36.10 -1.60 3.40
CA VAL C 1060 37.55 -1.61 3.22
C VAL C 1060 38.01 -0.21 2.84
N VAL C 1061 39.10 0.24 3.45
CA VAL C 1061 39.86 1.40 2.96
C VAL C 1061 41.06 0.88 2.19
N PHE C 1062 41.24 1.40 0.98
CA PHE C 1062 42.39 1.10 0.16
C PHE C 1062 43.33 2.29 0.24
N LEU C 1063 44.56 2.06 0.65
CA LEU C 1063 45.56 3.12 0.69
C LEU C 1063 46.29 3.11 -0.64
N HIS C 1064 45.64 3.64 -1.67
CA HIS C 1064 46.18 3.65 -3.02
C HIS C 1064 47.37 4.59 -3.08
N VAL C 1065 48.57 4.05 -3.07
CA VAL C 1065 49.76 4.85 -3.27
C VAL C 1065 49.95 5.02 -4.78
N THR C 1066 50.07 6.27 -5.22
CA THR C 1066 50.11 6.60 -6.63
C THR C 1066 51.31 7.47 -6.93
N TYR C 1067 51.59 7.61 -8.22
CA TYR C 1067 52.66 8.45 -8.73
C TYR C 1067 52.05 9.67 -9.41
N VAL C 1068 52.49 10.87 -9.02
CA VAL C 1068 51.96 12.11 -9.55
C VAL C 1068 53.10 13.05 -9.92
N PRO C 1069 53.23 13.48 -11.17
CA PRO C 1069 54.28 14.45 -11.52
C PRO C 1069 54.05 15.80 -10.85
N ALA C 1070 55.16 16.47 -10.51
CA ALA C 1070 55.07 17.72 -9.76
C ALA C 1070 55.61 18.93 -10.49
N GLN C 1071 56.90 18.93 -10.83
CA GLN C 1071 57.56 20.12 -11.39
C GLN C 1071 58.03 19.83 -12.81
N GLU C 1072 57.70 20.73 -13.72
CA GLU C 1072 57.94 20.56 -15.14
C GLU C 1072 58.62 21.81 -15.70
N LYS C 1073 59.23 21.65 -16.87
CA LYS C 1073 59.83 22.76 -17.60
C LYS C 1073 59.38 22.69 -19.06
N ASN C 1074 59.41 23.83 -19.72
CA ASN C 1074 58.98 23.94 -21.11
C ASN C 1074 60.11 23.45 -22.02
N PHE C 1075 59.77 22.64 -23.01
CA PHE C 1075 60.75 22.17 -23.98
C PHE C 1075 60.16 22.21 -25.39
N THR C 1076 61.03 22.42 -26.36
CA THR C 1076 60.64 22.36 -27.77
C THR C 1076 60.88 20.97 -28.32
N THR C 1077 60.29 20.69 -29.48
CA THR C 1077 60.31 19.34 -30.02
C THR C 1077 60.34 19.33 -31.53
N ALA C 1078 60.49 18.12 -32.06
CA ALA C 1078 60.33 17.73 -33.45
C ALA C 1078 59.64 16.38 -33.45
N PRO C 1079 58.68 16.15 -34.36
CA PRO C 1079 57.92 14.89 -34.35
C PRO C 1079 58.78 13.65 -34.51
N ALA C 1080 59.60 13.63 -35.56
CA ALA C 1080 60.61 12.62 -35.76
C ALA C 1080 61.98 13.27 -35.70
N ILE C 1081 63.00 12.43 -35.56
CA ILE C 1081 64.39 12.87 -35.54
C ILE C 1081 65.14 12.14 -36.63
N CYS C 1082 65.75 12.88 -37.54
CA CYS C 1082 66.49 12.30 -38.64
C CYS C 1082 67.94 12.79 -38.57
N HIS C 1083 68.88 11.83 -38.53
CA HIS C 1083 70.26 12.16 -38.19
C HIS C 1083 71.22 11.99 -39.36
N ASP C 1084 71.34 10.79 -39.91
CA ASP C 1084 72.19 10.56 -41.07
C ASP C 1084 71.34 10.24 -42.29
N GLY C 1085 70.29 11.02 -42.51
CA GLY C 1085 69.34 10.77 -43.57
C GLY C 1085 68.30 9.75 -43.21
N LYS C 1086 68.27 9.30 -41.96
CA LYS C 1086 67.39 8.23 -41.52
C LYS C 1086 66.58 8.69 -40.32
N ALA C 1087 65.25 8.55 -40.41
CA ALA C 1087 64.35 9.10 -39.41
C ALA C 1087 64.31 8.20 -38.18
N HIS C 1088 63.94 8.77 -37.04
CA HIS C 1088 63.85 8.04 -35.77
C HIS C 1088 62.59 8.46 -35.01
N PHE C 1089 62.00 7.52 -34.29
CA PHE C 1089 60.92 7.68 -33.33
C PHE C 1089 61.28 6.91 -32.05
N PRO C 1090 60.81 7.33 -30.88
CA PRO C 1090 61.28 6.66 -29.65
C PRO C 1090 60.53 5.35 -29.43
N ARG C 1091 61.21 4.36 -28.86
CA ARG C 1091 60.49 3.15 -28.45
C ARG C 1091 59.60 3.44 -27.25
N GLU C 1092 60.08 4.28 -26.32
CA GLU C 1092 59.33 4.65 -25.14
C GLU C 1092 59.67 6.10 -24.80
N GLY C 1093 58.66 6.93 -24.64
CA GLY C 1093 58.86 8.26 -24.13
C GLY C 1093 58.65 9.33 -25.19
N VAL C 1094 59.23 10.50 -24.92
CA VAL C 1094 59.01 11.70 -25.70
C VAL C 1094 60.36 12.33 -26.02
N PHE C 1095 60.52 12.80 -27.26
CA PHE C 1095 61.61 13.73 -27.55
C PHE C 1095 61.29 15.12 -27.03
N VAL C 1096 62.20 15.68 -26.23
CA VAL C 1096 62.10 17.04 -25.73
C VAL C 1096 63.41 17.76 -26.02
N SER C 1097 63.37 19.09 -25.97
CA SER C 1097 64.57 19.89 -26.18
C SER C 1097 64.39 21.27 -25.58
N ASN C 1098 65.36 21.70 -24.80
CA ASN C 1098 65.34 23.02 -24.17
C ASN C 1098 65.80 24.12 -25.10
N GLY C 1099 66.21 23.79 -26.32
CA GLY C 1099 66.68 24.75 -27.29
C GLY C 1099 68.19 24.72 -27.52
N THR C 1100 68.93 24.09 -26.65
CA THR C 1100 70.38 23.99 -26.82
C THR C 1100 70.86 22.56 -26.93
N HIS C 1101 70.23 21.64 -26.21
CA HIS C 1101 70.54 20.22 -26.31
C HIS C 1101 69.25 19.47 -26.58
N TRP C 1102 69.39 18.27 -27.15
CA TRP C 1102 68.26 17.43 -27.47
C TRP C 1102 68.23 16.21 -26.57
N PHE C 1103 67.03 15.82 -26.14
CA PHE C 1103 66.86 14.71 -25.23
C PHE C 1103 65.64 13.88 -25.61
N VAL C 1104 65.68 12.61 -25.22
CA VAL C 1104 64.52 11.75 -25.20
C VAL C 1104 64.45 11.11 -23.82
N THR C 1105 63.27 11.09 -23.23
CA THR C 1105 63.10 10.52 -21.91
C THR C 1105 61.67 10.03 -21.78
N GLN C 1106 61.42 9.25 -20.74
CA GLN C 1106 60.11 8.65 -20.53
C GLN C 1106 59.05 9.72 -20.33
N ARG C 1107 57.82 9.39 -20.71
CA ARG C 1107 56.78 10.40 -20.88
C ARG C 1107 56.36 11.02 -19.55
N ASN C 1108 56.67 10.36 -18.43
CA ASN C 1108 56.15 10.81 -17.15
C ASN C 1108 57.24 11.24 -16.17
N PHE C 1109 58.48 11.34 -16.62
CA PHE C 1109 59.55 11.84 -15.76
C PHE C 1109 60.68 12.31 -16.66
N TYR C 1110 61.07 13.57 -16.53
CA TYR C 1110 62.19 14.07 -17.31
C TYR C 1110 63.50 13.62 -16.69
N GLU C 1111 64.13 12.62 -17.32
CA GLU C 1111 65.48 12.22 -16.96
C GLU C 1111 66.28 12.29 -18.24
N PRO C 1112 67.11 13.32 -18.39
CA PRO C 1112 67.68 13.66 -19.71
C PRO C 1112 68.64 12.60 -20.21
N GLN C 1113 68.22 11.90 -21.26
CA GLN C 1113 69.06 10.96 -21.97
C GLN C 1113 69.33 11.50 -23.36
N ILE C 1114 70.57 11.33 -23.82
CA ILE C 1114 70.90 11.67 -25.20
C ILE C 1114 70.25 10.62 -26.09
N ILE C 1115 69.94 10.99 -27.34
CA ILE C 1115 69.09 10.17 -28.20
C ILE C 1115 69.83 8.89 -28.57
N THR C 1116 69.35 7.77 -28.03
CA THR C 1116 70.00 6.48 -28.16
C THR C 1116 69.18 5.54 -29.03
N THR C 1117 69.90 4.74 -29.81
CA THR C 1117 69.29 3.69 -30.63
C THR C 1117 68.76 2.56 -29.73
N ASP C 1118 69.16 2.54 -28.46
CA ASP C 1118 68.48 1.65 -27.54
C ASP C 1118 67.17 2.24 -27.03
N ASN C 1119 66.86 3.50 -27.36
CA ASN C 1119 65.55 4.06 -27.06
C ASN C 1119 64.79 4.51 -28.30
N THR C 1120 65.44 4.54 -29.47
CA THR C 1120 64.76 4.85 -30.72
C THR C 1120 65.03 3.75 -31.74
N PHE C 1121 64.27 3.75 -32.82
CA PHE C 1121 64.39 2.70 -33.81
C PHE C 1121 64.57 3.27 -35.21
N VAL C 1122 64.92 2.38 -36.13
CA VAL C 1122 65.43 2.73 -37.44
C VAL C 1122 64.31 2.55 -38.46
N SER C 1123 63.78 3.68 -38.95
CA SER C 1123 62.67 3.65 -39.89
C SER C 1123 62.54 5.01 -40.57
N GLY C 1124 62.41 5.02 -41.90
CA GLY C 1124 62.05 6.25 -42.59
C GLY C 1124 63.23 7.01 -43.18
N ASN C 1125 63.06 8.33 -43.28
CA ASN C 1125 64.09 9.25 -43.74
C ASN C 1125 63.73 10.68 -43.34
N CYS C 1126 64.58 11.63 -43.72
CA CYS C 1126 64.34 13.04 -43.45
C CYS C 1126 63.22 13.65 -44.29
N ASP C 1127 62.72 12.95 -45.31
CA ASP C 1127 61.95 13.59 -46.37
C ASP C 1127 60.44 13.40 -46.26
N VAL C 1128 59.95 12.59 -45.34
CA VAL C 1128 58.52 12.26 -45.27
C VAL C 1128 57.85 12.95 -44.11
N VAL C 1129 58.39 12.80 -42.91
CA VAL C 1129 57.72 13.29 -41.70
C VAL C 1129 57.90 14.80 -41.62
N ILE C 1130 56.80 15.50 -41.38
CA ILE C 1130 56.83 16.95 -41.22
C ILE C 1130 57.43 17.30 -39.86
N GLY C 1131 58.22 18.36 -39.82
CA GLY C 1131 58.68 18.92 -38.57
C GLY C 1131 59.98 18.37 -38.01
N ILE C 1132 60.69 17.55 -38.75
CA ILE C 1132 61.96 17.02 -38.26
C ILE C 1132 62.99 18.13 -38.22
N VAL C 1133 63.77 18.20 -37.14
CA VAL C 1133 64.84 19.17 -37.03
C VAL C 1133 66.16 18.42 -37.13
N ASN C 1134 67.19 19.13 -37.57
CA ASN C 1134 68.51 18.56 -37.77
C ASN C 1134 69.29 18.54 -36.46
N ASN C 1135 69.75 17.36 -36.07
CA ASN C 1135 70.56 17.17 -34.88
C ASN C 1135 71.30 15.83 -35.00
N THR C 1136 71.96 15.44 -33.93
CA THR C 1136 72.72 14.21 -33.89
C THR C 1136 72.03 13.18 -33.01
N VAL C 1137 72.22 11.90 -33.33
CA VAL C 1137 71.68 10.80 -32.55
C VAL C 1137 72.85 9.97 -32.06
N TYR C 1138 72.96 9.85 -30.74
CA TYR C 1138 74.05 9.10 -30.14
C TYR C 1138 73.65 7.64 -29.96
N ASP C 1139 74.05 6.81 -30.92
CA ASP C 1139 73.91 5.37 -30.77
C ASP C 1139 74.75 4.93 -29.59
N PRO C 1140 74.20 4.18 -28.64
CA PRO C 1140 75.04 3.63 -27.57
C PRO C 1140 75.97 2.54 -28.05
N LEU C 1141 75.82 2.07 -29.29
CA LEU C 1141 76.79 1.21 -29.94
C LEU C 1141 77.91 2.01 -30.59
N GLN C 1142 77.65 3.29 -30.88
CA GLN C 1142 78.59 4.10 -31.64
C GLN C 1142 79.94 4.31 -30.94
N PRO C 1143 80.02 4.60 -29.63
CA PRO C 1143 81.36 4.72 -29.01
C PRO C 1143 82.17 3.44 -29.01
N GLU C 1144 81.54 2.27 -28.88
CA GLU C 1144 82.28 1.01 -28.99
C GLU C 1144 82.69 0.76 -30.44
N LEU C 1145 81.86 1.18 -31.39
CA LEU C 1145 82.24 1.07 -32.80
C LEU C 1145 83.44 1.97 -33.10
N ASP C 1146 83.47 3.15 -32.50
CA ASP C 1146 84.56 4.09 -32.73
C ASP C 1146 85.84 3.68 -32.01
N SER C 1147 85.71 3.12 -30.81
CA SER C 1147 86.88 2.72 -30.03
C SER C 1147 87.20 1.24 -30.27
N GLN D 1 -53.50 15.03 22.62
CA GLN D 1 -52.87 14.95 23.94
C GLN D 1 -52.58 16.37 24.44
N VAL D 2 -53.65 17.15 24.61
CA VAL D 2 -53.55 18.52 25.11
C VAL D 2 -54.53 18.70 26.26
N GLN D 3 -54.04 19.20 27.38
CA GLN D 3 -54.82 19.47 28.58
C GLN D 3 -54.56 20.92 28.99
N LEU D 4 -55.63 21.68 29.21
CA LEU D 4 -55.48 23.10 29.49
C LEU D 4 -56.54 23.53 30.50
N VAL D 5 -56.09 23.98 31.67
CA VAL D 5 -56.98 24.38 32.75
C VAL D 5 -56.51 25.73 33.31
N GLN D 6 -57.41 26.70 33.37
CA GLN D 6 -57.19 27.99 34.01
C GLN D 6 -57.85 28.02 35.39
N SER D 7 -57.87 29.19 36.00
CA SER D 7 -58.46 29.39 37.33
C SER D 7 -59.98 29.49 37.23
N GLY D 8 -60.63 29.95 38.31
CA GLY D 8 -62.05 30.15 38.33
C GLY D 8 -62.44 31.61 38.33
N ALA D 9 -63.75 31.84 38.34
CA ALA D 9 -64.27 33.19 38.46
C ALA D 9 -63.98 33.73 39.85
N GLU D 10 -63.48 34.96 39.91
CA GLU D 10 -62.99 35.53 41.16
C GLU D 10 -63.58 36.92 41.33
N VAL D 11 -63.03 37.65 42.30
CA VAL D 11 -63.29 39.09 42.48
C VAL D 11 -62.11 39.67 43.26
N LYS D 12 -61.62 40.82 42.81
CA LYS D 12 -60.47 41.44 43.47
C LYS D 12 -60.71 42.93 43.72
N LYS D 13 -59.66 43.62 44.14
CA LYS D 13 -59.70 45.05 44.41
C LYS D 13 -58.59 45.76 43.65
N ALA D 14 -58.71 47.08 43.53
CA ALA D 14 -57.69 47.86 42.87
C ALA D 14 -56.45 48.00 43.74
N GLY D 15 -55.29 48.08 43.09
CA GLY D 15 -54.03 48.18 43.78
C GLY D 15 -53.46 46.86 44.27
N ALA D 16 -54.22 45.77 44.18
CA ALA D 16 -53.76 44.47 44.64
C ALA D 16 -52.99 43.78 43.51
N SER D 17 -52.64 42.51 43.71
CA SER D 17 -51.99 41.71 42.69
C SER D 17 -52.46 40.28 42.81
N VAL D 18 -52.48 39.59 41.68
CA VAL D 18 -52.85 38.18 41.62
C VAL D 18 -51.67 37.40 41.04
N LYS D 19 -51.33 36.30 41.69
CA LYS D 19 -50.23 35.44 41.24
C LYS D 19 -50.88 34.24 40.57
N VAL D 20 -51.33 34.43 39.34
CA VAL D 20 -52.19 33.46 38.65
C VAL D 20 -51.31 32.41 37.98
N SER D 21 -51.73 31.16 38.09
CA SER D 21 -51.09 30.05 37.42
C SER D 21 -51.95 29.61 36.24
N CYS D 22 -51.30 28.97 35.27
CA CYS D 22 -51.98 28.53 34.05
C CYS D 22 -51.38 27.16 33.74
N LYS D 23 -52.04 26.11 34.22
CA LYS D 23 -51.41 24.84 34.53
C LYS D 23 -51.71 23.75 33.49
N ALA D 24 -50.66 23.07 33.05
CA ALA D 24 -50.75 21.90 32.19
C ALA D 24 -49.59 20.97 32.51
N SER D 25 -49.75 19.68 32.22
CA SER D 25 -48.69 18.70 32.44
C SER D 25 -49.02 17.41 31.70
N GLY D 26 -48.03 16.87 30.99
CA GLY D 26 -48.15 15.54 30.42
C GLY D 26 -48.01 15.36 28.93
N TYR D 27 -47.28 16.25 28.25
CA TYR D 27 -46.83 16.02 26.88
C TYR D 27 -45.55 16.82 26.66
N THR D 28 -45.02 16.76 25.45
CA THR D 28 -43.76 17.43 25.14
C THR D 28 -44.02 18.92 24.96
N PHE D 29 -43.62 19.71 25.97
CA PHE D 29 -43.84 21.15 25.94
C PHE D 29 -42.82 21.85 25.06
N THR D 30 -41.66 21.22 24.83
CA THR D 30 -40.56 21.86 24.14
C THR D 30 -40.87 22.13 22.68
N SER D 31 -41.76 21.33 22.09
CA SER D 31 -42.05 21.45 20.67
C SER D 31 -42.97 22.61 20.32
N TYR D 32 -43.55 23.30 21.30
CA TYR D 32 -44.64 24.25 21.07
C TYR D 32 -44.22 25.64 21.54
N ASP D 33 -44.62 26.67 20.80
CA ASP D 33 -44.45 28.06 21.22
C ASP D 33 -45.67 28.58 21.95
N ILE D 34 -45.62 28.65 23.28
CA ILE D 34 -46.79 29.00 24.08
C ILE D 34 -47.03 30.51 24.07
N ASN D 35 -48.15 30.93 23.48
CA ASN D 35 -48.53 32.34 23.49
C ASN D 35 -49.40 32.64 24.72
N TRP D 36 -49.83 33.90 24.82
CA TRP D 36 -50.73 34.34 25.88
C TRP D 36 -51.64 35.42 25.31
N VAL D 37 -52.87 35.06 24.95
CA VAL D 37 -53.82 36.03 24.39
C VAL D 37 -55.04 36.10 25.29
N ARG D 38 -55.50 37.33 25.55
CA ARG D 38 -56.66 37.59 26.40
C ARG D 38 -57.83 38.02 25.52
N GLN D 39 -58.96 38.31 26.17
CA GLN D 39 -60.11 38.89 25.48
C GLN D 39 -60.82 39.86 26.42
N ALA D 40 -61.92 40.41 25.93
CA ALA D 40 -62.78 41.26 26.74
C ALA D 40 -64.24 40.92 26.51
N SER D 41 -65.10 41.46 27.38
CA SER D 41 -66.54 41.22 27.26
C SER D 41 -67.10 42.03 26.10
N GLY D 42 -67.47 41.34 25.02
CA GLY D 42 -67.99 42.00 23.84
C GLY D 42 -66.95 42.69 22.99
N GLN D 43 -65.66 42.49 23.28
CA GLN D 43 -64.59 43.15 22.54
C GLN D 43 -63.59 42.09 22.08
N GLY D 44 -62.65 42.45 21.21
CA GLY D 44 -61.80 41.48 20.56
C GLY D 44 -60.71 40.91 21.46
N LEU D 45 -59.92 40.03 20.87
CA LEU D 45 -58.80 39.39 21.55
C LEU D 45 -57.51 40.15 21.26
N GLU D 46 -56.68 40.31 22.30
CA GLU D 46 -55.40 40.98 22.15
C GLU D 46 -54.32 40.18 22.86
N TRP D 47 -53.16 40.05 22.22
CA TRP D 47 -52.07 39.23 22.71
C TRP D 47 -51.12 40.03 23.61
N MET D 48 -50.62 39.37 24.66
CA MET D 48 -49.76 40.02 25.63
C MET D 48 -48.35 39.42 25.66
N GLY D 49 -48.24 38.11 25.88
CA GLY D 49 -46.95 37.52 26.19
C GLY D 49 -46.70 36.23 25.44
N TRP D 50 -45.43 35.84 25.43
CA TRP D 50 -44.97 34.67 24.71
C TRP D 50 -44.07 33.84 25.59
N MET D 51 -43.94 32.56 25.24
CA MET D 51 -43.19 31.60 26.03
C MET D 51 -42.45 30.62 25.15
N ASN D 52 -41.12 30.55 25.32
CA ASN D 52 -40.36 29.40 24.87
C ASN D 52 -40.08 28.54 26.09
N PRO D 53 -40.67 27.33 26.17
CA PRO D 53 -40.67 26.58 27.43
C PRO D 53 -39.30 26.09 27.92
N ILE D 54 -38.23 26.45 27.22
CA ILE D 54 -36.88 26.07 27.63
C ILE D 54 -36.14 27.34 27.99
N SER D 55 -35.64 27.39 29.23
CA SER D 55 -34.85 28.49 29.82
C SER D 55 -35.62 29.80 29.93
N GLY D 56 -36.92 29.80 29.64
CA GLY D 56 -37.78 30.95 29.93
C GLY D 56 -37.46 32.23 29.18
N ASN D 57 -37.34 32.16 27.86
CA ASN D 57 -37.13 33.37 27.08
C ASN D 57 -38.35 34.28 27.20
N THR D 58 -38.09 35.56 27.45
CA THR D 58 -39.08 36.47 28.01
C THR D 58 -39.36 37.61 27.04
N GLY D 59 -40.65 37.90 26.86
CA GLY D 59 -41.09 39.06 26.10
C GLY D 59 -42.40 39.59 26.65
N TYR D 60 -42.53 40.92 26.72
CA TYR D 60 -43.63 41.57 27.42
C TYR D 60 -44.52 42.32 26.46
N ALA D 61 -45.74 42.61 26.91
CA ALA D 61 -46.67 43.43 26.17
C ALA D 61 -46.38 44.90 26.41
N GLN D 62 -46.53 45.71 25.36
CA GLN D 62 -46.36 47.15 25.51
C GLN D 62 -47.53 47.80 26.22
N LYS D 63 -48.73 47.23 26.11
CA LYS D 63 -49.91 47.81 26.74
C LYS D 63 -49.88 47.62 28.26
N PHE D 64 -49.32 46.51 28.71
CA PHE D 64 -49.30 46.16 30.12
C PHE D 64 -47.86 46.12 30.65
N GLN D 65 -46.98 46.88 29.99
CA GLN D 65 -45.57 46.96 30.36
C GLN D 65 -45.39 47.68 31.69
N GLY D 66 -44.40 47.22 32.46
CA GLY D 66 -44.14 47.77 33.77
C GLY D 66 -45.02 47.23 34.86
N ARG D 67 -46.10 46.53 34.50
CA ARG D 67 -46.99 45.88 35.44
C ARG D 67 -47.06 44.38 35.23
N VAL D 68 -46.23 43.85 34.34
CA VAL D 68 -46.22 42.44 33.98
C VAL D 68 -44.92 41.80 34.46
N THR D 69 -45.03 40.58 34.98
CA THR D 69 -43.89 39.72 35.24
C THR D 69 -44.19 38.32 34.72
N MET D 70 -43.23 37.75 33.98
CA MET D 70 -43.38 36.43 33.38
C MET D 70 -42.38 35.49 34.03
N THR D 71 -42.85 34.33 34.45
CA THR D 71 -42.03 33.33 35.13
C THR D 71 -42.55 31.97 34.68
N ARG D 72 -41.73 30.93 34.85
CA ARG D 72 -42.16 29.58 34.49
C ARG D 72 -41.56 28.59 35.48
N ASN D 73 -42.15 27.39 35.51
CA ASN D 73 -41.65 26.27 36.29
C ASN D 73 -41.46 25.11 35.31
N THR D 74 -40.25 24.98 34.76
CA THR D 74 -39.97 23.87 33.87
C THR D 74 -39.81 22.55 34.61
N SER D 75 -39.55 22.59 35.92
CA SER D 75 -39.41 21.36 36.68
C SER D 75 -40.73 20.59 36.73
N ILE D 76 -41.85 21.29 36.90
CA ILE D 76 -43.17 20.68 36.88
C ILE D 76 -43.93 21.02 35.60
N THR D 77 -43.23 21.54 34.59
CA THR D 77 -43.79 21.92 33.28
C THR D 77 -44.95 22.90 33.44
N THR D 78 -44.64 24.05 34.02
CA THR D 78 -45.68 25.04 34.31
C THR D 78 -45.17 26.42 33.92
N ALA D 79 -46.08 27.22 33.35
CA ALA D 79 -45.77 28.59 32.94
C ALA D 79 -46.70 29.56 33.68
N TYR D 80 -46.15 30.71 34.05
CA TYR D 80 -46.89 31.75 34.74
C TYR D 80 -46.90 33.03 33.93
N MET D 81 -47.98 33.79 34.05
CA MET D 81 -48.05 35.16 33.58
C MET D 81 -48.61 35.96 34.76
N GLU D 82 -47.72 36.43 35.61
CA GLU D 82 -48.10 37.06 36.87
C GLU D 82 -48.66 38.45 36.60
N LEU D 83 -49.97 38.63 36.78
CA LEU D 83 -50.62 39.90 36.52
C LEU D 83 -50.48 40.77 37.77
N SER D 84 -49.45 41.60 37.79
CA SER D 84 -49.17 42.41 38.97
C SER D 84 -49.86 43.76 38.88
N SER D 85 -50.11 44.34 40.06
CA SER D 85 -50.71 45.67 40.24
C SER D 85 -52.08 45.76 39.57
N LEU D 86 -53.04 45.00 40.15
CA LEU D 86 -54.40 44.98 39.64
C LEU D 86 -55.04 46.36 39.79
N ARG D 87 -55.90 46.71 38.83
CA ARG D 87 -56.40 48.07 38.66
C ARG D 87 -57.92 48.10 38.82
N SER D 88 -58.48 49.31 38.77
CA SER D 88 -59.93 49.46 38.84
C SER D 88 -60.59 49.07 37.52
N GLU D 89 -59.98 49.41 36.39
CA GLU D 89 -60.53 49.13 35.07
C GLU D 89 -60.23 47.69 34.64
N ASP D 90 -59.86 46.83 35.59
CA ASP D 90 -59.42 45.46 35.32
C ASP D 90 -60.63 44.57 35.02
N THR D 91 -61.84 45.14 35.05
CA THR D 91 -63.07 44.38 34.88
C THR D 91 -63.20 43.88 33.45
N ALA D 92 -62.78 42.64 33.23
CA ALA D 92 -62.83 41.97 31.93
C ALA D 92 -62.67 40.47 32.17
N VAL D 93 -62.53 39.73 31.07
CA VAL D 93 -62.42 38.27 31.08
C VAL D 93 -61.19 37.89 30.26
N TYR D 94 -60.14 37.42 30.93
CA TYR D 94 -58.87 37.17 30.27
C TYR D 94 -58.64 35.67 30.08
N PHE D 95 -57.75 35.35 29.14
CA PHE D 95 -57.42 33.98 28.80
C PHE D 95 -55.91 33.81 28.76
N CYS D 96 -55.46 32.56 28.88
CA CYS D 96 -54.14 32.21 28.40
C CYS D 96 -54.21 31.83 26.93
N ALA D 97 -53.07 31.39 26.41
CA ALA D 97 -53.00 30.77 25.10
C ALA D 97 -51.93 29.68 25.13
N ARG D 98 -51.84 28.94 24.03
CA ARG D 98 -50.79 27.96 23.87
C ARG D 98 -50.54 27.76 22.38
N GLY D 99 -49.34 27.36 22.04
CA GLY D 99 -49.04 26.97 20.68
C GLY D 99 -49.10 25.46 20.49
N GLY D 100 -49.24 25.06 19.24
CA GLY D 100 -49.17 23.66 18.88
C GLY D 100 -48.38 23.50 17.61
N ARG D 101 -47.84 24.62 17.12
CA ARG D 101 -46.88 24.55 16.03
C ARG D 101 -45.63 23.81 16.49
N TYR D 102 -45.06 23.02 15.58
CA TYR D 102 -43.90 22.20 15.90
C TYR D 102 -42.68 23.06 15.66
N CYS D 103 -42.21 23.74 16.70
CA CYS D 103 -41.16 24.74 16.56
C CYS D 103 -39.76 24.14 16.69
N SER D 104 -39.55 23.03 16.00
CA SER D 104 -38.22 22.56 15.65
C SER D 104 -37.82 23.01 14.26
N SER D 105 -38.67 23.80 13.62
CA SER D 105 -38.41 24.44 12.34
C SER D 105 -37.95 25.88 12.57
N THR D 106 -37.21 26.40 11.59
CA THR D 106 -36.58 27.70 11.76
C THR D 106 -37.57 28.84 11.57
N THR D 107 -38.66 28.59 10.87
CA THR D 107 -39.62 29.65 10.51
C THR D 107 -40.50 30.01 11.69
N CYS D 108 -40.81 31.30 11.81
CA CYS D 108 -41.66 31.80 12.89
C CYS D 108 -43.12 31.72 12.44
N TYR D 109 -43.64 30.51 12.45
CA TYR D 109 -45.03 30.25 12.07
C TYR D 109 -45.96 30.65 13.21
N SER D 110 -47.26 30.63 12.92
CA SER D 110 -48.26 30.95 13.92
C SER D 110 -48.49 29.76 14.84
N GLY D 111 -48.66 30.05 16.13
CA GLY D 111 -48.91 28.99 17.09
C GLY D 111 -50.28 28.37 16.89
N VAL D 112 -50.32 27.04 16.87
CA VAL D 112 -51.53 26.30 16.58
C VAL D 112 -52.19 25.94 17.90
N GLY D 113 -52.96 26.87 18.44
CA GLY D 113 -53.78 26.58 19.60
C GLY D 113 -55.05 25.86 19.19
N MET D 114 -54.93 24.59 18.78
CA MET D 114 -56.10 23.79 18.48
C MET D 114 -56.82 23.34 19.74
N ASP D 115 -56.29 23.69 20.91
CA ASP D 115 -57.02 23.80 22.16
C ASP D 115 -56.67 25.13 22.82
N VAL D 116 -57.66 25.75 23.45
CA VAL D 116 -57.49 26.98 24.19
C VAL D 116 -57.94 26.73 25.62
N TRP D 117 -57.29 27.40 26.58
CA TRP D 117 -57.51 27.21 28.00
C TRP D 117 -58.94 27.59 28.39
N GLY D 118 -59.33 27.21 29.61
CA GLY D 118 -60.73 27.23 30.00
C GLY D 118 -61.40 28.57 30.22
N GLN D 119 -61.09 29.25 31.34
CA GLN D 119 -61.90 30.39 31.75
C GLN D 119 -61.19 31.14 32.88
N GLY D 120 -61.25 32.47 32.83
CA GLY D 120 -60.70 33.29 33.89
C GLY D 120 -61.11 34.75 33.78
N THR D 121 -61.30 35.43 34.92
CA THR D 121 -61.65 36.85 34.93
C THR D 121 -61.07 37.52 36.17
N THR D 122 -60.29 38.59 35.96
CA THR D 122 -59.71 39.35 37.06
C THR D 122 -60.54 40.61 37.28
N VAL D 123 -61.78 40.41 37.72
CA VAL D 123 -62.73 41.51 37.88
C VAL D 123 -62.45 42.19 39.22
N THR D 124 -62.47 43.52 39.21
CA THR D 124 -62.22 44.33 40.41
C THR D 124 -63.40 45.27 40.59
N VAL D 125 -64.29 44.95 41.53
CA VAL D 125 -65.46 45.77 41.83
C VAL D 125 -65.45 46.09 43.31
N PRO D 126 -66.14 47.17 43.69
CA PRO D 126 -66.20 47.59 45.08
C PRO D 126 -67.26 46.81 45.84
N GLN E 1 -46.48 -11.77 33.08
CA GLN E 1 -47.41 -12.58 32.30
C GLN E 1 -47.38 -14.06 32.71
N VAL E 2 -47.63 -14.32 33.98
CA VAL E 2 -47.55 -15.66 34.53
C VAL E 2 -48.95 -16.12 34.89
N GLN E 3 -49.35 -17.29 34.39
CA GLN E 3 -50.70 -17.82 34.55
C GLN E 3 -50.64 -19.16 35.25
N LEU E 4 -51.54 -19.37 36.21
CA LEU E 4 -51.35 -20.38 37.24
C LEU E 4 -52.68 -21.05 37.52
N VAL E 5 -52.76 -22.36 37.29
CA VAL E 5 -53.96 -23.13 37.60
C VAL E 5 -53.54 -24.41 38.31
N GLN E 6 -54.35 -24.81 39.30
CA GLN E 6 -54.07 -26.00 40.10
C GLN E 6 -55.36 -26.76 40.39
N SER E 7 -55.30 -27.72 41.30
CA SER E 7 -56.46 -28.54 41.65
C SER E 7 -57.35 -27.77 42.64
N GLY E 8 -58.34 -28.46 43.19
CA GLY E 8 -59.29 -27.86 44.10
C GLY E 8 -59.31 -28.54 45.47
N ALA E 9 -60.35 -28.18 46.23
CA ALA E 9 -60.55 -28.76 47.55
C ALA E 9 -61.02 -30.19 47.42
N GLU E 10 -60.35 -31.10 48.14
CA GLU E 10 -60.64 -32.52 48.04
C GLU E 10 -60.43 -33.17 49.40
N VAL E 11 -61.03 -34.35 49.55
CA VAL E 11 -60.81 -35.21 50.72
C VAL E 11 -60.37 -36.57 50.21
N LYS E 12 -59.33 -37.13 50.84
CA LYS E 12 -58.79 -38.42 50.45
C LYS E 12 -58.47 -39.25 51.67
N LYS E 13 -58.59 -40.57 51.50
CA LYS E 13 -58.36 -41.54 52.55
C LYS E 13 -56.85 -41.73 52.76
N ALA E 14 -56.49 -42.05 54.00
CA ALA E 14 -55.10 -42.32 54.34
C ALA E 14 -54.58 -43.52 53.55
N GLY E 15 -53.38 -43.39 53.00
CA GLY E 15 -52.77 -44.42 52.19
C GLY E 15 -53.03 -44.30 50.71
N ALA E 16 -53.87 -43.35 50.29
CA ALA E 16 -54.18 -43.19 48.88
C ALA E 16 -53.08 -42.39 48.17
N SER E 17 -53.32 -42.09 46.90
CA SER E 17 -52.37 -41.34 46.10
C SER E 17 -53.12 -40.36 45.21
N VAL E 18 -52.44 -39.29 44.82
CA VAL E 18 -53.02 -38.24 44.00
C VAL E 18 -52.14 -38.03 42.77
N LYS E 19 -52.77 -37.83 41.62
CA LYS E 19 -52.08 -37.44 40.40
C LYS E 19 -52.34 -35.94 40.21
N VAL E 20 -51.66 -35.13 41.01
CA VAL E 20 -51.97 -33.71 41.10
C VAL E 20 -51.31 -33.02 39.92
N SER E 21 -51.85 -31.86 39.55
CA SER E 21 -51.31 -31.04 38.47
C SER E 21 -51.01 -29.62 38.96
N CYS E 22 -49.92 -29.06 38.44
CA CYS E 22 -49.53 -27.67 38.66
C CYS E 22 -49.16 -27.13 37.28
N LYS E 23 -50.13 -26.51 36.63
CA LYS E 23 -50.13 -26.36 35.18
C LYS E 23 -49.75 -24.95 34.76
N ALA E 24 -48.56 -24.81 34.19
CA ALA E 24 -48.08 -23.54 33.65
C ALA E 24 -47.86 -23.67 32.16
N SER E 25 -48.48 -22.78 31.40
CA SER E 25 -48.38 -22.79 29.94
C SER E 25 -48.88 -21.47 29.41
N GLY E 26 -48.23 -20.97 28.36
CA GLY E 26 -48.70 -19.82 27.62
C GLY E 26 -47.80 -18.59 27.62
N TYR E 27 -46.56 -18.70 28.10
CA TYR E 27 -45.68 -17.54 28.20
C TYR E 27 -44.24 -18.05 28.24
N THR E 28 -43.30 -17.12 28.40
CA THR E 28 -41.89 -17.45 28.56
C THR E 28 -41.63 -18.05 29.95
N PHE E 29 -42.12 -19.28 30.11
CA PHE E 29 -41.93 -20.01 31.37
C PHE E 29 -40.49 -20.44 31.57
N THR E 30 -39.70 -20.47 30.49
CA THR E 30 -38.37 -21.08 30.51
C THR E 30 -37.43 -20.33 31.45
N SER E 31 -37.61 -19.02 31.55
CA SER E 31 -36.79 -18.24 32.48
C SER E 31 -37.16 -18.49 33.93
N TYR E 32 -38.21 -19.24 34.20
CA TYR E 32 -38.73 -19.42 35.55
C TYR E 32 -38.65 -20.89 35.96
N ASP E 33 -38.16 -21.12 37.18
CA ASP E 33 -38.11 -22.47 37.74
C ASP E 33 -39.33 -22.72 38.61
N ILE E 34 -40.20 -23.63 38.18
CA ILE E 34 -41.46 -23.85 38.88
C ILE E 34 -41.20 -24.74 40.08
N ASN E 35 -40.89 -24.13 41.22
CA ASN E 35 -40.51 -24.88 42.41
C ASN E 35 -41.78 -25.17 43.22
N TRP E 36 -41.64 -25.68 44.44
CA TRP E 36 -42.80 -26.09 45.22
C TRP E 36 -42.63 -25.60 46.65
N VAL E 37 -43.62 -24.86 47.14
CA VAL E 37 -43.62 -24.34 48.51
C VAL E 37 -45.03 -24.47 49.09
N ARG E 38 -45.10 -24.86 50.36
CA ARG E 38 -46.36 -25.05 51.08
C ARG E 38 -46.42 -24.12 52.27
N GLN E 39 -47.58 -24.08 52.91
CA GLN E 39 -47.72 -23.53 54.25
C GLN E 39 -48.86 -24.23 54.97
N ALA E 40 -48.67 -24.52 56.25
CA ALA E 40 -49.76 -25.04 57.06
C ALA E 40 -50.70 -23.92 57.47
N SER E 41 -51.91 -24.31 57.88
CA SER E 41 -52.91 -23.33 58.29
C SER E 41 -52.49 -22.66 59.59
N GLY E 42 -51.96 -21.45 59.49
CA GLY E 42 -51.49 -20.71 60.65
C GLY E 42 -50.03 -20.88 60.99
N GLN E 43 -49.27 -21.61 60.19
CA GLN E 43 -47.84 -21.77 60.39
C GLN E 43 -47.08 -20.99 59.32
N GLY E 44 -45.76 -20.97 59.46
CA GLY E 44 -44.91 -20.41 58.42
C GLY E 44 -44.85 -21.32 57.22
N LEU E 45 -44.44 -20.74 56.10
CA LEU E 45 -44.34 -21.50 54.86
C LEU E 45 -43.16 -22.46 54.91
N GLU E 46 -43.18 -23.46 54.04
CA GLU E 46 -42.11 -24.44 53.97
C GLU E 46 -41.97 -24.94 52.54
N TRP E 47 -40.73 -25.12 52.10
CA TRP E 47 -40.41 -25.41 50.72
C TRP E 47 -40.10 -26.89 50.52
N MET E 48 -40.92 -27.58 49.72
CA MET E 48 -40.79 -29.02 49.53
C MET E 48 -39.64 -29.39 48.63
N GLY E 49 -39.29 -28.52 47.70
CA GLY E 49 -38.31 -28.84 46.68
C GLY E 49 -38.57 -28.04 45.43
N TRP E 50 -37.74 -28.30 44.44
CA TRP E 50 -37.83 -27.60 43.17
C TRP E 50 -38.21 -28.61 42.09
N MET E 51 -38.90 -28.14 41.07
CA MET E 51 -38.98 -28.85 39.80
C MET E 51 -38.47 -27.91 38.72
N ASN E 52 -37.51 -28.38 37.94
CA ASN E 52 -36.90 -27.46 36.99
C ASN E 52 -37.45 -27.74 35.60
N PRO E 53 -38.21 -26.80 35.02
CA PRO E 53 -38.66 -26.99 33.64
C PRO E 53 -37.55 -26.91 32.61
N ILE E 54 -36.36 -26.45 33.00
CA ILE E 54 -35.26 -26.29 32.05
C ILE E 54 -34.67 -27.66 31.77
N SER E 55 -35.23 -28.34 30.78
CA SER E 55 -34.78 -29.63 30.22
C SER E 55 -34.34 -30.69 31.23
N GLY E 56 -35.18 -31.00 32.19
CA GLY E 56 -35.09 -32.29 32.87
C GLY E 56 -34.14 -32.44 34.02
N ASN E 57 -34.31 -31.66 35.08
CA ASN E 57 -33.53 -31.83 36.29
C ASN E 57 -34.39 -32.38 37.43
N THR E 58 -33.78 -33.24 38.23
CA THR E 58 -34.48 -33.93 39.32
C THR E 58 -33.65 -33.81 40.60
N GLY E 59 -34.33 -33.51 41.71
CA GLY E 59 -33.68 -33.39 43.01
C GLY E 59 -34.68 -32.99 44.07
N TYR E 60 -34.59 -33.62 45.24
CA TYR E 60 -35.68 -33.61 46.21
C TYR E 60 -35.23 -32.90 47.49
N ALA E 61 -36.08 -32.94 48.50
CA ALA E 61 -35.73 -32.56 49.86
C ALA E 61 -36.05 -33.69 50.83
N GLN E 62 -35.76 -33.44 52.11
CA GLN E 62 -35.68 -34.52 53.08
C GLN E 62 -37.02 -34.85 53.73
N LYS E 63 -37.90 -33.87 53.89
CA LYS E 63 -39.10 -34.08 54.72
C LYS E 63 -40.13 -34.98 54.04
N PHE E 64 -40.08 -35.11 52.72
CA PHE E 64 -41.01 -35.99 52.01
C PHE E 64 -40.28 -37.01 51.15
N GLN E 65 -39.03 -37.31 51.46
CA GLN E 65 -38.31 -38.40 50.80
C GLN E 65 -38.98 -39.73 51.12
N GLY E 66 -39.11 -40.58 50.10
CA GLY E 66 -39.79 -41.85 50.24
C GLY E 66 -41.28 -41.80 49.99
N ARG E 67 -41.86 -40.61 49.84
CA ARG E 67 -43.30 -40.49 49.68
C ARG E 67 -43.69 -39.86 48.35
N VAL E 68 -42.79 -39.13 47.71
CA VAL E 68 -43.13 -38.32 46.54
C VAL E 68 -42.10 -38.53 45.43
N THR E 69 -42.59 -38.60 44.20
CA THR E 69 -41.77 -38.52 43.00
C THR E 69 -42.27 -37.37 42.14
N MET E 70 -41.47 -36.98 41.16
CA MET E 70 -41.87 -35.92 40.22
C MET E 70 -41.49 -36.29 38.80
N THR E 71 -42.30 -35.83 37.84
CA THR E 71 -42.05 -35.96 36.42
C THR E 71 -42.61 -34.69 35.78
N ARG E 72 -42.16 -34.36 34.57
CA ARG E 72 -42.68 -33.21 33.84
C ARG E 72 -43.00 -33.60 32.42
N ASN E 73 -44.16 -33.16 31.92
CA ASN E 73 -44.61 -33.44 30.56
C ASN E 73 -44.24 -32.25 29.68
N THR E 74 -43.01 -32.32 29.15
CA THR E 74 -42.32 -31.18 28.54
C THR E 74 -43.01 -30.60 27.30
N SER E 75 -44.06 -31.26 26.79
CA SER E 75 -44.82 -30.70 25.67
C SER E 75 -45.49 -29.39 26.04
N ILE E 76 -46.21 -29.38 27.17
CA ILE E 76 -46.98 -28.20 27.57
C ILE E 76 -46.49 -27.87 28.98
N THR E 77 -45.55 -28.69 29.48
CA THR E 77 -44.77 -28.46 30.70
C THR E 77 -45.66 -28.35 31.94
N THR E 78 -46.30 -29.47 32.24
CA THR E 78 -47.10 -29.62 33.44
C THR E 78 -46.18 -30.07 34.58
N ALA E 79 -46.35 -29.43 35.74
CA ALA E 79 -45.53 -29.76 36.90
C ALA E 79 -46.30 -30.65 37.86
N TYR E 80 -45.57 -31.58 38.47
CA TYR E 80 -46.15 -32.57 39.37
C TYR E 80 -45.46 -32.51 40.72
N MET E 81 -46.19 -32.96 41.75
CA MET E 81 -45.66 -33.27 43.09
C MET E 81 -46.44 -34.51 43.51
N GLU E 82 -45.95 -35.69 43.17
CA GLU E 82 -46.83 -36.86 43.23
C GLU E 82 -46.90 -37.42 44.65
N LEU E 83 -47.92 -36.99 45.40
CA LEU E 83 -48.15 -37.46 46.76
C LEU E 83 -48.73 -38.87 46.69
N SER E 84 -47.86 -39.86 46.87
CA SER E 84 -48.24 -41.26 46.85
C SER E 84 -48.02 -41.87 48.23
N SER E 85 -48.96 -42.73 48.65
CA SER E 85 -49.02 -43.30 50.00
C SER E 85 -49.00 -42.19 51.05
N LEU E 86 -50.06 -41.39 51.03
CA LEU E 86 -50.09 -40.12 51.75
C LEU E 86 -50.13 -40.33 53.26
N ARG E 87 -49.59 -39.35 53.99
CA ARG E 87 -49.53 -39.42 55.44
C ARG E 87 -50.19 -38.20 56.08
N SER E 88 -50.01 -38.01 57.38
CA SER E 88 -50.75 -36.97 58.09
C SER E 88 -50.22 -35.57 57.76
N GLU E 89 -48.94 -35.46 57.37
CA GLU E 89 -48.30 -34.16 57.29
C GLU E 89 -48.58 -33.41 56.00
N ASP E 90 -49.34 -33.98 55.07
CA ASP E 90 -49.64 -33.27 53.84
C ASP E 90 -51.01 -32.59 53.84
N THR E 91 -51.73 -32.66 54.95
CA THR E 91 -53.03 -31.99 55.06
C THR E 91 -52.76 -30.52 55.31
N ALA E 92 -52.71 -29.75 54.23
CA ALA E 92 -52.48 -28.31 54.26
C ALA E 92 -52.90 -27.77 52.90
N VAL E 93 -52.62 -26.50 52.65
CA VAL E 93 -52.82 -25.94 51.32
C VAL E 93 -51.49 -26.04 50.59
N TYR E 94 -51.51 -26.69 49.42
CA TYR E 94 -50.28 -26.93 48.70
C TYR E 94 -50.24 -26.13 47.41
N PHE E 95 -49.11 -25.45 47.23
CA PHE E 95 -48.89 -24.44 46.22
C PHE E 95 -47.58 -24.74 45.51
N CYS E 96 -47.38 -24.09 44.37
CA CYS E 96 -46.09 -24.19 43.71
C CYS E 96 -45.33 -22.87 43.88
N ALA E 97 -44.04 -22.92 43.60
CA ALA E 97 -43.20 -21.74 43.56
C ALA E 97 -42.76 -21.50 42.13
N ARG E 98 -42.02 -20.40 41.94
CA ARG E 98 -41.64 -19.96 40.59
C ARG E 98 -40.35 -19.18 40.67
N GLY E 99 -39.23 -19.80 40.28
CA GLY E 99 -37.93 -19.14 40.32
C GLY E 99 -37.82 -17.92 39.43
N GLY E 100 -37.79 -16.73 40.03
CA GLY E 100 -38.12 -15.53 39.29
C GLY E 100 -36.95 -14.91 38.55
N ARG E 101 -35.72 -15.33 38.88
CA ARG E 101 -34.56 -14.75 38.21
C ARG E 101 -34.53 -15.17 36.75
N TYR E 102 -33.91 -14.32 35.93
CA TYR E 102 -33.87 -14.58 34.50
C TYR E 102 -32.66 -15.44 34.16
N CYS E 103 -32.90 -16.57 33.49
CA CYS E 103 -31.90 -17.61 33.36
C CYS E 103 -30.83 -17.30 32.32
N SER E 104 -31.11 -16.40 31.37
CA SER E 104 -30.07 -15.98 30.44
C SER E 104 -29.17 -14.92 31.04
N SER E 105 -29.50 -14.42 32.23
CA SER E 105 -28.52 -13.76 33.07
C SER E 105 -27.67 -14.82 33.76
N THR E 106 -26.37 -14.59 33.78
CA THR E 106 -25.44 -15.61 34.27
C THR E 106 -25.42 -15.71 35.79
N THR E 107 -25.79 -14.64 36.50
CA THR E 107 -25.76 -14.62 37.96
C THR E 107 -26.96 -15.36 38.53
N CYS E 108 -26.71 -16.42 39.29
CA CYS E 108 -27.75 -17.23 39.91
C CYS E 108 -28.18 -16.56 41.22
N TYR E 109 -29.22 -15.73 41.13
CA TYR E 109 -29.79 -15.08 42.30
C TYR E 109 -30.98 -15.88 42.84
N SER E 110 -31.73 -15.24 43.74
CA SER E 110 -32.77 -15.93 44.50
C SER E 110 -34.00 -16.18 43.65
N GLY E 111 -34.72 -17.26 43.99
CA GLY E 111 -36.00 -17.55 43.37
C GLY E 111 -37.06 -16.60 43.87
N VAL E 112 -37.75 -15.95 42.95
CA VAL E 112 -38.73 -14.93 43.26
C VAL E 112 -40.09 -15.46 42.78
N GLY E 113 -40.80 -16.13 43.67
CA GLY E 113 -42.10 -16.66 43.32
C GLY E 113 -43.16 -15.59 43.36
N MET E 114 -43.13 -14.71 42.36
CA MET E 114 -43.92 -13.49 42.39
C MET E 114 -45.41 -13.80 42.32
N ASP E 115 -45.78 -14.81 41.55
CA ASP E 115 -47.16 -15.24 41.42
C ASP E 115 -47.33 -16.64 42.01
N VAL E 116 -48.46 -16.86 42.68
CA VAL E 116 -48.67 -18.02 43.55
C VAL E 116 -49.99 -18.67 43.15
N TRP E 117 -50.01 -20.01 43.21
CA TRP E 117 -50.98 -20.85 42.54
C TRP E 117 -52.30 -20.93 43.31
N GLY E 118 -53.23 -21.71 42.77
CA GLY E 118 -54.59 -21.75 43.24
C GLY E 118 -54.87 -22.42 44.57
N GLN E 119 -54.77 -23.76 44.61
CA GLN E 119 -55.12 -24.56 45.78
C GLN E 119 -54.73 -26.02 45.65
N GLY E 120 -54.24 -26.63 46.72
CA GLY E 120 -54.13 -28.08 46.79
C GLY E 120 -54.21 -28.60 48.21
N THR E 121 -55.18 -29.48 48.50
CA THR E 121 -55.37 -30.00 49.85
C THR E 121 -55.76 -31.48 49.83
N THR E 122 -54.96 -32.29 50.52
CA THR E 122 -55.29 -33.70 50.77
C THR E 122 -55.59 -33.91 52.26
N VAL E 123 -56.85 -33.68 52.64
CA VAL E 123 -57.22 -33.86 54.04
C VAL E 123 -57.46 -35.34 54.33
N THR E 124 -56.76 -35.88 55.32
CA THR E 124 -56.86 -37.29 55.69
C THR E 124 -57.56 -37.44 57.03
N VAL E 125 -58.89 -37.56 56.97
CA VAL E 125 -59.72 -37.81 58.14
C VAL E 125 -60.63 -39.01 57.84
N PRO E 126 -61.07 -39.68 58.90
CA PRO E 126 -61.99 -40.81 58.76
C PRO E 126 -63.44 -40.32 58.78
N VAL F 3 -58.08 47.00 15.38
CA VAL F 3 -56.96 47.74 14.80
C VAL F 3 -57.00 47.65 13.28
N LEU F 4 -57.00 46.42 12.77
CA LEU F 4 -57.03 46.20 11.33
C LEU F 4 -58.48 46.13 10.85
N THR F 5 -58.83 46.99 9.89
CA THR F 5 -60.22 47.20 9.52
C THR F 5 -60.76 46.04 8.70
N GLN F 6 -62.03 45.71 8.94
CA GLN F 6 -62.74 44.66 8.22
C GLN F 6 -64.23 44.85 8.47
N PRO F 7 -65.09 44.31 7.61
CA PRO F 7 -66.54 44.37 7.86
C PRO F 7 -66.91 43.57 9.09
N PRO F 8 -67.42 44.23 10.14
CA PRO F 8 -67.50 43.59 11.46
C PRO F 8 -68.72 42.70 11.67
N SER F 9 -69.84 43.00 11.02
CA SER F 9 -71.08 42.26 11.28
C SER F 9 -71.81 42.06 9.97
N VAL F 10 -72.33 40.85 9.78
CA VAL F 10 -72.92 40.42 8.51
C VAL F 10 -74.25 39.72 8.75
N SER F 11 -74.82 39.16 7.69
CA SER F 11 -75.98 38.29 7.78
C SER F 11 -75.95 37.39 6.55
N GLY F 12 -76.44 36.16 6.69
CA GLY F 12 -76.33 35.24 5.57
C GLY F 12 -77.18 34.00 5.71
N ALA F 13 -77.53 33.46 4.55
CA ALA F 13 -78.30 32.25 4.33
C ALA F 13 -77.58 31.45 3.24
N PRO F 14 -77.75 30.13 3.19
CA PRO F 14 -76.96 29.30 2.26
C PRO F 14 -77.18 29.67 0.80
N GLY F 15 -76.17 29.32 -0.03
CA GLY F 15 -76.05 29.83 -1.39
C GLY F 15 -74.64 29.89 -1.95
N GLN F 16 -74.22 31.05 -2.45
CA GLN F 16 -73.03 31.21 -3.28
C GLN F 16 -72.04 32.20 -2.65
N ARG F 17 -70.76 32.03 -2.98
CA ARG F 17 -69.62 32.47 -2.19
C ARG F 17 -69.62 33.95 -1.82
N VAL F 18 -69.09 34.24 -0.62
CA VAL F 18 -68.94 35.59 -0.07
C VAL F 18 -67.57 35.67 0.61
N THR F 19 -66.91 36.82 0.48
CA THR F 19 -65.50 36.99 0.88
C THR F 19 -65.35 37.98 2.03
N ILE F 20 -64.20 37.89 2.73
CA ILE F 20 -63.83 38.78 3.81
C ILE F 20 -62.39 39.25 3.55
N SER F 21 -62.04 40.41 4.11
CA SER F 21 -60.66 40.91 4.15
C SER F 21 -60.29 41.28 5.58
N CYS F 22 -59.04 41.69 5.78
CA CYS F 22 -58.60 42.32 7.03
C CYS F 22 -57.39 43.19 6.67
N THR F 23 -57.53 44.50 6.78
CA THR F 23 -56.63 45.43 6.13
C THR F 23 -55.54 45.88 7.10
N GLY F 24 -54.27 45.76 6.68
CA GLY F 24 -53.15 46.24 7.46
C GLY F 24 -52.27 47.17 6.64
N SER F 25 -51.24 47.69 7.31
CA SER F 25 -50.28 48.54 6.62
C SER F 25 -49.17 47.70 5.99
N SER F 26 -48.25 48.38 5.29
CA SER F 26 -47.26 47.69 4.46
C SER F 26 -46.30 46.84 5.28
N SER F 27 -45.86 47.35 6.44
CA SER F 27 -45.04 46.53 7.33
C SER F 27 -45.85 45.46 8.04
N ASN F 28 -47.16 45.65 8.16
CA ASN F 28 -48.06 44.67 8.75
C ASN F 28 -48.53 43.63 7.72
N ILE F 29 -48.87 44.08 6.50
CA ILE F 29 -49.39 43.16 5.51
C ILE F 29 -48.25 42.49 4.75
N GLY F 30 -47.05 43.07 4.78
CA GLY F 30 -45.95 42.50 4.04
C GLY F 30 -45.43 41.22 4.66
N ALA F 31 -45.25 41.21 5.98
CA ALA F 31 -44.76 40.04 6.68
C ALA F 31 -45.89 39.23 7.32
N GLY F 32 -47.06 39.82 7.45
CA GLY F 32 -48.17 39.16 8.09
C GLY F 32 -48.94 38.20 7.21
N TYR F 33 -48.23 37.28 6.56
CA TYR F 33 -48.85 36.22 5.77
C TYR F 33 -49.19 35.00 6.61
N ASP F 34 -48.90 35.04 7.92
CA ASP F 34 -49.34 34.04 8.88
C ASP F 34 -50.73 34.37 9.42
N VAL F 35 -51.52 35.14 8.68
CA VAL F 35 -52.80 35.63 9.17
C VAL F 35 -53.79 34.48 9.25
N HIS F 36 -54.52 34.43 10.37
CA HIS F 36 -55.57 33.44 10.52
C HIS F 36 -56.58 33.96 11.54
N TRP F 37 -57.72 33.26 11.60
CA TRP F 37 -58.98 33.83 12.06
C TRP F 37 -59.45 33.02 13.27
N TYR F 38 -59.44 33.64 14.45
CA TYR F 38 -59.91 32.94 15.65
C TYR F 38 -61.40 32.67 15.66
N HIS F 39 -61.77 31.41 15.40
CA HIS F 39 -63.13 30.92 15.55
C HIS F 39 -63.48 30.93 17.03
N GLN F 40 -64.20 31.96 17.47
CA GLN F 40 -64.79 31.94 18.80
C GLN F 40 -66.28 31.65 18.64
N LEU F 41 -66.61 30.37 18.58
CA LEU F 41 -67.98 29.93 18.53
C LEU F 41 -68.64 30.20 19.88
N PRO F 42 -69.94 30.44 19.92
CA PRO F 42 -70.62 30.61 21.22
C PRO F 42 -70.64 29.35 22.10
N GLY F 43 -69.99 29.44 23.26
CA GLY F 43 -69.99 28.36 24.21
C GLY F 43 -68.80 27.42 24.16
N THR F 44 -67.75 27.76 23.41
CA THR F 44 -66.55 26.94 23.38
C THR F 44 -65.33 27.86 23.42
N ALA F 45 -64.17 27.24 23.64
CA ALA F 45 -62.90 27.95 23.64
C ALA F 45 -62.58 28.47 22.25
N PRO F 46 -61.78 29.56 22.14
CA PRO F 46 -61.49 30.12 20.80
C PRO F 46 -60.60 29.26 19.93
N LYS F 47 -60.98 28.00 19.72
CA LYS F 47 -60.25 27.09 18.85
C LYS F 47 -60.52 27.49 17.40
N PHE F 48 -59.50 28.03 16.75
CA PHE F 48 -59.68 28.92 15.60
C PHE F 48 -60.04 28.25 14.28
N LEU F 49 -59.77 26.96 14.10
CA LEU F 49 -60.20 26.18 12.94
C LEU F 49 -59.60 26.62 11.60
N ILE F 50 -58.78 27.67 11.63
CA ILE F 50 -58.03 28.19 10.48
C ILE F 50 -56.68 28.65 10.98
N TYR F 51 -55.60 28.05 10.49
CA TYR F 51 -54.26 28.57 10.76
C TYR F 51 -53.41 28.54 9.50
N GLY F 52 -52.68 29.64 9.28
CA GLY F 52 -51.85 29.82 8.10
C GLY F 52 -52.66 29.80 6.82
N ASN F 53 -53.78 30.54 6.82
CA ASN F 53 -54.71 30.63 5.70
C ASN F 53 -55.31 29.27 5.35
N SER F 54 -54.86 28.71 4.23
CA SER F 54 -55.59 27.62 3.59
C SER F 54 -55.49 26.29 4.35
N ASN F 55 -54.63 26.20 5.37
CA ASN F 55 -54.50 24.93 6.09
C ASN F 55 -55.35 24.99 7.37
N ARG F 56 -55.78 23.81 7.84
CA ARG F 56 -56.84 23.73 8.85
C ARG F 56 -56.54 22.67 9.90
N PRO F 57 -57.08 22.83 11.12
CA PRO F 57 -57.33 21.66 11.96
C PRO F 57 -58.70 21.06 11.64
N SER F 58 -59.08 20.03 12.39
CA SER F 58 -60.37 19.39 12.17
C SER F 58 -61.51 20.25 12.70
N GLY F 59 -62.60 20.32 11.93
CA GLY F 59 -63.79 21.01 12.39
C GLY F 59 -64.55 21.80 11.34
N VAL F 60 -63.89 22.15 10.24
CA VAL F 60 -64.52 22.92 9.17
C VAL F 60 -64.37 22.20 7.84
N PRO F 61 -65.27 22.42 6.88
CA PRO F 61 -65.07 21.91 5.52
C PRO F 61 -64.14 22.82 4.74
N ASP F 62 -64.02 22.54 3.44
CA ASP F 62 -63.15 23.30 2.54
C ASP F 62 -63.83 24.53 1.98
N ARG F 63 -64.82 25.08 2.69
CA ARG F 63 -65.54 26.27 2.25
C ARG F 63 -64.67 27.51 2.28
N PHE F 64 -63.77 27.59 3.26
CA PHE F 64 -63.06 28.82 3.58
C PHE F 64 -61.77 28.88 2.77
N SER F 65 -61.44 30.05 2.23
CA SER F 65 -60.25 30.20 1.42
C SER F 65 -59.29 31.19 2.08
N GLY F 66 -58.01 31.05 1.76
CA GLY F 66 -56.97 31.89 2.34
C GLY F 66 -56.09 32.50 1.28
N SER F 67 -55.95 33.83 1.33
CA SER F 67 -55.11 34.55 0.39
C SER F 67 -54.77 35.90 1.01
N LYS F 68 -53.87 36.62 0.35
CA LYS F 68 -53.50 37.96 0.77
C LYS F 68 -53.80 38.92 -0.37
N SER F 69 -54.40 40.06 -0.03
CA SER F 69 -54.94 40.99 -1.01
C SER F 69 -54.31 42.36 -0.81
N GLY F 70 -53.12 42.56 -1.40
CA GLY F 70 -52.44 43.83 -1.32
C GLY F 70 -52.12 44.26 0.09
N THR F 71 -52.84 45.27 0.58
CA THR F 71 -52.76 45.71 1.96
C THR F 71 -53.84 45.07 2.84
N SER F 72 -54.51 44.03 2.35
CA SER F 72 -55.60 43.40 3.08
C SER F 72 -55.34 41.90 3.21
N ALA F 73 -55.58 41.36 4.40
CA ALA F 73 -55.49 39.91 4.65
C ALA F 73 -56.89 39.31 4.47
N SER F 74 -57.04 38.48 3.46
CA SER F 74 -58.35 38.20 2.87
C SER F 74 -58.74 36.73 3.05
N LEU F 75 -60.05 36.50 3.11
CA LEU F 75 -60.64 35.18 3.18
C LEU F 75 -61.82 35.10 2.22
N ALA F 76 -62.15 33.89 1.77
CA ALA F 76 -63.30 33.67 0.90
C ALA F 76 -64.08 32.45 1.36
N ILE F 77 -65.33 32.65 1.76
CA ILE F 77 -66.20 31.56 2.17
C ILE F 77 -66.88 31.12 0.87
N THR F 78 -67.29 29.86 0.80
CA THR F 78 -68.40 29.47 -0.04
C THR F 78 -69.66 29.69 0.79
N ARG F 79 -70.26 30.88 0.63
CA ARG F 79 -71.49 31.29 1.32
C ARG F 79 -71.44 31.32 2.84
N LEU F 80 -70.94 32.42 3.39
CA LEU F 80 -71.35 32.89 4.70
C LEU F 80 -72.83 32.62 4.90
N GLN F 81 -73.20 31.80 5.89
CA GLN F 81 -74.52 31.18 5.90
C GLN F 81 -75.01 31.02 7.34
N ALA F 82 -76.07 30.22 7.50
CA ALA F 82 -76.83 30.14 8.72
C ALA F 82 -76.39 29.03 9.67
N GLU F 83 -75.35 28.28 9.35
CA GLU F 83 -74.84 27.26 10.26
C GLU F 83 -73.46 27.60 10.81
N ASP F 84 -72.99 28.83 10.59
CA ASP F 84 -71.61 29.19 10.87
C ASP F 84 -71.47 30.38 11.82
N GLU F 85 -72.21 30.37 12.92
CA GLU F 85 -72.14 31.46 13.90
C GLU F 85 -70.80 31.47 14.61
N ALA F 86 -69.93 32.42 14.23
CA ALA F 86 -68.59 32.50 14.78
C ALA F 86 -67.93 33.85 14.55
N ASP F 87 -67.42 34.47 15.62
CA ASP F 87 -66.56 35.64 15.49
C ASP F 87 -65.21 35.20 14.93
N TYR F 88 -64.63 36.02 14.05
CA TYR F 88 -63.26 35.84 13.56
C TYR F 88 -62.42 37.05 13.94
N TYR F 89 -61.11 36.91 13.73
CA TYR F 89 -60.14 38.00 13.90
C TYR F 89 -59.10 37.83 12.81
N CYS F 90 -58.03 38.62 12.84
CA CYS F 90 -56.95 38.38 11.89
C CYS F 90 -55.62 38.57 12.60
N GLN F 91 -54.77 37.55 12.55
CA GLN F 91 -53.55 37.49 13.34
C GLN F 91 -52.32 37.58 12.43
N SER F 92 -51.91 38.81 12.13
CA SER F 92 -50.82 39.05 11.19
C SER F 92 -49.51 39.21 11.96
N TYR F 93 -48.50 38.44 11.57
CA TYR F 93 -47.18 38.53 12.19
C TYR F 93 -46.50 39.79 11.71
N ASP F 94 -46.37 40.79 12.60
CA ASP F 94 -46.07 42.15 12.20
C ASP F 94 -44.59 42.48 12.23
N SER F 95 -43.73 41.54 12.63
CA SER F 95 -42.27 41.67 12.59
C SER F 95 -41.75 42.85 13.41
N SER F 96 -41.47 43.97 12.74
CA SER F 96 -40.85 45.13 13.37
C SER F 96 -41.74 45.74 14.44
N LEU F 97 -43.06 45.64 14.27
CA LEU F 97 -44.02 46.04 15.30
C LEU F 97 -44.13 44.94 16.35
N SER F 98 -45.23 44.94 17.12
CA SER F 98 -45.56 43.83 18.00
C SER F 98 -45.62 42.51 17.23
N GLY F 99 -45.54 41.39 17.95
CA GLY F 99 -45.51 40.09 17.29
C GLY F 99 -46.71 39.83 16.41
N TRP F 100 -47.91 40.13 16.90
CA TRP F 100 -49.15 40.07 16.12
C TRP F 100 -50.24 40.90 16.78
N VAL F 101 -50.76 41.85 16.02
CA VAL F 101 -51.85 42.74 16.45
C VAL F 101 -53.08 42.35 15.65
N PHE F 102 -54.21 42.22 16.34
CA PHE F 102 -55.42 41.67 15.76
C PHE F 102 -56.19 42.75 15.00
N GLY F 103 -57.43 42.45 14.60
CA GLY F 103 -58.16 43.36 13.73
C GLY F 103 -59.55 43.79 14.15
N GLY F 104 -60.38 44.09 13.15
CA GLY F 104 -61.72 44.59 13.43
C GLY F 104 -62.63 43.54 14.05
N GLY F 105 -62.44 42.28 13.68
CA GLY F 105 -63.25 41.23 14.26
C GLY F 105 -64.54 40.90 13.53
N THR F 106 -64.43 40.48 12.27
CA THR F 106 -65.58 40.02 11.50
C THR F 106 -66.25 38.82 12.15
N LYS F 107 -67.50 38.99 12.56
CA LYS F 107 -68.26 37.87 13.11
C LYS F 107 -69.03 37.20 11.99
N LEU F 108 -68.66 35.96 11.69
CA LEU F 108 -69.42 35.14 10.75
C LEU F 108 -70.69 34.69 11.47
N THR F 109 -71.84 35.07 10.94
CA THR F 109 -73.05 34.90 11.74
C THR F 109 -74.22 34.54 10.83
N VAL F 110 -75.40 34.46 11.45
CA VAL F 110 -76.56 33.78 10.88
C VAL F 110 -77.72 34.76 10.76
N LEU F 111 -78.78 34.31 10.09
CA LEU F 111 -80.06 34.99 10.14
C LEU F 111 -81.17 33.99 10.46
N VAL G 3 -39.70 -18.43 64.75
CA VAL G 3 -38.94 -17.95 63.61
C VAL G 3 -37.49 -17.97 64.07
N LEU G 4 -36.54 -17.82 63.15
CA LEU G 4 -35.18 -17.46 63.53
C LEU G 4 -35.19 -16.13 64.28
N THR G 5 -34.16 -15.93 65.10
CA THR G 5 -34.21 -15.03 66.25
C THR G 5 -34.36 -13.58 65.78
N GLN G 6 -35.58 -13.08 65.90
CA GLN G 6 -36.04 -11.74 65.55
C GLN G 6 -37.03 -11.34 66.66
N PRO G 7 -37.66 -10.18 66.59
CA PRO G 7 -38.93 -9.98 67.30
C PRO G 7 -40.03 -10.81 66.66
N PRO G 8 -40.24 -12.06 67.12
CA PRO G 8 -40.89 -13.08 66.28
C PRO G 8 -42.33 -12.80 65.92
N SER G 9 -43.19 -12.47 66.89
CA SER G 9 -44.56 -12.12 66.58
C SER G 9 -45.05 -11.05 67.53
N VAL G 10 -44.92 -9.79 67.13
CA VAL G 10 -45.23 -8.66 67.99
C VAL G 10 -46.43 -7.94 67.42
N SER G 11 -47.06 -7.14 68.28
CA SER G 11 -48.13 -6.23 67.87
C SER G 11 -47.48 -4.92 67.44
N GLY G 12 -47.43 -4.69 66.12
CA GLY G 12 -46.70 -3.49 65.66
C GLY G 12 -47.52 -2.59 64.78
N ALA G 13 -47.47 -1.28 65.05
CA ALA G 13 -48.14 -0.32 64.15
C ALA G 13 -47.28 -0.22 62.89
N PRO G 14 -47.76 0.31 61.75
CA PRO G 14 -47.00 0.30 60.50
C PRO G 14 -45.60 0.90 60.62
N GLY G 15 -45.46 1.99 61.37
CA GLY G 15 -44.17 2.69 61.40
C GLY G 15 -43.19 2.24 62.44
N GLN G 16 -43.50 1.18 63.20
CA GLN G 16 -42.58 0.83 64.30
C GLN G 16 -41.19 0.58 63.69
N ARG G 17 -40.17 1.20 64.29
CA ARG G 17 -38.78 1.04 63.76
C ARG G 17 -38.23 -0.26 64.33
N VAL G 18 -38.86 -1.38 64.01
CA VAL G 18 -38.43 -2.69 64.56
C VAL G 18 -37.61 -3.40 63.48
N THR G 19 -36.32 -3.60 63.73
CA THR G 19 -35.49 -4.37 62.77
C THR G 19 -36.02 -5.81 62.80
N ILE G 20 -37.12 -6.08 62.09
CA ILE G 20 -37.62 -7.45 62.04
C ILE G 20 -36.51 -8.27 61.40
N SER G 21 -35.77 -9.00 62.23
CA SER G 21 -34.51 -9.62 61.82
C SER G 21 -34.77 -10.97 61.17
N CYS G 22 -33.68 -11.69 60.87
CA CYS G 22 -33.77 -13.09 60.49
C CYS G 22 -32.39 -13.70 60.80
N THR G 23 -32.29 -14.40 61.92
CA THR G 23 -30.99 -14.90 62.37
C THR G 23 -30.53 -16.06 61.51
N GLY G 24 -29.35 -15.93 60.92
CA GLY G 24 -28.76 -16.96 60.12
C GLY G 24 -27.35 -17.25 60.56
N SER G 25 -26.89 -18.46 60.27
CA SER G 25 -25.52 -18.84 60.58
C SER G 25 -24.58 -18.30 59.50
N SER G 26 -23.32 -18.76 59.56
CA SER G 26 -22.31 -18.30 58.61
C SER G 26 -22.66 -18.69 57.18
N SER G 27 -23.39 -19.79 57.00
CA SER G 27 -23.90 -20.13 55.67
C SER G 27 -25.04 -19.21 55.24
N ASN G 28 -25.75 -18.63 56.21
CA ASN G 28 -26.92 -17.80 55.91
C ASN G 28 -26.65 -16.32 56.07
N ILE G 29 -26.04 -15.90 57.18
CA ILE G 29 -25.85 -14.47 57.43
C ILE G 29 -24.72 -13.92 56.56
N GLY G 30 -23.73 -14.76 56.23
CA GLY G 30 -22.62 -14.34 55.42
C GLY G 30 -22.67 -14.79 53.98
N ALA G 31 -22.95 -16.07 53.78
CA ALA G 31 -22.93 -16.63 52.43
C ALA G 31 -24.25 -16.43 51.72
N GLY G 32 -25.36 -16.67 52.42
CA GLY G 32 -26.67 -16.49 51.83
C GLY G 32 -27.16 -15.06 51.94
N TYR G 33 -26.50 -14.14 51.23
CA TYR G 33 -26.90 -12.74 51.29
C TYR G 33 -28.03 -12.40 50.34
N ASP G 34 -28.54 -13.38 49.60
CA ASP G 34 -29.67 -13.20 48.70
C ASP G 34 -31.00 -13.54 49.35
N VAL G 35 -31.15 -13.29 50.65
CA VAL G 35 -32.38 -13.57 51.39
C VAL G 35 -33.53 -12.76 50.81
N HIS G 36 -34.68 -13.41 50.67
CA HIS G 36 -35.88 -12.81 50.13
C HIS G 36 -37.01 -13.03 51.11
N TRP G 37 -37.94 -12.09 51.16
CA TRP G 37 -39.01 -12.12 52.16
C TRP G 37 -40.34 -12.45 51.50
N TYR G 38 -40.80 -13.69 51.64
CA TYR G 38 -42.18 -13.96 51.26
C TYR G 38 -43.14 -13.30 52.23
N HIS G 39 -44.36 -13.06 51.75
CA HIS G 39 -45.44 -12.51 52.57
C HIS G 39 -46.74 -13.06 51.98
N GLN G 40 -47.36 -14.01 52.68
CA GLN G 40 -48.71 -14.38 52.26
C GLN G 40 -49.66 -13.30 52.78
N LEU G 41 -50.17 -12.49 51.87
CA LEU G 41 -50.90 -11.31 52.27
C LEU G 41 -52.31 -11.66 52.72
N PRO G 42 -52.83 -10.97 53.73
CA PRO G 42 -54.24 -11.16 54.11
C PRO G 42 -55.18 -10.69 53.01
N GLY G 43 -55.94 -11.63 52.46
CA GLY G 43 -56.93 -11.33 51.45
C GLY G 43 -56.55 -11.67 50.03
N THR G 44 -55.29 -12.08 49.81
CA THR G 44 -54.88 -12.52 48.45
C THR G 44 -53.83 -13.64 48.55
N ALA G 45 -53.44 -14.24 47.42
CA ALA G 45 -52.36 -15.25 47.42
C ALA G 45 -51.06 -14.50 47.73
N PRO G 46 -49.99 -15.13 48.26
CA PRO G 46 -48.82 -14.37 48.65
C PRO G 46 -48.34 -13.45 47.53
N LYS G 47 -48.25 -12.15 47.83
CA LYS G 47 -47.72 -11.15 46.87
C LYS G 47 -46.74 -10.34 47.70
N PHE G 48 -45.59 -10.94 48.00
CA PHE G 48 -44.65 -10.30 48.95
C PHE G 48 -44.22 -8.91 48.48
N LEU G 49 -43.83 -8.76 47.22
CA LEU G 49 -43.38 -7.45 46.67
C LEU G 49 -42.13 -6.99 47.43
N ILE G 50 -41.43 -7.91 48.09
CA ILE G 50 -40.23 -7.56 48.91
C ILE G 50 -39.27 -8.74 48.84
N TYR G 51 -38.28 -8.67 47.95
CA TYR G 51 -37.33 -9.76 47.78
C TYR G 51 -35.94 -9.18 47.60
N GLY G 52 -34.94 -9.97 47.97
CA GLY G 52 -33.56 -9.49 47.93
C GLY G 52 -33.32 -8.32 48.86
N ASN G 53 -33.87 -8.38 50.08
CA ASN G 53 -33.85 -7.31 51.08
C ASN G 53 -34.43 -6.01 50.54
N SER G 54 -33.58 -5.02 50.28
CA SER G 54 -34.06 -3.69 49.95
C SER G 54 -34.40 -3.56 48.46
N ASN G 55 -34.08 -4.58 47.67
CA ASN G 55 -34.46 -4.61 46.26
C ASN G 55 -35.98 -4.54 46.12
N ARG G 56 -36.47 -3.53 45.41
CA ARG G 56 -37.89 -3.20 45.48
C ARG G 56 -38.54 -3.24 44.11
N PRO G 57 -39.77 -3.72 44.01
CA PRO G 57 -40.60 -3.44 42.83
C PRO G 57 -41.21 -2.05 42.91
N SER G 58 -42.11 -1.73 41.98
CA SER G 58 -42.79 -0.45 41.99
C SER G 58 -43.73 -0.34 43.18
N GLY G 59 -43.79 0.86 43.77
CA GLY G 59 -44.64 1.10 44.91
C GLY G 59 -44.10 0.64 46.24
N VAL G 60 -42.87 0.12 46.27
CA VAL G 60 -42.26 -0.40 47.49
C VAL G 60 -41.18 0.60 47.93
N PRO G 61 -41.15 1.00 49.19
CA PRO G 61 -40.16 1.99 49.62
C PRO G 61 -38.87 1.37 50.15
N ASP G 62 -37.83 2.21 50.17
CA ASP G 62 -36.52 1.85 50.72
C ASP G 62 -36.50 1.81 52.24
N ARG G 63 -37.64 2.07 52.89
CA ARG G 63 -37.73 2.00 54.34
C ARG G 63 -37.53 0.57 54.85
N PHE G 64 -37.76 -0.43 54.02
CA PHE G 64 -37.40 -1.82 54.34
C PHE G 64 -35.92 -1.99 54.06
N SER G 65 -35.10 -1.72 55.08
CA SER G 65 -33.65 -1.71 54.92
C SER G 65 -33.07 -3.08 55.28
N GLY G 66 -32.30 -3.64 54.36
CA GLY G 66 -31.73 -4.96 54.55
C GLY G 66 -30.26 -4.95 54.93
N SER G 67 -29.96 -5.33 56.17
CA SER G 67 -28.59 -5.33 56.66
C SER G 67 -28.32 -6.62 57.41
N LYS G 68 -27.10 -7.14 57.24
CA LYS G 68 -26.63 -8.33 57.94
C LYS G 68 -25.68 -7.88 59.03
N SER G 69 -26.06 -8.12 60.29
CA SER G 69 -25.27 -7.67 61.44
C SER G 69 -25.07 -8.84 62.39
N GLY G 70 -23.89 -9.45 62.36
CA GLY G 70 -23.56 -10.55 63.24
C GLY G 70 -24.39 -11.79 62.96
N THR G 71 -25.33 -12.10 63.87
CA THR G 71 -26.29 -13.18 63.69
C THR G 71 -27.70 -12.63 63.53
N SER G 72 -27.85 -11.58 62.72
CA SER G 72 -29.14 -10.90 62.63
C SER G 72 -29.28 -10.25 61.26
N ALA G 73 -30.39 -10.52 60.58
CA ALA G 73 -30.77 -9.78 59.39
C ALA G 73 -31.56 -8.55 59.81
N SER G 74 -32.19 -7.86 58.86
CA SER G 74 -32.96 -6.66 59.19
C SER G 74 -33.89 -6.32 58.04
N LEU G 75 -35.14 -6.01 58.39
CA LEU G 75 -35.99 -5.09 57.64
C LEU G 75 -36.87 -4.33 58.61
N ALA G 76 -37.04 -3.05 58.35
CA ALA G 76 -37.83 -2.16 59.20
C ALA G 76 -38.80 -1.37 58.35
N ILE G 77 -39.56 -0.49 59.01
CA ILE G 77 -40.49 0.43 58.37
C ILE G 77 -40.26 1.78 59.07
N THR G 78 -41.01 2.81 58.69
CA THR G 78 -41.00 4.11 59.38
C THR G 78 -42.41 4.67 59.45
N ARG G 79 -42.49 5.92 59.92
CA ARG G 79 -43.67 6.82 59.85
C ARG G 79 -44.94 6.16 60.39
N LEU G 80 -44.95 6.06 61.73
CA LEU G 80 -46.03 5.44 62.49
C LEU G 80 -47.42 5.92 62.08
N GLN G 81 -48.29 4.95 61.79
CA GLN G 81 -49.65 5.11 61.28
C GLN G 81 -50.50 3.98 61.84
N ALA G 82 -51.61 3.62 61.16
CA ALA G 82 -52.47 2.56 61.68
C ALA G 82 -52.70 1.38 60.73
N GLU G 83 -52.46 1.53 59.42
CA GLU G 83 -53.09 0.66 58.43
C GLU G 83 -52.29 -0.55 57.98
N ASP G 84 -51.07 -0.76 58.48
CA ASP G 84 -50.18 -1.76 57.88
C ASP G 84 -50.21 -3.12 58.58
N GLU G 85 -51.36 -3.56 59.08
CA GLU G 85 -51.49 -4.93 59.57
C GLU G 85 -51.18 -5.93 58.46
N ALA G 86 -50.12 -6.72 58.62
CA ALA G 86 -49.68 -7.63 57.57
C ALA G 86 -48.92 -8.80 58.17
N ASP G 87 -48.66 -9.79 57.32
CA ASP G 87 -47.98 -11.04 57.70
C ASP G 87 -46.63 -11.06 57.02
N TYR G 88 -45.56 -11.23 57.81
CA TYR G 88 -44.20 -11.16 57.29
C TYR G 88 -43.51 -12.50 57.42
N TYR G 89 -42.54 -12.74 56.54
CA TYR G 89 -41.76 -13.98 56.57
C TYR G 89 -40.37 -13.68 56.03
N CYS G 90 -39.37 -14.30 56.64
CA CYS G 90 -37.99 -14.21 56.15
C CYS G 90 -37.55 -15.58 55.67
N GLN G 91 -36.87 -15.62 54.54
CA GLN G 91 -36.37 -16.86 53.97
C GLN G 91 -34.89 -16.74 53.63
N SER G 92 -34.12 -17.72 54.07
CA SER G 92 -32.67 -17.74 53.89
C SER G 92 -32.27 -19.01 53.17
N TYR G 93 -31.18 -18.93 52.42
CA TYR G 93 -30.57 -20.11 51.81
C TYR G 93 -29.84 -20.89 52.90
N ASP G 94 -30.49 -21.93 53.43
CA ASP G 94 -29.98 -22.64 54.59
C ASP G 94 -29.02 -23.76 54.24
N SER G 95 -28.66 -23.90 52.95
CA SER G 95 -27.60 -24.77 52.47
C SER G 95 -27.86 -26.24 52.82
N SER G 96 -27.28 -26.69 53.94
CA SER G 96 -27.38 -28.10 54.34
C SER G 96 -28.81 -28.52 54.65
N LEU G 97 -29.67 -27.56 54.99
CA LEU G 97 -31.10 -27.82 55.15
C LEU G 97 -31.75 -27.82 53.77
N SER G 98 -33.08 -27.67 53.75
CA SER G 98 -33.77 -27.46 52.48
C SER G 98 -33.30 -26.15 51.83
N GLY G 99 -33.70 -25.97 50.57
CA GLY G 99 -33.11 -24.93 49.73
C GLY G 99 -33.31 -23.54 50.28
N TRP G 100 -34.54 -23.20 50.65
CA TRP G 100 -34.77 -21.94 51.34
C TRP G 100 -35.95 -22.07 52.32
N VAL G 101 -35.69 -21.79 53.60
CA VAL G 101 -36.53 -22.18 54.71
C VAL G 101 -36.90 -20.97 55.55
N PHE G 102 -38.16 -20.93 56.00
CA PHE G 102 -38.68 -19.90 56.91
C PHE G 102 -38.57 -20.37 58.37
N GLY G 103 -39.27 -19.67 59.26
CA GLY G 103 -39.44 -20.07 60.63
C GLY G 103 -40.89 -20.29 61.03
N GLY G 104 -41.41 -19.38 61.86
CA GLY G 104 -42.69 -19.60 62.52
C GLY G 104 -43.83 -18.72 62.05
N GLY G 105 -43.59 -17.76 61.17
CA GLY G 105 -44.70 -16.92 60.73
C GLY G 105 -44.92 -15.58 61.39
N THR G 106 -43.95 -14.67 61.27
CA THR G 106 -44.01 -13.31 61.80
C THR G 106 -45.29 -12.57 61.41
N LYS G 107 -45.93 -11.96 62.39
CA LYS G 107 -47.17 -11.23 62.18
C LYS G 107 -47.03 -9.80 62.68
N LEU G 108 -47.58 -8.86 61.91
CA LEU G 108 -47.66 -7.46 62.31
C LEU G 108 -49.13 -7.09 62.49
N THR G 109 -49.47 -6.56 63.66
CA THR G 109 -50.85 -6.20 63.96
C THR G 109 -50.87 -4.97 64.87
N VAL G 110 -51.98 -4.25 64.83
CA VAL G 110 -52.13 -3.03 65.61
C VAL G 110 -53.06 -3.29 66.78
N LEU G 111 -53.11 -2.32 67.69
CA LEU G 111 -54.00 -2.40 68.84
C LEU G 111 -55.19 -1.47 68.64
C1 NAG H . -15.56 -4.87 -50.85
C2 NAG H . -15.97 -5.67 -49.61
C3 NAG H . -16.50 -7.03 -50.04
C4 NAG H . -17.61 -6.87 -51.08
C5 NAG H . -17.16 -5.98 -52.22
C6 NAG H . -18.25 -5.67 -53.21
C7 NAG H . -14.93 -5.50 -47.39
C8 NAG H . -13.70 -5.72 -46.58
N2 NAG H . -14.86 -5.82 -48.69
O3 NAG H . -16.99 -7.72 -48.90
O4 NAG H . -17.97 -8.15 -51.59
O5 NAG H . -16.69 -4.72 -51.72
O6 NAG H . -19.13 -6.79 -53.36
O7 NAG H . -15.97 -5.06 -46.90
C1 NAG I . -40.13 27.79 -43.68
C2 NAG I . -41.57 27.41 -44.04
C3 NAG I . -42.57 28.00 -43.03
C4 NAG I . -42.19 27.61 -41.62
C5 NAG I . -40.76 28.05 -41.33
C6 NAG I . -40.25 27.60 -39.97
C7 NAG I . -42.46 27.04 -46.30
C8 NAG I . -42.71 27.66 -47.64
N2 NAG I . -41.90 27.84 -45.39
O3 NAG I . -43.87 27.52 -43.34
O4 NAG I . -43.07 28.21 -40.67
O5 NAG I . -39.87 27.47 -42.29
O6 NAG I . -38.87 27.33 -40.01
O7 NAG I . -42.72 25.87 -46.06
C1 NAG J . -24.55 -43.13 -17.95
C2 NAG J . -25.64 -43.28 -18.95
C3 NAG J . -25.34 -44.46 -19.85
C4 NAG J . -23.95 -44.32 -20.47
C5 NAG J . -22.87 -43.75 -19.52
C6 NAG J . -21.73 -43.11 -20.30
C7 NAG J . -28.04 -42.99 -18.91
C8 NAG J . -29.32 -43.19 -18.17
N2 NAG J . -26.94 -43.43 -18.31
O3 NAG J . -26.33 -44.50 -20.87
O4 NAG J . -23.56 -45.58 -20.98
O5 NAG J . -23.36 -42.74 -18.61
O6 NAG J . -21.55 -43.72 -21.58
O7 NAG J . -28.01 -42.44 -20.01
C1 NAG K . -42.50 -26.71 -0.50
C2 NAG K . -42.82 -27.39 -1.85
C3 NAG K . -43.05 -26.34 -2.94
C4 NAG K . -44.13 -25.36 -2.50
C5 NAG K . -43.72 -24.71 -1.19
C6 NAG K . -44.75 -23.75 -0.63
C7 NAG K . -41.98 -29.58 -2.59
C8 NAG K . -43.40 -30.05 -2.60
N2 NAG K . -41.77 -28.31 -2.24
O3 NAG K . -43.39 -26.99 -4.16
O4 NAG K . -44.28 -24.35 -3.50
O5 NAG K . -43.53 -25.72 -0.19
O6 NAG K . -45.77 -23.46 -1.60
O7 NAG K . -41.06 -30.33 -2.91
C1 NAG L . 0.89 -30.04 -34.81
C2 NAG L . 1.36 -30.83 -33.57
C3 NAG L . 1.89 -32.19 -34.01
C4 NAG L . 0.85 -32.95 -34.84
C5 NAG L . 0.42 -32.09 -36.02
C6 NAG L . -0.75 -32.70 -36.77
C7 NAG L . 2.15 -29.17 -31.93
C8 NAG L . 3.36 -28.56 -31.29
N2 NAG L . 2.40 -30.11 -32.85
O3 NAG L . 2.27 -32.95 -32.87
O4 NAG L . 1.40 -34.17 -35.32
O5 NAG L . -0.06 -30.82 -35.54
O6 NAG L . -1.92 -31.90 -36.64
O7 NAG L . 1.01 -28.83 -31.65
C1 NAG M . 50.66 -28.74 -41.46
C2 NAG M . 51.96 -29.53 -41.52
C3 NAG M . 52.06 -30.26 -42.86
C4 NAG M . 50.81 -31.10 -43.12
C5 NAG M . 49.56 -30.24 -42.97
C6 NAG M . 48.29 -31.06 -43.06
C7 NAG M . 53.63 -28.43 -40.11
C8 NAG M . 54.82 -27.52 -40.07
N2 NAG M . 53.11 -28.68 -41.32
O3 NAG M . 53.22 -31.09 -42.86
O4 NAG M . 50.86 -31.64 -44.44
O5 NAG M . 49.55 -29.60 -41.69
O6 NAG M . 47.15 -30.30 -42.68
O7 NAG M . 53.15 -28.90 -39.08
C1 NAG N . 44.92 2.39 -47.10
C2 NAG N . 45.19 2.59 -48.60
C3 NAG N . 44.70 3.95 -49.08
C4 NAG N . 43.23 4.13 -48.73
C5 NAG N . 43.04 3.94 -47.22
C6 NAG N . 41.59 4.00 -46.81
C7 NAG N . 47.64 3.08 -48.51
C8 NAG N . 48.98 2.65 -49.04
N2 NAG N . 46.59 2.36 -48.96
O3 NAG N . 44.88 4.05 -50.49
O4 NAG N . 42.80 5.43 -49.11
O5 NAG N . 43.52 2.65 -46.81
O6 NAG N . 41.07 2.71 -46.53
O7 NAG N . 47.53 4.02 -47.74
C1 NAG O . 38.08 22.46 -40.91
C2 NAG O . 38.91 22.97 -42.11
C3 NAG O . 38.26 24.20 -42.74
C4 NAG O . 36.81 23.93 -43.07
C5 NAG O . 36.08 23.47 -41.81
C6 NAG O . 34.64 23.08 -42.08
C7 NAG O . 40.75 24.10 -40.86
C8 NAG O . 42.23 24.14 -40.66
N2 NAG O . 40.30 23.21 -41.75
O3 NAG O . 38.96 24.56 -43.93
O4 NAG O . 36.18 25.12 -43.55
O5 NAG O . 36.72 22.29 -41.30
O6 NAG O . 33.83 24.23 -42.28
O7 NAG O . 40.00 24.86 -40.24
C1 NAG P . 45.85 -17.50 -49.12
C2 NAG P . 44.54 -17.51 -49.92
C3 NAG P . 44.06 -18.95 -50.13
C4 NAG P . 45.14 -19.77 -50.81
C5 NAG P . 46.42 -19.70 -49.97
C6 NAG P . 47.60 -20.37 -50.66
C7 NAG P . 42.91 -16.89 -48.13
C8 NAG P . 41.86 -15.89 -47.75
N2 NAG P . 43.51 -16.69 -49.32
O3 NAG P . 42.87 -18.93 -50.92
O4 NAG P . 44.71 -21.12 -50.93
O5 NAG P . 46.81 -18.34 -49.75
O6 NAG P . 47.54 -20.15 -52.06
O7 NAG P . 43.21 -17.81 -47.38
C1 NAG Q . 68.39 -26.89 -41.92
C2 NAG Q . 67.65 -28.15 -42.42
C3 NAG Q . 68.03 -29.37 -41.59
C4 NAG Q . 69.54 -29.52 -41.50
C5 NAG Q . 70.17 -28.22 -41.01
C6 NAG Q . 71.68 -28.27 -41.00
C7 NAG Q . 65.41 -27.69 -41.42
C8 NAG Q . 63.95 -27.54 -41.74
N2 NAG Q . 66.20 -27.95 -42.46
O3 NAG Q . 67.46 -30.54 -42.17
O4 NAG Q . 69.87 -30.57 -40.60
O5 NAG Q . 69.80 -27.15 -41.89
O6 NAG Q . 72.24 -27.05 -41.49
O7 NAG Q . 65.82 -27.58 -40.27
C1 NAG R . -14.42 -34.64 22.67
C2 NAG R . -15.20 -33.40 23.08
C3 NAG R . -14.35 -32.52 23.98
C4 NAG R . -13.85 -33.32 25.19
C5 NAG R . -13.16 -34.61 24.73
C6 NAG R . -12.81 -35.53 25.88
C7 NAG R . -16.90 -32.80 21.42
C8 NAG R . -17.21 -31.95 20.21
N2 NAG R . -15.66 -32.65 21.92
O3 NAG R . -15.12 -31.40 24.44
O4 NAG R . -12.93 -32.54 25.95
O5 NAG R . -14.00 -35.36 23.85
O6 NAG R . -13.75 -36.60 25.99
O7 NAG R . -17.71 -33.58 21.90
C1 NAG S . 2.53 -47.46 -12.46
C2 NAG S . 3.48 -48.68 -12.26
C3 NAG S . 4.14 -49.16 -13.56
C4 NAG S . 3.12 -49.31 -14.67
C5 NAG S . 2.39 -47.98 -14.85
C6 NAG S . 1.34 -48.02 -15.94
C7 NAG S . 5.50 -47.72 -10.95
C8 NAG S . 5.82 -46.66 -11.99
N2 NAG S . 4.44 -48.55 -11.15
O3 NAG S . 4.81 -50.40 -13.36
O4 NAG S . 3.74 -49.68 -15.90
O5 NAG S . 1.71 -47.67 -13.64
O6 NAG S . 0.94 -49.35 -16.23
O7 NAG S . 6.17 -47.81 -9.93
C1 NAG T . 27.93 -18.06 28.78
C2 NAG T . 28.63 -16.72 28.99
C3 NAG T . 29.74 -16.84 30.02
C4 NAG T . 29.24 -17.49 31.31
C5 NAG T . 28.54 -18.80 30.98
C6 NAG T . 27.89 -19.48 32.17
C7 NAG T . 29.03 -14.91 27.36
C8 NAG T . 29.61 -14.56 26.02
N2 NAG T . 29.14 -16.19 27.72
O3 NAG T . 30.25 -15.55 30.33
O4 NAG T . 30.32 -17.75 32.20
O5 NAG T . 27.48 -18.56 30.04
O6 NAG T . 28.16 -18.79 33.39
O7 NAG T . 28.48 -14.08 28.07
C1 NAG U . 68.88 -5.43 4.90
C2 NAG U . 69.52 -6.59 5.67
C3 NAG U . 70.97 -6.26 6.02
C4 NAG U . 71.73 -5.91 4.75
C5 NAG U . 71.01 -4.78 3.99
C6 NAG U . 71.67 -4.47 2.67
C7 NAG U . 68.70 -8.14 7.38
C8 NAG U . 67.86 -8.31 8.60
N2 NAG U . 68.76 -6.90 6.88
O3 NAG U . 71.58 -7.38 6.64
O4 NAG U . 73.04 -5.47 5.09
O5 NAG U . 69.66 -5.17 3.69
O6 NAG U . 71.33 -5.47 1.73
O7 NAG U . 69.29 -9.09 6.85
C1 NAG V . 58.70 -28.63 -14.29
C2 NAG V . 59.40 -29.56 -15.30
C3 NAG V . 58.41 -30.11 -16.31
C4 NAG V . 57.23 -30.75 -15.60
C5 NAG V . 56.60 -29.75 -14.66
C6 NAG V . 55.44 -30.32 -13.87
C7 NAG V . 61.79 -29.08 -15.68
C8 NAG V . 62.77 -28.28 -16.47
N2 NAG V . 60.49 -28.87 -15.96
O3 NAG V . 59.06 -31.06 -17.13
O4 NAG V . 56.26 -31.19 -16.56
O5 NAG V . 57.57 -29.31 -13.71
O6 NAG V . 54.71 -31.26 -14.64
O7 NAG V . 62.13 -29.86 -14.80
C1 NAG W . 41.90 -36.40 -29.96
C2 NAG W . 43.27 -36.89 -30.41
C3 NAG W . 43.55 -38.28 -29.83
C4 NAG W . 43.34 -38.27 -28.32
C5 NAG W . 41.97 -37.69 -27.97
C6 NAG W . 41.73 -37.57 -26.48
C7 NAG W . 44.09 -36.07 -32.58
C8 NAG W . 44.06 -36.24 -34.06
N2 NAG W . 43.35 -36.93 -31.87
O3 NAG W . 44.88 -38.67 -30.15
O4 NAG W . 43.42 -39.60 -27.82
O5 NAG W . 41.85 -36.37 -28.53
O6 NAG W . 40.67 -38.41 -26.08
O7 NAG W . 44.77 -35.20 -32.04
C1 NAG X . 82.28 -3.70 -4.93
C2 NAG X . 82.97 -2.46 -5.56
C3 NAG X . 83.46 -1.47 -4.51
C4 NAG X . 82.34 -1.16 -3.51
C5 NAG X . 81.73 -2.44 -2.96
C6 NAG X . 80.55 -2.21 -2.04
C7 NAG X . 85.19 -3.38 -6.55
C8 NAG X . 85.68 -3.96 -5.23
N2 NAG X . 83.99 -2.75 -6.60
O3 NAG X . 83.91 -0.28 -5.13
O4 NAG X . 82.85 -0.39 -2.44
O5 NAG X . 81.25 -3.26 -4.05
O6 NAG X . 80.33 -3.33 -1.20
O7 NAG X . 85.86 -3.49 -7.57
C1 NAG Y . 1.39 -2.11 49.54
C2 NAG Y . 1.52 -2.74 50.93
C3 NAG Y . 2.77 -2.22 51.63
C4 NAG Y . 3.99 -2.50 50.77
C5 NAG Y . 3.80 -1.93 49.37
C6 NAG Y . 4.92 -2.30 48.43
C7 NAG Y . -0.70 -3.35 51.84
C8 NAG Y . -1.82 -2.94 52.74
N2 NAG Y . 0.33 -2.50 51.76
O3 NAG Y . 2.91 -2.85 52.90
O4 NAG Y . 5.15 -1.93 51.37
O5 NAG Y . 2.58 -2.41 48.77
O6 NAG Y . 6.06 -1.47 48.63
O7 NAG Y . -0.72 -4.40 51.20
C1 NAG Z . -3.64 27.29 -38.81
C2 NAG Z . -3.88 27.22 -40.30
C3 NAG Z . -3.30 28.46 -40.99
C4 NAG Z . -3.73 29.74 -40.29
C5 NAG Z . -3.55 29.63 -38.77
C6 NAG Z . -4.09 30.82 -38.00
C7 NAG Z . -2.10 25.54 -40.88
C8 NAG Z . -1.85 24.24 -41.58
N2 NAG Z . -3.37 25.98 -40.90
O3 NAG Z . -3.67 28.47 -42.37
O4 NAG Z . -2.97 30.84 -40.77
O5 NAG Z . -4.24 28.48 -38.29
O6 NAG Z . -3.76 30.75 -36.62
O7 NAG Z . -1.18 26.16 -40.34
C1 NAG AA . -1.00 27.93 55.07
C2 NAG AA . -1.34 28.18 56.52
C3 NAG AA . -1.34 26.89 57.29
C4 NAG AA . -2.36 25.94 56.67
C5 NAG AA . -2.16 25.76 55.16
C6 NAG AA . -3.32 25.08 54.47
C7 NAG AA . 0.83 29.15 57.36
C8 NAG AA . 1.40 30.37 58.06
N2 NAG AA . -0.50 29.18 57.17
O3 NAG AA . -1.65 27.15 58.65
O4 NAG AA . -2.29 24.69 57.36
O5 NAG AA . -2.00 27.03 54.49
O6 NAG AA . -3.59 25.65 53.19
O7 NAG AA . 1.56 28.22 57.01
C1 NAG BA . -13.47 28.97 27.69
C2 NAG BA . -14.89 29.59 27.76
C3 NAG BA . -15.64 29.40 26.42
C4 NAG BA . -14.82 29.95 25.26
C5 NAG BA . -13.52 29.18 25.19
C6 NAG BA . -12.60 29.70 24.10
C7 NAG BA . -16.73 29.57 29.40
C8 NAG BA . -17.39 28.83 30.51
N2 NAG BA . -15.65 29.00 28.86
O3 NAG BA . -16.90 30.09 26.44
O4 NAG BA . -15.53 29.83 24.03
O5 NAG BA . -12.82 29.37 26.42
O6 NAG BA . -12.15 31.02 24.36
O7 NAG BA . -17.15 30.65 29.00
C1 NAG CA . 24.28 11.59 35.78
C2 NAG CA . 24.52 13.01 36.34
C3 NAG CA . 25.79 13.08 37.20
C4 NAG CA . 25.78 11.98 38.26
C5 NAG CA . 25.66 10.64 37.54
C6 NAG CA . 25.68 9.45 38.48
C7 NAG CA . 25.44 14.12 34.31
C8 NAG CA . 25.25 15.26 33.37
N2 NAG CA . 24.54 14.02 35.30
O3 NAG CA . 25.88 14.36 37.82
O4 NAG CA . 26.95 12.02 39.06
O5 NAG CA . 24.41 10.62 36.83
O6 NAG CA . 24.75 9.59 39.55
O7 NAG CA . 26.37 13.31 34.17
C1 NAG DA . -24.37 28.00 41.82
C2 NAG DA . -24.63 28.71 40.48
C3 NAG DA . -26.12 29.06 40.32
C4 NAG DA . -26.99 27.82 40.55
C5 NAG DA . -26.65 27.19 41.90
C6 NAG DA . -27.39 25.91 42.15
C7 NAG DA . -23.81 31.00 41.06
C8 NAG DA . -22.85 32.08 40.66
N2 NAG DA . -23.80 29.90 40.30
O3 NAG DA . -26.36 29.59 39.02
O4 NAG DA . -28.36 28.19 40.54
O5 NAG DA . -25.25 26.87 41.94
O6 NAG DA . -26.52 24.80 42.21
O7 NAG DA . -24.54 31.12 42.05
C1 NAG EA . 11.44 36.52 -13.70
C2 NAG EA . 11.13 35.24 -14.46
C3 NAG EA . 11.85 35.25 -15.81
C4 NAG EA . 11.49 36.51 -16.60
C5 NAG EA . 11.77 37.75 -15.75
C6 NAG EA . 11.35 39.05 -16.40
C7 NAG EA . 10.62 33.13 -13.33
C8 NAG EA . 11.18 31.99 -12.53
N2 NAG EA . 11.50 34.07 -13.69
O3 NAG EA . 11.59 34.07 -16.55
O4 NAG EA . 12.24 36.56 -17.81
O5 NAG EA . 11.06 37.66 -14.50
O6 NAG EA . 11.24 40.10 -15.44
O7 NAG EA . 9.44 33.18 -13.65
C1 NAG FA . 53.96 23.47 -36.81
C2 NAG FA . 54.73 24.74 -36.34
C3 NAG FA . 54.68 25.85 -37.40
C4 NAG FA . 55.08 25.33 -38.77
C5 NAG FA . 54.18 24.17 -39.14
C6 NAG FA . 54.51 23.57 -40.49
C7 NAG FA . 52.99 25.73 -34.82
C8 NAG FA . 52.75 26.21 -33.43
N2 NAG FA . 54.23 25.25 -35.06
O3 NAG FA . 55.54 26.92 -37.01
O4 NAG FA . 54.94 26.37 -39.74
O5 NAG FA . 54.34 23.13 -38.17
O6 NAG FA . 55.43 24.37 -41.20
O7 NAG FA . 52.10 25.74 -35.67
C1 NAG GA . 61.36 16.81 -5.95
C2 NAG GA . 62.66 17.46 -5.46
C3 NAG GA . 62.97 17.04 -4.03
C4 NAG GA . 61.78 17.34 -3.12
C5 NAG GA . 60.52 16.68 -3.70
C6 NAG GA . 59.27 17.00 -2.90
C7 NAG GA . 64.30 15.97 -6.64
C8 NAG GA . 65.46 15.97 -7.59
N2 NAG GA . 63.80 17.19 -6.35
O3 NAG GA . 64.12 17.74 -3.56
O4 NAG GA . 62.01 16.85 -1.81
O5 NAG GA . 60.30 17.13 -5.03
O6 NAG GA . 59.59 17.30 -1.56
O7 NAG GA . 63.85 14.93 -6.18
C1 NAG HA . 58.45 3.62 12.03
C2 NAG HA . 59.84 3.92 12.65
C3 NAG HA . 59.81 3.94 14.20
C4 NAG HA . 58.65 4.81 14.69
C5 NAG HA . 57.35 4.37 14.05
C6 NAG HA . 56.19 5.23 14.47
C7 NAG HA . 61.26 1.81 12.15
C8 NAG HA . 60.30 0.85 12.84
N2 NAG HA . 60.97 3.14 12.13
O3 NAG HA . 61.02 4.45 14.72
O4 NAG HA . 58.55 4.72 16.11
O5 NAG HA . 57.46 4.48 12.61
O6 NAG HA . 56.51 5.96 15.65
O7 NAG HA . 62.28 1.38 11.62
C1 NAG IA . -22.06 37.11 -23.79
C2 NAG IA . -21.24 38.37 -24.04
C3 NAG IA . -21.25 38.71 -25.52
C4 NAG IA . -20.79 37.51 -26.33
C5 NAG IA . -21.65 36.29 -26.00
C6 NAG IA . -21.14 35.05 -26.72
C7 NAG IA . -22.93 39.83 -22.89
C8 NAG IA . -23.73 40.64 -23.86
N2 NAG IA . -21.67 39.51 -23.23
O3 NAG IA . -20.37 39.81 -25.75
O4 NAG IA . -20.91 37.81 -27.72
O5 NAG IA . -21.62 36.02 -24.60
O6 NAG IA . -19.98 34.54 -26.04
O7 NAG IA . -23.40 39.48 -21.82
#